data_2OBE
#
_entry.id   2OBE
#
_cell.length_a   90.800
_cell.length_b   433.000
_cell.length_c   159.300
_cell.angle_alpha   90.000
_cell.angle_beta   90.000
_cell.angle_gamma   90.000
#
_symmetry.space_group_name_H-M   'C 2 2 2'
#
loop_
_entity.id
_entity.type
_entity.pdbx_description
1 polymer 'Hexon protein'
2 non-polymer 'DIHYDROGENPHOSPHATE ION'
3 non-polymer (4S)-2-METHYL-2,4-PENTANEDIOL
4 water water
#
_entity_poly.entity_id   1
_entity_poly.type   'polypeptide(L)'
_entity_poly.pdbx_seq_one_letter_code
;ATPSMLPQWAYMHIAGQDASEYLSPGLVQFARATDTYFSLGNKFRNPTVAPTHDVTTDRSQRLTLRFVPVDREDNTYSYK
VRYTLAVGDNRVLDMASTYFDIRGVLDRGPSFKPYSGTAYNSLAPKGAPNTCQWTYKADGETATEKTYTYGNAPVQGINI
TKDGIQLGTDTDDQPIYADKTYQPEPQVGDAEWHDITGTDEKYGGRALKPDTKMKPCYGSFAKPTNKEGGQANVKTGTGT
TKEYDIDMAFFDNRSAAAAGLAPEIVLYTENVDLETPDTHIVYKAGTDDSSSSINLGQQAMPNRPNYIGFRDNFIGLMYY
NSTGNMGVLAGQASQLNAVVDLQDRNTELSYQLLLDSLGDRTRYFSMWNQAVDSYDPDVRIIENHGVEDELPNYCFPLDA
VGRTDTYQGIKANGTDQTTWTKDDSVNDANEIGKGNPFAMEINIQANLWRNFLYANVALYLPDSYKYTPANVTLPTNTNT
YDYMNGRVVAPSLVDSYINIGARWSLDPMDNVNPFNHHRNAGLRYRSMLLGNGRYVPFHIQVPQKFFAIKSLLLLPGSYT
YEWNFRKDVNMILQSSLGNDLRTDGASISFTSINLYATFFPMAHNTASTLEAMLRNDTNDQSFNDYLSAANMLYPIPANA
TNVPISIPSRNWAAFRGWSFTRLKTKETPSLGSGFDPYFVYSGSIPYLDGTFYLNHTFKKVSITFDSSVSWPGNDRLLTP
NEFEIKRTVDGEGYNVAQCNMTKDWFLVQMLAHYNIGYQGFYVPEGYKDRMYSFFRNFQPMSRQVVDEVNYKDYQAVTLA
YQHNNSGFVGYLAPTMRQGQPYPANYPYPLIGKSAVTSVTQKKFLCDRVMWRIPFSSNFMSMGALTDLGQNMLYANSAHA
LDMNFEVDPMDESTLLYVVFEVFDVVRVHQPHRGVIEAVYLRTPFSAGNATT
;
_entity_poly.pdbx_strand_id   A,B,C
#
# COMPACT_ATOMS: atom_id res chain seq x y z
N MET A 5 36.76 43.63 5.58
CA MET A 5 35.84 42.53 5.17
C MET A 5 34.55 42.98 4.45
N LEU A 6 34.03 44.16 4.75
CA LEU A 6 32.81 44.63 4.06
C LEU A 6 32.92 44.81 2.51
N PRO A 7 34.02 45.40 2.01
CA PRO A 7 34.23 45.43 0.54
C PRO A 7 34.26 44.03 -0.07
N GLN A 8 34.98 43.11 0.58
CA GLN A 8 34.92 41.70 0.26
C GLN A 8 33.52 41.10 0.24
N TRP A 9 32.72 41.35 1.29
CA TRP A 9 31.34 40.79 1.36
C TRP A 9 30.51 41.31 0.18
N ALA A 10 30.65 42.59 -0.15
CA ALA A 10 29.97 43.17 -1.31
C ALA A 10 30.42 42.48 -2.59
N TYR A 11 31.72 42.36 -2.74
CA TYR A 11 32.27 41.78 -3.94
C TYR A 11 31.87 40.35 -4.17
N MET A 12 31.70 39.60 -3.08
CA MET A 12 31.35 38.18 -3.18
C MET A 12 29.85 37.99 -3.04
N HIS A 13 29.12 39.09 -2.98
CA HIS A 13 27.65 39.06 -2.89
C HIS A 13 27.18 38.28 -1.65
N ILE A 14 27.96 38.41 -0.58
CA ILE A 14 27.58 37.89 0.73
C ILE A 14 26.61 38.91 1.42
N ALA A 15 26.79 40.19 1.11
CA ALA A 15 25.95 41.29 1.59
C ALA A 15 25.82 42.26 0.41
N GLY A 16 25.02 43.31 0.56
CA GLY A 16 24.97 44.34 -0.46
C GLY A 16 23.76 44.09 -1.34
N GLN A 17 23.83 44.50 -2.61
CA GLN A 17 22.69 44.49 -3.52
C GLN A 17 22.36 43.10 -3.99
N ASP A 18 21.09 42.92 -4.37
CA ASP A 18 20.69 41.76 -5.16
C ASP A 18 21.00 42.00 -6.66
N ALA A 19 20.97 40.94 -7.45
CA ALA A 19 21.45 41.00 -8.83
C ALA A 19 20.68 42.00 -9.71
N SER A 20 19.39 42.19 -9.44
CA SER A 20 18.65 43.14 -10.28
C SER A 20 19.16 44.55 -10.01
N GLU A 21 19.86 44.78 -8.89
CA GLU A 21 20.47 46.06 -8.65
C GLU A 21 21.97 46.15 -9.04
N TYR A 22 22.77 45.10 -8.82
CA TYR A 22 24.21 45.27 -9.11
C TYR A 22 24.54 44.92 -10.60
N LEU A 23 23.72 44.11 -11.26
CA LEU A 23 23.99 43.82 -12.67
C LEU A 23 23.78 45.07 -13.53
N SER A 24 24.42 45.15 -14.69
CA SER A 24 24.15 46.24 -15.60
C SER A 24 22.66 46.22 -15.93
N PRO A 25 22.04 47.40 -16.03
CA PRO A 25 20.63 47.54 -16.44
C PRO A 25 20.33 46.86 -17.78
N GLY A 26 21.25 46.94 -18.73
CA GLY A 26 21.06 46.26 -20.02
C GLY A 26 20.95 44.76 -19.87
N LEU A 27 21.79 44.19 -19.03
CA LEU A 27 21.67 42.75 -18.73
C LEU A 27 20.35 42.37 -18.01
N VAL A 28 19.89 43.24 -17.12
CA VAL A 28 18.67 42.93 -16.35
C VAL A 28 17.47 42.94 -17.29
N GLN A 29 17.37 43.99 -18.12
CA GLN A 29 16.37 44.03 -19.17
C GLN A 29 16.50 42.80 -20.07
N PHE A 30 17.73 42.48 -20.51
CA PHE A 30 17.92 41.27 -21.36
C PHE A 30 17.38 40.02 -20.66
N ALA A 31 17.79 39.79 -19.43
CA ALA A 31 17.32 38.62 -18.68
C ALA A 31 15.79 38.59 -18.56
N ARG A 32 15.20 39.74 -18.24
CA ARG A 32 13.76 39.82 -18.07
C ARG A 32 13.01 39.52 -19.34
N ALA A 33 13.51 39.99 -20.49
CA ALA A 33 12.90 39.69 -21.78
C ALA A 33 13.04 38.23 -22.24
N THR A 34 14.00 37.48 -21.69
CA THR A 34 14.29 36.15 -22.25
C THR A 34 14.16 35.00 -21.27
N ASP A 35 13.78 35.31 -20.05
CA ASP A 35 13.72 34.34 -18.97
C ASP A 35 12.88 33.13 -19.27
N THR A 36 11.87 33.24 -20.13
CA THR A 36 10.95 32.09 -20.28
C THR A 36 11.53 31.11 -21.27
N TYR A 37 12.58 31.48 -21.96
CA TYR A 37 13.20 30.46 -22.76
C TYR A 37 14.69 30.21 -22.54
N PHE A 38 15.38 31.08 -21.81
CA PHE A 38 16.73 30.78 -21.37
C PHE A 38 16.89 31.51 -20.06
N SER A 39 17.09 30.78 -18.98
CA SER A 39 17.05 31.37 -17.63
C SER A 39 18.43 31.68 -17.04
N LEU A 40 18.65 32.92 -16.61
CA LEU A 40 19.95 33.34 -16.10
C LEU A 40 19.97 33.51 -14.59
N GLY A 41 18.83 33.31 -13.94
CA GLY A 41 18.69 33.72 -12.55
C GLY A 41 19.67 33.03 -11.62
N ASN A 42 19.96 31.76 -11.89
CA ASN A 42 20.76 31.02 -10.91
C ASN A 42 22.29 31.27 -11.03
N LYS A 43 22.67 32.19 -11.93
CA LYS A 43 24.09 32.42 -12.16
C LYS A 43 24.63 33.59 -11.38
N PHE A 44 23.77 34.24 -10.58
CA PHE A 44 24.13 35.48 -9.89
C PHE A 44 23.63 35.42 -8.45
N ARG A 45 24.51 35.63 -7.47
CA ARG A 45 24.15 35.48 -6.07
C ARG A 45 23.21 36.64 -5.70
N ASN A 46 22.20 36.35 -4.88
CA ASN A 46 21.36 37.41 -4.32
C ASN A 46 21.45 37.29 -2.81
N PRO A 47 22.30 38.09 -2.13
CA PRO A 47 22.41 37.91 -0.67
C PRO A 47 21.12 38.19 0.13
N THR A 48 20.89 37.48 1.24
CA THR A 48 19.88 37.90 2.23
C THR A 48 20.63 38.17 3.57
N VAL A 49 20.21 39.20 4.29
CA VAL A 49 21.02 39.81 5.37
C VAL A 49 20.01 40.08 6.47
N ALA A 50 20.21 39.50 7.66
CA ALA A 50 19.30 39.66 8.77
C ALA A 50 19.38 41.10 9.25
N PRO A 51 18.29 41.60 9.83
CA PRO A 51 18.41 42.87 10.50
C PRO A 51 19.24 42.72 11.78
N THR A 52 19.91 43.79 12.18
CA THR A 52 20.73 43.74 13.38
C THR A 52 20.26 44.65 14.53
N HIS A 53 19.14 45.35 14.37
CA HIS A 53 18.65 46.30 15.38
C HIS A 53 17.17 46.12 15.58
N ASP A 54 16.71 46.29 16.82
CA ASP A 54 15.27 46.40 17.12
C ASP A 54 14.41 45.17 16.97
N VAL A 55 15.03 44.01 16.74
CA VAL A 55 14.30 42.78 16.69
C VAL A 55 14.43 41.97 17.99
N THR A 56 15.68 41.72 18.42
CA THR A 56 15.95 40.82 19.57
C THR A 56 16.66 41.58 20.66
N THR A 57 16.38 41.24 21.91
CA THR A 57 17.04 41.95 23.02
C THR A 57 18.45 41.43 23.21
N ASP A 58 19.38 42.31 23.56
CA ASP A 58 20.69 41.80 23.96
C ASP A 58 20.82 41.44 25.45
N ARG A 59 19.72 41.64 26.20
CA ARG A 59 19.71 41.41 27.63
C ARG A 59 19.46 39.92 27.96
N SER A 60 19.86 39.57 29.17
CA SER A 60 19.62 38.26 29.72
C SER A 60 18.09 38.05 29.84
N GLN A 61 17.56 36.96 29.28
CA GLN A 61 16.13 36.78 29.22
C GLN A 61 15.75 35.37 28.78
N ARG A 62 14.93 34.70 29.57
CA ARG A 62 14.40 33.37 29.24
C ARG A 62 13.47 33.29 28.05
N LEU A 63 13.65 32.23 27.25
CA LEU A 63 12.79 31.94 26.13
C LEU A 63 11.59 31.17 26.67
N THR A 64 11.82 30.10 27.42
CA THR A 64 10.66 29.30 27.88
C THR A 64 10.53 29.35 29.41
N LEU A 65 9.36 29.70 29.92
CA LEU A 65 9.15 29.68 31.40
C LEU A 65 8.26 28.48 31.77
N ARG A 66 8.53 27.87 32.93
CA ARG A 66 7.72 26.82 33.52
C ARG A 66 7.05 27.38 34.79
N PHE A 67 5.72 27.40 34.87
CA PHE A 67 5.03 27.83 36.10
C PHE A 67 4.51 26.60 36.82
N VAL A 68 4.78 26.50 38.12
CA VAL A 68 4.14 25.48 38.94
C VAL A 68 2.89 26.02 39.59
N PRO A 69 1.92 25.15 39.86
CA PRO A 69 0.67 25.61 40.48
C PRO A 69 0.87 26.38 41.82
N VAL A 70 0.13 27.44 42.04
CA VAL A 70 0.10 28.10 43.33
C VAL A 70 -1.07 27.59 44.17
N ASP A 71 -2.03 26.92 43.55
CA ASP A 71 -3.07 26.23 44.29
C ASP A 71 -3.58 25.13 43.38
N ARG A 72 -4.19 24.12 43.96
CA ARG A 72 -4.68 22.97 43.19
C ARG A 72 -5.79 22.32 44.00
N GLU A 73 -6.73 21.69 43.30
CA GLU A 73 -7.86 21.02 43.96
C GLU A 73 -7.97 19.64 43.31
N ASP A 74 -7.81 18.58 44.12
CA ASP A 74 -7.84 17.22 43.60
C ASP A 74 -9.16 16.59 44.08
N ASN A 75 -10.15 16.54 43.20
CA ASN A 75 -11.43 15.97 43.54
C ASN A 75 -11.64 14.62 42.89
N THR A 76 -12.79 14.05 43.20
CA THR A 76 -13.17 12.72 42.77
C THR A 76 -13.24 12.65 41.25
N TYR A 77 -13.73 13.72 40.64
CA TYR A 77 -14.08 13.72 39.22
C TYR A 77 -13.16 14.64 38.37
N SER A 78 -12.31 15.43 39.03
CA SER A 78 -11.57 16.51 38.38
C SER A 78 -10.38 16.94 39.20
N TYR A 79 -9.55 17.72 38.56
CA TYR A 79 -8.32 18.17 39.16
C TYR A 79 -8.15 19.61 38.66
N LYS A 80 -8.00 20.56 39.58
CA LYS A 80 -7.99 21.98 39.25
C LYS A 80 -6.67 22.61 39.64
N VAL A 81 -6.06 23.34 38.71
CA VAL A 81 -4.79 24.03 38.98
C VAL A 81 -4.93 25.54 38.78
N ARG A 82 -4.27 26.30 39.65
CA ARG A 82 -4.14 27.74 39.53
C ARG A 82 -2.70 28.15 39.36
N TYR A 83 -2.46 29.01 38.36
CA TYR A 83 -1.13 29.61 38.09
C TYR A 83 -1.24 31.11 38.19
N THR A 84 -0.11 31.74 38.52
CA THR A 84 0.13 33.15 38.29
C THR A 84 0.96 33.26 37.04
N LEU A 85 0.30 33.55 35.93
CA LEU A 85 0.99 33.63 34.63
C LEU A 85 1.55 35.04 34.59
N ALA A 86 2.87 35.17 34.54
CA ALA A 86 3.52 36.47 34.61
C ALA A 86 4.10 36.85 33.25
N VAL A 87 3.73 38.04 32.77
CA VAL A 87 4.31 38.61 31.56
C VAL A 87 5.13 39.80 32.04
N GLY A 88 6.46 39.70 31.96
CA GLY A 88 7.31 40.75 32.57
C GLY A 88 7.30 42.01 31.71
N ASP A 89 7.96 43.02 32.21
CA ASP A 89 8.16 44.31 31.59
C ASP A 89 8.87 44.03 30.27
N ASN A 90 8.43 44.70 29.19
CA ASN A 90 9.13 44.66 27.89
C ASN A 90 9.09 43.27 27.25
N ARG A 91 7.99 42.55 27.48
CA ARG A 91 7.75 41.25 26.83
C ARG A 91 6.30 41.24 26.37
N VAL A 92 5.96 40.33 25.45
CA VAL A 92 4.58 40.03 25.15
C VAL A 92 4.53 38.51 25.05
N LEU A 93 3.33 37.97 25.23
CA LEU A 93 3.19 36.54 25.20
C LEU A 93 2.08 36.15 24.26
N ASP A 94 2.40 35.31 23.28
CA ASP A 94 1.36 34.73 22.48
C ASP A 94 0.86 33.49 23.22
N MET A 95 -0.42 33.50 23.61
CA MET A 95 -1.00 32.38 24.33
C MET A 95 -0.91 31.06 23.52
N ALA A 96 -0.71 31.15 22.20
CA ALA A 96 -0.59 29.92 21.37
C ALA A 96 0.65 29.18 21.76
N SER A 97 1.58 29.85 22.42
CA SER A 97 2.78 29.13 22.80
C SER A 97 2.65 28.42 24.19
N THR A 98 1.50 28.51 24.83
CA THR A 98 1.37 28.00 26.17
C THR A 98 0.68 26.64 26.14
N TYR A 99 0.92 25.83 27.18
CA TYR A 99 0.24 24.57 27.26
C TYR A 99 0.42 24.06 28.68
N PHE A 100 -0.40 23.07 29.03
CA PHE A 100 -0.27 22.39 30.30
C PHE A 100 0.50 21.10 30.16
N ASP A 101 1.54 20.98 30.96
CA ASP A 101 2.43 19.85 30.93
C ASP A 101 2.06 18.91 32.10
N ILE A 102 1.56 17.72 31.75
CA ILE A 102 0.93 16.84 32.73
C ILE A 102 1.69 15.56 32.91
N ARG A 103 1.99 15.23 34.16
CA ARG A 103 2.57 13.94 34.46
C ARG A 103 1.67 13.25 35.46
N GLY A 104 1.57 11.92 35.35
CA GLY A 104 0.75 11.12 36.25
C GLY A 104 0.90 9.64 35.91
N VAL A 105 0.01 8.84 36.47
CA VAL A 105 0.04 7.39 36.34
C VAL A 105 -1.30 6.98 35.74
N LEU A 106 -1.22 6.24 34.66
CA LEU A 106 -2.39 5.76 33.94
C LEU A 106 -2.38 4.22 34.05
N ASP A 107 -3.52 3.62 34.40
CA ASP A 107 -3.77 2.21 34.22
C ASP A 107 -4.91 2.04 33.19
N ARG A 108 -4.60 1.49 32.04
CA ARG A 108 -5.57 1.32 30.98
C ARG A 108 -6.49 0.15 31.27
N GLY A 109 -6.08 -0.62 32.27
CA GLY A 109 -6.93 -1.69 32.78
C GLY A 109 -6.84 -2.98 32.04
N PRO A 110 -7.53 -4.01 32.54
CA PRO A 110 -7.43 -5.38 32.01
C PRO A 110 -8.08 -5.63 30.66
N SER A 111 -8.84 -4.65 30.15
CA SER A 111 -9.49 -4.81 28.82
C SER A 111 -8.63 -4.26 27.70
N PHE A 112 -7.50 -3.66 28.05
CA PHE A 112 -6.54 -3.14 27.02
C PHE A 112 -5.81 -4.30 26.31
N LYS A 113 -5.83 -4.35 24.99
CA LYS A 113 -5.14 -5.43 24.25
C LYS A 113 -4.71 -4.86 22.93
N PRO A 114 -3.49 -4.31 22.90
CA PRO A 114 -3.03 -3.55 21.73
C PRO A 114 -2.51 -4.44 20.57
N TYR A 115 -3.21 -5.52 20.30
CA TYR A 115 -2.84 -6.41 19.21
C TYR A 115 -3.91 -7.45 18.97
N SER A 116 -3.85 -8.00 17.77
CA SER A 116 -4.72 -9.10 17.37
C SER A 116 -3.93 -10.39 17.53
N GLY A 117 -4.63 -11.49 17.85
CA GLY A 117 -3.92 -12.76 17.99
C GLY A 117 -3.35 -12.92 19.39
N THR A 118 -2.36 -13.80 19.52
CA THR A 118 -1.84 -14.17 20.85
C THR A 118 -0.33 -13.98 20.88
N ALA A 119 0.23 -13.73 22.04
CA ALA A 119 1.70 -13.79 22.17
C ALA A 119 2.26 -15.20 22.42
N TYR A 120 1.37 -16.17 22.67
CA TYR A 120 1.74 -17.49 23.27
C TYR A 120 1.42 -18.64 22.33
N ASN A 121 2.48 -19.27 21.79
CA ASN A 121 2.29 -20.50 20.99
C ASN A 121 1.29 -20.22 19.85
N SER A 122 1.46 -19.09 19.19
CA SER A 122 0.54 -18.69 18.12
C SER A 122 0.48 -19.70 16.96
N LEU A 123 1.51 -20.52 16.79
CA LEU A 123 1.50 -21.50 15.69
C LEU A 123 0.80 -22.81 15.99
N ALA A 124 0.46 -23.07 17.26
CA ALA A 124 -0.30 -24.24 17.69
C ALA A 124 -1.68 -24.32 17.04
N PRO A 125 -2.03 -25.50 16.48
CA PRO A 125 -3.42 -25.69 16.02
C PRO A 125 -4.34 -25.31 17.17
N LYS A 126 -5.45 -24.64 16.87
CA LYS A 126 -6.18 -23.95 17.94
C LYS A 126 -6.96 -24.87 18.85
N GLY A 127 -7.05 -26.15 18.51
CA GLY A 127 -7.70 -27.16 19.40
C GLY A 127 -6.74 -28.21 19.94
N ALA A 128 -5.42 -28.01 19.70
CA ALA A 128 -4.35 -28.91 20.18
C ALA A 128 -4.06 -28.67 21.67
N PRO A 129 -3.93 -29.74 22.45
CA PRO A 129 -3.61 -29.60 23.87
C PRO A 129 -2.11 -29.44 24.05
N ASN A 130 -1.70 -29.02 25.25
CA ASN A 130 -0.29 -29.15 25.68
C ASN A 130 -0.12 -30.63 25.98
N THR A 131 1.11 -31.15 26.09
CA THR A 131 1.30 -32.52 26.64
C THR A 131 0.84 -32.47 28.10
N CYS A 132 -0.13 -33.31 28.46
CA CYS A 132 -0.75 -33.16 29.78
C CYS A 132 -1.47 -34.42 30.23
N GLN A 133 -1.98 -34.37 31.46
CA GLN A 133 -2.59 -35.50 32.09
C GLN A 133 -3.93 -35.16 32.69
N TRP A 134 -4.71 -36.17 33.03
CA TRP A 134 -5.99 -35.99 33.73
C TRP A 134 -6.23 -37.24 34.56
N THR A 135 -7.15 -37.15 35.52
CA THR A 135 -7.56 -38.32 36.24
C THR A 135 -9.01 -38.64 35.88
N TYR A 136 -9.33 -39.90 36.04
CA TYR A 136 -10.67 -40.36 35.77
C TYR A 136 -10.95 -41.60 36.64
N LYS A 137 -12.13 -41.65 37.25
CA LYS A 137 -12.57 -42.86 37.98
C LYS A 137 -13.86 -43.33 37.34
N ALA A 138 -13.86 -44.54 36.76
CA ALA A 138 -15.05 -45.12 36.11
C ALA A 138 -16.03 -45.72 37.12
N ALA A 143 -14.96 -48.16 41.80
CA ALA A 143 -14.06 -47.58 40.78
C ALA A 143 -12.79 -46.97 41.40
N THR A 144 -11.64 -47.28 40.79
CA THR A 144 -10.35 -46.71 41.17
C THR A 144 -9.94 -45.60 40.20
N GLU A 145 -9.39 -44.52 40.77
CA GLU A 145 -9.02 -43.32 40.03
C GLU A 145 -7.64 -43.50 39.37
N LYS A 146 -7.58 -43.33 38.05
CA LYS A 146 -6.30 -43.46 37.32
C LYS A 146 -5.86 -42.17 36.65
N THR A 147 -4.55 -42.06 36.44
CA THR A 147 -3.95 -40.97 35.71
C THR A 147 -3.76 -41.36 34.23
N TYR A 148 -4.20 -40.46 33.34
CA TYR A 148 -4.14 -40.65 31.90
C TYR A 148 -3.21 -39.54 31.36
N THR A 149 -2.62 -39.80 30.19
CA THR A 149 -1.66 -38.90 29.54
C THR A 149 -1.90 -38.86 28.02
N TYR A 150 -1.66 -37.69 27.44
CA TYR A 150 -1.68 -37.48 25.99
C TYR A 150 -0.58 -36.48 25.66
N GLY A 151 0.14 -36.72 24.56
CA GLY A 151 1.10 -35.74 24.07
C GLY A 151 2.22 -36.39 23.30
N ASN A 152 3.40 -35.80 23.39
CA ASN A 152 4.56 -36.38 22.78
C ASN A 152 5.81 -36.10 23.63
N ALA A 153 6.86 -36.94 23.41
CA ALA A 153 8.09 -36.85 24.18
C ALA A 153 9.20 -36.66 23.14
N PRO A 154 9.67 -35.42 22.97
CA PRO A 154 10.56 -35.11 21.82
C PRO A 154 12.05 -35.25 22.07
N VAL A 155 12.50 -35.34 23.34
CA VAL A 155 13.96 -35.38 23.61
C VAL A 155 14.46 -36.82 23.65
N GLN A 156 15.27 -37.19 22.64
CA GLN A 156 15.77 -38.54 22.55
C GLN A 156 16.85 -38.76 23.60
N GLY A 157 16.85 -39.92 24.26
CA GLY A 157 17.85 -40.16 25.32
C GLY A 157 18.77 -41.29 24.95
N ILE A 158 19.93 -41.34 25.61
CA ILE A 158 20.79 -42.50 25.50
C ILE A 158 20.14 -43.72 26.14
N ASN A 159 19.44 -43.52 27.25
CA ASN A 159 18.74 -44.60 27.94
C ASN A 159 17.77 -43.94 28.93
N ILE A 160 16.95 -44.76 29.57
CA ILE A 160 16.08 -44.32 30.64
C ILE A 160 16.19 -45.36 31.73
N THR A 161 16.48 -44.88 32.93
CA THR A 161 16.49 -45.76 34.10
C THR A 161 15.61 -45.12 35.18
N LYS A 162 15.65 -45.69 36.37
CA LYS A 162 14.92 -45.12 37.49
C LYS A 162 15.32 -43.66 37.81
N ASP A 163 16.51 -43.23 37.38
CA ASP A 163 16.98 -41.84 37.58
C ASP A 163 16.51 -40.87 36.49
N GLY A 164 15.73 -41.36 35.54
CA GLY A 164 15.22 -40.50 34.49
C GLY A 164 15.92 -40.78 33.15
N ILE A 165 15.84 -39.81 32.25
CA ILE A 165 16.39 -39.93 30.92
C ILE A 165 17.88 -39.56 30.95
N GLN A 166 18.71 -40.41 30.37
CA GLN A 166 20.12 -40.12 30.29
C GLN A 166 20.35 -39.20 29.10
N LEU A 167 20.91 -38.00 29.37
CA LEU A 167 21.05 -37.00 28.31
C LEU A 167 22.46 -36.93 27.82
N GLY A 168 23.40 -37.39 28.64
CA GLY A 168 24.82 -37.39 28.28
C GLY A 168 25.68 -38.35 29.08
N THR A 169 27.00 -38.17 28.96
CA THR A 169 27.99 -39.00 29.65
C THR A 169 29.20 -38.22 30.16
N ASP A 170 29.69 -38.63 31.33
CA ASP A 170 30.91 -38.12 31.96
C ASP A 170 32.24 -38.33 31.23
N THR A 171 33.24 -37.61 31.74
CA THR A 171 34.65 -37.94 31.54
C THR A 171 35.04 -39.13 32.43
N ASP A 172 34.16 -39.50 33.36
CA ASP A 172 34.33 -40.73 34.13
C ASP A 172 33.50 -41.81 33.49
N ASP A 173 32.86 -41.48 32.38
CA ASP A 173 32.04 -42.44 31.64
C ASP A 173 30.74 -42.80 32.31
N GLN A 174 30.33 -42.03 33.31
CA GLN A 174 29.10 -42.30 34.03
C GLN A 174 27.94 -41.51 33.36
N PRO A 175 26.71 -42.03 33.45
CA PRO A 175 25.56 -41.38 32.84
C PRO A 175 25.28 -40.00 33.45
N ILE A 176 24.83 -39.07 32.63
CA ILE A 176 24.31 -37.81 33.10
C ILE A 176 22.80 -37.82 32.84
N TYR A 177 22.02 -37.75 33.92
CA TYR A 177 20.56 -37.71 33.86
C TYR A 177 20.09 -36.26 33.76
N ALA A 178 18.90 -36.06 33.19
CA ALA A 178 18.24 -34.75 33.18
C ALA A 178 18.11 -34.23 34.58
N ASP A 179 18.37 -32.93 34.71
CA ASP A 179 18.01 -32.13 35.89
C ASP A 179 16.53 -31.75 35.75
N LYS A 180 15.70 -32.40 36.56
CA LYS A 180 14.24 -32.33 36.40
C LYS A 180 13.67 -30.94 36.47
N THR A 181 14.41 -30.00 37.04
CA THR A 181 13.83 -28.68 37.23
C THR A 181 13.72 -27.92 35.92
N TYR A 182 14.47 -28.35 34.90
CA TYR A 182 14.41 -27.65 33.61
C TYR A 182 14.63 -28.53 32.39
N GLN A 183 15.12 -29.76 32.60
CA GLN A 183 15.27 -30.76 31.52
C GLN A 183 14.35 -31.93 31.74
N PRO A 184 13.94 -32.60 30.64
CA PRO A 184 14.14 -32.12 29.28
C PRO A 184 13.32 -30.85 29.01
N GLU A 185 13.77 -30.09 28.04
CA GLU A 185 13.18 -28.81 27.65
C GLU A 185 12.20 -29.09 26.52
N PRO A 186 10.98 -28.48 26.58
CA PRO A 186 9.94 -28.75 25.58
C PRO A 186 10.34 -28.25 24.16
N GLN A 187 11.31 -27.31 24.09
CA GLN A 187 11.65 -26.70 22.80
C GLN A 187 12.66 -27.50 21.99
N VAL A 188 13.17 -28.58 22.59
CA VAL A 188 14.25 -29.32 22.00
C VAL A 188 13.70 -30.64 21.37
N GLY A 189 14.35 -31.14 20.32
CA GLY A 189 13.85 -32.36 19.63
C GLY A 189 14.88 -32.85 18.60
N ASP A 190 14.58 -33.92 17.88
CA ASP A 190 15.46 -34.44 16.81
C ASP A 190 15.66 -33.32 15.81
N ALA A 191 16.85 -33.19 15.25
CA ALA A 191 17.16 -32.01 14.43
C ALA A 191 16.85 -32.24 12.91
N GLU A 192 16.58 -33.48 12.50
CA GLU A 192 16.16 -33.74 11.10
C GLU A 192 14.93 -34.70 10.99
N TRP A 193 14.31 -34.80 9.83
CA TRP A 193 13.11 -35.63 9.73
C TRP A 193 13.50 -37.10 9.78
N HIS A 194 14.76 -37.36 9.51
CA HIS A 194 15.20 -38.75 9.20
C HIS A 194 15.72 -39.49 10.44
N GLY A 198 18.81 -46.62 13.50
CA GLY A 198 17.83 -47.59 12.94
C GLY A 198 17.04 -48.36 14.00
N THR A 199 17.66 -48.54 15.16
CA THR A 199 17.06 -49.23 16.30
C THR A 199 15.82 -48.50 16.88
N ASP A 200 15.29 -49.01 17.98
CA ASP A 200 14.23 -48.35 18.73
C ASP A 200 14.87 -47.26 19.61
N GLU A 201 14.19 -46.13 19.76
CA GLU A 201 14.81 -45.02 20.48
C GLU A 201 13.98 -44.58 21.70
N LYS A 202 14.65 -44.26 22.78
CA LYS A 202 13.94 -43.82 23.99
C LYS A 202 13.85 -42.29 24.07
N TYR A 203 12.73 -41.78 24.59
CA TYR A 203 12.45 -40.35 24.59
C TYR A 203 11.94 -39.84 25.94
N GLY A 204 12.16 -38.55 26.17
CA GLY A 204 11.57 -37.88 27.32
C GLY A 204 10.89 -36.58 26.91
N GLY A 205 10.13 -36.02 27.84
CA GLY A 205 9.44 -34.76 27.64
C GLY A 205 8.85 -34.32 29.00
N ARG A 206 8.21 -33.16 29.00
CA ARG A 206 7.52 -32.63 30.16
C ARG A 206 6.04 -32.96 29.97
N ALA A 207 5.26 -32.91 31.05
CA ALA A 207 3.82 -33.01 30.93
C ALA A 207 3.17 -32.21 32.05
N LEU A 208 2.01 -31.61 31.78
CA LEU A 208 1.25 -30.94 32.84
C LEU A 208 0.43 -31.92 33.67
N LYS A 209 0.52 -31.83 35.00
CA LYS A 209 -0.21 -32.76 35.87
C LYS A 209 -1.73 -32.47 35.83
N PRO A 210 -2.54 -33.40 36.35
CA PRO A 210 -4.02 -33.20 36.29
C PRO A 210 -4.52 -31.92 36.99
N ASP A 211 -3.85 -31.52 38.06
CA ASP A 211 -4.26 -30.35 38.86
C ASP A 211 -4.08 -29.01 38.15
N THR A 212 -3.39 -28.98 37.02
CA THR A 212 -3.23 -27.77 36.20
C THR A 212 -4.27 -27.94 35.12
N LYS A 213 -5.39 -27.22 35.22
CA LYS A 213 -6.54 -27.50 34.35
C LYS A 213 -6.23 -27.21 32.91
N MET A 214 -6.52 -28.18 32.07
CA MET A 214 -6.22 -28.08 30.64
C MET A 214 -6.61 -26.78 29.96
N LYS A 215 -5.68 -26.23 29.16
CA LYS A 215 -6.01 -25.13 28.22
C LYS A 215 -5.42 -25.50 26.85
N PRO A 216 -6.05 -25.08 25.74
CA PRO A 216 -5.40 -25.32 24.46
C PRO A 216 -3.95 -24.79 24.50
N CYS A 217 -3.05 -25.46 23.77
CA CYS A 217 -1.65 -25.01 23.65
C CYS A 217 -1.58 -23.53 23.19
N TYR A 218 -2.35 -23.23 22.13
CA TYR A 218 -2.49 -21.88 21.61
C TYR A 218 -3.00 -20.93 22.73
N GLY A 219 -2.19 -19.95 23.13
CA GLY A 219 -2.62 -19.06 24.21
C GLY A 219 -2.02 -19.37 25.57
N SER A 220 -1.48 -20.58 25.76
CA SER A 220 -0.98 -21.03 27.06
C SER A 220 0.32 -20.35 27.45
N PHE A 221 0.36 -19.73 28.63
CA PHE A 221 1.58 -19.11 29.21
C PHE A 221 1.66 -19.55 30.64
N ALA A 222 2.87 -19.88 31.11
CA ALA A 222 3.11 -20.10 32.51
C ALA A 222 4.45 -19.48 32.82
N LYS A 223 4.48 -18.63 33.83
CA LYS A 223 5.74 -17.94 34.18
C LYS A 223 6.81 -18.94 34.60
N PRO A 224 8.07 -18.61 34.27
CA PRO A 224 9.17 -19.43 34.73
C PRO A 224 9.43 -19.31 36.23
N THR A 225 9.89 -20.41 36.85
CA THR A 225 10.14 -20.41 38.27
C THR A 225 11.65 -20.58 38.55
N ASN A 226 12.46 -20.61 37.50
CA ASN A 226 13.92 -20.61 37.64
C ASN A 226 14.47 -20.04 36.33
N LYS A 227 15.75 -19.72 36.33
CA LYS A 227 16.42 -19.00 35.26
C LYS A 227 16.67 -19.94 34.08
N GLU A 228 16.46 -21.25 34.27
CA GLU A 228 16.59 -22.21 33.18
C GLU A 228 15.22 -22.46 32.52
N GLY A 229 14.25 -21.62 32.87
CA GLY A 229 12.96 -21.56 32.13
C GLY A 229 11.90 -22.57 32.52
N GLY A 230 12.23 -23.44 33.47
CA GLY A 230 11.27 -24.38 34.02
C GLY A 230 10.17 -23.57 34.65
N GLN A 231 8.95 -24.15 34.67
CA GLN A 231 7.71 -23.50 35.14
C GLN A 231 7.02 -24.17 36.33
N ALA A 232 7.60 -25.26 36.86
CA ALA A 232 6.96 -26.00 37.97
C ALA A 232 6.73 -25.11 39.16
N ASN A 233 5.53 -25.20 39.75
CA ASN A 233 5.19 -24.49 40.97
C ASN A 233 6.23 -24.78 42.03
N VAL A 234 6.68 -23.72 42.71
CA VAL A 234 7.57 -23.89 43.83
C VAL A 234 6.79 -24.18 45.12
N LYS A 235 7.20 -25.25 45.80
CA LYS A 235 6.64 -25.65 47.08
C LYS A 235 6.95 -24.68 48.23
N THR A 236 5.93 -24.45 49.07
CA THR A 236 6.02 -23.53 50.22
C THR A 236 6.62 -24.20 51.45
N GLY A 237 7.15 -23.39 52.37
CA GLY A 237 7.66 -23.89 53.67
C GLY A 237 8.70 -24.99 53.50
N THR A 238 9.64 -24.74 52.60
CA THR A 238 10.72 -25.66 52.24
C THR A 238 12.02 -25.31 52.99
N GLY A 239 12.12 -24.08 53.49
CA GLY A 239 13.34 -23.59 54.14
C GLY A 239 14.32 -23.07 53.10
N THR A 240 15.60 -23.43 53.22
CA THR A 240 16.63 -23.01 52.26
C THR A 240 16.65 -23.83 50.95
N THR A 241 15.95 -24.96 50.90
CA THR A 241 16.02 -25.84 49.72
C THR A 241 14.86 -25.58 48.77
N LYS A 242 15.13 -25.14 47.57
CA LYS A 242 14.05 -24.91 46.61
C LYS A 242 13.46 -26.23 46.08
N GLU A 243 12.17 -26.46 46.29
CA GLU A 243 11.53 -27.70 45.87
C GLU A 243 10.39 -27.38 44.91
N TYR A 244 10.25 -28.22 43.89
CA TYR A 244 9.27 -28.00 42.83
C TYR A 244 8.30 -29.15 42.75
N ASP A 245 7.11 -28.87 42.26
CA ASP A 245 6.10 -29.88 42.05
C ASP A 245 6.37 -30.62 40.74
N ILE A 246 7.34 -31.55 40.76
CA ILE A 246 7.74 -32.29 39.56
C ILE A 246 7.93 -33.75 39.95
N ASP A 247 7.28 -34.66 39.21
CA ASP A 247 7.50 -36.09 39.41
C ASP A 247 7.67 -36.79 38.04
N MET A 248 8.64 -37.69 37.94
CA MET A 248 8.78 -38.49 36.71
C MET A 248 7.66 -39.55 36.60
N ALA A 249 7.13 -39.69 35.40
CA ALA A 249 6.17 -40.74 35.05
C ALA A 249 6.79 -41.60 33.94
N PHE A 250 6.85 -42.93 34.16
CA PHE A 250 7.50 -43.85 33.20
C PHE A 250 6.46 -44.68 32.48
N PHE A 251 6.77 -45.03 31.23
CA PHE A 251 5.85 -45.73 30.34
C PHE A 251 6.57 -46.79 29.50
N ASP A 252 5.91 -47.92 29.27
CA ASP A 252 6.36 -48.89 28.29
C ASP A 252 5.13 -49.20 27.40
N ASN A 253 5.38 -49.74 26.22
CA ASN A 253 4.26 -50.16 25.33
C ASN A 253 3.21 -50.98 26.03
N ARG A 254 1.95 -50.71 25.74
CA ARG A 254 0.87 -51.51 26.27
C ARG A 254 1.05 -52.97 25.87
N SER A 255 1.69 -53.19 24.71
CA SER A 255 1.89 -54.55 24.20
C SER A 255 3.19 -55.26 24.66
N ALA A 256 3.99 -54.61 25.52
CA ALA A 256 5.28 -55.18 26.01
C ALA A 256 5.03 -56.36 26.93
N ALA A 257 5.95 -57.34 26.93
CA ALA A 257 5.81 -58.52 27.79
C ALA A 257 5.92 -58.05 29.23
N ALA A 258 5.00 -58.53 30.10
CA ALA A 258 4.98 -58.15 31.52
C ALA A 258 6.31 -58.49 32.22
N ALA A 259 6.91 -59.63 31.87
CA ALA A 259 8.18 -60.00 32.50
C ALA A 259 9.40 -59.18 32.02
N GLY A 260 9.24 -58.44 30.91
CA GLY A 260 10.34 -57.61 30.41
C GLY A 260 10.12 -56.09 30.39
N LEU A 261 9.23 -55.57 31.23
CA LEU A 261 8.95 -54.11 31.24
C LEU A 261 10.18 -53.21 31.46
N ALA A 262 10.29 -52.13 30.68
CA ALA A 262 11.37 -51.14 30.86
C ALA A 262 10.92 -49.84 30.18
N PRO A 263 11.33 -48.68 30.71
CA PRO A 263 10.81 -47.43 30.12
C PRO A 263 11.27 -47.12 28.70
N GLU A 264 10.29 -46.85 27.84
CA GLU A 264 10.45 -46.33 26.47
C GLU A 264 10.31 -44.81 26.45
N ILE A 265 9.44 -44.32 27.32
CA ILE A 265 9.19 -42.89 27.46
C ILE A 265 9.22 -42.52 28.94
N VAL A 266 9.84 -41.39 29.26
CA VAL A 266 9.65 -40.78 30.59
C VAL A 266 9.16 -39.35 30.42
N LEU A 267 8.10 -38.98 31.15
CA LEU A 267 7.60 -37.63 31.15
C LEU A 267 7.88 -37.01 32.53
N TYR A 268 8.34 -35.76 32.54
CA TYR A 268 8.65 -35.05 33.76
C TYR A 268 7.39 -34.21 34.05
N THR A 269 6.50 -34.71 34.91
CA THR A 269 5.17 -34.15 35.07
C THR A 269 5.25 -33.04 36.11
N GLU A 270 4.53 -31.94 35.90
CA GLU A 270 4.62 -30.85 36.86
C GLU A 270 3.33 -30.08 36.83
N ASN A 271 3.05 -29.41 37.94
CA ASN A 271 1.98 -28.45 37.96
C ASN A 271 2.66 -27.11 37.72
N VAL A 272 2.00 -26.21 37.01
CA VAL A 272 2.59 -24.90 36.70
C VAL A 272 1.47 -23.85 36.85
N ASP A 273 1.80 -22.56 36.81
CA ASP A 273 0.75 -21.55 36.93
C ASP A 273 0.25 -21.17 35.55
N LEU A 274 -0.62 -22.03 35.01
CA LEU A 274 -1.05 -21.95 33.63
C LEU A 274 -2.05 -20.81 33.53
N GLU A 275 -1.85 -19.91 32.57
CA GLU A 275 -2.75 -18.74 32.32
C GLU A 275 -3.02 -18.61 30.82
N THR A 276 -4.04 -17.85 30.47
CA THR A 276 -4.38 -17.52 29.09
C THR A 276 -4.66 -16.01 29.04
N PRO A 277 -3.57 -15.18 29.10
CA PRO A 277 -3.68 -13.73 29.28
C PRO A 277 -4.39 -13.07 28.09
N ASP A 278 -4.39 -13.70 26.92
CA ASP A 278 -4.84 -13.05 25.73
C ASP A 278 -5.70 -13.86 24.77
N THR A 279 -6.22 -15.02 25.25
CA THR A 279 -7.12 -15.92 24.47
C THR A 279 -8.27 -16.39 25.36
N HIS A 280 -9.36 -16.89 24.76
CA HIS A 280 -10.43 -17.44 25.53
C HIS A 280 -10.88 -18.72 24.80
N ILE A 281 -11.71 -19.51 25.50
CA ILE A 281 -12.17 -20.76 25.01
C ILE A 281 -13.39 -20.48 24.14
N VAL A 282 -13.32 -20.94 22.91
CA VAL A 282 -14.42 -20.70 21.95
C VAL A 282 -15.21 -22.00 21.72
N TYR A 283 -14.67 -23.14 22.16
CA TYR A 283 -15.44 -24.38 22.17
C TYR A 283 -14.93 -25.31 23.25
N LYS A 284 -15.82 -25.77 24.11
CA LYS A 284 -15.55 -26.96 24.92
C LYS A 284 -16.86 -27.72 25.03
N ALA A 285 -16.81 -29.03 25.28
CA ALA A 285 -17.99 -29.84 25.10
C ALA A 285 -19.05 -29.60 26.16
N GLY A 286 -18.67 -29.13 27.34
CA GLY A 286 -19.69 -28.96 28.39
C GLY A 286 -19.32 -27.80 29.28
N THR A 287 -19.86 -27.75 30.48
CA THR A 287 -19.53 -26.69 31.41
C THR A 287 -18.24 -27.02 32.17
N ASP A 288 -17.90 -28.29 32.17
CA ASP A 288 -16.73 -28.75 32.89
C ASP A 288 -15.38 -28.21 32.36
N ASP A 289 -14.60 -27.79 33.33
CA ASP A 289 -13.38 -27.07 33.25
C ASP A 289 -12.13 -27.88 33.42
N SER A 290 -12.30 -29.01 34.10
CA SER A 290 -11.24 -29.93 34.51
C SER A 290 -10.50 -30.47 33.32
N SER A 291 -9.26 -30.88 33.59
CA SER A 291 -8.51 -31.72 32.70
C SER A 291 -9.33 -33.00 32.55
N SER A 292 -9.55 -33.44 31.32
CA SER A 292 -10.30 -34.64 31.03
C SER A 292 -10.02 -34.99 29.59
N SER A 293 -10.41 -36.19 29.21
CA SER A 293 -10.24 -36.68 27.86
C SER A 293 -10.93 -35.73 26.87
N ILE A 294 -12.19 -35.43 27.13
CA ILE A 294 -12.93 -34.60 26.16
C ILE A 294 -12.29 -33.20 26.04
N ASN A 295 -11.76 -32.68 27.16
CA ASN A 295 -11.19 -31.34 27.15
C ASN A 295 -9.85 -31.25 26.45
N LEU A 296 -9.38 -32.38 25.95
CA LEU A 296 -8.14 -32.34 25.14
C LEU A 296 -8.38 -31.60 23.83
N GLY A 297 -9.64 -31.53 23.42
CA GLY A 297 -9.99 -30.89 22.17
C GLY A 297 -10.71 -29.54 22.28
N GLN A 298 -10.66 -28.89 23.45
CA GLN A 298 -11.11 -27.50 23.62
C GLN A 298 -10.38 -26.71 22.59
N GLN A 299 -11.03 -25.65 22.10
CA GLN A 299 -10.50 -24.74 21.15
C GLN A 299 -10.40 -23.31 21.72
N ALA A 300 -9.28 -22.67 21.39
CA ALA A 300 -8.98 -21.31 21.86
C ALA A 300 -9.08 -20.35 20.69
N MET A 301 -9.43 -19.12 21.01
CA MET A 301 -9.46 -18.04 20.03
C MET A 301 -8.82 -16.87 20.72
N PRO A 302 -8.06 -16.05 19.96
CA PRO A 302 -7.45 -14.86 20.55
C PRO A 302 -8.51 -13.79 20.90
N ASN A 303 -8.25 -13.05 21.99
CA ASN A 303 -9.17 -12.01 22.44
C ASN A 303 -9.23 -10.88 21.42
N ARG A 304 -10.37 -10.23 21.33
CA ARG A 304 -10.46 -9.05 20.47
C ARG A 304 -9.44 -7.98 20.85
N PRO A 305 -8.82 -7.34 19.82
CA PRO A 305 -7.96 -6.21 20.05
C PRO A 305 -8.80 -5.07 20.64
N ASN A 306 -8.14 -4.25 21.43
CA ASN A 306 -8.79 -3.09 22.06
C ASN A 306 -7.66 -2.11 22.38
N TYR A 307 -7.34 -1.21 21.44
CA TYR A 307 -6.40 -0.13 21.68
C TYR A 307 -7.02 0.85 22.65
N ILE A 308 -6.19 1.40 23.55
CA ILE A 308 -6.67 2.40 24.45
C ILE A 308 -5.61 3.48 24.54
N GLY A 309 -6.00 4.73 24.26
CA GLY A 309 -5.08 5.88 24.35
C GLY A 309 -5.85 7.11 24.79
N PHE A 310 -5.12 8.21 25.01
CA PHE A 310 -5.83 9.49 25.09
C PHE A 310 -6.39 9.78 23.67
N ARG A 311 -7.36 10.68 23.67
CA ARG A 311 -8.07 11.11 22.46
C ARG A 311 -7.25 11.96 21.49
N ASP A 312 -7.63 11.97 20.21
CA ASP A 312 -7.08 12.95 19.23
C ASP A 312 -7.02 14.40 19.88
N ASN A 313 -5.87 15.03 19.82
CA ASN A 313 -5.76 16.38 20.34
C ASN A 313 -6.16 16.45 21.79
N PHE A 314 -6.02 15.33 22.49
CA PHE A 314 -6.36 15.27 23.92
C PHE A 314 -7.75 15.82 24.26
N ILE A 315 -8.71 15.62 23.35
CA ILE A 315 -10.10 15.95 23.62
C ILE A 315 -10.57 15.31 24.91
N GLY A 316 -11.36 16.04 25.70
CA GLY A 316 -11.87 15.52 26.91
C GLY A 316 -11.06 15.82 28.15
N LEU A 317 -9.76 16.02 28.02
CA LEU A 317 -8.94 16.27 29.21
C LEU A 317 -9.25 17.57 29.97
N MET A 318 -9.44 18.66 29.23
CA MET A 318 -9.77 19.95 29.80
C MET A 318 -11.27 20.17 29.67
N TYR A 319 -11.90 20.69 30.74
CA TYR A 319 -13.29 21.11 30.66
C TYR A 319 -13.46 22.34 29.80
N TYR A 320 -14.42 22.28 28.88
CA TYR A 320 -14.86 23.40 28.04
C TYR A 320 -16.38 23.34 27.95
N ASN A 321 -17.03 24.49 27.74
CA ASN A 321 -18.47 24.52 27.51
C ASN A 321 -19.27 23.80 28.60
N SER A 322 -18.80 23.97 29.84
CA SER A 322 -19.21 23.12 30.96
C SER A 322 -19.39 23.99 32.23
N THR A 323 -20.64 24.28 32.59
CA THR A 323 -20.90 25.43 33.49
C THR A 323 -20.12 25.53 34.82
N GLY A 324 -20.04 24.41 35.56
CA GLY A 324 -19.42 24.41 36.89
C GLY A 324 -17.92 24.20 36.91
N ASN A 325 -17.32 24.08 35.72
CA ASN A 325 -15.89 23.88 35.63
C ASN A 325 -15.24 24.82 34.62
N MET A 326 -15.55 26.10 34.73
CA MET A 326 -15.09 27.04 33.70
C MET A 326 -13.68 27.50 34.00
N GLY A 327 -12.85 27.56 32.96
CA GLY A 327 -11.51 28.10 33.08
C GLY A 327 -11.45 29.57 33.38
N VAL A 328 -10.30 30.02 33.86
CA VAL A 328 -10.18 31.42 34.30
C VAL A 328 -8.90 32.02 33.72
N LEU A 329 -9.04 33.23 33.16
CA LEU A 329 -7.90 34.08 32.86
C LEU A 329 -8.34 35.46 33.30
N ALA A 330 -7.70 35.98 34.33
CA ALA A 330 -8.13 37.20 34.94
C ALA A 330 -6.90 38.02 35.23
N GLY A 331 -7.03 39.35 35.15
CA GLY A 331 -5.98 40.25 35.57
C GLY A 331 -5.83 40.13 37.07
N GLN A 332 -4.61 40.15 37.55
CA GLN A 332 -4.45 39.94 38.98
C GLN A 332 -4.97 41.14 39.78
N ALA A 333 -5.08 42.30 39.13
CA ALA A 333 -5.82 43.43 39.75
C ALA A 333 -7.33 43.13 39.95
N SER A 334 -8.03 42.77 38.88
CA SER A 334 -9.49 42.65 38.96
C SER A 334 -9.96 41.33 39.53
N GLN A 335 -10.07 40.32 38.69
CA GLN A 335 -10.84 39.12 39.04
C GLN A 335 -11.99 38.95 38.06
N LEU A 336 -12.29 39.99 37.29
CA LEU A 336 -13.21 39.79 36.22
C LEU A 336 -12.54 38.75 35.25
N ASN A 337 -13.24 37.64 35.03
CA ASN A 337 -12.73 36.54 34.28
C ASN A 337 -12.92 36.92 32.81
N ALA A 338 -11.85 36.88 31.99
CA ALA A 338 -11.96 37.12 30.56
C ALA A 338 -12.55 35.95 29.79
N VAL A 339 -12.58 34.76 30.43
CA VAL A 339 -13.22 33.57 29.84
C VAL A 339 -14.66 33.61 30.28
N VAL A 340 -15.56 33.65 29.29
CA VAL A 340 -16.99 33.52 29.50
C VAL A 340 -17.36 32.39 28.57
N ASP A 341 -17.78 31.24 29.11
CA ASP A 341 -18.08 30.07 28.26
C ASP A 341 -19.59 29.75 28.28
N LEU A 342 -20.07 28.99 27.29
CA LEU A 342 -21.50 28.72 27.12
C LEU A 342 -21.69 27.19 26.91
N GLN A 343 -22.71 26.61 27.55
CA GLN A 343 -23.03 25.16 27.38
C GLN A 343 -23.42 24.86 25.93
N ASP A 344 -23.79 25.95 25.27
CA ASP A 344 -24.25 26.10 23.91
C ASP A 344 -23.11 26.09 22.85
N ARG A 345 -21.88 26.23 23.30
CA ARG A 345 -20.72 26.29 22.39
C ARG A 345 -20.00 24.94 22.34
N ASN A 346 -19.29 24.69 21.24
CA ASN A 346 -18.58 23.44 21.05
C ASN A 346 -17.12 23.68 20.68
N THR A 347 -16.33 23.91 21.73
CA THR A 347 -14.87 24.22 21.61
C THR A 347 -14.03 23.08 21.06
N GLU A 348 -14.32 21.85 21.49
CA GLU A 348 -13.49 20.71 21.02
C GLU A 348 -13.66 20.52 19.51
N LEU A 349 -14.92 20.50 19.06
CA LEU A 349 -15.18 20.33 17.62
C LEU A 349 -14.68 21.54 16.81
N SER A 350 -14.91 22.74 17.32
CA SER A 350 -14.39 23.92 16.64
C SER A 350 -12.89 23.75 16.36
N TYR A 351 -12.15 23.20 17.32
CA TYR A 351 -10.72 23.04 17.17
C TYR A 351 -10.36 21.95 16.13
N GLN A 352 -11.08 20.83 16.10
CA GLN A 352 -10.91 19.83 15.02
C GLN A 352 -11.03 20.46 13.63
N LEU A 353 -12.08 21.24 13.44
CA LEU A 353 -12.36 21.86 12.15
C LEU A 353 -11.30 22.92 11.79
N LEU A 354 -10.96 23.75 12.77
CA LEU A 354 -9.85 24.69 12.59
C LEU A 354 -8.55 23.98 12.14
N LEU A 355 -8.17 22.89 12.81
CA LEU A 355 -6.91 22.18 12.43
C LEU A 355 -7.01 21.70 11.00
N ASP A 356 -8.15 21.13 10.64
CA ASP A 356 -8.31 20.69 9.25
C ASP A 356 -8.12 21.83 8.23
N SER A 357 -8.63 23.04 8.53
CA SER A 357 -8.50 24.18 7.59
C SER A 357 -7.07 24.72 7.52
N LEU A 358 -6.27 24.48 8.54
CA LEU A 358 -4.90 25.04 8.61
C LEU A 358 -3.83 24.16 7.97
N GLY A 359 -4.10 22.87 7.93
CA GLY A 359 -3.04 21.93 7.54
C GLY A 359 -3.59 20.57 7.17
N ASP A 360 -2.69 19.61 7.13
CA ASP A 360 -2.95 18.28 6.61
C ASP A 360 -3.18 17.31 7.79
N ARG A 361 -4.44 16.97 8.05
CA ARG A 361 -4.77 16.12 9.21
C ARG A 361 -4.38 14.66 9.06
N THR A 362 -3.87 14.23 7.90
CA THR A 362 -3.27 12.90 7.81
C THR A 362 -1.84 12.86 8.43
N ARG A 363 -1.29 14.01 8.80
CA ARG A 363 0.05 13.98 9.39
C ARG A 363 -0.13 13.90 10.90
N TYR A 364 0.72 13.12 11.55
CA TYR A 364 0.64 13.01 13.01
C TYR A 364 1.67 13.89 13.75
N PHE A 365 1.27 14.42 14.90
CA PHE A 365 2.17 15.21 15.74
C PHE A 365 2.01 14.77 17.19
N SER A 366 3.04 14.09 17.71
CA SER A 366 2.89 13.49 19.03
C SER A 366 2.60 14.51 20.13
N MET A 367 3.07 15.74 19.94
CA MET A 367 3.09 16.65 21.08
C MET A 367 1.67 16.89 21.57
N TRP A 368 0.73 17.04 20.64
CA TRP A 368 -0.66 17.24 21.01
C TRP A 368 -1.50 16.00 20.80
N ASN A 369 -0.87 14.82 20.65
CA ASN A 369 -1.71 13.66 20.33
C ASN A 369 -2.53 13.97 19.09
N GLN A 370 -1.91 14.66 18.15
CA GLN A 370 -2.66 15.03 16.94
C GLN A 370 -2.52 13.90 15.93
N ALA A 371 -3.51 13.02 15.93
CA ALA A 371 -3.49 11.80 15.16
C ALA A 371 -4.96 11.43 14.92
N VAL A 372 -5.51 11.92 13.82
CA VAL A 372 -6.96 11.93 13.62
C VAL A 372 -7.54 10.48 13.60
N ASP A 373 -8.73 10.31 14.18
CA ASP A 373 -9.51 9.13 13.97
C ASP A 373 -9.74 8.88 12.48
N SER A 374 -9.51 7.63 12.08
CA SER A 374 -9.74 7.22 10.69
C SER A 374 -10.27 5.78 10.68
N TYR A 375 -10.61 5.28 9.50
CA TYR A 375 -10.87 3.89 9.35
C TYR A 375 -10.24 3.37 8.07
N ASP A 376 -10.26 2.05 7.88
CA ASP A 376 -9.72 1.44 6.66
C ASP A 376 -10.87 1.52 5.64
N PRO A 377 -10.68 2.23 4.52
CA PRO A 377 -11.82 2.33 3.58
C PRO A 377 -12.29 0.97 3.03
N ASP A 378 -11.42 -0.04 3.06
CA ASP A 378 -11.76 -1.39 2.53
C ASP A 378 -12.50 -2.25 3.52
N VAL A 379 -12.61 -1.76 4.75
CA VAL A 379 -13.45 -2.35 5.76
C VAL A 379 -14.82 -1.65 5.74
N ARG A 380 -14.83 -0.31 5.65
CA ARG A 380 -16.12 0.45 5.68
C ARG A 380 -16.96 -0.02 4.49
N ILE A 381 -16.33 -0.04 3.33
CA ILE A 381 -17.00 -0.41 2.09
C ILE A 381 -16.32 -1.62 1.50
N ILE A 382 -16.98 -2.78 1.54
CA ILE A 382 -16.32 -4.03 1.17
C ILE A 382 -16.25 -4.07 -0.34
N GLU A 383 -15.05 -4.13 -0.88
CA GLU A 383 -14.93 -4.33 -2.29
C GLU A 383 -14.54 -5.79 -2.53
N ASN A 384 -15.48 -6.61 -2.98
CA ASN A 384 -15.20 -8.03 -3.12
C ASN A 384 -14.91 -8.44 -4.57
N HIS A 385 -13.64 -8.31 -4.94
CA HIS A 385 -13.15 -8.76 -6.24
C HIS A 385 -12.64 -10.22 -6.21
N GLY A 386 -12.97 -10.92 -5.10
CA GLY A 386 -12.69 -12.32 -4.91
C GLY A 386 -11.22 -12.58 -4.73
N VAL A 387 -10.74 -13.75 -5.18
CA VAL A 387 -9.35 -14.09 -4.88
C VAL A 387 -8.70 -14.73 -6.11
N GLU A 388 -7.38 -14.53 -6.26
CA GLU A 388 -6.57 -15.07 -7.37
C GLU A 388 -6.05 -16.46 -6.98
N ASP A 389 -6.99 -17.40 -6.86
CA ASP A 389 -6.73 -18.73 -6.37
C ASP A 389 -6.67 -19.73 -7.54
N GLU A 390 -6.28 -19.28 -8.71
CA GLU A 390 -6.36 -20.16 -9.87
C GLU A 390 -5.44 -21.36 -9.72
N LEU A 391 -4.22 -21.13 -9.24
CA LEU A 391 -3.26 -22.24 -8.95
C LEU A 391 -3.57 -22.90 -7.60
N PRO A 392 -3.78 -24.26 -7.56
CA PRO A 392 -3.80 -25.02 -6.29
C PRO A 392 -2.49 -24.82 -5.51
N ASN A 393 -2.55 -24.83 -4.18
CA ASN A 393 -1.38 -24.64 -3.32
C ASN A 393 -1.34 -25.83 -2.33
N TYR A 394 -0.19 -26.44 -2.16
CA TYR A 394 -0.01 -27.73 -1.46
C TYR A 394 0.96 -27.67 -0.26
N CYS A 395 0.65 -28.49 0.78
CA CYS A 395 1.45 -28.93 1.96
C CYS A 395 2.14 -30.25 1.46
N PHE A 396 3.43 -30.42 1.69
CA PHE A 396 4.10 -31.71 1.36
C PHE A 396 4.81 -32.27 2.62
N PRO A 397 5.03 -33.59 2.67
CA PRO A 397 5.79 -34.22 3.74
C PRO A 397 7.22 -33.64 3.80
N LEU A 398 7.83 -33.65 4.99
CA LEU A 398 9.16 -33.02 5.19
C LEU A 398 10.20 -33.64 4.25
N ASP A 399 9.98 -34.90 3.91
CA ASP A 399 10.86 -35.61 3.03
C ASP A 399 10.38 -35.55 1.59
N ALA A 400 9.27 -34.83 1.34
CA ALA A 400 8.68 -34.67 0.00
C ALA A 400 8.19 -35.92 -0.71
N VAL A 401 7.95 -37.01 0.04
CA VAL A 401 7.48 -38.26 -0.57
C VAL A 401 6.29 -38.76 0.22
N GLY A 402 6.45 -38.92 1.53
CA GLY A 402 5.36 -39.46 2.37
C GLY A 402 5.50 -41.00 2.44
N ARG A 403 4.41 -41.72 2.65
CA ARG A 403 4.45 -43.21 2.72
C ARG A 403 5.06 -43.89 1.52
N THR A 404 5.94 -44.87 1.77
CA THR A 404 6.58 -45.61 0.71
C THR A 404 6.43 -47.09 1.07
N ASP A 405 6.61 -47.99 0.10
CA ASP A 405 6.85 -49.41 0.41
C ASP A 405 8.36 -49.64 0.42
N THR A 406 8.75 -50.87 0.79
CA THR A 406 10.15 -51.25 0.90
C THR A 406 10.55 -52.11 -0.31
N TYR A 407 11.65 -51.77 -1.00
CA TYR A 407 12.05 -52.47 -2.25
C TYR A 407 13.48 -53.02 -2.18
N GLN A 408 13.73 -54.17 -2.79
CA GLN A 408 15.08 -54.71 -2.91
C GLN A 408 15.45 -54.52 -4.36
N GLY A 409 16.75 -54.50 -4.65
CA GLY A 409 17.25 -54.34 -6.01
C GLY A 409 17.29 -55.72 -6.61
N ILE A 410 16.96 -55.83 -7.89
CA ILE A 410 16.91 -57.13 -8.61
C ILE A 410 17.63 -56.88 -9.91
N LYS A 411 18.21 -57.91 -10.52
CA LYS A 411 18.87 -57.77 -11.83
C LYS A 411 18.45 -58.93 -12.73
N ALA A 412 18.55 -58.73 -14.03
CA ALA A 412 18.07 -59.69 -15.02
C ALA A 412 19.14 -60.68 -15.44
N ASN A 413 18.73 -61.96 -15.43
CA ASN A 413 19.54 -63.14 -15.81
C ASN A 413 19.02 -63.74 -17.10
N GLN A 417 17.76 -61.13 -20.50
CA GLN A 417 16.77 -62.21 -20.52
C GLN A 417 15.63 -61.94 -19.51
N THR A 418 14.73 -62.92 -19.38
CA THR A 418 13.40 -62.70 -18.76
C THR A 418 13.25 -63.05 -17.26
N THR A 419 14.27 -63.69 -16.67
CA THR A 419 14.25 -64.06 -15.25
C THR A 419 15.03 -63.05 -14.38
N TRP A 420 14.54 -62.75 -13.18
CA TRP A 420 15.18 -61.75 -12.33
C TRP A 420 15.64 -62.36 -11.05
N THR A 421 16.72 -61.82 -10.50
CA THR A 421 17.22 -62.31 -9.24
C THR A 421 17.60 -61.15 -8.32
N LYS A 422 17.69 -61.40 -7.03
CA LYS A 422 18.11 -60.39 -6.06
C LYS A 422 19.54 -59.94 -6.38
N ASP A 423 19.76 -58.63 -6.28
CA ASP A 423 21.05 -58.00 -6.50
C ASP A 423 21.67 -57.69 -5.13
N ASP A 424 22.74 -58.41 -4.81
CA ASP A 424 23.29 -58.38 -3.48
C ASP A 424 24.20 -57.20 -3.26
N SER A 425 24.44 -56.44 -4.31
CA SER A 425 25.18 -55.20 -4.17
C SER A 425 24.23 -54.02 -3.90
N VAL A 426 22.94 -54.29 -3.80
CA VAL A 426 21.97 -53.25 -3.56
C VAL A 426 21.29 -53.52 -2.24
N ASN A 427 21.00 -52.48 -1.47
CA ASN A 427 20.25 -52.62 -0.23
C ASN A 427 18.88 -53.27 -0.49
N ASP A 428 18.43 -54.08 0.46
CA ASP A 428 17.20 -54.84 0.28
C ASP A 428 15.95 -54.20 0.93
N ALA A 429 16.15 -53.05 1.57
CA ALA A 429 15.03 -52.34 2.18
C ALA A 429 15.05 -50.86 1.78
N ASN A 430 14.96 -50.57 0.48
CA ASN A 430 14.89 -49.17 0.03
C ASN A 430 13.51 -48.61 0.10
N GLU A 431 13.37 -47.43 0.71
CA GLU A 431 12.08 -46.76 0.74
C GLU A 431 11.83 -45.93 -0.52
N ILE A 432 10.91 -46.36 -1.38
CA ILE A 432 10.63 -45.62 -2.63
C ILE A 432 9.11 -45.51 -2.79
N GLY A 433 8.61 -44.33 -3.19
CA GLY A 433 7.16 -44.17 -3.44
C GLY A 433 6.87 -44.42 -4.90
N LYS A 434 5.69 -44.96 -5.19
CA LYS A 434 5.22 -45.03 -6.59
C LYS A 434 4.32 -43.81 -6.79
N GLY A 435 4.34 -43.17 -7.96
CA GLY A 435 3.48 -41.98 -8.17
C GLY A 435 3.94 -40.66 -7.56
N ASN A 436 3.01 -39.75 -7.29
CA ASN A 436 3.35 -38.40 -6.93
C ASN A 436 3.62 -38.31 -5.43
N PRO A 437 4.33 -37.25 -4.98
CA PRO A 437 4.48 -37.09 -3.55
C PRO A 437 3.12 -36.93 -2.84
N PHE A 438 3.00 -37.48 -1.64
CA PHE A 438 1.78 -37.21 -0.88
C PHE A 438 1.66 -35.67 -0.71
N ALA A 439 0.43 -35.15 -0.84
CA ALA A 439 0.21 -33.72 -0.70
C ALA A 439 -1.13 -33.50 -0.02
N MET A 440 -1.29 -32.29 0.51
CA MET A 440 -2.57 -31.79 1.02
C MET A 440 -2.72 -30.43 0.39
N GLU A 441 -3.95 -29.94 0.29
CA GLU A 441 -4.21 -28.77 -0.47
C GLU A 441 -4.83 -27.67 0.43
N ILE A 442 -4.42 -26.43 0.22
CA ILE A 442 -5.02 -25.35 0.99
C ILE A 442 -5.18 -24.12 0.10
N ASN A 443 -6.36 -23.52 0.11
CA ASN A 443 -6.56 -22.29 -0.65
C ASN A 443 -6.03 -21.07 0.14
N ILE A 444 -4.78 -20.70 -0.10
CA ILE A 444 -4.15 -19.64 0.74
C ILE A 444 -4.89 -18.31 0.58
N GLN A 445 -5.14 -17.92 -0.67
CA GLN A 445 -5.81 -16.62 -0.97
C GLN A 445 -7.20 -16.55 -0.35
N ALA A 446 -8.01 -17.59 -0.53
CA ALA A 446 -9.36 -17.61 0.08
C ALA A 446 -9.27 -17.49 1.59
N ASN A 447 -8.25 -18.12 2.19
CA ASN A 447 -8.10 -18.04 3.69
C ASN A 447 -7.72 -16.65 4.16
N LEU A 448 -6.82 -16.00 3.43
CA LEU A 448 -6.41 -14.61 3.73
C LEU A 448 -7.64 -13.68 3.73
N TRP A 449 -8.46 -13.82 2.70
CA TRP A 449 -9.64 -12.96 2.53
C TRP A 449 -10.71 -13.24 3.61
N ARG A 450 -10.99 -14.51 3.87
CA ARG A 450 -11.99 -14.89 4.88
C ARG A 450 -11.53 -14.42 6.27
N ASN A 451 -10.25 -14.64 6.61
CA ASN A 451 -9.75 -14.10 7.89
C ASN A 451 -9.93 -12.58 8.01
N PHE A 452 -9.67 -11.87 6.92
CA PHE A 452 -9.72 -10.39 6.95
C PHE A 452 -11.14 -9.93 7.18
N LEU A 453 -12.07 -10.56 6.46
CA LEU A 453 -13.50 -10.25 6.58
C LEU A 453 -13.99 -10.56 7.97
N TYR A 454 -13.55 -11.68 8.55
CA TYR A 454 -14.06 -12.03 9.87
C TYR A 454 -13.56 -11.07 10.95
N ALA A 455 -12.27 -10.80 10.93
CA ALA A 455 -11.63 -9.97 11.99
C ALA A 455 -12.11 -8.50 11.97
N ASN A 456 -12.31 -8.01 10.75
CA ASN A 456 -12.55 -6.58 10.50
C ASN A 456 -13.99 -6.20 10.33
N VAL A 457 -14.83 -7.14 9.90
CA VAL A 457 -16.21 -6.82 9.64
C VAL A 457 -17.14 -7.67 10.51
N ALA A 458 -17.06 -9.01 10.40
CA ALA A 458 -18.04 -9.86 11.10
C ALA A 458 -18.01 -9.63 12.62
N LEU A 459 -16.80 -9.50 13.20
CA LEU A 459 -16.70 -9.28 14.69
C LEU A 459 -17.27 -7.94 15.16
N TYR A 460 -17.43 -6.99 14.22
CA TYR A 460 -17.96 -5.65 14.50
C TYR A 460 -19.41 -5.53 14.08
N LEU A 461 -20.06 -6.62 13.68
CA LEU A 461 -21.50 -6.60 13.42
C LEU A 461 -22.23 -6.21 14.72
N PRO A 462 -23.42 -5.59 14.63
CA PRO A 462 -24.18 -5.33 15.86
C PRO A 462 -24.43 -6.63 16.65
N ASP A 463 -24.52 -6.47 17.99
CA ASP A 463 -24.75 -7.56 18.92
C ASP A 463 -25.96 -8.46 18.58
N SER A 464 -26.99 -7.88 17.95
CA SER A 464 -28.13 -8.68 17.52
C SER A 464 -27.77 -9.80 16.50
N TYR A 465 -26.60 -9.76 15.88
CA TYR A 465 -26.18 -10.81 14.93
C TYR A 465 -25.36 -11.91 15.63
N LYS A 466 -25.25 -11.84 16.97
CA LYS A 466 -24.31 -12.69 17.72
C LYS A 466 -25.09 -13.63 18.63
N TYR A 467 -24.42 -14.58 19.25
CA TYR A 467 -25.13 -15.41 20.21
C TYR A 467 -24.20 -15.82 21.33
N THR A 468 -24.79 -16.35 22.40
CA THR A 468 -24.00 -16.83 23.53
C THR A 468 -24.19 -18.37 23.64
N PRO A 469 -23.14 -19.19 23.44
CA PRO A 469 -23.36 -20.63 23.51
C PRO A 469 -23.90 -21.05 24.89
N ALA A 470 -24.59 -22.19 24.98
CA ALA A 470 -25.01 -22.70 26.28
C ALA A 470 -23.67 -23.16 26.81
N ASN A 471 -23.45 -23.16 28.11
CA ASN A 471 -22.05 -23.48 28.59
C ASN A 471 -21.06 -22.32 28.65
N VAL A 472 -21.48 -21.15 28.20
CA VAL A 472 -20.69 -19.92 28.31
C VAL A 472 -21.53 -18.94 29.14
N THR A 473 -20.98 -18.40 30.22
CA THR A 473 -21.70 -17.31 30.93
C THR A 473 -20.97 -16.00 30.78
N LEU A 474 -21.67 -15.02 30.23
CA LEU A 474 -21.12 -13.74 29.91
C LEU A 474 -21.69 -12.76 30.93
N PRO A 475 -21.02 -11.60 31.16
CA PRO A 475 -21.61 -10.61 32.05
C PRO A 475 -22.95 -10.19 31.49
N THR A 476 -23.84 -9.81 32.40
CA THR A 476 -25.09 -9.20 32.04
C THR A 476 -24.88 -7.73 31.55
N ASN A 477 -23.86 -7.05 32.05
CA ASN A 477 -23.50 -5.73 31.51
C ASN A 477 -22.89 -5.83 30.06
N THR A 478 -23.64 -5.39 29.05
CA THR A 478 -23.27 -5.59 27.66
C THR A 478 -22.24 -4.57 27.14
N ASN A 479 -21.86 -3.64 28.01
CA ASN A 479 -20.87 -2.62 27.69
C ASN A 479 -19.47 -3.04 28.10
N THR A 480 -19.32 -4.31 28.55
CA THR A 480 -18.07 -4.78 29.13
C THR A 480 -17.30 -5.56 28.08
N TYR A 481 -15.98 -5.51 28.21
CA TYR A 481 -15.07 -6.23 27.31
C TYR A 481 -15.39 -7.72 27.23
N ASP A 482 -15.61 -8.34 28.38
CA ASP A 482 -15.89 -9.78 28.41
C ASP A 482 -17.18 -10.13 27.66
N TYR A 483 -18.17 -9.27 27.71
CA TYR A 483 -19.36 -9.49 26.90
C TYR A 483 -19.02 -9.36 25.42
N MET A 484 -18.40 -8.24 25.03
CA MET A 484 -18.06 -8.01 23.60
C MET A 484 -17.10 -9.09 23.04
N ASN A 485 -16.23 -9.61 23.89
CA ASN A 485 -15.25 -10.60 23.50
C ASN A 485 -15.86 -12.02 23.50
N GLY A 486 -16.89 -12.26 24.30
CA GLY A 486 -17.45 -13.59 24.45
C GLY A 486 -18.64 -13.91 23.53
N ARG A 487 -19.34 -12.90 23.01
CA ARG A 487 -20.46 -13.13 22.10
C ARG A 487 -19.95 -13.71 20.77
N VAL A 488 -20.64 -14.71 20.23
CA VAL A 488 -20.12 -15.49 19.09
C VAL A 488 -20.73 -15.01 17.79
N VAL A 489 -19.88 -14.84 16.79
CA VAL A 489 -20.30 -14.47 15.46
C VAL A 489 -20.07 -15.59 14.48
N ALA A 490 -21.15 -16.01 13.80
CA ALA A 490 -21.02 -16.97 12.69
C ALA A 490 -20.19 -16.37 11.55
N PRO A 491 -19.06 -16.99 11.18
CA PRO A 491 -18.27 -16.39 10.11
C PRO A 491 -18.96 -16.29 8.79
N SER A 492 -19.94 -17.16 8.53
CA SER A 492 -20.65 -17.07 7.24
C SER A 492 -21.58 -15.85 7.12
N LEU A 493 -21.69 -15.04 8.18
CA LEU A 493 -22.45 -13.77 8.05
C LEU A 493 -21.66 -12.83 7.12
N VAL A 494 -20.33 -12.91 7.13
CA VAL A 494 -19.56 -12.08 6.19
C VAL A 494 -18.50 -12.99 5.54
N ASP A 495 -18.95 -13.94 4.71
CA ASP A 495 -18.00 -14.92 4.15
C ASP A 495 -17.27 -14.37 2.94
N SER A 496 -16.36 -15.17 2.32
CA SER A 496 -15.59 -14.70 1.18
C SER A 496 -16.45 -14.46 -0.09
N TYR A 497 -17.70 -14.93 -0.06
CA TYR A 497 -18.64 -14.65 -1.15
C TYR A 497 -19.60 -13.48 -0.85
N ILE A 498 -19.33 -12.70 0.21
CA ILE A 498 -20.25 -11.64 0.60
C ILE A 498 -20.41 -10.68 -0.58
N ASN A 499 -21.67 -10.48 -1.04
CA ASN A 499 -21.96 -9.59 -2.20
C ASN A 499 -20.84 -9.64 -3.24
N ILE A 500 -20.58 -10.84 -3.73
CA ILE A 500 -19.37 -11.03 -4.51
C ILE A 500 -19.40 -10.24 -5.84
N GLY A 501 -18.30 -9.54 -6.11
CA GLY A 501 -18.21 -8.70 -7.31
C GLY A 501 -18.70 -7.28 -7.07
N ALA A 502 -19.12 -6.98 -5.83
CA ALA A 502 -19.66 -5.63 -5.56
C ALA A 502 -18.70 -4.80 -4.72
N ARG A 503 -18.88 -3.48 -4.81
CA ARG A 503 -18.37 -2.61 -3.82
C ARG A 503 -19.58 -2.12 -3.03
N TRP A 504 -19.66 -2.47 -1.75
CA TRP A 504 -20.91 -2.26 -1.03
C TRP A 504 -20.62 -2.38 0.44
N SER A 505 -21.03 -1.40 1.22
CA SER A 505 -20.92 -1.57 2.64
C SER A 505 -22.12 -2.35 3.07
N LEU A 506 -21.97 -3.13 4.13
CA LEU A 506 -23.12 -3.96 4.62
C LEU A 506 -24.16 -3.05 5.24
N ASP A 507 -25.40 -3.24 4.88
CA ASP A 507 -26.49 -2.47 5.47
C ASP A 507 -26.41 -2.30 7.00
N PRO A 508 -26.31 -3.38 7.81
CA PRO A 508 -26.16 -3.13 9.25
C PRO A 508 -24.92 -2.34 9.64
N MET A 509 -23.84 -2.42 8.86
CA MET A 509 -22.60 -1.74 9.25
C MET A 509 -22.58 -0.22 9.02
N ASP A 510 -23.44 0.26 8.11
CA ASP A 510 -23.54 1.68 7.80
C ASP A 510 -23.77 2.45 9.08
N ASN A 511 -24.54 1.84 9.98
CA ASN A 511 -24.96 2.54 11.21
C ASN A 511 -24.11 2.17 12.40
N VAL A 512 -23.03 1.45 12.16
CA VAL A 512 -22.04 1.18 13.22
C VAL A 512 -20.90 2.15 13.06
N ASN A 513 -20.50 2.80 14.15
CA ASN A 513 -19.35 3.72 14.19
C ASN A 513 -18.07 3.08 13.68
N PRO A 514 -17.65 3.47 12.46
CA PRO A 514 -16.53 2.74 11.83
C PRO A 514 -15.22 3.18 12.43
N PHE A 515 -15.23 4.17 13.33
CA PHE A 515 -13.98 4.66 13.94
C PHE A 515 -13.64 3.86 15.20
N ASN A 516 -14.63 3.13 15.70
CA ASN A 516 -14.41 2.23 16.84
C ASN A 516 -13.84 0.92 16.26
N HIS A 517 -12.57 0.93 15.90
CA HIS A 517 -12.06 -0.21 15.16
C HIS A 517 -10.57 -0.32 15.35
N HIS A 518 -10.05 -1.56 15.31
CA HIS A 518 -8.62 -1.79 15.52
C HIS A 518 -7.77 -1.31 14.32
N ARG A 519 -8.40 -1.04 13.17
CA ARG A 519 -7.68 -0.38 12.05
C ARG A 519 -7.96 1.12 11.99
N ASN A 520 -8.47 1.68 13.08
CA ASN A 520 -8.40 3.14 13.27
C ASN A 520 -6.96 3.50 13.52
N ALA A 521 -6.29 3.98 12.48
CA ALA A 521 -4.86 4.18 12.62
C ALA A 521 -4.42 5.33 13.54
N GLY A 522 -5.22 6.39 13.63
CA GLY A 522 -4.92 7.46 14.57
C GLY A 522 -4.99 6.97 16.01
N LEU A 523 -6.07 6.27 16.37
CA LEU A 523 -6.23 5.73 17.72
C LEU A 523 -5.13 4.65 17.99
N ARG A 524 -4.87 3.80 16.98
CA ARG A 524 -3.81 2.84 17.20
C ARG A 524 -2.46 3.53 17.51
N TYR A 525 -2.07 4.52 16.70
CA TYR A 525 -0.89 5.33 17.00
C TYR A 525 -0.90 5.99 18.39
N ARG A 526 -2.07 6.50 18.81
CA ARG A 526 -2.14 7.18 20.12
C ARG A 526 -2.01 6.16 21.29
N SER A 527 -2.57 4.96 21.11
CA SER A 527 -2.35 3.85 22.07
C SER A 527 -0.86 3.48 22.20
N MET A 528 -0.21 3.29 21.05
CA MET A 528 1.19 2.95 20.99
C MET A 528 2.16 4.06 21.38
N LEU A 529 1.80 5.33 21.23
CA LEU A 529 2.60 6.45 21.83
C LEU A 529 2.80 6.28 23.34
N LEU A 530 1.84 5.63 23.98
CA LEU A 530 1.94 5.43 25.45
C LEU A 530 2.77 4.19 25.75
N GLY A 531 2.73 3.21 24.85
CA GLY A 531 3.41 1.96 25.11
C GLY A 531 2.50 0.79 24.80
N ASN A 532 2.96 -0.41 25.13
CA ASN A 532 2.21 -1.63 24.87
C ASN A 532 1.69 -2.32 26.15
N GLY A 533 1.83 -1.66 27.28
CA GLY A 533 1.38 -2.26 28.57
C GLY A 533 0.24 -1.48 29.20
N ARG A 534 -0.53 -2.13 30.08
CA ARG A 534 -1.60 -1.44 30.75
C ARG A 534 -1.08 -0.38 31.73
N TYR A 535 0.10 -0.55 32.31
CA TYR A 535 0.61 0.44 33.32
C TYR A 535 1.55 1.44 32.71
N VAL A 536 1.16 2.72 32.76
CA VAL A 536 1.86 3.77 32.02
C VAL A 536 2.00 5.04 32.87
N PRO A 537 3.20 5.33 33.40
CA PRO A 537 3.39 6.69 33.89
C PRO A 537 3.53 7.57 32.66
N PHE A 538 2.76 8.65 32.58
CA PHE A 538 2.69 9.36 31.28
C PHE A 538 3.19 10.81 31.46
N HIS A 539 3.51 11.46 30.34
CA HIS A 539 3.98 12.85 30.34
C HIS A 539 3.53 13.42 28.98
N ILE A 540 2.57 14.36 29.01
CA ILE A 540 1.96 14.83 27.78
C ILE A 540 1.82 16.37 27.90
N GLN A 541 1.59 17.03 26.77
CA GLN A 541 1.39 18.49 26.71
C GLN A 541 0.01 18.73 26.10
N VAL A 542 -0.80 19.57 26.75
CA VAL A 542 -2.19 19.70 26.35
C VAL A 542 -2.45 21.14 25.93
N PRO A 543 -2.98 21.34 24.72
CA PRO A 543 -3.14 22.68 24.19
C PRO A 543 -4.36 23.40 24.74
N GLN A 544 -4.33 24.73 24.69
CA GLN A 544 -5.48 25.56 25.03
C GLN A 544 -6.30 25.81 23.78
N LYS A 545 -7.58 25.43 23.81
CA LYS A 545 -8.42 25.49 22.59
C LYS A 545 -9.54 26.55 22.60
N PHE A 546 -9.76 27.18 23.72
CA PHE A 546 -10.86 28.11 23.81
C PHE A 546 -10.51 29.35 22.98
N PHE A 547 -11.43 29.68 22.07
CA PHE A 547 -11.15 30.61 20.98
C PHE A 547 -10.78 31.98 21.49
N ALA A 548 -11.37 32.40 22.63
CA ALA A 548 -11.14 33.77 23.12
C ALA A 548 -9.73 33.99 23.65
N ILE A 549 -9.02 32.92 24.02
CA ILE A 549 -7.68 33.10 24.60
C ILE A 549 -6.57 32.34 23.89
N LYS A 550 -6.91 31.35 23.06
CA LYS A 550 -5.89 30.43 22.56
C LYS A 550 -4.88 31.11 21.62
N SER A 551 -5.22 32.30 21.11
CA SER A 551 -4.33 33.08 20.24
C SER A 551 -4.12 34.52 20.72
N LEU A 552 -4.54 34.81 21.93
CA LEU A 552 -4.46 36.14 22.48
C LEU A 552 -2.99 36.56 22.64
N LEU A 553 -2.66 37.82 22.29
CA LEU A 553 -1.35 38.35 22.66
C LEU A 553 -1.47 39.07 24.01
N LEU A 554 -0.91 38.49 25.05
CA LEU A 554 -1.06 39.01 26.44
C LEU A 554 0.06 39.99 26.74
N LEU A 555 -0.30 41.14 27.32
CA LEU A 555 0.66 42.23 27.55
C LEU A 555 1.18 42.14 28.98
N PRO A 556 2.26 42.88 29.31
CA PRO A 556 2.80 42.78 30.65
C PRO A 556 1.76 42.86 31.78
N GLY A 557 1.96 42.02 32.79
CA GLY A 557 1.11 42.06 33.97
C GLY A 557 1.18 40.68 34.56
N SER A 558 0.57 40.53 35.73
CA SER A 558 0.42 39.20 36.35
C SER A 558 -1.05 38.83 36.26
N TYR A 559 -1.30 37.60 35.86
CA TYR A 559 -2.63 37.12 35.58
C TYR A 559 -2.82 35.80 36.36
N THR A 560 -4.01 35.63 36.88
CA THR A 560 -4.48 34.35 37.38
C THR A 560 -5.04 33.56 36.19
N TYR A 561 -4.49 32.37 36.01
CA TYR A 561 -4.85 31.47 34.97
C TYR A 561 -5.17 30.13 35.62
N GLU A 562 -6.42 29.67 35.53
CA GLU A 562 -6.85 28.42 36.20
C GLU A 562 -7.63 27.54 35.22
N TRP A 563 -7.46 26.22 35.30
CA TRP A 563 -8.23 25.32 34.47
C TRP A 563 -8.52 24.03 35.22
N ASN A 564 -9.58 23.34 34.81
CA ASN A 564 -10.05 22.08 35.40
C ASN A 564 -9.82 20.91 34.43
N PHE A 565 -9.34 19.79 34.93
CA PHE A 565 -9.04 18.61 34.12
C PHE A 565 -9.92 17.45 34.59
N ARG A 566 -10.33 16.60 33.64
CA ARG A 566 -11.18 15.45 33.91
C ARG A 566 -10.41 14.22 34.36
N LYS A 567 -11.00 13.47 35.26
CA LYS A 567 -10.47 12.17 35.62
C LYS A 567 -11.28 11.02 35.06
N ASP A 568 -12.47 11.31 34.52
CA ASP A 568 -13.36 10.31 33.87
C ASP A 568 -12.70 9.57 32.69
N VAL A 569 -12.38 8.29 32.88
CA VAL A 569 -11.74 7.50 31.82
C VAL A 569 -12.47 7.38 30.49
N ASN A 570 -13.81 7.39 30.53
CA ASN A 570 -14.61 7.28 29.31
C ASN A 570 -14.53 8.59 28.51
N MET A 571 -14.16 9.69 29.18
CA MET A 571 -14.06 11.02 28.55
C MET A 571 -12.64 11.25 28.10
N ILE A 572 -11.68 10.95 28.97
CA ILE A 572 -10.30 11.26 28.64
C ILE A 572 -9.55 10.14 27.92
N LEU A 573 -10.03 8.89 28.02
CA LEU A 573 -9.40 7.82 27.23
C LEU A 573 -10.34 7.41 26.10
N GLN A 574 -9.80 6.70 25.11
CA GLN A 574 -10.63 6.20 24.01
C GLN A 574 -10.20 4.75 23.79
N SER A 575 -11.16 3.85 23.56
CA SER A 575 -10.83 2.44 23.23
C SER A 575 -11.40 2.17 21.85
N SER A 576 -10.84 1.19 21.15
CA SER A 576 -11.37 0.86 19.84
C SER A 576 -12.68 0.09 19.92
N LEU A 577 -12.92 -0.67 21.00
CA LEU A 577 -14.20 -1.42 21.14
C LEU A 577 -15.31 -0.57 21.70
N GLY A 578 -14.96 0.46 22.46
CA GLY A 578 -15.97 1.37 22.95
C GLY A 578 -16.48 0.92 24.31
N ASN A 579 -15.81 0.00 24.99
CA ASN A 579 -16.35 -0.59 26.23
C ASN A 579 -16.35 0.42 27.40
N ASP A 580 -17.11 0.15 28.45
CA ASP A 580 -17.14 1.11 29.58
C ASP A 580 -15.85 0.90 30.37
N LEU A 581 -14.90 1.86 30.24
CA LEU A 581 -13.59 1.76 30.92
C LEU A 581 -13.64 1.95 32.44
N ARG A 582 -14.72 2.57 32.93
CA ARG A 582 -14.89 2.73 34.36
C ARG A 582 -15.12 1.34 35.00
N THR A 583 -16.11 0.60 34.49
CA THR A 583 -16.37 -0.80 34.88
C THR A 583 -15.18 -1.72 34.55
N ASP A 584 -14.53 -1.52 33.42
CA ASP A 584 -13.43 -2.42 33.00
C ASP A 584 -12.05 -1.98 33.50
N GLY A 585 -12.04 -1.18 34.57
CA GLY A 585 -10.88 -1.07 35.45
C GLY A 585 -9.79 -0.06 35.05
N ALA A 586 -10.09 0.87 34.16
CA ALA A 586 -9.10 1.91 33.83
C ALA A 586 -9.18 3.02 34.84
N SER A 587 -8.05 3.70 35.05
CA SER A 587 -7.98 4.77 36.05
C SER A 587 -6.74 5.62 35.76
N ILE A 588 -6.78 6.89 36.18
CA ILE A 588 -5.69 7.83 36.04
C ILE A 588 -5.52 8.57 37.37
N SER A 589 -4.28 8.93 37.70
CA SER A 589 -4.04 9.98 38.69
C SER A 589 -3.07 11.03 38.11
N PHE A 590 -3.24 12.29 38.53
CA PHE A 590 -2.35 13.36 38.08
C PHE A 590 -1.34 13.60 39.18
N THR A 591 -0.07 13.53 38.83
CA THR A 591 1.03 13.83 39.78
C THR A 591 1.42 15.29 39.73
N SER A 592 1.60 15.86 38.53
CA SER A 592 1.83 17.34 38.44
C SER A 592 1.42 17.93 37.14
N ILE A 593 0.91 19.16 37.18
CA ILE A 593 0.52 19.84 35.93
C ILE A 593 1.29 21.15 36.02
N ASN A 594 2.19 21.38 35.09
CA ASN A 594 2.85 22.70 35.08
C ASN A 594 2.44 23.44 33.80
N LEU A 595 2.53 24.77 33.85
CA LEU A 595 2.22 25.58 32.67
C LEU A 595 3.54 26.02 32.06
N TYR A 596 3.67 25.83 30.74
CA TYR A 596 4.80 26.36 29.98
C TYR A 596 4.37 27.46 29.01
N ALA A 597 5.26 28.43 28.84
CA ALA A 597 5.00 29.58 28.01
C ALA A 597 6.31 29.96 27.33
N THR A 598 6.25 30.31 26.05
CA THR A 598 7.44 30.82 25.35
C THR A 598 7.30 32.28 24.90
N PHE A 599 8.40 33.02 25.04
CA PHE A 599 8.43 34.46 24.79
C PHE A 599 9.46 34.70 23.71
N PHE A 600 9.00 35.23 22.59
CA PHE A 600 9.94 35.81 21.62
C PHE A 600 10.87 36.81 22.36
N PRO A 601 12.21 36.71 22.18
CA PRO A 601 13.11 37.58 22.96
C PRO A 601 13.18 38.96 22.34
N MET A 602 12.07 39.67 22.38
CA MET A 602 11.94 40.92 21.71
C MET A 602 12.77 42.02 22.30
N ALA A 603 13.46 42.77 21.43
CA ALA A 603 14.14 44.01 21.83
C ALA A 603 13.21 44.86 22.67
N HIS A 604 13.75 45.44 23.73
CA HIS A 604 12.88 46.01 24.75
C HIS A 604 12.21 47.30 24.35
N ASN A 605 12.92 48.16 23.58
CA ASN A 605 12.32 49.34 22.98
C ASN A 605 11.18 48.92 22.03
N THR A 606 11.39 47.91 21.19
CA THR A 606 10.37 47.43 20.27
C THR A 606 9.14 46.88 21.04
N ALA A 607 9.36 46.04 22.07
CA ALA A 607 8.27 45.46 22.88
C ALA A 607 7.41 46.51 23.62
N SER A 608 8.11 47.52 24.12
CA SER A 608 7.51 48.58 24.84
C SER A 608 6.61 49.47 23.93
N THR A 609 7.08 49.74 22.70
CA THR A 609 6.30 50.44 21.71
C THR A 609 5.09 49.59 21.29
N LEU A 610 5.30 48.29 21.08
CA LEU A 610 4.20 47.37 20.82
C LEU A 610 3.16 47.33 21.98
N GLU A 611 3.61 47.19 23.21
CA GLU A 611 2.69 47.18 24.34
C GLU A 611 1.80 48.44 24.33
N ALA A 612 2.42 49.63 24.20
CA ALA A 612 1.69 50.88 24.27
C ALA A 612 0.60 50.97 23.18
N MET A 613 0.95 50.61 21.95
CA MET A 613 -0.05 50.58 20.87
C MET A 613 -1.23 49.62 21.17
N LEU A 614 -0.93 48.43 21.67
CA LEU A 614 -1.95 47.43 21.94
C LEU A 614 -2.86 47.72 23.15
N ARG A 615 -2.48 48.70 23.96
CA ARG A 615 -3.33 49.16 25.06
C ARG A 615 -4.39 50.22 24.66
N ASN A 616 -4.32 50.68 23.41
CA ASN A 616 -5.27 51.65 22.81
C ASN A 616 -6.58 50.90 22.47
N ASP A 617 -7.75 51.44 22.81
CA ASP A 617 -8.96 50.69 22.44
C ASP A 617 -9.16 50.47 20.94
N THR A 618 -8.56 51.32 20.12
CA THR A 618 -8.72 51.13 18.69
C THR A 618 -7.91 49.90 18.26
N ASN A 619 -7.00 49.44 19.11
CA ASN A 619 -6.18 48.28 18.78
C ASN A 619 -6.53 47.03 19.60
N ASP A 620 -7.72 46.99 20.23
CA ASP A 620 -8.23 45.77 20.82
C ASP A 620 -8.14 44.61 19.85
N GLN A 621 -7.78 43.47 20.40
CA GLN A 621 -7.77 42.20 19.66
C GLN A 621 -9.18 41.61 19.66
N SER A 622 -9.45 40.75 18.68
CA SER A 622 -10.73 40.12 18.53
C SER A 622 -10.57 38.79 17.80
N PHE A 623 -11.44 37.86 18.16
CA PHE A 623 -11.40 36.47 17.69
C PHE A 623 -12.83 35.95 17.53
N ASN A 624 -13.08 35.23 16.45
CA ASN A 624 -14.34 34.44 16.32
C ASN A 624 -14.04 32.99 16.62
N ASP A 625 -14.93 32.26 17.26
CA ASP A 625 -14.78 30.80 17.30
C ASP A 625 -14.79 30.20 15.84
N TYR A 626 -13.90 29.28 15.51
CA TYR A 626 -13.90 28.77 14.15
C TYR A 626 -15.30 28.22 13.73
N LEU A 627 -15.92 27.43 14.59
CA LEU A 627 -17.17 26.74 14.18
C LEU A 627 -18.28 27.81 14.13
N SER A 628 -18.27 28.68 15.13
CA SER A 628 -19.10 29.91 15.12
C SER A 628 -20.58 29.57 15.00
N ALA A 629 -21.09 28.88 16.02
CA ALA A 629 -22.46 28.34 15.99
C ALA A 629 -23.05 28.24 17.38
N ALA A 630 -24.37 28.34 17.46
CA ALA A 630 -25.06 27.85 18.63
C ALA A 630 -25.40 26.38 18.32
N ASN A 631 -24.95 25.47 19.18
CA ASN A 631 -25.11 24.01 18.98
C ASN A 631 -26.30 23.48 19.75
N MET A 632 -27.10 22.65 19.09
CA MET A 632 -28.34 22.19 19.72
C MET A 632 -28.55 20.70 19.48
N LEU A 633 -28.99 19.99 20.50
CA LEU A 633 -29.21 18.56 20.33
C LEU A 633 -30.67 18.27 20.58
N TYR A 634 -31.28 17.45 19.72
CA TYR A 634 -32.72 17.12 19.90
C TYR A 634 -32.90 15.61 19.92
N PRO A 635 -33.64 15.08 20.92
CA PRO A 635 -33.83 13.59 20.96
C PRO A 635 -34.59 13.01 19.74
N ILE A 636 -34.13 11.84 19.26
CA ILE A 636 -34.89 11.02 18.27
C ILE A 636 -35.12 9.62 18.86
N PRO A 637 -36.30 9.40 19.43
CA PRO A 637 -36.56 8.10 20.06
C PRO A 637 -36.28 6.92 19.13
N ALA A 638 -36.00 5.73 19.65
CA ALA A 638 -35.82 4.56 18.78
C ALA A 638 -37.00 4.39 17.77
N ASN A 639 -36.66 4.15 16.50
CA ASN A 639 -37.62 3.97 15.38
C ASN A 639 -38.45 5.18 14.93
N ALA A 640 -38.21 6.34 15.54
CA ALA A 640 -38.83 7.55 15.03
C ALA A 640 -38.22 7.95 13.67
N THR A 641 -39.06 8.52 12.82
CA THR A 641 -38.66 8.95 11.51
C THR A 641 -38.87 10.45 11.33
N ASN A 642 -39.73 11.07 12.13
CA ASN A 642 -39.94 12.53 12.06
C ASN A 642 -39.42 13.31 13.25
N VAL A 643 -38.55 14.28 12.98
CA VAL A 643 -38.00 15.11 14.02
C VAL A 643 -38.38 16.55 13.70
N PRO A 644 -39.54 17.02 14.20
CA PRO A 644 -39.89 18.44 14.14
C PRO A 644 -39.24 19.24 15.25
N ILE A 645 -38.79 20.45 14.93
CA ILE A 645 -38.24 21.36 15.91
C ILE A 645 -38.83 22.77 15.69
N SER A 646 -39.10 23.47 16.80
CA SER A 646 -39.29 24.91 16.71
C SER A 646 -38.14 25.69 17.37
N ILE A 647 -37.90 26.89 16.84
CA ILE A 647 -37.01 27.85 17.44
C ILE A 647 -37.92 29.03 17.73
N PRO A 648 -38.07 29.36 19.02
CA PRO A 648 -39.08 30.40 19.28
C PRO A 648 -38.62 31.70 18.60
N SER A 649 -39.56 32.59 18.33
CA SER A 649 -39.29 33.80 17.55
C SER A 649 -38.12 34.64 18.09
N ARG A 650 -37.19 35.03 17.20
CA ARG A 650 -36.04 35.85 17.57
C ARG A 650 -35.58 36.69 16.37
N ASN A 651 -34.52 37.46 16.55
CA ASN A 651 -33.88 38.14 15.42
C ASN A 651 -32.96 37.17 14.65
N TRP A 652 -32.94 37.28 13.31
CA TRP A 652 -32.12 36.43 12.46
C TRP A 652 -31.07 37.23 11.68
N ALA A 653 -30.99 38.53 11.94
CA ALA A 653 -29.93 39.34 11.35
C ALA A 653 -28.56 38.67 11.54
N ALA A 654 -27.80 38.60 10.45
CA ALA A 654 -26.50 37.96 10.43
C ALA A 654 -26.48 36.43 10.50
N PHE A 655 -27.64 35.78 10.60
CA PHE A 655 -27.69 34.32 10.51
C PHE A 655 -26.96 33.84 9.24
N ARG A 656 -26.16 32.77 9.34
CA ARG A 656 -25.29 32.35 8.25
C ARG A 656 -25.80 31.04 7.63
N GLY A 657 -26.59 30.27 8.38
CA GLY A 657 -27.14 29.03 7.87
C GLY A 657 -27.12 27.89 8.87
N TRP A 658 -27.33 26.67 8.37
CA TRP A 658 -27.43 25.49 9.21
C TRP A 658 -26.50 24.39 8.75
N SER A 659 -25.94 23.68 9.72
CA SER A 659 -25.28 22.41 9.50
C SER A 659 -25.92 21.43 10.46
N PHE A 660 -25.86 20.14 10.16
CA PHE A 660 -26.57 19.14 10.98
C PHE A 660 -26.03 17.75 10.67
N THR A 661 -26.31 16.83 11.60
CA THR A 661 -25.91 15.46 11.50
C THR A 661 -26.71 14.70 12.58
N ARG A 662 -26.47 13.39 12.67
CA ARG A 662 -27.19 12.54 13.65
C ARG A 662 -26.16 11.81 14.49
N LEU A 663 -26.43 11.72 15.80
CA LEU A 663 -25.54 11.03 16.74
C LEU A 663 -26.27 9.93 17.48
N LYS A 664 -25.55 8.95 18.03
CA LYS A 664 -26.12 8.03 18.99
C LYS A 664 -26.04 8.64 20.37
N THR A 665 -27.15 8.54 21.09
CA THR A 665 -27.22 9.01 22.45
C THR A 665 -26.17 8.33 23.33
N LYS A 666 -25.92 7.03 23.10
CA LYS A 666 -24.95 6.33 23.91
C LYS A 666 -23.52 6.82 23.67
N GLU A 667 -23.28 7.41 22.49
CA GLU A 667 -21.94 7.93 22.13
C GLU A 667 -21.82 9.42 22.38
N THR A 668 -22.79 10.02 23.10
CA THR A 668 -22.80 11.46 23.33
C THR A 668 -22.90 11.69 24.81
N PRO A 669 -21.79 12.11 25.44
CA PRO A 669 -21.82 12.39 26.88
C PRO A 669 -22.52 13.72 27.19
N SER A 670 -23.07 13.85 28.39
CA SER A 670 -23.45 15.18 28.85
C SER A 670 -22.21 15.93 29.35
N LEU A 671 -22.06 17.18 28.91
CA LEU A 671 -21.08 18.06 29.54
C LEU A 671 -21.89 18.99 30.48
N GLY A 672 -23.09 18.58 30.83
CA GLY A 672 -24.00 19.39 31.67
C GLY A 672 -23.57 19.52 33.13
N SER A 673 -22.44 18.88 33.49
CA SER A 673 -21.93 18.93 34.85
C SER A 673 -20.57 18.27 34.89
N GLY A 674 -19.96 18.26 36.08
CA GLY A 674 -18.63 17.74 36.28
C GLY A 674 -18.43 16.31 35.79
N PHE A 675 -19.46 15.48 35.89
CA PHE A 675 -19.34 14.05 35.63
C PHE A 675 -20.68 13.53 35.08
N ASP A 676 -20.64 12.61 34.10
CA ASP A 676 -21.89 12.02 33.54
C ASP A 676 -21.98 10.52 33.90
N PRO A 677 -22.82 10.16 34.90
CA PRO A 677 -22.90 8.74 35.29
C PRO A 677 -23.52 7.84 34.20
N TYR A 678 -24.32 8.42 33.33
CA TYR A 678 -24.93 7.65 32.27
C TYR A 678 -24.04 7.38 31.04
N PHE A 679 -22.87 8.02 30.97
CA PHE A 679 -21.94 7.80 29.85
C PHE A 679 -21.12 6.52 30.05
N VAL A 680 -21.54 5.41 29.44
CA VAL A 680 -20.88 4.13 29.70
C VAL A 680 -20.24 3.59 28.43
N TYR A 681 -19.50 4.47 27.74
CA TYR A 681 -19.03 4.21 26.40
C TYR A 681 -17.71 4.96 26.27
N SER A 682 -16.74 4.41 25.54
CA SER A 682 -15.46 5.08 25.41
C SER A 682 -14.96 5.11 23.98
N GLY A 683 -15.84 4.95 22.99
CA GLY A 683 -15.37 5.00 21.59
C GLY A 683 -15.23 6.46 21.16
N SER A 684 -15.27 6.72 19.87
CA SER A 684 -15.09 8.09 19.35
C SER A 684 -16.39 8.84 19.67
N ILE A 685 -16.33 10.15 19.86
CA ILE A 685 -17.50 10.91 20.30
C ILE A 685 -17.69 11.95 19.21
N PRO A 686 -18.44 11.61 18.15
CA PRO A 686 -18.54 12.50 16.99
C PRO A 686 -18.82 13.96 17.33
N TYR A 687 -19.76 14.20 18.25
CA TYR A 687 -20.10 15.53 18.71
C TYR A 687 -18.84 16.38 18.95
N LEU A 688 -17.83 15.79 19.59
CA LEU A 688 -16.59 16.49 19.98
C LEU A 688 -15.51 16.36 18.93
N ASP A 689 -15.42 15.21 18.24
CA ASP A 689 -14.20 14.99 17.46
C ASP A 689 -14.42 14.98 15.97
N GLY A 690 -15.68 15.07 15.54
CA GLY A 690 -15.95 15.13 14.12
C GLY A 690 -16.00 13.81 13.37
N THR A 691 -16.08 12.70 14.10
CA THR A 691 -16.11 11.37 13.47
C THR A 691 -17.57 11.00 13.11
N PHE A 692 -18.24 11.89 12.36
CA PHE A 692 -19.64 11.68 11.99
C PHE A 692 -19.77 10.52 11.02
N TYR A 693 -20.87 9.78 11.09
CA TYR A 693 -20.98 8.59 10.24
C TYR A 693 -22.44 8.17 9.97
N LEU A 694 -23.42 9.00 10.33
CA LEU A 694 -24.85 8.67 10.12
C LEU A 694 -25.56 9.63 9.16
N ASN A 695 -24.80 10.29 8.30
CA ASN A 695 -25.36 11.33 7.47
C ASN A 695 -26.27 10.76 6.39
N HIS A 696 -25.99 9.52 6.00
CA HIS A 696 -26.76 8.82 4.97
C HIS A 696 -28.18 8.50 5.48
N THR A 697 -28.42 8.65 6.78
CA THR A 697 -29.79 8.35 7.30
C THR A 697 -30.77 9.48 7.21
N PHE A 698 -30.39 10.61 6.60
CA PHE A 698 -31.34 11.72 6.45
C PHE A 698 -32.08 11.60 5.13
N LYS A 699 -33.40 11.73 5.15
CA LYS A 699 -34.15 11.67 3.92
C LYS A 699 -34.37 13.09 3.47
N LYS A 700 -34.76 13.96 4.40
CA LYS A 700 -35.22 15.32 3.98
C LYS A 700 -35.42 16.27 5.16
N VAL A 701 -35.18 17.59 4.86
CA VAL A 701 -35.41 18.65 5.82
C VAL A 701 -36.29 19.67 5.15
N SER A 702 -37.24 20.18 5.90
CA SER A 702 -37.99 21.32 5.37
C SER A 702 -37.92 22.46 6.41
N ILE A 703 -37.87 23.71 5.92
CA ILE A 703 -37.65 24.88 6.77
C ILE A 703 -38.70 25.96 6.54
N THR A 704 -39.35 26.43 7.59
CA THR A 704 -40.55 27.34 7.48
C THR A 704 -40.52 28.49 8.49
N PHE A 705 -40.11 29.82 7.90
CA PHE A 705 -40.19 30.94 8.85
C PHE A 705 -41.62 31.28 9.24
N ASP A 706 -41.89 31.54 10.53
CA ASP A 706 -43.21 32.09 10.96
C ASP A 706 -44.32 31.22 10.52
N SER A 707 -44.16 29.93 10.76
CA SER A 707 -45.06 28.86 10.24
C SER A 707 -45.95 29.30 9.07
N SER A 708 -45.37 29.99 8.08
CA SER A 708 -46.12 30.33 6.87
C SER A 708 -45.28 30.62 5.60
N VAL A 709 -43.97 30.89 5.78
CA VAL A 709 -43.09 31.21 4.65
C VAL A 709 -41.96 30.17 4.50
N SER A 710 -42.03 29.30 3.47
CA SER A 710 -41.06 28.21 3.25
C SER A 710 -39.71 28.75 2.73
N TRP A 711 -38.61 28.28 3.30
CA TRP A 711 -37.30 28.71 2.84
C TRP A 711 -36.50 27.56 2.21
N PRO A 712 -35.92 27.78 1.01
CA PRO A 712 -35.91 29.00 0.13
C PRO A 712 -37.19 29.31 -0.64
N GLY A 713 -38.05 28.29 -0.80
CA GLY A 713 -39.32 28.47 -1.53
C GLY A 713 -38.72 29.01 -2.86
N ASN A 714 -39.38 30.01 -3.43
CA ASN A 714 -38.99 30.61 -4.68
C ASN A 714 -38.82 29.58 -5.81
N ASP A 715 -39.45 28.44 -5.64
CA ASP A 715 -39.43 27.54 -6.69
C ASP A 715 -37.99 27.22 -7.08
N ARG A 716 -37.06 27.29 -6.12
CA ARG A 716 -35.68 27.20 -6.47
C ARG A 716 -35.33 25.72 -6.72
N LEU A 717 -35.82 24.85 -5.83
CA LEU A 717 -35.47 23.44 -5.88
C LEU A 717 -36.44 22.62 -6.73
N LEU A 718 -35.94 21.49 -7.23
CA LEU A 718 -36.73 20.55 -8.01
C LEU A 718 -37.99 20.11 -7.24
N THR A 719 -37.80 19.76 -5.96
CA THR A 719 -38.89 19.64 -5.02
C THR A 719 -38.76 20.86 -4.08
N PRO A 720 -39.48 21.95 -4.39
CA PRO A 720 -39.10 23.29 -3.87
C PRO A 720 -39.46 23.56 -2.42
N ASN A 721 -40.16 22.56 -1.79
CA ASN A 721 -40.78 22.89 -0.50
C ASN A 721 -39.93 22.30 0.58
N GLU A 722 -38.87 21.60 0.18
CA GLU A 722 -38.02 20.97 1.14
C GLU A 722 -36.69 20.70 0.50
N PHE A 723 -35.71 20.37 1.33
CA PHE A 723 -34.48 19.83 0.84
C PHE A 723 -34.66 18.34 0.96
N GLU A 724 -34.80 17.69 -0.17
CA GLU A 724 -34.73 16.25 -0.20
C GLU A 724 -33.28 15.82 -0.42
N ILE A 725 -32.79 14.98 0.51
CA ILE A 725 -31.37 14.58 0.54
C ILE A 725 -31.28 13.37 -0.41
N LYS A 726 -32.30 12.49 -0.32
CA LYS A 726 -32.29 11.23 -1.07
C LYS A 726 -33.71 10.72 -1.30
N ARG A 727 -33.89 9.91 -2.33
CA ARG A 727 -35.23 9.41 -2.68
C ARG A 727 -35.15 7.93 -2.87
N THR A 728 -36.14 7.21 -2.34
CA THR A 728 -36.28 5.80 -2.66
C THR A 728 -37.22 5.66 -3.89
N VAL A 729 -38.44 6.16 -3.76
CA VAL A 729 -39.27 6.23 -4.96
C VAL A 729 -38.88 7.47 -5.78
N ASP A 730 -38.26 7.22 -6.94
CA ASP A 730 -37.70 8.27 -7.77
C ASP A 730 -38.13 8.19 -9.23
N GLY A 731 -39.43 8.46 -9.46
CA GLY A 731 -39.99 8.36 -10.78
C GLY A 731 -39.63 9.41 -11.82
N GLU A 732 -39.69 10.89 -11.43
CA GLU A 732 -39.02 11.77 -12.43
C GLU A 732 -37.53 11.51 -12.79
N GLY A 733 -36.76 10.78 -11.91
CA GLY A 733 -35.39 10.48 -12.37
C GLY A 733 -34.31 11.55 -11.60
N TYR A 734 -34.74 11.97 -10.41
CA TYR A 734 -34.06 13.07 -9.75
C TYR A 734 -32.78 12.64 -8.96
N ASN A 735 -32.59 11.31 -8.78
CA ASN A 735 -31.40 10.89 -8.21
C ASN A 735 -30.27 11.22 -9.22
N VAL A 736 -29.06 11.25 -8.69
CA VAL A 736 -27.88 11.70 -9.39
C VAL A 736 -26.68 10.90 -8.97
N ALA A 737 -25.67 10.84 -9.86
CA ALA A 737 -24.34 10.35 -9.49
C ALA A 737 -24.33 8.86 -9.13
N GLN A 738 -25.30 8.14 -9.71
CA GLN A 738 -25.44 6.68 -9.55
C GLN A 738 -25.73 6.27 -8.07
N CYS A 739 -26.48 7.09 -7.35
CA CYS A 739 -26.95 6.66 -6.04
C CYS A 739 -28.36 7.24 -5.82
N ASN A 740 -28.79 7.27 -4.56
CA ASN A 740 -30.14 7.68 -4.26
C ASN A 740 -30.16 9.11 -3.73
N MET A 741 -29.03 9.80 -3.78
CA MET A 741 -29.00 11.22 -3.42
C MET A 741 -29.62 12.02 -4.54
N THR A 742 -30.39 13.08 -4.22
CA THR A 742 -31.12 13.79 -5.25
C THR A 742 -30.21 14.83 -5.89
N LYS A 743 -30.58 15.27 -7.10
CA LYS A 743 -29.88 16.27 -7.85
C LYS A 743 -29.92 17.61 -7.09
N ASP A 744 -31.02 17.92 -6.44
CA ASP A 744 -31.08 19.15 -5.60
C ASP A 744 -30.03 19.17 -4.51
N TRP A 745 -30.01 18.09 -3.74
CA TRP A 745 -29.10 18.02 -2.61
C TRP A 745 -27.65 18.07 -3.07
N PHE A 746 -27.34 17.36 -4.15
CA PHE A 746 -25.98 17.34 -4.69
C PHE A 746 -25.62 18.79 -5.04
N LEU A 747 -26.55 19.50 -5.69
CA LEU A 747 -26.36 20.92 -6.03
C LEU A 747 -26.09 21.74 -4.77
N VAL A 748 -26.98 21.67 -3.78
CA VAL A 748 -26.80 22.46 -2.58
C VAL A 748 -25.43 22.22 -1.91
N GLN A 749 -24.97 20.96 -1.84
CA GLN A 749 -23.75 20.66 -1.08
C GLN A 749 -22.53 21.08 -1.88
N MET A 750 -22.56 20.93 -3.18
CA MET A 750 -21.43 21.36 -4.00
C MET A 750 -21.27 22.89 -3.97
N LEU A 751 -22.38 23.63 -4.08
CA LEU A 751 -22.36 25.07 -3.87
C LEU A 751 -21.87 25.39 -2.45
N ALA A 752 -22.44 24.73 -1.44
CA ALA A 752 -22.17 25.11 -0.06
C ALA A 752 -20.68 24.94 0.28
N HIS A 753 -20.03 23.94 -0.33
CA HIS A 753 -18.63 23.68 -0.04
C HIS A 753 -17.67 24.35 -1.00
N TYR A 754 -18.03 24.39 -2.28
CA TYR A 754 -17.07 24.77 -3.31
C TYR A 754 -17.51 25.91 -4.27
N ASN A 755 -18.76 26.37 -4.15
CA ASN A 755 -19.36 27.29 -5.15
C ASN A 755 -19.42 26.64 -6.52
N ILE A 756 -19.50 25.31 -6.55
CA ILE A 756 -19.58 24.59 -7.80
C ILE A 756 -21.05 24.22 -8.01
N GLY A 757 -21.62 24.50 -9.18
CA GLY A 757 -22.95 23.98 -9.46
C GLY A 757 -23.71 24.68 -10.53
N TYR A 758 -23.43 25.97 -10.74
CA TYR A 758 -24.17 26.74 -11.68
C TYR A 758 -23.50 26.64 -13.02
N GLN A 759 -22.26 26.18 -13.02
CA GLN A 759 -21.48 26.15 -14.26
C GLN A 759 -20.84 24.78 -14.48
N GLY A 760 -21.61 23.73 -14.17
CA GLY A 760 -21.25 22.34 -14.36
C GLY A 760 -20.62 21.76 -13.07
N PHE A 761 -20.80 20.45 -12.86
CA PHE A 761 -20.22 19.73 -11.74
C PHE A 761 -18.92 19.11 -12.19
N TYR A 762 -17.91 19.22 -11.32
CA TYR A 762 -16.56 18.73 -11.59
C TYR A 762 -15.88 18.49 -10.24
N VAL A 763 -14.78 17.76 -10.23
CA VAL A 763 -14.07 17.56 -8.93
C VAL A 763 -13.40 18.85 -8.40
N PRO A 764 -13.66 19.20 -7.13
CA PRO A 764 -13.05 20.41 -6.59
C PRO A 764 -11.54 20.27 -6.40
N GLU A 765 -10.84 21.39 -6.43
CA GLU A 765 -9.37 21.36 -6.22
C GLU A 765 -9.08 20.68 -4.91
N GLY A 766 -8.08 19.79 -4.91
CA GLY A 766 -7.82 19.03 -3.70
C GLY A 766 -7.66 19.89 -2.45
N TYR A 767 -7.02 21.05 -2.58
CA TYR A 767 -6.77 21.78 -1.29
C TYR A 767 -8.02 22.50 -0.78
N LYS A 768 -9.06 22.53 -1.60
CA LYS A 768 -10.35 23.07 -1.19
C LYS A 768 -11.32 21.96 -0.70
N ASP A 769 -10.89 20.71 -0.84
CA ASP A 769 -11.74 19.55 -0.55
C ASP A 769 -11.05 18.83 0.57
N ARG A 770 -11.23 19.32 1.78
CA ARG A 770 -10.38 18.84 2.85
C ARG A 770 -11.00 17.66 3.60
N MET A 771 -10.59 17.39 4.84
CA MET A 771 -10.91 16.10 5.44
C MET A 771 -12.36 15.89 5.79
N TYR A 772 -13.02 16.98 6.18
CA TYR A 772 -14.43 16.96 6.56
C TYR A 772 -15.27 17.58 5.43
N SER A 773 -14.79 17.54 4.19
CA SER A 773 -15.51 18.16 3.08
C SER A 773 -16.44 17.18 2.42
N PHE A 774 -17.39 17.69 1.63
CA PHE A 774 -18.41 16.82 1.08
C PHE A 774 -17.84 15.86 0.02
N PHE A 775 -17.21 16.42 -1.00
CA PHE A 775 -16.79 15.58 -2.10
C PHE A 775 -15.85 14.48 -1.65
N ARG A 776 -14.87 14.84 -0.83
CA ARG A 776 -13.85 13.93 -0.37
C ARG A 776 -14.50 12.72 0.27
N ASN A 777 -15.62 12.94 0.95
CA ASN A 777 -16.25 11.87 1.73
C ASN A 777 -17.46 11.16 1.06
N PHE A 778 -17.88 11.65 -0.11
CA PHE A 778 -19.09 11.14 -0.82
C PHE A 778 -18.81 9.77 -1.48
N GLN A 779 -19.60 8.75 -1.14
CA GLN A 779 -19.37 7.37 -1.56
C GLN A 779 -20.67 6.69 -2.05
N PRO A 780 -21.04 6.90 -3.35
CA PRO A 780 -22.18 6.24 -3.99
C PRO A 780 -21.83 4.77 -4.16
N MET A 781 -22.85 3.90 -4.07
CA MET A 781 -22.67 2.42 -4.07
C MET A 781 -23.92 1.77 -4.62
N SER A 782 -23.75 0.62 -5.31
CA SER A 782 -24.86 -0.24 -5.75
C SER A 782 -24.54 -1.72 -5.62
N ARG A 783 -25.58 -2.53 -5.54
CA ARG A 783 -25.42 -3.99 -5.64
C ARG A 783 -26.68 -4.52 -6.31
N GLN A 784 -26.63 -5.77 -6.80
CA GLN A 784 -27.84 -6.53 -7.19
C GLN A 784 -28.04 -7.62 -6.12
N VAL A 785 -29.30 -8.11 -5.99
CA VAL A 785 -29.67 -9.24 -5.11
C VAL A 785 -30.85 -9.94 -5.77
N VAL A 786 -31.08 -11.21 -5.43
CA VAL A 786 -32.17 -11.98 -5.97
C VAL A 786 -33.50 -11.21 -5.73
N ASP A 787 -34.40 -11.13 -6.76
CA ASP A 787 -35.81 -10.58 -6.64
C ASP A 787 -36.59 -11.72 -5.91
N GLU A 788 -36.97 -11.40 -4.61
CA GLU A 788 -37.62 -12.43 -3.75
C GLU A 788 -39.05 -12.64 -4.16
N VAL A 789 -39.56 -11.69 -4.95
CA VAL A 789 -40.91 -11.77 -5.42
C VAL A 789 -40.92 -12.42 -6.81
N ASN A 790 -39.98 -12.02 -7.69
CA ASN A 790 -40.10 -12.46 -9.09
C ASN A 790 -39.18 -13.61 -9.52
N TYR A 791 -38.29 -14.06 -8.60
CA TYR A 791 -37.40 -15.16 -8.99
C TYR A 791 -38.20 -16.38 -8.64
N LYS A 792 -38.69 -17.07 -9.70
CA LYS A 792 -39.57 -18.23 -9.54
C LYS A 792 -39.07 -19.28 -8.51
N ASP A 793 -37.75 -19.48 -8.43
CA ASP A 793 -37.22 -20.57 -7.58
C ASP A 793 -36.68 -20.06 -6.24
N TYR A 794 -37.01 -18.81 -5.92
CA TYR A 794 -36.47 -18.22 -4.71
C TYR A 794 -36.84 -19.09 -3.52
N GLN A 795 -35.86 -19.33 -2.61
CA GLN A 795 -36.12 -19.98 -1.32
C GLN A 795 -35.53 -19.19 -0.22
N ALA A 796 -36.33 -18.87 0.79
CA ALA A 796 -35.84 -18.07 1.93
C ALA A 796 -35.05 -18.91 2.92
N VAL A 797 -33.82 -19.24 2.57
CA VAL A 797 -33.01 -20.11 3.43
C VAL A 797 -32.32 -19.30 4.53
N THR A 798 -32.66 -19.56 5.80
CA THR A 798 -32.08 -18.77 6.88
C THR A 798 -30.63 -19.26 7.08
N LEU A 799 -29.84 -18.44 7.76
CA LEU A 799 -28.42 -18.74 7.97
C LEU A 799 -28.10 -20.20 8.39
N ALA A 800 -28.82 -20.75 9.36
CA ALA A 800 -28.57 -22.12 9.87
C ALA A 800 -28.62 -23.19 8.81
N TYR A 801 -29.40 -22.95 7.76
CA TYR A 801 -29.63 -23.96 6.73
C TYR A 801 -28.85 -23.72 5.44
N GLN A 802 -28.09 -22.63 5.39
CA GLN A 802 -27.14 -22.43 4.30
C GLN A 802 -25.95 -23.35 4.44
N HIS A 803 -25.44 -23.83 3.32
CA HIS A 803 -24.13 -24.45 3.36
C HIS A 803 -23.29 -24.01 2.16
N ASN A 804 -22.02 -23.69 2.43
CA ASN A 804 -21.07 -23.35 1.39
C ASN A 804 -19.73 -23.61 2.07
N ASN A 805 -18.83 -24.39 1.45
CA ASN A 805 -17.62 -24.91 2.19
C ASN A 805 -17.97 -25.88 3.34
N SER A 806 -19.11 -26.56 3.27
CA SER A 806 -19.35 -27.67 4.18
C SER A 806 -18.15 -28.66 4.11
N GLY A 807 -17.68 -29.17 5.26
CA GLY A 807 -16.51 -30.04 5.25
C GLY A 807 -15.25 -29.25 5.58
N PHE A 808 -15.26 -27.94 5.33
CA PHE A 808 -14.03 -27.12 5.44
C PHE A 808 -14.05 -25.97 6.44
N VAL A 809 -15.21 -25.67 7.03
CA VAL A 809 -15.35 -24.56 7.97
C VAL A 809 -16.20 -25.02 9.12
N GLY A 810 -16.13 -24.30 10.23
CA GLY A 810 -16.99 -24.61 11.35
C GLY A 810 -18.40 -24.16 11.07
N TYR A 811 -19.36 -24.83 11.72
CA TYR A 811 -20.73 -24.51 11.56
C TYR A 811 -21.16 -23.38 12.53
N LEU A 812 -21.57 -22.24 11.94
CA LEU A 812 -22.11 -21.09 12.69
C LEU A 812 -21.10 -20.58 13.75
N ALA A 813 -19.82 -20.86 13.54
CA ALA A 813 -18.82 -20.47 14.56
C ALA A 813 -17.43 -20.51 13.97
N PRO A 814 -16.48 -19.77 14.57
CA PRO A 814 -15.09 -19.71 14.13
C PRO A 814 -14.27 -20.89 14.66
N THR A 815 -14.89 -22.06 14.66
CA THR A 815 -14.39 -23.24 15.34
C THR A 815 -14.01 -24.28 14.31
N MET A 816 -13.68 -25.47 14.80
CA MET A 816 -13.10 -26.51 13.97
C MET A 816 -13.97 -26.86 12.74
N ARG A 817 -13.33 -27.12 11.61
CA ARG A 817 -14.07 -27.48 10.40
C ARG A 817 -15.02 -28.67 10.67
N GLN A 818 -16.16 -28.69 9.96
CA GLN A 818 -17.17 -29.71 10.19
C GLN A 818 -17.86 -30.01 8.88
N GLY A 819 -18.22 -31.27 8.66
CA GLY A 819 -19.21 -31.63 7.61
C GLY A 819 -18.62 -32.45 6.48
N GLN A 820 -19.21 -32.35 5.30
CA GLN A 820 -18.80 -33.10 4.13
C GLN A 820 -18.84 -32.17 2.90
N PRO A 821 -17.90 -32.38 1.96
CA PRO A 821 -17.92 -31.75 0.64
C PRO A 821 -19.28 -31.95 -0.05
N TYR A 822 -19.97 -30.85 -0.35
CA TYR A 822 -21.30 -30.94 -0.98
C TYR A 822 -21.61 -29.68 -1.81
N PRO A 823 -22.47 -29.79 -2.87
CA PRO A 823 -22.75 -28.48 -3.53
C PRO A 823 -23.26 -27.42 -2.54
N ALA A 824 -22.78 -26.18 -2.70
CA ALA A 824 -23.26 -25.01 -1.92
C ALA A 824 -24.74 -24.70 -2.26
N ASN A 825 -25.55 -24.23 -1.29
CA ASN A 825 -26.99 -23.93 -1.58
C ASN A 825 -27.13 -22.40 -1.64
N TYR A 826 -26.02 -21.67 -1.54
CA TYR A 826 -26.03 -20.23 -1.28
C TYR A 826 -24.61 -19.67 -1.51
N PRO A 827 -24.48 -18.47 -2.07
CA PRO A 827 -25.50 -17.50 -2.52
C PRO A 827 -25.94 -17.72 -3.95
N TYR A 828 -27.09 -17.18 -4.32
CA TYR A 828 -27.59 -17.32 -5.69
C TYR A 828 -26.59 -16.67 -6.65
N PRO A 829 -26.39 -17.26 -7.85
CA PRO A 829 -25.49 -16.60 -8.80
C PRO A 829 -26.19 -15.43 -9.46
N LEU A 830 -25.49 -14.32 -9.56
CA LEU A 830 -26.03 -13.13 -10.23
C LEU A 830 -25.38 -12.96 -11.58
N ILE A 831 -24.57 -13.92 -11.98
CA ILE A 831 -23.85 -13.84 -13.23
C ILE A 831 -23.91 -15.18 -13.88
N GLY A 832 -23.33 -15.27 -15.11
CA GLY A 832 -23.30 -16.57 -15.79
C GLY A 832 -24.61 -16.76 -16.51
N LYS A 833 -24.79 -17.90 -17.19
CA LYS A 833 -25.95 -18.06 -18.04
C LYS A 833 -27.21 -18.46 -17.25
N SER A 834 -27.08 -18.74 -15.96
CA SER A 834 -28.22 -19.14 -15.12
C SER A 834 -28.38 -18.12 -14.00
N ALA A 835 -27.85 -16.91 -14.22
CA ALA A 835 -28.01 -15.81 -13.30
C ALA A 835 -29.45 -15.71 -12.87
N VAL A 836 -29.62 -15.42 -11.58
CA VAL A 836 -30.95 -15.36 -11.04
C VAL A 836 -31.65 -14.03 -11.38
N THR A 837 -32.96 -14.07 -11.46
CA THR A 837 -33.74 -12.82 -11.54
C THR A 837 -33.40 -11.92 -10.40
N SER A 838 -33.14 -10.65 -10.67
CA SER A 838 -32.64 -9.79 -9.61
C SER A 838 -33.29 -8.39 -9.57
N VAL A 839 -33.13 -7.72 -8.43
CA VAL A 839 -33.45 -6.31 -8.27
C VAL A 839 -32.15 -5.61 -7.88
N THR A 840 -32.11 -4.28 -8.01
CA THR A 840 -30.91 -3.49 -7.76
C THR A 840 -31.15 -2.55 -6.56
N GLN A 841 -30.11 -2.28 -5.76
CA GLN A 841 -30.18 -1.36 -4.61
C GLN A 841 -29.04 -0.35 -4.73
N LYS A 842 -29.33 0.90 -4.37
CA LYS A 842 -28.45 2.05 -4.53
C LYS A 842 -28.44 2.78 -3.21
N LYS A 843 -27.28 3.29 -2.79
CA LYS A 843 -27.23 4.11 -1.60
C LYS A 843 -25.93 4.90 -1.59
N PHE A 844 -25.64 5.62 -0.50
CA PHE A 844 -24.33 6.26 -0.38
C PHE A 844 -23.95 6.34 1.09
N LEU A 845 -22.66 6.56 1.33
CA LEU A 845 -22.17 6.97 2.64
C LEU A 845 -21.60 8.36 2.47
N CYS A 846 -21.52 9.10 3.56
CA CYS A 846 -20.86 10.37 3.53
C CYS A 846 -20.42 10.71 4.99
N ASP A 847 -19.42 9.98 5.47
CA ASP A 847 -18.87 10.17 6.82
C ASP A 847 -18.11 11.50 6.97
N ARG A 848 -17.84 11.89 8.20
CA ARG A 848 -16.98 13.02 8.43
C ARG A 848 -17.60 14.40 8.14
N VAL A 849 -18.67 14.50 7.33
CA VAL A 849 -19.23 15.81 7.09
C VAL A 849 -20.35 16.13 8.09
N MET A 850 -20.71 17.41 8.18
CA MET A 850 -22.09 17.76 8.52
C MET A 850 -22.79 18.26 7.23
N TRP A 851 -24.07 17.92 7.05
CA TRP A 851 -24.83 18.50 5.95
C TRP A 851 -24.93 20.02 6.15
N ARG A 852 -24.81 20.80 5.07
CA ARG A 852 -24.77 22.28 5.17
C ARG A 852 -25.84 22.88 4.31
N ILE A 853 -26.54 23.86 4.85
CA ILE A 853 -27.50 24.66 4.08
C ILE A 853 -27.18 26.12 4.44
N PRO A 854 -26.44 26.81 3.56
CA PRO A 854 -26.07 28.20 3.80
C PRO A 854 -27.29 29.08 3.62
N PHE A 855 -27.42 30.08 4.50
CA PHE A 855 -28.51 31.06 4.41
C PHE A 855 -27.96 32.13 3.47
N SER A 856 -27.71 31.72 2.24
CA SER A 856 -27.28 32.61 1.17
C SER A 856 -28.28 32.44 0.00
N SER A 857 -28.67 33.55 -0.65
CA SER A 857 -29.69 33.53 -1.70
C SER A 857 -29.46 32.53 -2.85
N ASN A 858 -28.20 32.24 -3.21
CA ASN A 858 -27.89 31.23 -4.25
C ASN A 858 -27.06 30.08 -3.69
N PHE A 859 -27.11 29.90 -2.35
CA PHE A 859 -26.31 28.93 -1.60
C PHE A 859 -24.79 29.13 -1.62
N MET A 860 -24.29 30.13 -2.37
CA MET A 860 -22.82 30.31 -2.58
C MET A 860 -22.19 31.11 -1.49
N SER A 861 -20.90 30.93 -1.31
CA SER A 861 -20.15 31.68 -0.28
C SER A 861 -19.71 32.97 -0.95
N MET A 862 -20.25 34.09 -0.49
CA MET A 862 -19.94 35.38 -1.14
C MET A 862 -19.46 36.35 -0.09
N GLY A 863 -19.25 35.83 1.12
CA GLY A 863 -18.90 36.62 2.28
C GLY A 863 -19.45 35.95 3.53
N ALA A 864 -18.68 35.98 4.61
CA ALA A 864 -19.09 35.39 5.88
C ALA A 864 -20.45 35.90 6.32
N LEU A 865 -20.64 37.21 6.22
CA LEU A 865 -21.93 37.83 6.55
C LEU A 865 -22.75 37.79 5.26
N THR A 866 -23.81 36.98 5.24
CA THR A 866 -24.39 36.58 3.96
C THR A 866 -25.34 37.60 3.47
N ASP A 867 -25.74 37.52 2.20
CA ASP A 867 -26.68 38.52 1.68
C ASP A 867 -27.97 38.46 2.47
N LEU A 868 -28.42 37.25 2.78
CA LEU A 868 -29.72 37.09 3.45
C LEU A 868 -29.62 37.44 4.95
N GLY A 869 -28.46 37.16 5.57
CA GLY A 869 -28.18 37.61 6.94
C GLY A 869 -28.25 39.12 7.11
N GLN A 870 -27.78 39.84 6.09
CA GLN A 870 -27.90 41.30 6.04
C GLN A 870 -29.33 41.78 5.75
N ASN A 871 -30.01 41.17 4.79
CA ASN A 871 -31.44 41.54 4.58
C ASN A 871 -32.34 41.36 5.82
N MET A 872 -32.05 40.38 6.66
CA MET A 872 -32.80 40.18 7.90
C MET A 872 -32.78 41.38 8.86
N LEU A 873 -31.81 42.29 8.67
CA LEU A 873 -31.76 43.55 9.42
C LEU A 873 -32.82 44.54 8.90
N TYR A 874 -33.37 44.26 7.71
CA TYR A 874 -34.32 45.13 7.05
C TYR A 874 -35.74 44.55 7.07
N ALA A 875 -35.87 43.26 6.76
CA ALA A 875 -37.08 42.54 7.20
C ALA A 875 -36.88 42.46 8.72
N ASN A 876 -36.74 43.65 9.34
CA ASN A 876 -36.26 43.82 10.73
C ASN A 876 -37.32 43.58 11.79
N SER A 877 -37.81 42.34 11.81
CA SER A 877 -38.76 41.84 12.81
C SER A 877 -38.15 40.58 13.40
N ALA A 878 -38.81 40.02 14.43
CA ALA A 878 -38.44 38.71 14.91
C ALA A 878 -39.21 37.64 14.11
N HIS A 879 -38.59 36.49 13.85
CA HIS A 879 -39.32 35.44 13.14
C HIS A 879 -39.14 34.17 13.93
N ALA A 880 -40.18 33.32 13.94
CA ALA A 880 -40.10 31.98 14.50
C ALA A 880 -39.59 31.05 13.41
N LEU A 881 -39.00 29.91 13.77
CA LEU A 881 -38.51 28.99 12.75
C LEU A 881 -38.98 27.60 13.10
N ASP A 882 -39.41 26.86 12.09
CA ASP A 882 -39.81 25.46 12.27
C ASP A 882 -39.06 24.62 11.24
N MET A 883 -38.58 23.48 11.66
CA MET A 883 -37.87 22.65 10.73
C MET A 883 -38.38 21.26 10.98
N ASN A 884 -38.45 20.45 9.94
CA ASN A 884 -38.89 19.09 10.14
C ASN A 884 -37.99 18.24 9.33
N PHE A 885 -37.21 17.42 10.07
CA PHE A 885 -36.27 16.51 9.50
C PHE A 885 -36.96 15.14 9.42
N GLU A 886 -36.73 14.46 8.31
CA GLU A 886 -37.23 13.12 8.16
C GLU A 886 -36.01 12.22 8.06
N VAL A 887 -35.97 11.16 8.87
CA VAL A 887 -34.80 10.27 8.93
C VAL A 887 -35.22 8.80 8.86
N ASP A 888 -34.27 7.94 8.47
CA ASP A 888 -34.48 6.48 8.48
C ASP A 888 -34.55 6.06 9.97
N PRO A 889 -35.46 5.12 10.31
CA PRO A 889 -35.55 4.59 11.67
C PRO A 889 -34.31 3.83 12.11
N MET A 890 -33.94 4.01 13.37
CA MET A 890 -32.81 3.31 13.96
C MET A 890 -33.33 2.79 15.28
N ASP A 891 -33.01 1.55 15.59
CA ASP A 891 -33.63 0.89 16.73
C ASP A 891 -32.85 1.19 18.02
N GLU A 892 -32.44 2.44 18.20
CA GLU A 892 -31.85 2.90 19.45
C GLU A 892 -32.04 4.41 19.51
N SER A 893 -31.97 5.03 20.68
CA SER A 893 -32.18 6.46 20.66
C SER A 893 -30.99 7.14 20.02
N THR A 894 -31.32 8.15 19.20
CA THR A 894 -30.34 9.00 18.57
C THR A 894 -30.68 10.46 18.82
N LEU A 895 -29.83 11.32 18.27
CA LEU A 895 -29.94 12.75 18.52
C LEU A 895 -29.77 13.42 17.16
N LEU A 896 -30.62 14.41 16.91
CA LEU A 896 -30.38 15.35 15.83
C LEU A 896 -29.44 16.46 16.36
N TYR A 897 -28.34 16.69 15.65
CA TYR A 897 -27.41 17.74 16.06
C TYR A 897 -27.50 18.84 15.01
N VAL A 898 -27.98 20.01 15.45
CA VAL A 898 -28.06 21.21 14.60
C VAL A 898 -27.09 22.25 15.08
N VAL A 899 -26.24 22.66 14.15
CA VAL A 899 -25.37 23.78 14.27
C VAL A 899 -26.05 24.95 13.58
N PHE A 900 -26.55 25.90 14.39
CA PHE A 900 -26.99 27.20 13.92
C PHE A 900 -25.83 28.17 13.76
N GLU A 901 -25.46 28.45 12.50
CA GLU A 901 -24.27 29.23 12.13
C GLU A 901 -24.47 30.75 12.33
N VAL A 902 -23.64 31.32 13.18
CA VAL A 902 -23.81 32.71 13.58
C VAL A 902 -22.42 33.33 13.62
N PHE A 903 -22.32 34.50 14.22
CA PHE A 903 -21.04 35.11 14.58
C PHE A 903 -20.81 34.98 16.07
N ASP A 904 -19.79 34.24 16.44
CA ASP A 904 -19.46 34.03 17.84
C ASP A 904 -18.11 34.69 18.14
N VAL A 905 -18.17 35.87 18.76
CA VAL A 905 -17.05 36.83 18.78
C VAL A 905 -16.70 37.28 20.19
N VAL A 906 -15.41 37.57 20.40
CA VAL A 906 -14.94 38.28 21.61
C VAL A 906 -14.04 39.43 21.16
N ARG A 907 -14.08 40.55 21.89
CA ARG A 907 -13.14 41.65 21.69
C ARG A 907 -12.42 41.88 23.00
N VAL A 908 -11.09 41.98 22.99
CA VAL A 908 -10.30 41.98 24.22
C VAL A 908 -9.49 43.26 24.33
N HIS A 909 -9.63 43.87 25.49
CA HIS A 909 -9.13 45.19 25.73
C HIS A 909 -8.18 45.07 26.93
N GLN A 910 -6.98 45.63 26.81
CA GLN A 910 -6.00 45.52 27.92
C GLN A 910 -5.47 46.91 28.24
N PRO A 911 -6.27 47.73 28.93
CA PRO A 911 -5.93 49.14 28.98
C PRO A 911 -4.69 49.52 29.84
N HIS A 912 -4.34 48.68 30.82
CA HIS A 912 -3.23 49.00 31.78
C HIS A 912 -2.58 47.70 32.20
N ARG A 913 -1.36 47.76 32.74
CA ARG A 913 -0.63 46.59 33.22
C ARG A 913 -1.55 45.68 34.04
N GLY A 914 -1.61 44.40 33.72
CA GLY A 914 -2.40 43.46 34.53
C GLY A 914 -3.91 43.66 34.50
N VAL A 915 -4.42 44.42 33.52
CA VAL A 915 -5.89 44.58 33.31
C VAL A 915 -6.25 43.93 31.99
N ILE A 916 -7.28 43.09 32.01
CA ILE A 916 -7.84 42.51 30.76
C ILE A 916 -9.37 42.47 30.82
N GLU A 917 -10.00 43.03 29.78
CA GLU A 917 -11.48 43.14 29.72
C GLU A 917 -11.96 42.56 28.41
N ALA A 918 -12.91 41.64 28.48
CA ALA A 918 -13.37 40.95 27.25
C ALA A 918 -14.87 41.25 27.05
N VAL A 919 -15.26 41.53 25.82
CA VAL A 919 -16.66 41.76 25.49
C VAL A 919 -17.00 40.64 24.55
N TYR A 920 -18.05 39.88 24.87
CA TYR A 920 -18.48 38.73 24.04
C TYR A 920 -19.81 39.11 23.32
N LEU A 921 -19.91 38.77 22.05
CA LEU A 921 -21.20 38.86 21.36
C LEU A 921 -21.34 37.64 20.48
N ARG A 922 -22.42 36.89 20.72
CA ARG A 922 -22.82 35.89 19.74
C ARG A 922 -24.08 36.40 19.10
N THR A 923 -24.07 36.51 17.78
CA THR A 923 -25.29 37.02 17.10
C THR A 923 -25.42 36.38 15.72
N PRO A 924 -26.66 35.99 15.33
CA PRO A 924 -27.88 36.01 16.14
C PRO A 924 -27.77 34.85 17.18
N PHE A 925 -28.86 34.48 17.87
CA PHE A 925 -28.78 33.46 18.93
C PHE A 925 -27.90 33.99 20.11
N SER A 926 -28.18 35.22 20.54
CA SER A 926 -27.39 35.89 21.56
C SER A 926 -27.32 35.10 22.87
N ALA A 927 -26.24 35.31 23.61
CA ALA A 927 -25.80 34.36 24.66
C ALA A 927 -26.74 34.14 25.88
N GLY A 928 -26.79 32.88 26.33
CA GLY A 928 -27.46 32.47 27.58
C GLY A 928 -26.53 32.52 28.80
N ASN A 929 -26.90 31.82 29.88
CA ASN A 929 -26.15 31.88 31.15
C ASN A 929 -24.63 31.61 31.01
N MET B 5 -5.19 35.89 -44.58
CA MET B 5 -5.30 34.99 -43.38
C MET B 5 -5.10 35.71 -42.02
N LEU B 6 -4.43 36.87 -42.05
CA LEU B 6 -4.13 37.59 -40.79
C LEU B 6 -5.34 38.30 -40.14
N PRO B 7 -6.25 38.90 -40.95
CA PRO B 7 -7.42 39.47 -40.29
C PRO B 7 -8.44 38.35 -39.97
N GLN B 8 -8.44 37.27 -40.78
CA GLN B 8 -9.05 35.98 -40.32
C GLN B 8 -8.58 35.54 -38.95
N TRP B 9 -7.27 35.67 -38.66
CA TRP B 9 -6.67 35.16 -37.37
C TRP B 9 -6.98 36.07 -36.18
N ALA B 10 -6.94 37.38 -36.38
CA ALA B 10 -7.38 38.27 -35.31
C ALA B 10 -8.87 37.98 -35.03
N TYR B 11 -9.67 37.85 -36.11
CA TYR B 11 -11.11 37.51 -36.00
C TYR B 11 -11.42 36.25 -35.17
N MET B 12 -10.62 35.17 -35.33
CA MET B 12 -10.87 33.96 -34.58
C MET B 12 -9.94 33.83 -33.36
N HIS B 13 -9.24 34.91 -33.00
CA HIS B 13 -8.32 35.00 -31.88
C HIS B 13 -7.25 33.91 -31.81
N ILE B 14 -6.71 33.57 -32.98
CA ILE B 14 -5.49 32.77 -33.07
C ILE B 14 -4.32 33.72 -32.84
N ALA B 15 -4.51 35.00 -33.18
CA ALA B 15 -3.55 36.09 -32.85
C ALA B 15 -4.26 37.38 -32.44
N GLY B 16 -3.50 38.44 -32.20
CA GLY B 16 -4.08 39.73 -31.89
C GLY B 16 -4.21 39.87 -30.39
N GLN B 17 -5.17 40.67 -29.94
CA GLN B 17 -5.29 41.05 -28.52
C GLN B 17 -5.89 39.93 -27.67
N ASP B 18 -5.69 40.04 -26.36
CA ASP B 18 -6.33 39.16 -25.38
C ASP B 18 -7.79 39.59 -25.13
N ALA B 19 -8.55 38.76 -24.44
CA ALA B 19 -9.95 39.11 -24.19
C ALA B 19 -10.07 40.44 -23.42
N SER B 20 -9.15 40.74 -22.51
CA SER B 20 -9.28 41.98 -21.71
C SER B 20 -9.18 43.21 -22.61
N GLU B 21 -8.62 43.03 -23.80
CA GLU B 21 -8.45 44.14 -24.73
C GLU B 21 -9.57 44.19 -25.78
N TYR B 22 -9.98 43.04 -26.34
CA TYR B 22 -10.93 43.07 -27.48
C TYR B 22 -12.40 43.11 -27.05
N LEU B 23 -12.67 42.72 -25.81
CA LEU B 23 -14.04 42.77 -25.28
C LEU B 23 -14.39 44.21 -24.94
N SER B 24 -15.66 44.58 -25.01
CA SER B 24 -16.05 45.92 -24.60
C SER B 24 -15.57 46.17 -23.16
N PRO B 25 -15.05 47.38 -22.89
CA PRO B 25 -14.64 47.61 -21.48
C PRO B 25 -15.75 47.31 -20.45
N GLY B 26 -17.01 47.50 -20.81
CA GLY B 26 -18.10 47.26 -19.85
C GLY B 26 -18.17 45.80 -19.46
N LEU B 27 -18.01 44.94 -20.47
CA LEU B 27 -18.01 43.51 -20.24
C LEU B 27 -16.83 43.12 -19.36
N VAL B 28 -15.67 43.71 -19.63
CA VAL B 28 -14.49 43.29 -18.84
C VAL B 28 -14.65 43.73 -17.39
N GLN B 29 -15.24 44.92 -17.18
CA GLN B 29 -15.51 45.44 -15.82
C GLN B 29 -16.48 44.50 -15.11
N PHE B 30 -17.60 44.21 -15.76
CA PHE B 30 -18.61 43.28 -15.23
C PHE B 30 -18.01 41.95 -14.88
N ALA B 31 -17.19 41.41 -15.76
CA ALA B 31 -16.65 40.10 -15.53
C ALA B 31 -15.70 40.06 -14.35
N ARG B 32 -14.84 41.05 -14.23
CA ARG B 32 -13.90 41.08 -13.11
C ARG B 32 -14.68 41.30 -11.82
N ALA B 33 -15.79 42.04 -11.87
CA ALA B 33 -16.63 42.27 -10.68
C ALA B 33 -17.31 40.99 -10.16
N THR B 34 -17.76 40.15 -11.10
CA THR B 34 -18.58 38.98 -10.77
C THR B 34 -17.85 37.68 -10.78
N ASP B 35 -16.59 37.69 -11.23
CA ASP B 35 -15.85 36.47 -11.39
C ASP B 35 -15.90 35.43 -10.25
N THR B 36 -16.20 35.82 -9.01
CA THR B 36 -16.13 34.81 -7.91
C THR B 36 -17.42 34.05 -7.75
N TYR B 37 -18.50 34.55 -8.33
CA TYR B 37 -19.70 33.71 -8.24
C TYR B 37 -20.23 33.30 -9.61
N PHE B 38 -19.72 33.92 -10.65
CA PHE B 38 -20.08 33.48 -11.97
C PHE B 38 -18.94 33.76 -12.92
N SER B 39 -18.30 32.71 -13.40
CA SER B 39 -17.09 32.89 -14.14
C SER B 39 -17.27 32.93 -15.65
N LEU B 40 -16.78 33.99 -16.27
CA LEU B 40 -16.88 34.16 -17.70
C LEU B 40 -15.56 33.93 -18.47
N GLY B 41 -14.42 33.85 -17.79
CA GLY B 41 -13.13 33.67 -18.49
C GLY B 41 -13.03 32.67 -19.66
N ASN B 42 -13.48 31.43 -19.45
CA ASN B 42 -13.32 30.41 -20.51
C ASN B 42 -14.23 30.51 -21.75
N LYS B 43 -15.06 31.55 -21.86
CA LYS B 43 -15.91 31.74 -23.06
C LYS B 43 -15.25 32.60 -24.13
N PHE B 44 -14.01 33.03 -23.84
CA PHE B 44 -13.27 33.96 -24.69
C PHE B 44 -11.83 33.51 -24.95
N ARG B 45 -11.46 33.30 -26.22
CA ARG B 45 -10.09 32.89 -26.58
C ARG B 45 -9.11 34.02 -26.26
N ASN B 46 -7.95 33.67 -25.69
CA ASN B 46 -6.84 34.61 -25.48
C ASN B 46 -5.66 34.01 -26.23
N PRO B 47 -5.29 34.59 -27.38
CA PRO B 47 -4.16 34.01 -28.15
C PRO B 47 -2.80 34.10 -27.42
N THR B 48 -1.98 33.05 -27.48
CA THR B 48 -0.55 33.19 -27.12
C THR B 48 0.28 33.05 -28.40
N VAL B 49 1.23 33.94 -28.59
CA VAL B 49 1.93 34.06 -29.87
C VAL B 49 3.44 34.10 -29.65
N ALA B 50 4.16 33.15 -30.26
CA ALA B 50 5.59 33.00 -30.03
C ALA B 50 6.27 34.21 -30.67
N PRO B 51 7.41 34.64 -30.13
CA PRO B 51 8.17 35.68 -30.87
C PRO B 51 8.81 35.07 -32.12
N THR B 52 8.99 35.89 -33.17
CA THR B 52 9.47 35.39 -34.47
C THR B 52 10.87 35.86 -34.80
N HIS B 53 11.46 36.65 -33.93
CA HIS B 53 12.71 37.31 -34.23
C HIS B 53 13.59 37.23 -33.00
N ASP B 54 14.90 37.11 -33.23
CA ASP B 54 15.90 37.38 -32.19
C ASP B 54 16.04 36.29 -31.13
N VAL B 55 15.35 35.17 -31.30
CA VAL B 55 15.42 34.08 -30.31
C VAL B 55 16.34 32.96 -30.81
N THR B 56 16.04 32.47 -32.02
CA THR B 56 16.69 31.27 -32.60
C THR B 56 17.52 31.65 -33.84
N THR B 57 18.62 30.95 -34.09
CA THR B 57 19.43 31.27 -35.26
C THR B 57 18.82 30.62 -36.49
N ASP B 58 18.92 31.26 -37.65
CA ASP B 58 18.48 30.65 -38.90
C ASP B 58 19.64 29.86 -39.50
N ARG B 59 20.88 30.04 -38.91
CA ARG B 59 21.98 29.28 -39.53
C ARG B 59 22.01 27.78 -39.00
N SER B 60 22.66 26.91 -39.77
CA SER B 60 22.88 25.53 -39.43
C SER B 60 23.81 25.49 -38.24
N GLN B 61 23.44 24.66 -37.26
CA GLN B 61 24.10 24.68 -35.96
C GLN B 61 23.62 23.49 -35.16
N ARG B 62 24.56 22.67 -34.65
CA ARG B 62 24.22 21.49 -33.79
C ARG B 62 23.68 21.88 -32.42
N LEU B 63 22.72 21.09 -31.90
CA LEU B 63 22.16 21.32 -30.55
C LEU B 63 23.10 20.69 -29.53
N THR B 64 23.58 19.48 -29.80
CA THR B 64 24.34 18.70 -28.82
C THR B 64 25.66 18.33 -29.42
N LEU B 65 26.75 18.61 -28.71
CA LEU B 65 28.09 18.28 -29.22
C LEU B 65 28.61 17.13 -28.38
N ARG B 66 29.39 16.24 -29.00
CA ARG B 66 30.04 15.09 -28.32
C ARG B 66 31.56 15.22 -28.45
N PHE B 67 32.20 15.51 -27.32
CA PHE B 67 33.65 15.67 -27.26
C PHE B 67 34.30 14.35 -26.82
N VAL B 68 35.23 13.84 -27.60
CA VAL B 68 36.02 12.68 -27.19
C VAL B 68 37.30 13.18 -26.53
N PRO B 69 37.86 12.38 -25.60
CA PRO B 69 39.05 12.84 -24.91
C PRO B 69 40.17 13.25 -25.91
N VAL B 70 40.89 14.33 -25.62
CA VAL B 70 42.09 14.62 -26.37
C VAL B 70 43.22 13.83 -25.73
N ASP B 71 43.00 13.40 -24.49
CA ASP B 71 44.02 12.68 -23.75
C ASP B 71 43.36 11.86 -22.66
N ARG B 72 44.01 10.76 -22.29
CA ARG B 72 43.50 9.87 -21.23
C ARG B 72 44.64 9.15 -20.57
N GLU B 73 44.47 8.89 -19.27
CA GLU B 73 45.40 8.11 -18.44
C GLU B 73 44.56 7.08 -17.67
N ASP B 74 44.82 5.80 -17.92
CA ASP B 74 44.12 4.66 -17.33
C ASP B 74 45.06 4.07 -16.27
N ASN B 75 44.84 4.40 -15.01
CA ASN B 75 45.72 3.94 -13.93
C ASN B 75 45.12 2.79 -13.12
N THR B 76 45.87 2.35 -12.12
CA THR B 76 45.46 1.29 -11.22
C THR B 76 44.11 1.58 -10.50
N TYR B 77 43.96 2.76 -9.93
CA TYR B 77 42.74 2.96 -9.19
C TYR B 77 41.91 4.13 -9.74
N SER B 78 42.36 4.70 -10.86
CA SER B 78 41.64 5.82 -11.45
C SER B 78 41.79 5.87 -12.97
N TYR B 79 40.93 6.67 -13.58
CA TYR B 79 40.91 6.87 -14.99
C TYR B 79 40.73 8.38 -15.21
N LYS B 80 41.72 9.01 -15.83
CA LYS B 80 41.74 10.46 -16.10
C LYS B 80 41.48 10.81 -17.58
N VAL B 81 40.53 11.71 -17.81
CA VAL B 81 40.26 12.18 -19.18
C VAL B 81 40.45 13.71 -19.32
N ARG B 82 40.85 14.13 -20.50
CA ARG B 82 41.03 15.53 -20.75
C ARG B 82 40.35 15.79 -22.07
N TYR B 83 39.50 16.82 -22.07
CA TYR B 83 38.81 17.32 -23.27
C TYR B 83 39.22 18.72 -23.61
N THR B 84 38.96 19.08 -24.87
CA THR B 84 38.91 20.49 -25.27
C THR B 84 37.45 20.88 -25.53
N LEU B 85 36.86 21.48 -24.52
CA LEU B 85 35.50 21.99 -24.54
C LEU B 85 35.46 23.30 -25.31
N ALA B 86 34.95 23.21 -26.55
CA ALA B 86 34.89 24.31 -27.48
C ALA B 86 33.49 24.95 -27.44
N VAL B 87 33.43 26.25 -27.10
CA VAL B 87 32.25 27.11 -27.26
C VAL B 87 32.54 28.06 -28.45
N GLY B 88 31.88 27.81 -29.58
CA GLY B 88 32.07 28.62 -30.77
C GLY B 88 31.55 30.04 -30.56
N ASP B 89 31.85 30.88 -31.51
CA ASP B 89 31.36 32.23 -31.44
C ASP B 89 29.81 32.27 -31.49
N ASN B 90 29.22 33.34 -30.94
CA ASN B 90 27.78 33.54 -31.05
C ASN B 90 26.98 32.42 -30.42
N ARG B 91 27.51 31.88 -29.33
CA ARG B 91 26.71 31.03 -28.50
C ARG B 91 27.24 31.04 -27.09
N VAL B 92 26.47 30.43 -26.20
CA VAL B 92 26.87 30.26 -24.82
C VAL B 92 26.57 28.83 -24.43
N LEU B 93 27.24 28.32 -23.39
CA LEU B 93 27.02 26.96 -22.95
C LEU B 93 26.65 26.99 -21.48
N ASP B 94 25.47 26.49 -21.12
CA ASP B 94 25.14 26.35 -19.69
C ASP B 94 25.80 25.03 -19.27
N MET B 95 26.76 25.09 -18.35
CA MET B 95 27.46 23.85 -17.93
C MET B 95 26.51 22.84 -17.30
N ALA B 96 25.32 23.27 -16.88
CA ALA B 96 24.35 22.31 -16.34
C ALA B 96 23.94 21.35 -17.45
N SER B 97 24.13 21.73 -18.71
CA SER B 97 23.73 20.82 -19.77
C SER B 97 24.81 19.76 -20.11
N THR B 98 25.94 19.80 -19.43
CA THR B 98 27.08 18.90 -19.80
C THR B 98 27.09 17.70 -18.87
N TYR B 99 27.70 16.61 -19.32
CA TYR B 99 27.85 15.46 -18.43
C TYR B 99 28.86 14.55 -19.11
N PHE B 100 29.38 13.59 -18.33
CA PHE B 100 30.32 12.58 -18.80
C PHE B 100 29.55 11.33 -19.11
N ASP B 101 29.64 10.89 -20.37
CA ASP B 101 28.93 9.73 -20.83
C ASP B 101 29.92 8.59 -20.80
N ILE B 102 29.67 7.63 -19.91
CA ILE B 102 30.60 6.55 -19.59
C ILE B 102 30.05 5.20 -20.04
N ARG B 103 30.88 4.47 -20.76
CA ARG B 103 30.63 3.08 -21.10
C ARG B 103 31.74 2.20 -20.56
N GLY B 104 31.39 1.00 -20.14
CA GLY B 104 32.41 0.11 -19.65
C GLY B 104 31.87 -1.28 -19.35
N VAL B 105 32.69 -2.08 -18.66
CA VAL B 105 32.32 -3.44 -18.29
C VAL B 105 32.37 -3.53 -16.79
N LEU B 106 31.24 -3.91 -16.21
CA LEU B 106 31.14 -4.08 -14.78
C LEU B 106 30.94 -5.57 -14.46
N ASP B 107 31.67 -6.09 -13.46
CA ASP B 107 31.36 -7.40 -12.88
C ASP B 107 30.94 -7.18 -11.45
N ARG B 108 29.71 -7.47 -11.10
CA ARG B 108 29.28 -7.17 -9.72
C ARG B 108 29.83 -8.25 -8.75
N GLY B 109 30.41 -9.29 -9.32
CA GLY B 109 31.08 -10.34 -8.53
C GLY B 109 30.11 -11.37 -7.97
N PRO B 110 30.68 -12.46 -7.37
CA PRO B 110 29.84 -13.57 -6.93
C PRO B 110 28.95 -13.31 -5.72
N SER B 111 29.11 -12.18 -5.00
CA SER B 111 28.22 -11.87 -3.87
C SER B 111 26.95 -11.12 -4.27
N PHE B 112 26.82 -10.79 -5.55
CA PHE B 112 25.62 -10.09 -5.99
C PHE B 112 24.45 -11.09 -6.03
N LYS B 113 23.37 -10.79 -5.31
CA LYS B 113 22.17 -11.62 -5.39
C LYS B 113 20.92 -10.75 -5.34
N PRO B 114 20.38 -10.38 -6.52
CA PRO B 114 19.30 -9.38 -6.52
C PRO B 114 17.90 -9.94 -6.16
N TYR B 115 17.82 -10.84 -5.19
CA TYR B 115 16.49 -11.37 -4.81
C TYR B 115 16.58 -12.17 -3.54
N SER B 116 15.43 -12.34 -2.90
CA SER B 116 15.32 -13.21 -1.74
C SER B 116 14.84 -14.58 -2.23
N GLY B 117 15.18 -15.64 -1.49
CA GLY B 117 14.70 -16.96 -1.87
C GLY B 117 15.59 -17.60 -2.95
N THR B 118 15.07 -18.61 -3.63
CA THR B 118 15.85 -19.38 -4.61
C THR B 118 15.14 -19.32 -5.94
N ALA B 119 15.89 -19.53 -7.02
CA ALA B 119 15.31 -19.73 -8.36
C ALA B 119 14.96 -21.22 -8.61
N TYR B 120 15.34 -22.11 -7.67
CA TYR B 120 15.41 -23.59 -7.90
C TYR B 120 14.59 -24.41 -6.93
N ASN B 121 13.49 -25.00 -7.42
CA ASN B 121 12.68 -25.86 -6.61
C ASN B 121 12.22 -25.13 -5.39
N SER B 122 11.73 -23.90 -5.56
CA SER B 122 11.38 -23.08 -4.37
C SER B 122 10.27 -23.69 -3.50
N LEU B 123 9.43 -24.53 -4.10
CA LEU B 123 8.30 -25.16 -3.36
C LEU B 123 8.71 -26.42 -2.56
N ALA B 124 9.93 -26.90 -2.76
CA ALA B 124 10.39 -28.11 -2.06
C ALA B 124 10.49 -27.84 -0.55
N PRO B 125 9.92 -28.74 0.30
CA PRO B 125 10.20 -28.61 1.75
C PRO B 125 11.71 -28.52 1.90
N LYS B 126 12.17 -27.72 2.85
CA LYS B 126 13.60 -27.32 2.86
C LYS B 126 14.63 -28.38 3.32
N GLY B 127 14.13 -29.48 3.89
CA GLY B 127 14.94 -30.63 4.28
C GLY B 127 14.68 -31.89 3.44
N ALA B 128 13.90 -31.73 2.37
CA ALA B 128 13.63 -32.84 1.49
C ALA B 128 14.76 -33.09 0.48
N PRO B 129 15.11 -34.38 0.30
CA PRO B 129 16.11 -34.68 -0.69
C PRO B 129 15.55 -34.73 -2.11
N ASN B 130 16.46 -34.72 -3.07
CA ASN B 130 16.13 -35.17 -4.42
C ASN B 130 15.95 -36.69 -4.38
N THR B 131 15.32 -37.25 -5.38
CA THR B 131 15.46 -38.71 -5.56
C THR B 131 16.94 -39.10 -5.84
N CYS B 132 17.54 -39.88 -4.92
CA CYS B 132 18.98 -40.12 -4.95
C CYS B 132 19.41 -41.41 -4.22
N GLN B 133 20.71 -41.69 -4.33
CA GLN B 133 21.30 -42.91 -3.87
C GLN B 133 22.55 -42.59 -3.06
N TRP B 134 23.02 -43.61 -2.34
CA TRP B 134 24.28 -43.51 -1.60
C TRP B 134 24.78 -44.92 -1.41
N THR B 135 26.06 -45.05 -1.04
CA THR B 135 26.62 -46.34 -0.79
C THR B 135 26.97 -46.34 0.66
N TYR B 136 27.04 -47.54 1.21
CA TYR B 136 27.38 -47.69 2.59
C TYR B 136 27.87 -49.11 2.85
N LYS B 137 28.92 -49.23 3.66
CA LYS B 137 29.43 -50.55 4.05
C LYS B 137 29.46 -50.66 5.56
N ALA B 138 28.84 -51.69 6.14
CA ALA B 138 29.02 -51.90 7.61
C ALA B 138 30.07 -52.99 7.85
N THR B 144 30.50 -55.82 3.10
CA THR B 144 30.26 -55.57 1.66
C THR B 144 29.50 -54.24 1.37
N GLU B 145 29.96 -53.53 0.34
CA GLU B 145 29.44 -52.19 0.01
C GLU B 145 28.14 -52.16 -0.84
N LYS B 146 27.14 -51.47 -0.34
CA LYS B 146 25.86 -51.56 -1.03
C LYS B 146 25.34 -50.20 -1.39
N THR B 147 24.50 -50.18 -2.43
CA THR B 147 23.81 -49.00 -2.83
C THR B 147 22.38 -48.98 -2.32
N TYR B 148 22.04 -47.82 -1.77
CA TYR B 148 20.77 -47.49 -1.17
C TYR B 148 20.11 -46.40 -1.98
N THR B 149 18.78 -46.40 -1.99
CA THR B 149 17.98 -45.44 -2.76
C THR B 149 16.86 -44.86 -1.90
N TYR B 150 16.50 -43.60 -2.17
CA TYR B 150 15.39 -43.00 -1.46
C TYR B 150 14.73 -42.05 -2.44
N GLY B 151 13.40 -42.06 -2.54
CA GLY B 151 12.71 -41.10 -3.39
C GLY B 151 11.36 -41.61 -3.87
N ASN B 152 10.98 -41.25 -5.08
CA ASN B 152 9.72 -41.71 -5.64
C ASN B 152 9.86 -41.84 -7.15
N ALA B 153 8.98 -42.64 -7.73
CA ALA B 153 9.01 -42.96 -9.16
C ALA B 153 7.62 -42.63 -9.66
N PRO B 154 7.52 -41.48 -10.33
CA PRO B 154 6.26 -40.87 -10.72
C PRO B 154 5.69 -41.25 -12.06
N VAL B 155 6.50 -41.78 -12.97
CA VAL B 155 6.04 -42.11 -14.33
C VAL B 155 5.48 -43.53 -14.46
N GLN B 156 4.17 -43.66 -14.65
CA GLN B 156 3.54 -44.93 -14.73
C GLN B 156 3.89 -45.51 -16.09
N GLY B 157 4.12 -46.80 -16.17
CA GLY B 157 4.47 -47.40 -17.46
C GLY B 157 3.54 -48.52 -17.78
N ILE B 158 3.49 -48.92 -19.05
CA ILE B 158 2.68 -50.05 -19.46
C ILE B 158 3.27 -51.34 -18.90
N ASN B 159 4.60 -51.36 -18.78
CA ASN B 159 5.36 -52.48 -18.24
C ASN B 159 6.80 -52.07 -17.91
N ILE B 160 7.54 -52.94 -17.25
CA ILE B 160 9.00 -52.77 -17.11
C ILE B 160 9.67 -54.11 -17.48
N THR B 161 10.66 -54.07 -18.37
CA THR B 161 11.44 -55.27 -18.68
C THR B 161 12.92 -54.90 -18.52
N LYS B 162 13.81 -55.75 -18.99
CA LYS B 162 15.25 -55.42 -18.99
C LYS B 162 15.62 -54.24 -19.89
N ASP B 163 14.72 -53.85 -20.80
CA ASP B 163 14.93 -52.67 -21.62
C ASP B 163 14.38 -51.41 -20.98
N GLY B 164 13.78 -51.56 -19.80
CA GLY B 164 13.50 -50.40 -18.95
C GLY B 164 12.00 -50.21 -18.92
N ILE B 165 11.54 -48.98 -18.77
CA ILE B 165 10.10 -48.73 -18.64
C ILE B 165 9.44 -48.54 -20.01
N GLN B 166 8.36 -49.27 -20.27
CA GLN B 166 7.63 -49.12 -21.51
C GLN B 166 6.66 -47.93 -21.40
N LEU B 167 6.82 -46.97 -22.30
CA LEU B 167 6.07 -45.73 -22.19
C LEU B 167 4.94 -45.66 -23.22
N GLY B 168 4.98 -46.57 -24.18
CA GLY B 168 4.08 -46.50 -25.34
C GLY B 168 4.18 -47.75 -26.21
N THR B 169 3.46 -47.72 -27.34
CA THR B 169 3.42 -48.86 -28.29
C THR B 169 3.48 -48.38 -29.74
N ASP B 170 4.31 -49.04 -30.55
CA ASP B 170 4.39 -48.89 -32.02
C ASP B 170 3.06 -48.92 -32.80
N THR B 171 3.07 -48.32 -34.00
CA THR B 171 2.11 -48.67 -35.05
C THR B 171 2.34 -50.13 -35.44
N ASP B 172 3.57 -50.58 -35.24
CA ASP B 172 3.98 -51.96 -35.46
C ASP B 172 3.45 -52.85 -34.34
N ASP B 173 2.81 -52.23 -33.36
CA ASP B 173 2.37 -52.87 -32.10
C ASP B 173 3.49 -53.48 -31.22
N GLN B 174 4.59 -52.75 -31.09
CA GLN B 174 5.71 -53.22 -30.31
C GLN B 174 6.10 -52.17 -29.24
N PRO B 175 6.48 -52.64 -28.05
CA PRO B 175 6.86 -51.76 -26.92
C PRO B 175 7.85 -50.67 -27.31
N ILE B 176 7.54 -49.43 -26.90
CA ILE B 176 8.50 -48.33 -26.96
C ILE B 176 9.01 -48.08 -25.55
N TYR B 177 10.32 -48.14 -25.40
CA TYR B 177 10.97 -47.93 -24.11
C TYR B 177 11.49 -46.49 -23.97
N ALA B 178 11.66 -46.06 -22.73
CA ALA B 178 12.16 -44.72 -22.45
C ALA B 178 13.52 -44.57 -23.11
N ASP B 179 13.75 -43.42 -23.74
CA ASP B 179 15.12 -43.07 -24.10
C ASP B 179 15.81 -42.54 -22.84
N LYS B 180 16.77 -43.29 -22.34
CA LYS B 180 17.38 -42.99 -21.02
C LYS B 180 18.02 -41.59 -20.90
N THR B 181 18.29 -40.94 -22.01
CA THR B 181 19.01 -39.69 -21.97
C THR B 181 18.10 -38.56 -21.50
N TYR B 182 16.78 -38.75 -21.62
CA TYR B 182 15.82 -37.71 -21.17
C TYR B 182 14.50 -38.23 -20.60
N GLN B 183 14.15 -39.48 -20.89
CA GLN B 183 13.00 -40.13 -20.25
C GLN B 183 13.43 -41.16 -19.22
N PRO B 184 12.59 -41.40 -18.21
CA PRO B 184 11.46 -40.59 -17.83
C PRO B 184 11.85 -39.17 -17.37
N GLU B 185 10.96 -38.22 -17.63
CA GLU B 185 11.12 -36.83 -17.17
C GLU B 185 10.65 -36.71 -15.69
N PRO B 186 11.40 -36.02 -14.84
CA PRO B 186 10.99 -35.91 -13.43
C PRO B 186 9.74 -35.07 -13.16
N GLN B 187 9.39 -34.17 -14.10
CA GLN B 187 8.22 -33.26 -13.99
C GLN B 187 6.89 -33.95 -14.35
N VAL B 188 6.98 -35.17 -14.87
CA VAL B 188 5.79 -35.90 -15.33
C VAL B 188 5.23 -36.85 -14.24
N GLY B 189 3.91 -37.05 -14.22
CA GLY B 189 3.34 -38.02 -13.28
C GLY B 189 1.87 -38.27 -13.58
N ASP B 190 1.20 -39.01 -12.68
CA ASP B 190 -0.22 -39.24 -12.76
C ASP B 190 -0.96 -37.90 -12.73
N ALA B 191 -2.08 -37.84 -13.43
CA ALA B 191 -2.75 -36.58 -13.70
C ALA B 191 -3.86 -36.26 -12.69
N GLU B 192 -4.33 -37.24 -11.94
CA GLU B 192 -5.31 -36.99 -10.89
C GLU B 192 -4.99 -37.79 -9.66
N TRP B 193 -5.64 -37.44 -8.56
CA TRP B 193 -5.28 -38.06 -7.29
C TRP B 193 -5.68 -39.56 -7.36
N HIS B 194 -4.94 -40.36 -6.59
CA HIS B 194 -5.06 -41.82 -6.60
C HIS B 194 -4.80 -42.33 -5.20
N GLU B 201 0.09 -49.85 -12.04
CA GLU B 201 0.94 -50.07 -10.86
C GLU B 201 2.49 -50.12 -11.02
N LYS B 202 3.03 -50.23 -12.23
CA LYS B 202 4.49 -50.17 -12.40
C LYS B 202 4.97 -48.77 -12.77
N TYR B 203 6.09 -48.31 -12.18
CA TYR B 203 6.49 -46.89 -12.27
C TYR B 203 7.98 -46.71 -12.57
N GLY B 204 8.32 -45.57 -13.14
CA GLY B 204 9.71 -45.22 -13.46
C GLY B 204 10.04 -43.82 -12.96
N GLY B 205 11.33 -43.52 -12.82
CA GLY B 205 11.74 -42.22 -12.33
C GLY B 205 13.23 -42.06 -12.59
N ARG B 206 13.75 -40.86 -12.30
CA ARG B 206 15.20 -40.64 -12.34
C ARG B 206 15.74 -40.74 -10.91
N ALA B 207 17.07 -40.87 -10.79
CA ALA B 207 17.70 -40.79 -9.45
C ALA B 207 19.16 -40.37 -9.58
N LEU B 208 19.63 -39.61 -8.61
CA LEU B 208 21.02 -39.17 -8.61
C LEU B 208 21.88 -40.28 -8.01
N LYS B 209 22.94 -40.65 -8.71
CA LYS B 209 23.91 -41.62 -8.27
C LYS B 209 24.71 -41.17 -7.05
N PRO B 210 25.31 -42.14 -6.31
CA PRO B 210 26.06 -41.80 -5.07
C PRO B 210 27.16 -40.73 -5.22
N ASP B 211 27.78 -40.68 -6.39
CA ASP B 211 28.89 -39.76 -6.58
C ASP B 211 28.50 -38.31 -6.80
N THR B 212 27.21 -38.02 -6.96
CA THR B 212 26.74 -36.62 -7.02
C THR B 212 26.26 -36.32 -5.62
N LYS B 213 27.07 -35.61 -4.85
CA LYS B 213 26.84 -35.55 -3.40
C LYS B 213 25.52 -34.85 -3.08
N MET B 214 24.77 -35.42 -2.15
CA MET B 214 23.42 -34.92 -1.84
C MET B 214 23.36 -33.45 -1.50
N LYS B 215 22.37 -32.77 -2.08
CA LYS B 215 21.93 -31.45 -1.68
C LYS B 215 20.41 -31.53 -1.51
N PRO B 216 19.87 -30.73 -0.57
CA PRO B 216 18.40 -30.63 -0.48
C PRO B 216 17.82 -30.25 -1.83
N CYS B 217 16.59 -30.71 -2.12
CA CYS B 217 15.94 -30.41 -3.41
C CYS B 217 15.81 -28.87 -3.59
N TYR B 218 15.45 -28.19 -2.50
CA TYR B 218 15.31 -26.75 -2.48
C TYR B 218 16.71 -26.15 -2.78
N GLY B 219 16.85 -25.39 -3.88
CA GLY B 219 18.12 -24.79 -4.26
C GLY B 219 18.89 -25.62 -5.28
N SER B 220 18.48 -26.88 -5.51
CA SER B 220 19.26 -27.78 -6.40
C SER B 220 19.11 -27.39 -7.86
N PHE B 221 20.24 -27.15 -8.50
CA PHE B 221 20.24 -26.88 -9.95
C PHE B 221 21.28 -27.79 -10.60
N ALA B 222 20.98 -28.32 -11.76
CA ALA B 222 22.00 -28.99 -12.57
C ALA B 222 21.77 -28.66 -14.02
N LYS B 223 22.77 -28.10 -14.68
CA LYS B 223 22.63 -27.67 -16.06
C LYS B 223 22.28 -28.86 -16.96
N PRO B 224 21.43 -28.61 -17.98
CA PRO B 224 21.05 -29.60 -18.99
C PRO B 224 22.23 -29.95 -19.89
N THR B 225 22.32 -31.21 -20.29
CA THR B 225 23.37 -31.65 -21.20
C THR B 225 22.82 -32.08 -22.57
N ASN B 226 21.51 -31.91 -22.76
CA ASN B 226 20.87 -32.11 -24.09
C ASN B 226 19.62 -31.24 -24.18
N LYS B 227 19.11 -31.13 -25.41
CA LYS B 227 17.98 -30.28 -25.77
C LYS B 227 16.69 -30.73 -25.06
N GLU B 228 16.65 -31.99 -24.62
CA GLU B 228 15.45 -32.51 -23.99
C GLU B 228 15.54 -32.43 -22.48
N GLY B 229 16.43 -31.58 -21.97
CA GLY B 229 16.47 -31.21 -20.53
C GLY B 229 17.18 -32.22 -19.63
N GLY B 230 17.75 -33.27 -20.20
CA GLY B 230 18.52 -34.23 -19.38
C GLY B 230 19.77 -33.54 -18.84
N GLN B 231 20.27 -34.03 -17.71
CA GLN B 231 21.35 -33.39 -16.97
C GLN B 231 22.53 -34.34 -16.71
N ALA B 232 22.47 -35.56 -17.19
CA ALA B 232 23.54 -36.50 -16.93
C ALA B 232 24.89 -36.02 -17.47
N ASN B 233 25.95 -36.25 -16.70
CA ASN B 233 27.29 -35.93 -17.16
C ASN B 233 27.54 -36.67 -18.43
N VAL B 234 28.13 -35.97 -19.39
CA VAL B 234 28.59 -36.60 -20.63
C VAL B 234 29.96 -37.27 -20.38
N LYS B 235 30.03 -38.56 -20.65
CA LYS B 235 31.23 -39.37 -20.44
C LYS B 235 32.24 -39.20 -21.59
N THR B 236 31.83 -39.57 -22.80
CA THR B 236 32.68 -39.53 -23.99
C THR B 236 32.01 -38.70 -25.10
N THR B 241 29.06 -38.73 -30.75
CA THR B 241 28.71 -40.01 -30.16
C THR B 241 28.60 -39.87 -28.63
N LYS B 242 27.93 -38.80 -28.22
CA LYS B 242 27.63 -38.47 -26.83
C LYS B 242 27.19 -39.67 -25.98
N GLU B 243 28.04 -40.09 -25.03
CA GLU B 243 27.65 -41.12 -24.08
C GLU B 243 27.50 -40.47 -22.71
N TYR B 244 26.50 -40.87 -21.95
CA TYR B 244 26.13 -40.21 -20.68
C TYR B 244 26.25 -41.17 -19.47
N ASP B 245 26.50 -40.61 -18.30
CA ASP B 245 26.61 -41.39 -17.09
C ASP B 245 25.20 -41.70 -16.52
N ILE B 246 24.56 -42.71 -17.09
CA ILE B 246 23.17 -43.13 -16.79
C ILE B 246 23.06 -44.65 -16.83
N ASP B 247 22.55 -45.26 -15.75
CA ASP B 247 22.32 -46.71 -15.71
C ASP B 247 20.95 -46.95 -15.06
N MET B 248 20.24 -47.96 -15.51
CA MET B 248 18.94 -48.30 -14.94
C MET B 248 19.11 -49.15 -13.69
N ALA B 249 18.29 -48.91 -12.68
CA ALA B 249 18.30 -49.76 -11.51
C ALA B 249 16.87 -50.23 -11.30
N PHE B 250 16.71 -51.55 -11.21
CA PHE B 250 15.41 -52.22 -11.05
C PHE B 250 15.16 -52.68 -9.60
N PHE B 251 13.89 -52.67 -9.21
CA PHE B 251 13.46 -52.97 -7.85
C PHE B 251 12.21 -53.83 -7.82
N ASP B 252 12.11 -54.69 -6.82
CA ASP B 252 10.84 -55.38 -6.52
C ASP B 252 10.58 -55.26 -5.01
N ASN B 253 9.35 -55.50 -4.59
CA ASN B 253 9.03 -55.36 -3.17
C ASN B 253 9.95 -56.28 -2.36
N ARG B 254 10.44 -55.80 -1.22
CA ARG B 254 11.19 -56.63 -0.32
C ARG B 254 10.39 -57.90 0.04
N SER B 255 9.05 -57.83 0.03
CA SER B 255 8.21 -58.94 0.45
C SER B 255 7.76 -59.84 -0.72
N ALA B 256 8.27 -59.56 -1.92
CA ALA B 256 8.00 -60.42 -3.07
C ALA B 256 8.60 -61.80 -2.93
N ALA B 257 7.94 -62.79 -3.55
CA ALA B 257 8.40 -64.17 -3.52
C ALA B 257 9.66 -64.23 -4.37
N ALA B 258 10.73 -64.83 -3.85
CA ALA B 258 12.00 -64.87 -4.58
C ALA B 258 11.89 -65.58 -5.92
N ALA B 259 10.87 -66.41 -6.06
CA ALA B 259 10.68 -67.22 -7.25
C ALA B 259 9.94 -66.45 -8.33
N GLY B 260 9.25 -65.39 -7.94
CA GLY B 260 8.52 -64.60 -8.91
C GLY B 260 8.95 -63.14 -8.94
N LEU B 261 10.24 -62.87 -8.83
CA LEU B 261 10.73 -61.49 -8.86
C LEU B 261 10.60 -60.88 -10.26
N ALA B 262 10.19 -59.62 -10.32
CA ALA B 262 10.14 -58.83 -11.57
C ALA B 262 10.03 -57.35 -11.20
N PRO B 263 10.48 -56.42 -12.07
CA PRO B 263 10.53 -54.98 -11.66
C PRO B 263 9.17 -54.37 -11.48
N GLU B 264 8.97 -53.74 -10.32
CA GLU B 264 7.84 -52.87 -10.04
C GLU B 264 8.23 -51.41 -10.24
N ILE B 265 9.51 -51.10 -9.99
CA ILE B 265 10.04 -49.75 -10.17
C ILE B 265 11.34 -49.86 -10.96
N VAL B 266 11.57 -48.94 -11.89
CA VAL B 266 12.88 -48.78 -12.48
C VAL B 266 13.30 -47.35 -12.26
N LEU B 267 14.52 -47.14 -11.77
CA LEU B 267 15.03 -45.79 -11.66
C LEU B 267 16.17 -45.56 -12.65
N TYR B 268 16.14 -44.41 -13.31
CA TYR B 268 17.20 -44.14 -14.30
C TYR B 268 18.27 -43.33 -13.57
N THR B 269 19.31 -44.01 -13.10
CA THR B 269 20.27 -43.32 -12.21
C THR B 269 21.33 -42.61 -13.05
N GLU B 270 21.74 -41.43 -12.58
CA GLU B 270 22.72 -40.61 -13.30
C GLU B 270 23.54 -39.72 -12.36
N ASN B 271 24.78 -39.40 -12.76
CA ASN B 271 25.51 -38.33 -12.10
C ASN B 271 25.26 -37.06 -12.93
N VAL B 272 25.04 -35.93 -12.25
CA VAL B 272 24.82 -34.64 -12.91
C VAL B 272 25.73 -33.63 -12.24
N ASP B 273 25.86 -32.44 -12.83
CA ASP B 273 26.68 -31.40 -12.25
C ASP B 273 25.84 -30.58 -11.27
N LEU B 274 25.58 -31.15 -10.09
CA LEU B 274 24.66 -30.55 -9.13
C LEU B 274 25.32 -29.33 -8.47
N GLU B 275 24.60 -28.20 -8.47
CA GLU B 275 25.05 -26.96 -7.87
C GLU B 275 23.95 -26.36 -7.04
N THR B 276 24.35 -25.46 -6.15
CA THR B 276 23.40 -24.72 -5.34
C THR B 276 23.74 -23.24 -5.48
N PRO B 277 23.40 -22.62 -6.64
CA PRO B 277 23.88 -21.26 -6.95
C PRO B 277 23.45 -20.16 -5.94
N ASP B 278 22.31 -20.37 -5.25
CA ASP B 278 21.71 -19.34 -4.41
C ASP B 278 21.15 -19.80 -3.05
N THR B 279 21.58 -20.97 -2.55
CA THR B 279 21.17 -21.44 -1.23
C THR B 279 22.37 -22.02 -0.56
N HIS B 280 22.31 -22.24 0.75
CA HIS B 280 23.44 -22.87 1.50
C HIS B 280 22.80 -23.81 2.54
N ILE B 281 23.59 -24.75 3.05
CA ILE B 281 23.14 -25.71 4.02
C ILE B 281 23.06 -24.99 5.36
N VAL B 282 21.97 -25.16 6.05
CA VAL B 282 21.77 -24.53 7.34
C VAL B 282 21.69 -25.64 8.42
N TYR B 283 21.46 -26.89 8.03
CA TYR B 283 21.64 -28.02 8.98
C TYR B 283 22.15 -29.24 8.22
N LYS B 284 23.23 -29.83 8.72
CA LYS B 284 23.60 -31.21 8.42
C LYS B 284 24.17 -31.76 9.74
N ALA B 285 24.11 -33.08 9.90
CA ALA B 285 24.43 -33.76 11.18
C ALA B 285 25.89 -33.70 11.57
N GLY B 286 26.79 -33.64 10.60
CA GLY B 286 28.23 -33.58 10.92
C GLY B 286 28.96 -32.78 9.87
N THR B 287 30.26 -33.02 9.74
CA THR B 287 31.13 -32.42 8.75
C THR B 287 31.04 -33.13 7.37
N ASP B 288 30.63 -34.40 7.38
CA ASP B 288 30.59 -35.18 6.15
C ASP B 288 29.54 -34.60 5.20
N ASP B 289 29.94 -34.34 3.96
CA ASP B 289 28.98 -33.85 2.96
C ASP B 289 28.70 -34.87 1.84
N SER B 290 29.15 -36.11 2.03
CA SER B 290 28.90 -37.21 1.10
C SER B 290 27.44 -37.59 1.09
N SER B 291 27.01 -38.23 0.02
CA SER B 291 25.68 -38.81 0.01
C SER B 291 25.65 -39.89 1.09
N SER B 292 24.63 -39.87 1.94
CA SER B 292 24.55 -40.81 3.04
C SER B 292 23.13 -40.78 3.57
N SER B 293 22.74 -41.81 4.32
CA SER B 293 21.39 -41.87 4.83
C SER B 293 21.08 -40.61 5.66
N ILE B 294 22.00 -40.25 6.55
CA ILE B 294 21.76 -39.11 7.44
C ILE B 294 21.65 -37.81 6.62
N ASN B 295 22.36 -37.76 5.50
CA ASN B 295 22.34 -36.50 4.72
C ASN B 295 21.10 -36.38 3.84
N LEU B 296 20.18 -37.35 3.95
CA LEU B 296 18.86 -37.19 3.28
C LEU B 296 18.10 -36.03 3.91
N GLY B 297 18.40 -35.76 5.19
CA GLY B 297 17.69 -34.75 5.96
C GLY B 297 18.39 -33.40 6.15
N GLN B 298 19.52 -33.19 5.45
CA GLN B 298 20.17 -31.86 5.29
C GLN B 298 19.13 -30.82 4.99
N GLN B 299 19.26 -29.61 5.56
CA GLN B 299 18.31 -28.53 5.28
C GLN B 299 18.99 -27.33 4.61
N ALA B 300 18.32 -26.72 3.61
CA ALA B 300 18.89 -25.57 2.88
C ALA B 300 18.09 -24.31 3.21
N MET B 301 18.75 -23.17 3.13
CA MET B 301 18.09 -21.87 3.29
C MET B 301 18.60 -21.02 2.13
N PRO B 302 17.77 -20.11 1.62
CA PRO B 302 18.24 -19.23 0.54
C PRO B 302 19.35 -18.27 1.03
N ASN B 303 20.30 -17.96 0.16
CA ASN B 303 21.34 -17.01 0.46
C ASN B 303 20.68 -15.62 0.70
N ARG B 304 21.33 -14.80 1.56
CA ARG B 304 20.81 -13.44 1.78
C ARG B 304 20.82 -12.63 0.49
N PRO B 305 19.78 -11.79 0.26
CA PRO B 305 19.79 -10.90 -0.88
C PRO B 305 20.97 -9.90 -0.69
N ASN B 306 21.55 -9.46 -1.81
CA ASN B 306 22.60 -8.43 -1.82
C ASN B 306 22.50 -7.65 -3.14
N TYR B 307 21.76 -6.55 -3.14
CA TYR B 307 21.69 -5.68 -4.34
C TYR B 307 23.00 -4.94 -4.48
N ILE B 308 23.46 -4.79 -5.73
CA ILE B 308 24.67 -4.06 -6.01
C ILE B 308 24.41 -3.12 -7.19
N GLY B 309 24.58 -1.82 -6.98
CA GLY B 309 24.45 -0.90 -8.11
C GLY B 309 25.46 0.23 -7.98
N PHE B 310 25.44 1.16 -8.94
CA PHE B 310 26.09 2.47 -8.70
C PHE B 310 25.25 3.22 -7.64
N ARG B 311 25.85 4.23 -6.99
CA ARG B 311 25.21 4.97 -5.90
C ARG B 311 24.21 5.98 -6.42
N ASP B 312 23.32 6.43 -5.56
CA ASP B 312 22.52 7.61 -5.83
C ASP B 312 23.39 8.73 -6.43
N ASN B 313 22.89 9.29 -7.53
CA ASN B 313 23.50 10.41 -8.21
C ASN B 313 24.94 10.10 -8.60
N PHE B 314 25.22 8.82 -8.76
CA PHE B 314 26.58 8.36 -9.11
C PHE B 314 27.67 8.91 -8.16
N ILE B 315 27.32 9.09 -6.88
CA ILE B 315 28.31 9.45 -5.88
C ILE B 315 29.53 8.51 -5.96
N GLY B 316 30.74 9.07 -5.83
CA GLY B 316 31.95 8.29 -5.71
C GLY B 316 32.67 8.16 -7.05
N LEU B 317 31.92 8.25 -8.15
CA LEU B 317 32.52 8.04 -9.48
C LEU B 317 33.52 9.11 -9.89
N MET B 318 33.19 10.38 -9.63
CA MET B 318 34.12 11.48 -9.91
C MET B 318 34.82 11.89 -8.65
N TYR B 319 36.12 12.20 -8.77
CA TYR B 319 36.85 12.74 -7.60
C TYR B 319 36.47 14.18 -7.34
N TYR B 320 36.15 14.49 -6.07
CA TYR B 320 35.90 15.86 -5.59
C TYR B 320 36.60 15.97 -4.24
N ASN B 321 37.04 17.16 -3.87
CA ASN B 321 37.48 17.46 -2.52
C ASN B 321 38.60 16.53 -2.15
N SER B 322 39.44 16.19 -3.14
CA SER B 322 40.47 15.17 -2.99
C SER B 322 41.76 15.68 -3.68
N THR B 323 42.75 16.08 -2.88
CA THR B 323 43.78 17.07 -3.36
C THR B 323 44.61 16.70 -4.60
N GLY B 324 44.95 15.41 -4.70
CA GLY B 324 45.86 15.02 -5.77
C GLY B 324 45.06 14.59 -6.98
N ASN B 325 43.74 14.77 -6.93
CA ASN B 325 42.92 14.37 -8.06
C ASN B 325 41.89 15.46 -8.37
N MET B 326 42.33 16.72 -8.39
CA MET B 326 41.43 17.87 -8.57
C MET B 326 41.07 18.00 -10.04
N GLY B 327 39.79 18.21 -10.33
CA GLY B 327 39.35 18.52 -11.72
C GLY B 327 39.94 19.83 -12.25
N VAL B 328 39.84 20.06 -13.56
CA VAL B 328 40.48 21.21 -14.17
C VAL B 328 39.46 21.80 -15.14
N LEU B 329 39.22 23.11 -15.05
CA LEU B 329 38.55 23.82 -16.16
C LEU B 329 39.36 25.07 -16.31
N ALA B 330 40.06 25.21 -17.44
CA ALA B 330 40.98 26.34 -17.66
C ALA B 330 40.82 26.88 -19.09
N GLY B 331 41.03 28.19 -19.25
CA GLY B 331 41.28 28.80 -20.58
C GLY B 331 42.48 28.14 -21.24
N GLN B 332 42.27 27.64 -22.46
CA GLN B 332 43.29 26.90 -23.24
C GLN B 332 44.70 27.50 -23.25
N ALA B 333 44.84 28.77 -23.60
CA ALA B 333 46.13 29.45 -23.41
C ALA B 333 46.12 29.95 -21.97
N SER B 334 47.30 30.22 -21.38
CA SER B 334 47.32 30.61 -19.93
C SER B 334 46.47 29.69 -19.08
N GLN B 335 46.95 28.47 -18.89
CA GLN B 335 46.11 27.44 -18.33
C GLN B 335 45.97 27.53 -16.78
N LEU B 336 45.59 28.70 -16.26
CA LEU B 336 45.27 28.79 -14.85
C LEU B 336 43.97 27.99 -14.59
N ASN B 337 44.03 27.01 -13.70
CA ASN B 337 42.82 26.25 -13.32
C ASN B 337 41.77 27.12 -12.56
N ALA B 338 40.55 27.24 -13.09
CA ALA B 338 39.44 27.97 -12.42
C ALA B 338 38.74 27.11 -11.33
N VAL B 339 39.06 25.81 -11.32
CA VAL B 339 38.60 24.90 -10.27
C VAL B 339 39.62 24.91 -9.13
N VAL B 340 39.18 25.36 -7.94
CA VAL B 340 40.07 25.32 -6.79
C VAL B 340 39.27 24.56 -5.75
N ASP B 341 39.68 23.34 -5.43
CA ASP B 341 38.86 22.53 -4.49
C ASP B 341 39.63 22.35 -3.16
N LEU B 342 38.92 21.96 -2.11
CA LEU B 342 39.50 21.86 -0.75
C LEU B 342 39.09 20.54 -0.10
N GLN B 343 39.96 19.95 0.71
CA GLN B 343 39.61 18.68 1.38
C GLN B 343 38.54 18.76 2.45
N ASP B 344 38.26 19.96 2.96
CA ASP B 344 37.21 20.12 3.96
C ASP B 344 35.97 20.72 3.30
N ARG B 345 35.91 20.64 1.97
CA ARG B 345 34.60 20.88 1.31
C ARG B 345 33.91 19.51 1.05
N ASN B 346 32.58 19.47 0.97
CA ASN B 346 31.90 18.20 0.77
C ASN B 346 30.92 18.35 -0.39
N THR B 347 31.41 18.18 -1.59
CA THR B 347 30.62 18.45 -2.79
C THR B 347 29.49 17.41 -2.97
N GLU B 348 29.76 16.14 -2.66
CA GLU B 348 28.74 15.09 -2.88
C GLU B 348 27.54 15.34 -1.98
N LEU B 349 27.76 15.60 -0.69
CA LEU B 349 26.64 15.85 0.21
C LEU B 349 25.95 17.16 -0.15
N SER B 350 26.74 18.18 -0.50
CA SER B 350 26.16 19.46 -0.92
C SER B 350 25.12 19.28 -2.05
N TYR B 351 25.42 18.39 -2.99
CA TYR B 351 24.53 18.11 -4.12
C TYR B 351 23.26 17.35 -3.70
N GLN B 352 23.42 16.40 -2.78
CA GLN B 352 22.25 15.68 -2.19
C GLN B 352 21.24 16.68 -1.63
N LEU B 353 21.79 17.64 -0.89
CA LEU B 353 20.92 18.54 -0.15
C LEU B 353 20.30 19.56 -1.14
N LEU B 354 21.12 20.00 -2.10
CA LEU B 354 20.63 20.91 -3.15
C LEU B 354 19.41 20.27 -3.89
N LEU B 355 19.56 18.99 -4.30
CA LEU B 355 18.49 18.31 -5.01
C LEU B 355 17.22 18.26 -4.22
N ASP B 356 17.34 17.98 -2.93
CA ASP B 356 16.15 17.94 -2.07
C ASP B 356 15.45 19.34 -2.01
N SER B 357 16.23 20.41 -2.01
CA SER B 357 15.65 21.77 -1.91
C SER B 357 14.94 22.13 -3.23
N LEU B 358 15.31 21.49 -4.31
CA LEU B 358 14.81 21.89 -5.63
C LEU B 358 13.62 21.11 -6.14
N GLY B 359 13.34 19.96 -5.53
CA GLY B 359 12.31 19.10 -6.11
C GLY B 359 12.06 17.93 -5.22
N ASP B 360 11.33 16.95 -5.77
CA ASP B 360 10.82 15.80 -5.01
C ASP B 360 11.77 14.53 -5.12
N ARG B 361 12.52 14.26 -4.05
CA ARG B 361 13.56 13.26 -4.00
C ARG B 361 12.89 11.83 -3.92
N THR B 362 11.58 11.75 -3.69
CA THR B 362 10.92 10.45 -3.80
C THR B 362 10.75 10.01 -5.26
N ARG B 363 11.02 10.89 -6.21
CA ARG B 363 10.90 10.52 -7.63
C ARG B 363 12.25 10.05 -8.17
N TYR B 364 12.24 9.11 -9.13
CA TYR B 364 13.49 8.51 -9.60
C TYR B 364 13.77 8.99 -10.98
N PHE B 365 15.02 9.29 -11.30
CA PHE B 365 15.39 9.73 -12.66
C PHE B 365 16.60 8.89 -13.09
N SER B 366 16.40 7.99 -14.03
CA SER B 366 17.47 7.04 -14.32
C SER B 366 18.71 7.68 -14.88
N MET B 367 18.55 8.80 -15.59
CA MET B 367 19.72 9.40 -16.26
C MET B 367 20.88 9.70 -15.29
N TRP B 368 20.59 10.18 -14.07
CA TRP B 368 21.67 10.43 -13.09
C TRP B 368 21.70 9.41 -11.97
N ASN B 369 21.11 8.22 -12.17
CA ASN B 369 20.90 7.29 -11.07
C ASN B 369 20.29 7.97 -9.88
N GLN B 370 19.31 8.84 -10.16
CA GLN B 370 18.77 9.70 -9.10
C GLN B 370 17.58 8.94 -8.43
N ALA B 371 17.90 8.22 -7.36
CA ALA B 371 16.99 7.27 -6.75
C ALA B 371 17.44 7.16 -5.30
N VAL B 372 16.86 7.97 -4.45
CA VAL B 372 17.32 8.20 -3.11
C VAL B 372 17.36 6.93 -2.25
N ASP B 373 18.43 6.74 -1.46
CA ASP B 373 18.48 5.66 -0.49
C ASP B 373 17.35 5.83 0.52
N SER B 374 16.61 4.76 0.77
CA SER B 374 15.48 4.81 1.72
C SER B 374 15.43 3.50 2.52
N TYR B 375 14.51 3.39 3.45
CA TYR B 375 14.33 2.11 4.11
C TYR B 375 12.83 1.91 4.30
N ASP B 376 12.41 0.68 4.59
CA ASP B 376 10.98 0.43 4.84
C ASP B 376 10.68 0.98 6.28
N PRO B 377 9.74 1.96 6.42
CA PRO B 377 9.52 2.50 7.79
C PRO B 377 9.08 1.43 8.79
N ASP B 378 8.44 0.37 8.31
CA ASP B 378 7.93 -0.68 9.19
C ASP B 378 8.99 -1.75 9.48
N VAL B 379 10.18 -1.58 8.89
CA VAL B 379 11.34 -2.38 9.33
C VAL B 379 12.16 -1.62 10.41
N ARG B 380 12.39 -0.34 10.17
CA ARG B 380 13.16 0.49 11.10
C ARG B 380 12.45 0.57 12.47
N ILE B 381 11.15 0.78 12.46
CA ILE B 381 10.39 0.89 13.69
C ILE B 381 9.32 -0.16 13.59
N ILE B 382 9.42 -1.22 14.41
CA ILE B 382 8.48 -2.34 14.30
C ILE B 382 7.18 -1.97 14.97
N GLU B 383 6.07 -2.03 14.23
CA GLU B 383 4.80 -1.82 14.83
C GLU B 383 4.12 -3.20 14.90
N ASN B 384 4.06 -3.75 16.11
CA ASN B 384 3.58 -5.12 16.27
C ASN B 384 2.15 -5.10 16.75
N HIS B 385 1.22 -5.01 15.80
CA HIS B 385 -0.20 -5.14 16.13
C HIS B 385 -0.71 -6.57 16.01
N GLY B 386 0.20 -7.55 15.99
CA GLY B 386 -0.26 -8.94 16.00
C GLY B 386 -0.77 -9.37 14.64
N VAL B 387 -1.64 -10.37 14.64
CA VAL B 387 -2.14 -10.94 13.38
C VAL B 387 -3.61 -11.28 13.52
N GLU B 388 -4.37 -11.21 12.43
CA GLU B 388 -5.79 -11.50 12.46
C GLU B 388 -6.03 -12.99 12.17
N ASP B 389 -5.59 -13.80 13.11
CA ASP B 389 -5.61 -15.25 12.99
C ASP B 389 -6.80 -15.83 13.76
N GLU B 390 -7.88 -15.06 13.94
CA GLU B 390 -9.05 -15.61 14.69
C GLU B 390 -9.58 -16.93 14.08
N LEU B 391 -9.67 -16.99 12.74
CA LEU B 391 -10.20 -18.22 12.10
C LEU B 391 -9.06 -19.20 11.91
N PRO B 392 -9.29 -20.46 12.30
CA PRO B 392 -8.33 -21.54 11.93
C PRO B 392 -8.25 -21.73 10.41
N ASN B 393 -7.09 -22.17 9.93
CA ASN B 393 -6.87 -22.30 8.47
C ASN B 393 -6.39 -23.72 8.30
N TYR B 394 -6.96 -24.48 7.34
CA TYR B 394 -6.60 -25.91 7.20
C TYR B 394 -6.03 -26.34 5.83
N CYS B 395 -5.25 -27.44 5.82
CA CYS B 395 -4.67 -28.24 4.68
C CYS B 395 -5.71 -29.40 4.61
N PHE B 396 -6.13 -29.83 3.41
CA PHE B 396 -7.02 -31.00 3.26
C PHE B 396 -6.45 -32.01 2.23
N PRO B 397 -6.77 -33.31 2.37
CA PRO B 397 -6.29 -34.29 1.40
C PRO B 397 -6.85 -33.93 0.01
N LEU B 398 -6.19 -34.37 -1.05
CA LEU B 398 -6.64 -34.04 -2.41
C LEU B 398 -8.08 -34.49 -2.68
N ASP B 399 -8.53 -35.60 -2.08
CA ASP B 399 -9.88 -36.11 -2.32
C ASP B 399 -10.84 -35.56 -1.26
N ALA B 400 -10.33 -34.65 -0.42
CA ALA B 400 -11.08 -33.99 0.69
C ALA B 400 -11.66 -34.94 1.74
N VAL B 401 -11.15 -36.16 1.87
CA VAL B 401 -11.65 -37.09 2.89
C VAL B 401 -10.48 -37.63 3.71
N GLY B 402 -9.49 -38.23 3.04
CA GLY B 402 -8.35 -38.82 3.78
C GLY B 402 -8.68 -40.25 4.02
N ARG B 403 -8.42 -40.79 5.21
CA ARG B 403 -8.55 -42.25 5.45
C ARG B 403 -10.02 -42.67 5.43
N THR B 404 -10.32 -43.82 4.83
CA THR B 404 -11.70 -44.33 4.92
C THR B 404 -11.66 -45.82 5.21
N ASP B 405 -12.80 -46.42 5.56
CA ASP B 405 -12.93 -47.86 5.59
C ASP B 405 -13.78 -48.27 4.39
N THR B 406 -13.93 -49.57 4.19
CA THR B 406 -14.58 -50.12 3.04
C THR B 406 -15.94 -50.64 3.52
N TYR B 407 -17.00 -50.23 2.83
CA TYR B 407 -18.40 -50.57 3.21
C TYR B 407 -19.19 -51.24 2.07
N GLN B 408 -20.03 -52.20 2.44
CA GLN B 408 -20.90 -52.87 1.52
C GLN B 408 -22.28 -52.27 1.76
N GLY B 409 -23.10 -52.25 0.72
CA GLY B 409 -24.48 -51.77 0.82
C GLY B 409 -25.31 -52.87 1.43
N ILE B 410 -26.23 -52.50 2.32
CA ILE B 410 -27.12 -53.47 3.00
C ILE B 410 -28.57 -52.96 2.93
N LYS B 411 -29.54 -53.85 3.07
CA LYS B 411 -30.93 -53.45 3.03
C LYS B 411 -31.71 -54.17 4.11
N ALA B 412 -32.69 -53.43 4.70
CA ALA B 412 -33.49 -54.08 5.75
C ALA B 412 -34.46 -55.09 5.15
N ASN B 413 -34.46 -56.31 5.67
CA ASN B 413 -35.31 -57.41 5.18
C ASN B 413 -36.54 -57.68 6.07
N THR B 418 -35.71 -55.73 13.19
CA THR B 418 -35.62 -55.78 11.72
C THR B 418 -34.23 -56.29 11.26
N THR B 419 -34.23 -57.14 10.23
CA THR B 419 -33.05 -57.90 9.84
C THR B 419 -32.35 -57.24 8.64
N TRP B 420 -31.02 -57.26 8.59
CA TRP B 420 -30.30 -56.59 7.49
C TRP B 420 -29.55 -57.59 6.63
N THR B 421 -29.62 -57.43 5.32
CA THR B 421 -28.92 -58.37 4.44
C THR B 421 -28.16 -57.59 3.38
N LYS B 422 -27.18 -58.23 2.78
CA LYS B 422 -26.43 -57.64 1.70
C LYS B 422 -27.37 -57.18 0.57
N ASP B 423 -27.10 -55.99 0.05
CA ASP B 423 -27.77 -55.43 -1.11
C ASP B 423 -26.84 -55.66 -2.29
N ASP B 424 -27.21 -56.59 -3.13
CA ASP B 424 -26.44 -56.96 -4.30
C ASP B 424 -26.35 -55.89 -5.45
N SER B 425 -27.08 -54.73 -5.35
CA SER B 425 -27.02 -53.76 -6.47
C SER B 425 -26.07 -52.65 -6.07
N VAL B 426 -25.43 -52.87 -4.92
CA VAL B 426 -24.52 -51.94 -4.40
C VAL B 426 -23.15 -52.65 -4.35
N ASN B 427 -22.15 -51.94 -4.84
CA ASN B 427 -20.80 -52.36 -4.73
C ASN B 427 -20.49 -52.67 -3.27
N ASP B 428 -19.71 -53.73 -3.03
CA ASP B 428 -19.45 -54.21 -1.68
C ASP B 428 -18.20 -53.59 -1.05
N ALA B 429 -17.52 -52.66 -1.76
CA ALA B 429 -16.24 -52.10 -1.28
C ALA B 429 -16.15 -50.60 -1.55
N ASN B 430 -17.11 -49.84 -0.99
CA ASN B 430 -17.18 -48.38 -1.12
C ASN B 430 -16.29 -47.72 -0.09
N GLU B 431 -15.45 -46.76 -0.50
CA GLU B 431 -14.65 -45.98 0.45
C GLU B 431 -15.40 -44.78 0.98
N ILE B 432 -15.83 -44.85 2.23
CA ILE B 432 -16.56 -43.76 2.88
C ILE B 432 -15.90 -43.46 4.21
N GLY B 433 -15.65 -42.18 4.51
CA GLY B 433 -15.14 -41.80 5.85
C GLY B 433 -16.28 -41.56 6.83
N LYS B 434 -16.07 -41.88 8.12
CA LYS B 434 -16.99 -41.49 9.17
C LYS B 434 -16.45 -40.17 9.74
N GLY B 435 -17.31 -39.23 10.10
CA GLY B 435 -16.83 -37.99 10.67
C GLY B 435 -16.36 -36.94 9.65
N ASN B 436 -15.63 -35.96 10.15
CA ASN B 436 -15.09 -34.84 9.36
C ASN B 436 -13.94 -35.24 8.44
N PRO B 437 -13.69 -34.49 7.35
CA PRO B 437 -12.56 -34.80 6.51
C PRO B 437 -11.25 -34.65 7.29
N PHE B 438 -10.26 -35.47 6.92
CA PHE B 438 -8.93 -35.35 7.54
C PHE B 438 -8.45 -33.93 7.27
N ALA B 439 -7.80 -33.30 8.26
CA ALA B 439 -7.27 -31.94 8.10
C ALA B 439 -5.95 -31.70 8.90
N MET B 440 -5.12 -30.79 8.43
CA MET B 440 -4.01 -30.28 9.23
C MET B 440 -4.23 -28.78 9.31
N GLU B 441 -3.60 -28.14 10.27
CA GLU B 441 -3.92 -26.76 10.55
C GLU B 441 -2.62 -25.95 10.45
N ILE B 442 -2.71 -24.76 9.86
CA ILE B 442 -1.55 -23.86 9.78
C ILE B 442 -1.98 -22.42 10.05
N ASN B 443 -1.22 -21.68 10.88
CA ASN B 443 -1.54 -20.25 11.13
C ASN B 443 -0.88 -19.39 10.06
N ILE B 444 -1.60 -19.13 8.97
CA ILE B 444 -0.97 -18.49 7.80
C ILE B 444 -0.50 -17.09 8.21
N GLN B 445 -1.33 -16.35 8.94
CA GLN B 445 -1.02 -14.95 9.28
C GLN B 445 0.20 -14.90 10.18
N ALA B 446 0.23 -15.76 11.20
CA ALA B 446 1.40 -15.79 12.07
C ALA B 446 2.68 -16.12 11.29
N ASN B 447 2.59 -17.04 10.32
CA ASN B 447 3.79 -17.37 9.53
C ASN B 447 4.30 -16.21 8.66
N LEU B 448 3.40 -15.52 7.98
CA LEU B 448 3.77 -14.34 7.20
C LEU B 448 4.48 -13.28 8.07
N TRP B 449 3.91 -12.96 9.22
CA TRP B 449 4.56 -12.03 10.15
C TRP B 449 5.94 -12.49 10.62
N ARG B 450 6.06 -13.73 11.09
CA ARG B 450 7.35 -14.25 11.50
C ARG B 450 8.40 -14.29 10.35
N ASN B 451 8.01 -14.66 9.13
CA ASN B 451 8.98 -14.66 8.00
C ASN B 451 9.46 -13.21 7.74
N PHE B 452 8.50 -12.28 7.79
CA PHE B 452 8.84 -10.89 7.58
C PHE B 452 9.86 -10.38 8.61
N LEU B 453 9.61 -10.63 9.89
CA LEU B 453 10.45 -10.15 10.98
C LEU B 453 11.84 -10.78 10.85
N TYR B 454 11.87 -12.07 10.51
CA TYR B 454 13.13 -12.77 10.38
C TYR B 454 14.00 -12.23 9.22
N ALA B 455 13.44 -12.19 8.01
CA ALA B 455 14.16 -11.69 6.84
C ALA B 455 14.58 -10.25 6.92
N ASN B 456 13.76 -9.40 7.53
CA ASN B 456 13.96 -7.97 7.49
C ASN B 456 14.60 -7.38 8.74
N VAL B 457 14.53 -8.10 9.87
CA VAL B 457 15.06 -7.56 11.11
C VAL B 457 16.05 -8.48 11.70
N ALA B 458 15.65 -9.73 12.01
CA ALA B 458 16.57 -10.59 12.76
C ALA B 458 17.89 -10.79 11.99
N LEU B 459 17.79 -11.01 10.68
CA LEU B 459 18.97 -11.26 9.88
C LEU B 459 19.94 -10.03 9.80
N TYR B 460 19.42 -8.85 10.07
CA TYR B 460 20.24 -7.63 10.11
C TYR B 460 20.73 -7.22 11.51
N LEU B 461 20.50 -8.08 12.51
CA LEU B 461 20.96 -7.80 13.83
C LEU B 461 22.49 -7.75 13.77
N PRO B 462 23.14 -6.99 14.68
CA PRO B 462 24.61 -7.01 14.76
C PRO B 462 25.19 -8.43 14.90
N ASP B 463 26.43 -8.64 14.41
CA ASP B 463 27.02 -9.95 14.40
C ASP B 463 27.11 -10.52 15.80
N SER B 464 27.10 -9.69 16.83
CA SER B 464 27.30 -10.24 18.18
C SER B 464 26.07 -11.05 18.64
N TYR B 465 24.97 -10.94 17.90
CA TYR B 465 23.74 -11.69 18.18
C TYR B 465 23.69 -13.06 17.47
N LYS B 466 24.76 -13.40 16.74
CA LYS B 466 24.77 -14.55 15.82
C LYS B 466 25.71 -15.63 16.30
N TYR B 467 25.74 -16.78 15.65
CA TYR B 467 26.73 -17.77 16.02
C TYR B 467 27.16 -18.59 14.80
N THR B 468 28.27 -19.30 14.94
CA THR B 468 28.72 -20.24 13.88
C THR B 468 28.57 -21.67 14.41
N PRO B 469 27.72 -22.50 13.77
CA PRO B 469 27.57 -23.91 14.19
C PRO B 469 28.91 -24.63 14.15
N ALA B 470 29.15 -25.60 15.04
CA ALA B 470 30.34 -26.42 14.85
C ALA B 470 29.98 -27.15 13.54
N ASN B 471 30.94 -27.53 12.73
CA ASN B 471 30.53 -28.15 11.45
C ASN B 471 30.26 -27.12 10.41
N VAL B 472 30.35 -25.85 10.77
CA VAL B 472 30.34 -24.77 9.78
C VAL B 472 31.67 -24.02 9.85
N THR B 473 32.34 -23.88 8.71
CA THR B 473 33.59 -23.12 8.64
C THR B 473 33.36 -21.88 7.79
N LEU B 474 33.54 -20.72 8.38
CA LEU B 474 33.28 -19.43 7.70
C LEU B 474 34.63 -18.77 7.49
N PRO B 475 34.71 -17.76 6.61
CA PRO B 475 35.95 -16.98 6.50
C PRO B 475 36.25 -16.25 7.81
N THR B 476 37.53 -16.04 8.12
CA THR B 476 37.91 -15.18 9.21
C THR B 476 37.68 -13.70 8.81
N ASN B 477 37.56 -13.42 7.52
CA ASN B 477 37.23 -12.06 7.07
C ASN B 477 35.75 -11.78 7.24
N THR B 478 35.47 -10.94 8.23
CA THR B 478 34.14 -10.67 8.72
C THR B 478 33.42 -9.62 7.82
N ASN B 479 34.17 -9.04 6.88
CA ASN B 479 33.56 -8.08 5.90
C ASN B 479 33.05 -8.79 4.65
N THR B 480 33.05 -10.09 4.70
CA THR B 480 32.86 -10.94 3.56
C THR B 480 31.41 -11.50 3.47
N TYR B 481 30.90 -11.63 2.25
CA TYR B 481 29.52 -12.12 2.05
C TYR B 481 29.36 -13.51 2.73
N ASP B 482 30.32 -14.41 2.51
CA ASP B 482 30.15 -15.78 3.04
C ASP B 482 30.06 -15.79 4.58
N TYR B 483 30.81 -14.88 5.22
CA TYR B 483 30.67 -14.67 6.67
C TYR B 483 29.28 -14.16 7.05
N MET B 484 28.85 -13.08 6.39
CA MET B 484 27.54 -12.46 6.70
C MET B 484 26.38 -13.36 6.35
N ASN B 485 26.57 -14.21 5.34
CA ASN B 485 25.56 -15.19 4.91
C ASN B 485 25.54 -16.48 5.77
N GLY B 486 26.68 -16.83 6.38
CA GLY B 486 26.80 -18.07 7.08
C GLY B 486 26.53 -18.03 8.57
N ARG B 487 26.60 -16.83 9.16
CA ARG B 487 26.39 -16.69 10.64
C ARG B 487 24.93 -16.91 10.92
N VAL B 488 24.61 -17.57 12.04
CA VAL B 488 23.25 -18.02 12.20
C VAL B 488 22.54 -17.15 13.22
N VAL B 489 21.28 -16.83 12.92
CA VAL B 489 20.51 -15.99 13.77
C VAL B 489 19.33 -16.81 14.31
N ALA B 490 19.15 -16.82 15.62
CA ALA B 490 18.02 -17.55 16.22
C ALA B 490 16.76 -16.73 15.93
N PRO B 491 15.76 -17.34 15.27
CA PRO B 491 14.61 -16.58 14.94
C PRO B 491 13.89 -15.99 16.12
N SER B 492 14.02 -16.62 17.28
CA SER B 492 13.28 -16.14 18.43
C SER B 492 13.85 -14.84 18.97
N LEU B 493 14.95 -14.37 18.40
CA LEU B 493 15.42 -13.00 18.74
C LEU B 493 14.46 -11.91 18.27
N VAL B 494 13.72 -12.16 17.20
CA VAL B 494 12.73 -11.18 16.72
C VAL B 494 11.50 -11.93 16.31
N ASP B 495 10.81 -12.46 17.30
CA ASP B 495 9.71 -13.38 17.02
C ASP B 495 8.38 -12.64 16.90
N SER B 496 7.30 -13.36 16.60
CA SER B 496 6.08 -12.65 16.26
C SER B 496 5.50 -11.99 17.52
N TYR B 497 6.09 -12.28 18.70
CA TYR B 497 5.62 -11.64 19.91
C TYR B 497 6.58 -10.52 20.37
N ILE B 498 7.45 -10.07 19.49
CA ILE B 498 8.45 -9.03 19.83
C ILE B 498 7.77 -7.72 20.24
N ASN B 499 8.07 -7.22 21.44
CA ASN B 499 7.37 -6.02 21.97
C ASN B 499 5.94 -5.94 21.44
N ILE B 500 5.13 -6.95 21.78
CA ILE B 500 3.83 -7.11 21.14
C ILE B 500 2.89 -5.97 21.55
N GLY B 501 2.27 -5.34 20.56
CA GLY B 501 1.38 -4.20 20.83
C GLY B 501 2.09 -2.85 20.88
N ALA B 502 3.41 -2.83 20.62
CA ALA B 502 4.22 -1.59 20.64
C ALA B 502 4.58 -1.15 19.25
N ARG B 503 4.86 0.14 19.12
CA ARG B 503 5.56 0.66 17.98
C ARG B 503 6.95 1.03 18.56
N TRP B 504 7.99 0.30 18.16
CA TRP B 504 9.27 0.36 18.88
C TRP B 504 10.37 -0.18 18.01
N SER B 505 11.43 0.61 17.74
CA SER B 505 12.54 0.04 16.98
C SER B 505 13.37 -0.70 18.01
N LEU B 506 13.99 -1.83 17.64
CA LEU B 506 14.82 -2.58 18.59
C LEU B 506 16.08 -1.78 18.97
N ASP B 507 16.41 -1.75 20.26
CA ASP B 507 17.58 -1.01 20.74
C ASP B 507 18.89 -1.26 19.96
N PRO B 508 19.28 -2.55 19.72
CA PRO B 508 20.49 -2.82 18.91
C PRO B 508 20.37 -2.33 17.46
N MET B 509 19.16 -2.34 16.89
CA MET B 509 18.98 -1.89 15.51
C MET B 509 19.02 -0.36 15.35
N ASP B 510 18.70 0.41 16.39
CA ASP B 510 18.82 1.85 16.25
C ASP B 510 20.18 2.27 15.65
N ASN B 511 21.26 1.58 16.04
CA ASN B 511 22.60 1.99 15.65
C ASN B 511 23.15 1.17 14.47
N VAL B 512 22.28 0.42 13.78
CA VAL B 512 22.60 -0.35 12.56
C VAL B 512 22.10 0.51 11.38
N ASN B 513 23.00 0.78 10.44
CA ASN B 513 22.68 1.57 9.28
C ASN B 513 21.42 1.01 8.60
N PRO B 514 20.28 1.71 8.66
CA PRO B 514 19.04 1.05 8.13
C PRO B 514 18.94 1.10 6.59
N PHE B 515 19.83 1.86 5.96
CA PHE B 515 19.85 1.96 4.50
C PHE B 515 20.53 0.80 3.83
N ASN B 516 21.30 0.02 4.60
CA ASN B 516 21.98 -1.20 4.07
C ASN B 516 21.00 -2.35 4.23
N HIS B 517 20.06 -2.46 3.29
CA HIS B 517 18.97 -3.37 3.47
C HIS B 517 18.36 -3.65 2.10
N HIS B 518 17.79 -4.84 1.93
CA HIS B 518 17.23 -5.24 0.63
C HIS B 518 15.91 -4.53 0.37
N ARG B 519 15.35 -3.92 1.40
CA ARG B 519 14.17 -3.05 1.19
C ARG B 519 14.54 -1.53 1.05
N ASN B 520 15.80 -1.22 0.79
CA ASN B 520 16.14 0.15 0.37
C ASN B 520 15.72 0.21 -1.09
N ALA B 521 14.60 0.89 -1.36
CA ALA B 521 14.00 0.83 -2.69
C ALA B 521 14.84 1.57 -3.70
N GLY B 522 15.55 2.62 -3.25
CA GLY B 522 16.40 3.37 -4.19
C GLY B 522 17.56 2.52 -4.69
N LEU B 523 18.25 1.85 -3.77
CA LEU B 523 19.32 0.95 -4.15
C LEU B 523 18.86 -0.26 -4.97
N ARG B 524 17.72 -0.83 -4.58
CA ARG B 524 17.13 -1.90 -5.33
C ARG B 524 16.81 -1.46 -6.74
N TYR B 525 16.23 -0.28 -6.89
CA TYR B 525 15.99 0.24 -8.25
C TYR B 525 17.30 0.44 -9.02
N ARG B 526 18.33 0.96 -8.37
CA ARG B 526 19.61 1.25 -9.03
C ARG B 526 20.32 -0.09 -9.47
N SER B 527 20.16 -1.14 -8.65
CA SER B 527 20.63 -2.48 -8.98
C SER B 527 19.95 -3.01 -10.24
N MET B 528 18.62 -2.89 -10.25
CA MET B 528 17.79 -3.42 -11.32
C MET B 528 17.85 -2.60 -12.61
N LEU B 529 18.26 -1.34 -12.50
CA LEU B 529 18.53 -0.53 -13.74
C LEU B 529 19.61 -1.12 -14.55
N LEU B 530 20.57 -1.72 -13.87
CA LEU B 530 21.69 -2.39 -14.56
C LEU B 530 21.31 -3.77 -15.11
N GLY B 531 20.42 -4.48 -14.42
CA GLY B 531 19.96 -5.79 -14.86
C GLY B 531 19.96 -6.72 -13.65
N ASN B 532 19.79 -8.01 -13.91
CA ASN B 532 19.71 -9.02 -12.84
C ASN B 532 20.90 -9.96 -12.81
N GLY B 533 21.90 -9.75 -13.68
CA GLY B 533 23.08 -10.63 -13.68
C GLY B 533 24.34 -9.94 -13.18
N ARG B 534 25.35 -10.70 -12.81
CA ARG B 534 26.56 -10.08 -12.31
C ARG B 534 27.41 -9.39 -13.41
N TYR B 535 27.23 -9.81 -14.67
CA TYR B 535 28.02 -9.30 -15.79
C TYR B 535 27.22 -8.26 -16.57
N VAL B 536 27.69 -7.02 -16.52
CA VAL B 536 26.95 -5.87 -17.05
C VAL B 536 27.84 -4.91 -17.87
N PRO B 537 27.71 -4.95 -19.20
CA PRO B 537 28.18 -3.84 -20.04
C PRO B 537 27.29 -2.64 -19.72
N PHE B 538 27.86 -1.55 -19.18
CA PHE B 538 27.02 -0.44 -18.75
C PHE B 538 27.20 0.81 -19.62
N HIS B 539 26.25 1.73 -19.55
CA HIS B 539 26.33 3.00 -20.25
C HIS B 539 25.57 4.02 -19.39
N ILE B 540 26.28 4.98 -18.81
CA ILE B 540 25.67 5.90 -17.86
C ILE B 540 26.08 7.34 -18.21
N GLN B 541 25.31 8.30 -17.69
CA GLN B 541 25.64 9.71 -17.80
C GLN B 541 25.88 10.28 -16.39
N VAL B 542 27.02 10.94 -16.17
CA VAL B 542 27.37 11.40 -14.82
C VAL B 542 27.48 12.92 -14.82
N PRO B 543 26.73 13.57 -13.92
CA PRO B 543 26.66 15.00 -13.90
C PRO B 543 27.89 15.65 -13.19
N GLN B 544 28.11 16.92 -13.45
CA GLN B 544 29.12 17.69 -12.77
C GLN B 544 28.46 18.33 -11.54
N LYS B 545 29.03 18.06 -10.36
CA LYS B 545 28.47 18.60 -9.09
C LYS B 545 29.26 19.74 -8.46
N PHE B 546 30.51 19.97 -8.94
CA PHE B 546 31.30 21.00 -8.30
C PHE B 546 30.62 22.38 -8.43
N PHE B 547 30.39 23.04 -7.28
CA PHE B 547 29.54 24.25 -7.24
C PHE B 547 30.02 25.38 -8.16
N ALA B 548 31.33 25.49 -8.35
CA ALA B 548 31.90 26.64 -9.05
C ALA B 548 31.61 26.61 -10.55
N ILE B 549 31.39 25.40 -11.08
CA ILE B 549 31.23 25.27 -12.53
C ILE B 549 29.93 24.57 -12.96
N LYS B 550 29.22 23.93 -12.02
CA LYS B 550 28.10 23.06 -12.36
C LYS B 550 26.95 23.82 -13.06
N SER B 551 26.79 25.14 -12.73
CA SER B 551 25.74 25.99 -13.31
C SER B 551 26.30 27.23 -14.08
N LEU B 552 27.60 27.22 -14.30
CA LEU B 552 28.26 28.30 -14.95
C LEU B 552 27.74 28.45 -16.38
N LEU B 553 27.51 29.69 -16.80
CA LEU B 553 27.29 30.01 -18.19
C LEU B 553 28.63 30.40 -18.84
N LEU B 554 29.11 29.51 -19.71
CA LEU B 554 30.44 29.61 -20.19
C LEU B 554 30.42 30.23 -21.61
N LEU B 555 31.29 31.22 -21.83
CA LEU B 555 31.23 32.08 -22.99
C LEU B 555 32.14 31.50 -24.09
N PRO B 556 32.06 32.03 -25.31
CA PRO B 556 32.87 31.54 -26.40
C PRO B 556 34.36 31.46 -26.07
N GLY B 557 35.02 30.46 -26.62
CA GLY B 557 36.39 30.12 -26.23
C GLY B 557 36.63 28.60 -26.24
N SER B 558 37.90 28.23 -26.16
CA SER B 558 38.31 26.85 -26.01
C SER B 558 38.91 26.63 -24.65
N TYR B 559 38.36 25.66 -23.90
CA TYR B 559 38.77 25.40 -22.53
C TYR B 559 39.33 23.99 -22.33
N THR B 560 40.43 23.86 -21.59
CA THR B 560 40.84 22.54 -21.09
C THR B 560 39.92 22.15 -19.95
N TYR B 561 39.29 20.97 -20.06
CA TYR B 561 38.36 20.47 -19.04
C TYR B 561 38.79 19.01 -18.74
N GLU B 562 39.31 18.75 -17.53
CA GLU B 562 39.78 17.40 -17.21
C GLU B 562 39.15 16.92 -15.95
N TRP B 563 38.84 15.63 -15.90
CA TRP B 563 38.34 15.09 -14.68
C TRP B 563 38.88 13.70 -14.45
N ASN B 564 38.87 13.30 -13.18
CA ASN B 564 39.30 11.96 -12.75
C ASN B 564 38.17 11.13 -12.19
N PHE B 565 38.17 9.85 -12.55
CA PHE B 565 37.15 8.90 -12.20
C PHE B 565 37.78 7.73 -11.43
N ARG B 566 37.04 7.28 -10.42
CA ARG B 566 37.49 6.21 -9.54
C ARG B 566 37.24 4.84 -10.15
N LYS B 567 38.12 3.88 -9.86
CA LYS B 567 37.86 2.48 -10.18
C LYS B 567 37.51 1.61 -8.97
N ASP B 568 37.68 2.15 -7.75
CA ASP B 568 37.53 1.40 -6.51
C ASP B 568 36.08 1.00 -6.31
N VAL B 569 35.77 -0.31 -6.33
CA VAL B 569 34.36 -0.75 -6.34
C VAL B 569 33.66 -0.44 -5.00
N ASN B 570 34.41 -0.30 -3.89
CA ASN B 570 33.76 0.07 -2.61
C ASN B 570 33.26 1.52 -2.62
N MET B 571 33.91 2.37 -3.45
CA MET B 571 33.49 3.77 -3.56
C MET B 571 32.41 3.94 -4.63
N ILE B 572 32.56 3.28 -5.78
CA ILE B 572 31.67 3.58 -6.87
C ILE B 572 30.42 2.69 -6.91
N LEU B 573 30.44 1.55 -6.18
CA LEU B 573 29.29 0.64 -6.11
C LEU B 573 28.78 0.67 -4.70
N GLN B 574 27.54 0.22 -4.54
CA GLN B 574 26.98 0.14 -3.22
C GLN B 574 26.31 -1.24 -3.20
N SER B 575 26.39 -1.95 -2.05
CA SER B 575 25.68 -3.21 -1.87
C SER B 575 24.76 -3.01 -0.69
N SER B 576 23.68 -3.81 -0.63
CA SER B 576 22.70 -3.67 0.48
C SER B 576 23.25 -4.29 1.78
N LEU B 577 24.15 -5.26 1.65
CA LEU B 577 24.79 -5.84 2.85
C LEU B 577 26.02 -5.07 3.31
N GLY B 578 26.66 -4.32 2.40
CA GLY B 578 27.82 -3.49 2.80
C GLY B 578 29.10 -4.30 2.90
N ASN B 579 29.14 -5.49 2.27
CA ASN B 579 30.38 -6.31 2.26
C ASN B 579 31.57 -5.70 1.45
N ASP B 580 32.79 -6.14 1.69
CA ASP B 580 33.94 -5.59 0.97
C ASP B 580 33.90 -6.15 -0.47
N LEU B 581 33.42 -5.34 -1.42
CA LEU B 581 33.34 -5.78 -2.81
C LEU B 581 34.71 -6.00 -3.49
N ARG B 582 35.78 -5.44 -2.94
CA ARG B 582 37.13 -5.76 -3.48
C ARG B 582 37.46 -7.23 -3.22
N THR B 583 37.33 -7.63 -1.97
CA THR B 583 37.57 -9.01 -1.57
C THR B 583 36.52 -9.92 -2.21
N ASP B 584 35.27 -9.44 -2.32
CA ASP B 584 34.24 -10.31 -2.89
C ASP B 584 34.12 -10.29 -4.43
N GLY B 585 35.21 -9.86 -5.10
CA GLY B 585 35.40 -10.12 -6.53
C GLY B 585 34.66 -9.20 -7.48
N ALA B 586 34.20 -8.02 -7.06
CA ALA B 586 33.61 -7.11 -8.06
C ALA B 586 34.73 -6.32 -8.70
N SER B 587 34.54 -5.89 -9.95
CA SER B 587 35.51 -5.04 -10.65
C SER B 587 34.83 -4.25 -11.79
N ILE B 588 35.52 -3.22 -12.25
CA ILE B 588 34.97 -2.40 -13.31
C ILE B 588 36.08 -2.04 -14.29
N SER B 589 35.69 -1.88 -15.56
CA SER B 589 36.56 -1.37 -16.63
C SER B 589 35.89 -0.20 -17.35
N PHE B 590 36.59 0.91 -17.59
CA PHE B 590 36.04 1.98 -18.42
C PHE B 590 36.49 1.81 -19.85
N THR B 591 35.56 1.72 -20.78
CA THR B 591 35.84 1.54 -22.22
C THR B 591 35.99 2.93 -22.91
N SER B 592 35.10 3.86 -22.58
CA SER B 592 35.20 5.25 -23.05
C SER B 592 34.35 6.17 -22.20
N ILE B 593 34.77 7.43 -22.18
CA ILE B 593 34.13 8.52 -21.51
C ILE B 593 34.10 9.73 -22.44
N ASN B 594 32.91 10.10 -22.86
CA ASN B 594 32.77 11.23 -23.77
C ASN B 594 32.03 12.33 -23.04
N LEU B 595 32.29 13.57 -23.44
CA LEU B 595 31.66 14.76 -22.86
C LEU B 595 30.58 15.23 -23.81
N TYR B 596 29.37 15.41 -23.30
CA TYR B 596 28.29 15.97 -24.10
C TYR B 596 27.95 17.33 -23.53
N ALA B 597 27.52 18.24 -24.40
CA ALA B 597 27.25 19.61 -24.07
C ALA B 597 26.14 19.99 -25.00
N THR B 598 25.10 20.64 -24.46
CA THR B 598 23.99 21.08 -25.30
C THR B 598 23.91 22.58 -25.36
N PHE B 599 23.59 23.09 -26.55
CA PHE B 599 23.58 24.54 -26.77
C PHE B 599 22.22 25.01 -27.28
N PHE B 600 21.61 25.95 -26.57
CA PHE B 600 20.45 26.69 -27.06
C PHE B 600 20.75 27.31 -28.40
N PRO B 601 19.90 27.04 -29.41
CA PRO B 601 20.28 27.57 -30.73
C PRO B 601 20.07 29.10 -30.89
N MET B 602 20.80 29.87 -30.12
CA MET B 602 20.49 31.28 -29.93
C MET B 602 20.74 32.09 -31.19
N ALA B 603 19.84 33.00 -31.56
CA ALA B 603 20.14 33.95 -32.65
C ALA B 603 21.54 34.55 -32.40
N HIS B 604 22.33 34.66 -33.45
CA HIS B 604 23.74 35.07 -33.28
C HIS B 604 23.94 36.50 -32.74
N ASN B 605 23.18 37.46 -33.26
CA ASN B 605 23.16 38.82 -32.73
C ASN B 605 22.75 38.89 -31.24
N THR B 606 21.73 38.12 -30.82
CA THR B 606 21.26 38.09 -29.46
C THR B 606 22.35 37.49 -28.59
N ALA B 607 22.96 36.43 -29.12
CA ALA B 607 24.08 35.75 -28.45
C ALA B 607 25.31 36.67 -28.30
N SER B 608 25.59 37.49 -29.31
CA SER B 608 26.66 38.51 -29.22
C SER B 608 26.37 39.53 -28.14
N THR B 609 25.11 39.98 -28.05
CA THR B 609 24.69 40.94 -26.99
C THR B 609 24.92 40.34 -25.62
N LEU B 610 24.48 39.09 -25.45
CA LEU B 610 24.60 38.40 -24.17
C LEU B 610 26.04 38.19 -23.72
N GLU B 611 26.86 37.66 -24.61
CA GLU B 611 28.27 37.51 -24.33
C GLU B 611 28.94 38.85 -23.96
N ALA B 612 28.71 39.88 -24.78
CA ALA B 612 29.21 41.22 -24.51
C ALA B 612 28.86 41.72 -23.09
N MET B 613 27.63 41.46 -22.65
CA MET B 613 27.25 41.88 -21.32
C MET B 613 27.97 41.06 -20.25
N LEU B 614 28.14 39.76 -20.51
CA LEU B 614 28.64 38.87 -19.48
C LEU B 614 30.15 38.92 -19.31
N ARG B 615 30.83 39.61 -20.22
CA ARG B 615 32.28 39.75 -20.08
C ARG B 615 32.67 40.96 -19.22
N ASN B 616 31.67 41.79 -18.89
CA ASN B 616 31.87 43.00 -18.05
C ASN B 616 32.05 42.46 -16.64
N ASP B 617 33.09 42.87 -15.91
CA ASP B 617 33.15 42.40 -14.51
C ASP B 617 31.91 42.71 -13.62
N THR B 618 31.19 43.77 -13.92
CA THR B 618 29.91 44.05 -13.22
C THR B 618 28.96 42.86 -13.28
N ASN B 619 29.00 42.14 -14.41
CA ASN B 619 28.14 41.00 -14.70
C ASN B 619 28.81 39.62 -14.43
N ASP B 620 29.87 39.64 -13.63
CA ASP B 620 30.51 38.41 -13.19
C ASP B 620 29.45 37.54 -12.53
N GLN B 621 29.48 36.25 -12.88
CA GLN B 621 28.62 35.23 -12.28
C GLN B 621 29.22 34.86 -10.91
N SER B 622 28.37 34.44 -9.97
CA SER B 622 28.87 33.98 -8.66
C SER B 622 28.04 32.83 -8.14
N PHE B 623 28.65 31.98 -7.34
CA PHE B 623 27.95 30.78 -6.83
C PHE B 623 28.46 30.48 -5.41
N ASN B 624 27.57 30.00 -4.58
CA ASN B 624 27.87 29.61 -3.19
C ASN B 624 27.69 28.11 -3.18
N ASP B 625 28.61 27.34 -2.60
CA ASP B 625 28.33 25.93 -2.43
C ASP B 625 27.05 25.76 -1.61
N TYR B 626 26.14 24.88 -2.04
CA TYR B 626 24.88 24.74 -1.30
C TYR B 626 25.09 24.42 0.20
N LEU B 627 25.86 23.41 0.51
CA LEU B 627 26.09 23.10 1.91
C LEU B 627 26.77 24.31 2.59
N SER B 628 27.67 24.97 1.90
CA SER B 628 28.27 26.21 2.39
C SER B 628 28.81 26.10 3.82
N ALA B 629 29.86 25.29 3.97
CA ALA B 629 30.38 24.88 5.29
C ALA B 629 31.84 24.48 5.17
N ALA B 630 32.62 24.70 6.24
CA ALA B 630 33.89 23.98 6.46
C ALA B 630 33.52 22.71 7.26
N ASN B 631 33.95 21.55 6.74
CA ASN B 631 33.55 20.24 7.26
C ASN B 631 34.69 19.65 8.05
N MET B 632 34.40 19.18 9.25
CA MET B 632 35.45 18.60 10.12
C MET B 632 34.97 17.27 10.75
N LEU B 633 35.88 16.30 10.90
CA LEU B 633 35.55 14.99 11.45
C LEU B 633 36.44 14.87 12.69
N TYR B 634 35.87 14.41 13.80
CA TYR B 634 36.66 14.22 15.01
C TYR B 634 36.45 12.76 15.48
N PRO B 635 37.55 12.07 15.84
CA PRO B 635 37.43 10.69 16.27
C PRO B 635 36.71 10.54 17.63
N ILE B 636 35.93 9.47 17.77
CA ILE B 636 35.35 9.11 19.03
C ILE B 636 35.72 7.63 19.26
N PRO B 637 36.69 7.32 20.16
CA PRO B 637 37.04 5.93 20.42
C PRO B 637 35.84 5.09 20.85
N ALA B 638 35.90 3.79 20.62
CA ALA B 638 34.91 2.87 21.09
C ALA B 638 34.60 3.18 22.56
N ASN B 639 33.32 3.28 22.88
CA ASN B 639 32.86 3.49 24.29
C ASN B 639 33.11 4.86 24.89
N ALA B 640 33.74 5.77 24.13
CA ALA B 640 33.92 7.16 24.57
C ALA B 640 32.55 7.87 24.61
N THR B 641 32.39 8.78 25.55
CA THR B 641 31.10 9.51 25.72
C THR B 641 31.24 11.04 25.72
N ASN B 642 32.43 11.59 25.99
CA ASN B 642 32.63 13.02 25.83
C ASN B 642 33.55 13.33 24.71
N VAL B 643 33.14 14.23 23.83
CA VAL B 643 33.96 14.63 22.69
C VAL B 643 34.22 16.14 22.73
N PRO B 644 35.32 16.58 23.38
CA PRO B 644 35.62 18.00 23.39
C PRO B 644 36.41 18.41 22.15
N ILE B 645 36.08 19.58 21.59
CA ILE B 645 36.86 20.08 20.47
C ILE B 645 37.18 21.55 20.70
N SER B 646 38.19 22.01 19.98
CA SER B 646 38.71 23.33 20.17
C SER B 646 38.97 23.91 18.78
N ILE B 647 38.38 25.08 18.52
CA ILE B 647 38.66 25.79 17.30
C ILE B 647 39.58 26.99 17.67
N PRO B 648 40.81 26.99 17.13
CA PRO B 648 41.78 27.98 17.60
C PRO B 648 41.35 29.41 17.21
N SER B 649 41.93 30.40 17.86
CA SER B 649 41.59 31.82 17.68
C SER B 649 41.46 32.25 16.22
N ARG B 650 40.30 32.81 15.86
CA ARG B 650 40.08 33.25 14.51
C ARG B 650 39.02 34.34 14.41
N ASN B 651 38.76 34.79 13.20
CA ASN B 651 37.71 35.73 12.96
C ASN B 651 36.38 34.96 12.74
N TRP B 652 35.26 35.48 13.26
CA TRP B 652 34.00 34.77 13.21
C TRP B 652 32.97 35.60 12.43
N ALA B 653 33.39 36.70 11.85
CA ALA B 653 32.44 37.52 11.06
C ALA B 653 31.78 36.69 9.95
N ALA B 654 30.45 36.74 9.88
CA ALA B 654 29.68 36.03 8.85
C ALA B 654 29.40 34.57 9.23
N PHE B 655 29.92 34.10 10.37
CA PHE B 655 29.59 32.75 10.81
C PHE B 655 28.06 32.51 10.88
N ARG B 656 27.56 31.37 10.40
CA ARG B 656 26.11 31.19 10.26
C ARG B 656 25.54 30.23 11.30
N GLY B 657 26.39 29.37 11.85
CA GLY B 657 25.97 28.37 12.88
C GLY B 657 26.65 27.03 12.68
N TRP B 658 26.07 26.02 13.31
CA TRP B 658 26.63 24.66 13.30
C TRP B 658 25.56 23.62 12.97
N SER B 659 25.96 22.63 12.18
CA SER B 659 25.20 21.40 12.03
C SER B 659 26.12 20.25 12.42
N PHE B 660 25.54 19.14 12.89
CA PHE B 660 26.41 18.05 13.29
C PHE B 660 25.68 16.73 13.32
N THR B 661 26.47 15.65 13.19
CA THR B 661 25.90 14.30 13.24
C THR B 661 27.02 13.31 13.65
N ARG B 662 26.74 12.01 13.65
CA ARG B 662 27.75 11.02 14.06
C ARG B 662 27.82 9.98 12.97
N LEU B 663 29.02 9.52 12.67
CA LEU B 663 29.24 8.51 11.64
C LEU B 663 29.98 7.33 12.25
N LYS B 664 29.88 6.18 11.60
CA LYS B 664 30.78 5.05 11.86
C LYS B 664 32.07 5.23 11.09
N THR B 665 33.17 5.08 11.79
CA THR B 665 34.48 5.11 11.12
C THR B 665 34.58 4.10 9.96
N LYS B 666 34.07 2.87 10.12
CA LYS B 666 34.25 1.88 9.02
C LYS B 666 33.42 2.25 7.74
N GLU B 667 32.43 3.13 7.94
CA GLU B 667 31.50 3.52 6.86
C GLU B 667 31.91 4.85 6.22
N THR B 668 33.05 5.39 6.66
CA THR B 668 33.54 6.72 6.25
C THR B 668 34.92 6.58 5.59
N PRO B 669 34.98 6.60 4.25
CA PRO B 669 36.26 6.38 3.55
C PRO B 669 37.11 7.63 3.65
N SER B 670 38.42 7.49 3.54
CA SER B 670 39.27 8.65 3.37
C SER B 670 39.23 9.04 1.86
N LEU B 671 39.05 10.33 1.57
CA LEU B 671 39.12 10.88 0.21
C LEU B 671 40.45 11.60 0.08
N GLY B 672 41.27 11.49 1.13
CA GLY B 672 42.57 12.17 1.22
C GLY B 672 43.64 11.67 0.27
N SER B 673 43.38 10.53 -0.36
CA SER B 673 44.33 10.02 -1.34
C SER B 673 43.57 9.47 -2.49
N GLY B 674 44.30 9.04 -3.53
CA GLY B 674 43.70 8.49 -4.70
C GLY B 674 42.88 7.29 -4.36
N PHE B 675 43.27 6.58 -3.29
CA PHE B 675 42.76 5.24 -2.93
C PHE B 675 42.91 5.02 -1.40
N ASP B 676 41.88 4.49 -0.76
CA ASP B 676 41.89 4.15 0.67
C ASP B 676 41.89 2.61 0.82
N PRO B 677 43.06 2.01 1.03
CA PRO B 677 43.12 0.54 1.10
C PRO B 677 42.41 0.00 2.33
N TYR B 678 42.17 0.85 3.33
CA TYR B 678 41.51 0.41 4.56
C TYR B 678 39.99 0.54 4.55
N PHE B 679 39.40 1.01 3.46
CA PHE B 679 37.93 1.14 3.34
C PHE B 679 37.43 -0.20 2.83
N VAL B 680 36.80 -0.97 3.69
CA VAL B 680 36.48 -2.35 3.35
C VAL B 680 34.98 -2.61 3.50
N TYR B 681 34.18 -1.69 2.94
CA TYR B 681 32.78 -1.60 3.25
C TYR B 681 32.20 -0.93 2.03
N SER B 682 30.99 -1.33 1.65
CA SER B 682 30.36 -0.81 0.45
C SER B 682 28.91 -0.41 0.69
N GLY B 683 28.48 -0.19 1.94
CA GLY B 683 27.06 0.18 2.14
C GLY B 683 26.90 1.69 1.86
N SER B 684 25.83 2.31 2.38
CA SER B 684 25.68 3.73 2.17
C SER B 684 26.79 4.44 2.96
N ILE B 685 27.17 5.64 2.51
CA ILE B 685 28.20 6.42 3.16
C ILE B 685 27.58 7.75 3.61
N PRO B 686 27.00 7.80 4.82
CA PRO B 686 26.26 9.02 5.18
C PRO B 686 26.99 10.33 4.95
N TYR B 687 28.29 10.38 5.26
CA TYR B 687 29.10 11.57 5.01
C TYR B 687 28.89 12.10 3.59
N LEU B 688 28.78 11.21 2.60
CA LEU B 688 28.68 11.68 1.22
C LEU B 688 27.23 11.81 0.78
N ASP B 689 26.35 10.90 1.25
CA ASP B 689 25.03 10.72 0.63
C ASP B 689 23.88 11.17 1.49
N GLY B 690 24.13 11.51 2.74
CA GLY B 690 23.03 12.04 3.56
C GLY B 690 22.23 10.99 4.32
N THR B 691 22.65 9.73 4.29
CA THR B 691 21.89 8.66 4.99
C THR B 691 22.21 8.60 6.49
N PHE B 692 22.03 9.73 7.17
CA PHE B 692 22.41 9.82 8.59
C PHE B 692 21.46 9.00 9.42
N TYR B 693 21.97 8.31 10.44
CA TYR B 693 21.08 7.49 11.26
C TYR B 693 21.47 7.36 12.73
N LEU B 694 22.47 8.13 13.18
CA LEU B 694 22.91 8.06 14.58
C LEU B 694 22.65 9.33 15.39
N ASN B 695 21.71 10.15 14.92
CA ASN B 695 21.42 11.42 15.59
C ASN B 695 20.83 11.25 16.98
N HIS B 696 20.11 10.15 17.20
CA HIS B 696 19.51 9.83 18.51
C HIS B 696 20.57 9.58 19.59
N THR B 697 21.87 9.47 19.20
CA THR B 697 22.91 9.08 20.22
C THR B 697 23.50 10.31 20.88
N PHE B 698 23.08 11.50 20.44
CA PHE B 698 23.56 12.76 21.11
C PHE B 698 22.80 13.05 22.38
N LYS B 699 23.50 13.36 23.47
CA LYS B 699 22.84 13.79 24.71
C LYS B 699 22.84 15.32 24.95
N LYS B 700 23.98 15.99 24.70
CA LYS B 700 24.10 17.43 24.92
C LYS B 700 25.29 18.00 24.17
N VAL B 701 25.29 19.31 23.94
CA VAL B 701 26.47 20.00 23.46
C VAL B 701 26.58 21.34 24.13
N SER B 702 27.75 21.69 24.67
CA SER B 702 27.99 23.04 25.11
C SER B 702 28.86 23.78 24.10
N ILE B 703 28.69 25.09 24.03
CA ILE B 703 29.39 25.92 23.07
C ILE B 703 29.85 27.11 23.88
N THR B 704 31.15 27.37 23.90
CA THR B 704 31.72 28.38 24.77
C THR B 704 32.84 29.14 24.03
N PHE B 705 32.67 30.43 23.81
CA PHE B 705 33.73 31.23 23.17
C PHE B 705 34.79 31.61 24.19
N ASP B 706 36.05 31.57 23.73
CA ASP B 706 37.21 32.05 24.52
C ASP B 706 37.18 31.47 25.89
N SER B 707 36.66 30.24 25.96
CA SER B 707 36.60 29.49 27.19
C SER B 707 35.78 30.14 28.33
N SER B 708 35.09 31.25 28.06
CA SER B 708 34.46 32.04 29.13
C SER B 708 33.01 32.28 28.88
N VAL B 709 32.65 32.34 27.61
CA VAL B 709 31.35 32.87 27.28
C VAL B 709 30.50 31.79 26.65
N SER B 710 29.59 31.29 27.47
CA SER B 710 28.70 30.24 27.07
C SER B 710 27.73 30.84 26.03
N TRP B 711 27.50 30.13 24.91
CA TRP B 711 26.60 30.59 23.83
C TRP B 711 25.44 29.60 23.63
N PRO B 712 24.16 30.09 23.58
CA PRO B 712 23.78 31.51 23.59
C PRO B 712 23.80 32.22 24.96
N GLY B 713 23.93 31.47 26.06
CA GLY B 713 23.94 32.06 27.39
C GLY B 713 22.67 32.89 27.58
N ASN B 714 22.84 34.02 28.26
CA ASN B 714 21.74 34.99 28.45
C ASN B 714 20.45 34.42 29.01
N ASP B 715 20.57 33.37 29.82
CA ASP B 715 19.43 32.71 30.47
C ASP B 715 18.38 32.26 29.43
N ARG B 716 18.79 32.06 28.15
CA ARG B 716 17.82 31.78 27.07
C ARG B 716 17.07 30.44 27.26
N LEU B 717 17.81 29.36 27.45
CA LEU B 717 17.19 28.02 27.50
C LEU B 717 16.86 27.60 28.92
N LEU B 718 15.92 26.66 29.04
CA LEU B 718 15.61 26.07 30.37
C LEU B 718 16.86 25.57 31.09
N THR B 719 17.78 24.95 30.34
CA THR B 719 19.13 24.64 30.86
C THR B 719 20.10 25.58 30.08
N PRO B 720 20.41 26.76 30.67
CA PRO B 720 21.03 27.85 29.94
C PRO B 720 22.54 27.74 29.72
N ASN B 721 23.21 26.68 30.20
CA ASN B 721 24.67 26.61 29.95
C ASN B 721 25.08 25.61 28.87
N GLU B 722 24.10 24.94 28.25
CA GLU B 722 24.38 23.96 27.22
C GLU B 722 23.10 23.66 26.43
N PHE B 723 23.24 22.98 25.29
CA PHE B 723 22.10 22.44 24.59
C PHE B 723 21.86 20.99 25.03
N GLU B 724 20.86 20.77 25.89
CA GLU B 724 20.43 19.41 26.18
C GLU B 724 19.51 18.89 25.09
N ILE B 725 19.94 17.81 24.49
CA ILE B 725 19.23 17.22 23.44
C ILE B 725 18.17 16.24 23.94
N LYS B 726 18.58 15.40 24.87
CA LYS B 726 17.69 14.43 25.45
C LYS B 726 18.07 14.24 26.91
N ARG B 727 17.12 13.80 27.72
CA ARG B 727 17.39 13.52 29.11
C ARG B 727 16.90 12.16 29.43
N THR B 728 17.71 11.41 30.14
CA THR B 728 17.22 10.17 30.66
C THR B 728 16.66 10.39 32.08
N VAL B 729 17.36 11.12 32.94
CA VAL B 729 16.78 11.56 34.22
C VAL B 729 16.19 12.96 34.07
N ASP B 730 14.93 13.13 34.46
CA ASP B 730 14.17 14.32 34.09
C ASP B 730 13.17 14.64 35.19
N GLY B 731 13.67 14.97 36.37
CA GLY B 731 12.80 15.24 37.52
C GLY B 731 11.86 16.42 37.25
N GLU B 732 12.33 17.41 36.50
CA GLU B 732 11.52 18.61 36.23
C GLU B 732 10.43 18.41 35.20
N GLY B 733 10.57 17.36 34.40
CA GLY B 733 9.63 17.11 33.29
C GLY B 733 9.88 18.11 32.16
N TYR B 734 11.16 18.28 31.78
CA TYR B 734 11.52 19.13 30.63
C TYR B 734 11.46 18.40 29.32
N ASN B 735 11.26 17.10 29.35
CA ASN B 735 11.16 16.36 28.10
C ASN B 735 9.83 16.64 27.43
N VAL B 736 9.71 16.23 26.16
CA VAL B 736 8.63 16.76 25.36
C VAL B 736 8.16 15.79 24.26
N ALA B 737 6.92 15.98 23.83
CA ALA B 737 6.39 15.28 22.69
C ALA B 737 6.40 13.77 22.88
N GLN B 738 6.26 13.34 24.13
CA GLN B 738 6.17 11.90 24.43
C GLN B 738 7.43 11.07 24.12
N CYS B 739 8.61 11.69 24.20
CA CYS B 739 9.87 10.97 24.05
C CYS B 739 10.85 11.57 25.01
N ASN B 740 12.16 11.22 24.91
CA ASN B 740 13.15 11.78 25.86
C ASN B 740 13.85 13.04 25.32
N MET B 741 13.41 13.56 24.17
CA MET B 741 13.95 14.84 23.68
C MET B 741 13.48 15.97 24.60
N THR B 742 14.31 16.98 24.82
CA THR B 742 13.92 18.13 25.69
C THR B 742 13.10 19.19 24.97
N LYS B 743 12.27 19.90 25.74
CA LYS B 743 11.58 21.09 25.23
C LYS B 743 12.55 22.08 24.59
N ASP B 744 13.73 22.32 25.20
CA ASP B 744 14.69 23.26 24.66
C ASP B 744 15.09 22.79 23.27
N TRP B 745 15.47 21.52 23.15
CA TRP B 745 16.06 21.13 21.84
C TRP B 745 14.94 21.15 20.78
N PHE B 746 13.75 20.73 21.17
CA PHE B 746 12.66 20.71 20.22
C PHE B 746 12.37 22.16 19.73
N LEU B 747 12.40 23.13 20.64
CA LEU B 747 12.28 24.54 20.25
C LEU B 747 13.37 24.92 19.27
N VAL B 748 14.63 24.55 19.60
CA VAL B 748 15.76 24.94 18.74
C VAL B 748 15.61 24.38 17.34
N GLN B 749 15.30 23.09 17.23
CA GLN B 749 15.25 22.45 15.88
C GLN B 749 14.01 22.98 15.12
N MET B 750 12.90 23.24 15.79
CA MET B 750 11.71 23.75 15.05
C MET B 750 11.93 25.22 14.55
N LEU B 751 12.66 26.02 15.31
CA LEU B 751 12.94 27.39 14.88
C LEU B 751 13.93 27.32 13.78
N ALA B 752 14.95 26.48 13.92
CA ALA B 752 16.04 26.45 12.97
C ALA B 752 15.54 26.01 11.63
N HIS B 753 14.59 25.07 11.59
CA HIS B 753 14.13 24.55 10.29
C HIS B 753 12.93 25.34 9.74
N TYR B 754 12.05 25.84 10.62
CA TYR B 754 10.75 26.37 10.15
C TYR B 754 10.40 27.73 10.72
N ASN B 755 11.23 28.26 11.63
CA ASN B 755 10.83 29.52 12.29
C ASN B 755 9.58 29.33 13.15
N ILE B 756 9.34 28.09 13.53
CA ILE B 756 8.22 27.78 14.42
C ILE B 756 8.66 27.60 15.86
N GLY B 757 8.02 28.28 16.80
CA GLY B 757 8.26 28.01 18.22
C GLY B 757 7.79 29.09 19.16
N TYR B 758 7.85 30.35 18.70
CA TYR B 758 7.47 31.49 19.56
C TYR B 758 5.97 31.72 19.66
N GLN B 759 5.23 31.08 18.75
CA GLN B 759 3.81 31.34 18.68
C GLN B 759 3.10 29.99 18.58
N GLY B 760 3.65 29.00 19.28
CA GLY B 760 3.08 27.68 19.35
C GLY B 760 3.80 26.71 18.45
N PHE B 761 3.76 25.44 18.81
CA PHE B 761 4.25 24.39 17.93
C PHE B 761 3.13 23.80 17.08
N TYR B 762 3.42 23.52 15.80
CA TYR B 762 2.42 22.89 14.91
C TYR B 762 3.19 22.29 13.75
N VAL B 763 2.51 21.50 12.92
CA VAL B 763 3.16 20.86 11.76
C VAL B 763 3.56 21.86 10.71
N PRO B 764 4.85 21.89 10.28
CA PRO B 764 5.16 22.84 9.23
C PRO B 764 4.47 22.44 7.90
N GLU B 765 4.29 23.40 6.98
CA GLU B 765 3.75 23.11 5.66
C GLU B 765 4.62 22.06 4.98
N GLY B 766 3.98 21.08 4.35
CA GLY B 766 4.75 19.96 3.78
C GLY B 766 5.89 20.40 2.87
N TYR B 767 5.68 21.43 2.07
CA TYR B 767 6.76 21.76 1.11
C TYR B 767 7.97 22.47 1.77
N LYS B 768 7.77 22.91 3.01
CA LYS B 768 8.88 23.45 3.80
C LYS B 768 9.56 22.37 4.68
N ASP B 769 9.06 21.15 4.65
CA ASP B 769 9.46 20.11 5.59
C ASP B 769 9.92 18.96 4.70
N ARG B 770 11.12 19.05 4.19
CA ARG B 770 11.46 18.18 3.07
C ARG B 770 12.21 16.94 3.50
N MET B 771 12.88 16.26 2.58
CA MET B 771 13.39 14.93 2.94
C MET B 771 14.36 14.88 4.11
N TYR B 772 15.19 15.89 4.24
CA TYR B 772 16.20 15.86 5.28
C TYR B 772 15.84 16.81 6.40
N SER B 773 14.57 17.18 6.52
CA SER B 773 14.14 18.16 7.54
C SER B 773 13.81 17.47 8.85
N PHE B 774 13.79 18.25 9.91
CA PHE B 774 13.62 17.73 11.25
C PHE B 774 12.24 17.05 11.42
N PHE B 775 11.15 17.79 11.19
CA PHE B 775 9.86 17.24 11.57
C PHE B 775 9.52 15.94 10.83
N ARG B 776 9.83 15.92 9.53
CA ARG B 776 9.53 14.78 8.65
C ARG B 776 10.18 13.48 9.21
N ASN B 777 11.33 13.63 9.85
CA ASN B 777 12.10 12.50 10.33
C ASN B 777 11.97 12.18 11.84
N PHE B 778 11.35 13.06 12.59
CA PHE B 778 11.24 12.92 14.04
C PHE B 778 10.27 11.80 14.44
N GLN B 779 10.81 10.76 15.11
CA GLN B 779 10.04 9.56 15.43
C GLN B 779 10.13 9.16 16.93
N PRO B 780 9.28 9.75 17.75
CA PRO B 780 9.19 9.44 19.16
C PRO B 780 8.54 8.08 19.36
N MET B 781 8.92 7.39 20.43
CA MET B 781 8.45 6.02 20.66
C MET B 781 8.59 5.63 22.11
N SER B 782 7.68 4.77 22.57
CA SER B 782 7.67 4.22 23.91
C SER B 782 7.37 2.71 23.91
N ARG B 783 7.74 2.08 25.02
CA ARG B 783 7.29 0.72 25.27
C ARG B 783 7.29 0.50 26.78
N GLN B 784 6.56 -0.53 27.23
CA GLN B 784 6.70 -1.07 28.58
C GLN B 784 7.48 -2.40 28.48
N VAL B 785 8.17 -2.72 29.57
CA VAL B 785 8.84 -3.99 29.77
C VAL B 785 8.66 -4.41 31.23
N VAL B 786 8.92 -5.69 31.53
CA VAL B 786 8.83 -6.18 32.92
C VAL B 786 9.82 -5.39 33.77
N ASP B 787 9.42 -5.06 35.00
CA ASP B 787 10.25 -4.37 35.95
C ASP B 787 11.12 -5.46 36.66
N GLU B 788 12.35 -5.64 36.19
CA GLU B 788 13.24 -6.67 36.69
C GLU B 788 13.59 -6.50 38.14
N VAL B 789 13.38 -5.29 38.69
CA VAL B 789 13.67 -5.05 40.12
C VAL B 789 12.46 -5.32 40.96
N ASN B 790 11.30 -4.81 40.53
CA ASN B 790 10.15 -4.81 41.46
C ASN B 790 9.11 -5.86 41.08
N TYR B 791 9.21 -6.43 39.90
CA TYR B 791 8.30 -7.58 39.69
C TYR B 791 8.81 -8.77 40.51
N LYS B 792 8.08 -9.14 41.53
CA LYS B 792 8.57 -10.15 42.45
C LYS B 792 8.87 -11.53 41.88
N ASP B 793 8.16 -11.95 40.82
CA ASP B 793 8.38 -13.28 40.27
C ASP B 793 9.37 -13.23 39.15
N TYR B 794 10.05 -12.12 38.97
CA TYR B 794 10.89 -12.00 37.78
C TYR B 794 11.95 -13.11 37.72
N GLN B 795 12.19 -13.71 36.54
CA GLN B 795 13.28 -14.64 36.30
C GLN B 795 14.07 -14.29 35.04
N ALA B 796 15.38 -14.20 35.18
CA ALA B 796 16.24 -13.73 34.08
C ALA B 796 16.52 -14.95 33.20
N VAL B 797 15.56 -15.31 32.34
CA VAL B 797 15.67 -16.50 31.48
C VAL B 797 16.35 -16.13 30.19
N THR B 798 17.55 -16.67 29.94
CA THR B 798 18.23 -16.33 28.69
C THR B 798 17.62 -17.05 27.51
N LEU B 799 18.01 -16.60 26.32
CA LEU B 799 17.41 -17.05 25.10
C LEU B 799 17.32 -18.58 25.00
N ALA B 800 18.41 -19.26 25.32
CA ALA B 800 18.45 -20.72 25.23
C ALA B 800 17.39 -21.45 26.06
N TYR B 801 16.93 -20.83 27.14
CA TYR B 801 15.97 -21.49 28.01
C TYR B 801 14.56 -20.94 27.87
N GLN B 802 14.31 -20.04 26.94
CA GLN B 802 12.91 -19.61 26.67
C GLN B 802 12.25 -20.64 25.77
N HIS B 803 10.94 -20.77 25.89
CA HIS B 803 10.18 -21.48 24.90
C HIS B 803 8.82 -20.84 24.66
N ASN B 804 8.44 -20.80 23.37
CA ASN B 804 7.19 -20.26 22.91
C ASN B 804 7.12 -20.89 21.54
N ASN B 805 5.99 -21.54 21.19
CA ASN B 805 5.90 -22.38 20.00
C ASN B 805 6.83 -23.59 20.04
N SER B 806 7.21 -24.05 21.25
CA SER B 806 7.82 -25.40 21.36
C SER B 806 6.99 -26.41 20.58
N GLY B 807 7.66 -27.25 19.78
CA GLY B 807 6.98 -28.22 18.91
C GLY B 807 6.80 -27.75 17.48
N PHE B 808 6.75 -26.42 17.27
CA PHE B 808 6.33 -25.84 15.99
C PHE B 808 7.42 -25.04 15.31
N VAL B 809 8.56 -24.80 16.02
CA VAL B 809 9.66 -24.01 15.42
C VAL B 809 10.98 -24.69 15.75
N GLY B 810 12.03 -24.28 15.03
CA GLY B 810 13.35 -24.80 15.29
C GLY B 810 14.00 -24.19 16.50
N TYR B 811 14.87 -24.95 17.12
CA TYR B 811 15.43 -24.48 18.38
C TYR B 811 16.65 -23.61 18.07
N LEU B 812 16.56 -22.31 18.33
CA LEU B 812 17.70 -21.34 18.16
C LEU B 812 18.23 -21.26 16.72
N ALA B 813 17.37 -21.59 15.76
CA ALA B 813 17.80 -21.63 14.36
C ALA B 813 16.58 -21.63 13.46
N PRO B 814 16.77 -21.19 12.20
CA PRO B 814 15.64 -21.13 11.27
C PRO B 814 15.47 -22.54 10.62
N THR B 815 15.54 -23.59 11.43
CA THR B 815 15.59 -24.93 10.93
C THR B 815 14.31 -25.69 11.30
N MET B 816 14.29 -27.01 11.06
CA MET B 816 13.07 -27.80 11.22
C MET B 816 12.44 -27.72 12.60
N ARG B 817 11.11 -27.69 12.66
CA ARG B 817 10.44 -27.60 13.96
C ARG B 817 10.93 -28.72 14.88
N GLN B 818 10.97 -28.44 16.18
CA GLN B 818 11.36 -29.41 17.18
C GLN B 818 10.50 -29.21 18.40
N GLY B 819 10.27 -30.31 19.14
CA GLY B 819 9.78 -30.20 20.49
C GLY B 819 8.39 -30.74 20.72
N GLN B 820 7.77 -30.24 21.79
CA GLN B 820 6.39 -30.59 22.14
C GLN B 820 5.60 -29.34 22.49
N PRO B 821 4.30 -29.37 22.18
CA PRO B 821 3.35 -28.36 22.65
C PRO B 821 3.40 -28.21 24.15
N TYR B 822 3.56 -26.98 24.59
CA TYR B 822 3.76 -26.74 26.02
C TYR B 822 3.53 -25.23 26.27
N PRO B 823 3.08 -24.87 27.49
CA PRO B 823 2.90 -23.46 27.74
C PRO B 823 4.20 -22.67 27.56
N ALA B 824 4.07 -21.52 26.92
CA ALA B 824 5.21 -20.64 26.73
C ALA B 824 5.68 -20.09 28.08
N ASN B 825 6.99 -19.80 28.20
CA ASN B 825 7.53 -19.31 29.49
C ASN B 825 7.89 -17.83 29.26
N TYR B 826 7.60 -17.30 28.06
CA TYR B 826 8.10 -16.01 27.67
C TYR B 826 7.32 -15.55 26.42
N PRO B 827 7.06 -14.21 26.23
CA PRO B 827 7.37 -13.06 27.08
C PRO B 827 6.35 -12.91 28.19
N TYR B 828 6.73 -12.26 29.27
CA TYR B 828 5.75 -11.84 30.29
C TYR B 828 4.63 -10.97 29.71
N PRO B 829 3.39 -11.23 30.16
CA PRO B 829 2.29 -10.38 29.68
C PRO B 829 2.33 -9.00 30.37
N LEU B 830 2.12 -7.95 29.59
CA LEU B 830 2.10 -6.57 30.05
C LEU B 830 0.66 -6.12 30.12
N ILE B 831 -0.25 -7.05 29.79
CA ILE B 831 -1.66 -6.78 29.67
C ILE B 831 -2.50 -7.84 30.39
N GLY B 832 -3.79 -7.56 30.55
CA GLY B 832 -4.70 -8.49 31.19
C GLY B 832 -4.78 -8.33 32.69
N LYS B 833 -5.60 -9.20 33.31
CA LYS B 833 -5.72 -9.23 34.77
C LYS B 833 -4.45 -9.63 35.50
N SER B 834 -3.51 -10.25 34.83
CA SER B 834 -2.25 -10.65 35.51
C SER B 834 -1.04 -9.98 34.86
N ALA B 835 -1.23 -8.80 34.25
CA ALA B 835 -0.13 -7.99 33.75
C ALA B 835 1.05 -7.87 34.75
N VAL B 836 2.30 -8.07 34.32
CA VAL B 836 3.38 -8.02 35.37
C VAL B 836 3.69 -6.57 35.76
N THR B 837 4.31 -6.35 36.91
CA THR B 837 4.85 -5.03 37.27
C THR B 837 5.80 -4.57 36.16
N SER B 838 5.60 -3.36 35.67
CA SER B 838 6.45 -2.90 34.58
C SER B 838 7.08 -1.51 34.72
N VAL B 839 7.99 -1.22 33.78
CA VAL B 839 8.58 0.10 33.66
C VAL B 839 8.45 0.57 32.22
N THR B 840 8.60 1.87 32.02
CA THR B 840 8.43 2.49 30.72
C THR B 840 9.74 2.99 30.17
N GLN B 841 9.92 2.82 28.87
CA GLN B 841 11.11 3.29 28.18
C GLN B 841 10.63 4.21 27.05
N LYS B 842 11.30 5.33 26.82
CA LYS B 842 10.96 6.17 25.70
C LYS B 842 12.21 6.72 25.04
N LYS B 843 12.12 6.99 23.76
CA LYS B 843 13.27 7.44 23.02
C LYS B 843 12.73 7.97 21.69
N PHE B 844 13.62 8.28 20.75
CA PHE B 844 13.20 8.76 19.44
C PHE B 844 14.27 8.32 18.42
N LEU B 845 13.87 8.28 17.15
CA LEU B 845 14.86 8.29 16.06
C LEU B 845 14.70 9.61 15.30
N CYS B 846 15.76 10.05 14.63
CA CYS B 846 15.62 11.19 13.74
C CYS B 846 16.65 11.04 12.64
N ASP B 847 16.41 10.09 11.72
CA ASP B 847 17.40 9.75 10.71
C ASP B 847 17.37 10.88 9.66
N ARG B 848 18.34 10.85 8.77
CA ARG B 848 18.43 11.75 7.61
C ARG B 848 18.84 13.20 7.97
N VAL B 849 18.60 13.69 9.16
CA VAL B 849 18.92 15.10 9.39
C VAL B 849 20.36 15.23 9.84
N MET B 850 20.81 16.49 9.93
CA MET B 850 21.90 16.86 10.80
C MET B 850 21.27 17.75 11.83
N TRP B 851 21.73 17.66 13.06
CA TRP B 851 21.23 18.54 14.08
C TRP B 851 21.69 19.97 13.74
N ARG B 852 20.91 21.01 14.00
CA ARG B 852 21.28 22.38 13.56
C ARG B 852 21.24 23.34 14.73
N ILE B 853 22.29 24.12 14.87
CA ILE B 853 22.27 25.25 15.83
C ILE B 853 22.68 26.53 15.02
N PRO B 854 21.69 27.37 14.64
CA PRO B 854 21.93 28.57 13.87
C PRO B 854 22.60 29.61 14.77
N PHE B 855 23.60 30.31 14.25
CA PHE B 855 24.21 31.45 14.99
C PHE B 855 23.37 32.73 14.70
N SER B 856 22.17 32.72 15.27
CA SER B 856 21.15 33.74 15.10
C SER B 856 20.60 34.04 16.52
N SER B 857 20.45 35.31 16.88
CA SER B 857 20.07 35.69 18.23
C SER B 857 18.81 35.04 18.77
N ASN B 858 17.85 34.71 17.87
CA ASN B 858 16.62 34.13 18.34
C ASN B 858 16.45 32.74 17.69
N PHE B 859 17.56 32.21 17.11
CA PHE B 859 17.54 30.92 16.37
C PHE B 859 16.80 30.94 15.03
N MET B 860 16.13 32.04 14.72
CA MET B 860 15.28 32.09 13.48
C MET B 860 16.08 32.41 12.21
N SER B 861 15.55 31.99 11.05
CA SER B 861 16.14 32.33 9.78
C SER B 861 15.57 33.67 9.40
N MET B 862 16.42 34.70 9.49
CA MET B 862 16.02 36.08 9.15
C MET B 862 16.92 36.64 8.04
N GLY B 863 17.71 35.78 7.41
CA GLY B 863 18.73 36.25 6.53
C GLY B 863 19.88 35.26 6.59
N ALA B 864 20.41 34.88 5.43
CA ALA B 864 21.54 33.99 5.41
C ALA B 864 22.75 34.53 6.19
N LEU B 865 23.01 35.82 6.05
CA LEU B 865 24.02 36.50 6.82
C LEU B 865 23.32 36.92 8.15
N THR B 866 23.59 36.15 9.21
CA THR B 866 22.78 36.22 10.43
C THR B 866 23.08 37.49 11.16
N ASP B 867 22.20 37.84 12.13
CA ASP B 867 22.44 39.03 12.92
C ASP B 867 23.74 38.95 13.72
N LEU B 868 24.01 37.77 14.30
CA LEU B 868 25.21 37.60 15.13
C LEU B 868 26.46 37.53 14.25
N GLY B 869 26.35 36.94 13.05
CA GLY B 869 27.42 36.99 12.01
C GLY B 869 27.88 38.41 11.69
N GLN B 870 26.91 39.32 11.62
CA GLN B 870 27.19 40.71 11.36
C GLN B 870 27.84 41.37 12.56
N ASN B 871 27.33 41.12 13.76
CA ASN B 871 27.94 41.69 14.95
C ASN B 871 29.40 41.31 15.10
N MET B 872 29.78 40.11 14.68
CA MET B 872 31.13 39.59 14.92
C MET B 872 32.15 40.40 14.11
N LEU B 873 31.64 41.18 13.16
CA LEU B 873 32.47 42.09 12.38
C LEU B 873 33.08 43.17 13.28
N TYR B 874 32.37 43.56 14.34
CA TYR B 874 32.81 44.61 15.27
C TYR B 874 33.56 44.04 16.45
N ALA B 875 34.04 42.81 16.28
CA ALA B 875 34.86 42.18 17.30
C ALA B 875 36.24 42.80 17.22
N ASN B 876 36.58 43.62 18.21
CA ASN B 876 37.90 44.24 18.27
C ASN B 876 39.03 43.19 18.33
N SER B 877 38.68 41.92 18.60
CA SER B 877 39.66 40.82 18.55
C SER B 877 39.18 39.45 17.95
N ALA B 878 40.15 38.54 17.73
CA ALA B 878 39.90 37.17 17.27
C ALA B 878 39.39 36.35 18.45
N HIS B 879 38.50 35.39 18.21
CA HIS B 879 38.05 34.53 19.33
C HIS B 879 38.29 33.05 19.09
N ALA B 880 38.50 32.31 20.17
CA ALA B 880 38.55 30.87 20.04
C ALA B 880 37.21 30.28 20.46
N LEU B 881 36.99 29.01 20.15
CA LEU B 881 35.74 28.38 20.48
C LEU B 881 36.06 27.02 21.03
N ASP B 882 35.44 26.69 22.16
CA ASP B 882 35.38 25.29 22.59
C ASP B 882 33.98 24.76 22.42
N MET B 883 33.87 23.50 22.00
CA MET B 883 32.58 22.81 22.04
C MET B 883 32.80 21.48 22.78
N ASN B 884 31.78 20.99 23.47
CA ASN B 884 31.86 19.65 24.05
C ASN B 884 30.57 18.90 23.76
N PHE B 885 30.71 17.77 23.06
CA PHE B 885 29.59 16.92 22.78
C PHE B 885 29.56 15.70 23.72
N GLU B 886 28.40 15.43 24.29
CA GLU B 886 28.21 14.24 25.07
C GLU B 886 27.33 13.27 24.29
N VAL B 887 27.84 12.05 24.10
CA VAL B 887 27.11 11.08 23.30
C VAL B 887 26.95 9.75 24.03
N ASP B 888 25.99 8.95 23.58
CA ASP B 888 25.86 7.57 24.06
C ASP B 888 27.05 6.75 23.58
N PRO B 889 27.54 5.83 24.43
CA PRO B 889 28.73 5.07 24.06
C PRO B 889 28.37 4.05 22.97
N MET B 890 29.29 3.83 22.05
CA MET B 890 29.09 2.82 20.99
C MET B 890 30.36 1.97 20.97
N ASP B 891 30.19 0.65 20.84
CA ASP B 891 31.34 -0.25 20.98
C ASP B 891 32.13 -0.39 19.69
N GLU B 892 32.20 0.67 18.90
CA GLU B 892 33.14 0.73 17.83
C GLU B 892 33.51 2.16 17.67
N SER B 893 34.54 2.35 16.85
CA SER B 893 35.05 3.65 16.48
C SER B 893 33.99 4.44 15.70
N THR B 894 33.69 5.66 16.17
CA THR B 894 32.77 6.52 15.41
C THR B 894 33.45 7.86 15.19
N LEU B 895 32.77 8.74 14.48
CA LEU B 895 33.29 10.07 14.20
C LEU B 895 32.22 11.10 14.48
N LEU B 896 32.60 12.18 15.13
CA LEU B 896 31.78 13.37 15.21
C LEU B 896 31.95 14.19 13.91
N TYR B 897 30.85 14.47 13.21
CA TYR B 897 30.95 15.25 11.97
C TYR B 897 30.33 16.62 12.24
N VAL B 898 31.17 17.66 12.27
CA VAL B 898 30.67 19.03 12.42
C VAL B 898 30.80 19.78 11.09
N VAL B 899 29.69 20.40 10.73
CA VAL B 899 29.57 21.36 9.61
C VAL B 899 29.57 22.80 10.19
N PHE B 900 30.71 23.51 10.02
CA PHE B 900 30.78 24.91 10.42
C PHE B 900 30.21 25.75 9.29
N GLU B 901 29.04 26.33 9.52
CA GLU B 901 28.25 26.98 8.42
C GLU B 901 28.77 28.37 8.17
N VAL B 902 29.22 28.61 6.94
CA VAL B 902 29.96 29.81 6.57
C VAL B 902 29.49 30.24 5.15
N PHE B 903 30.22 31.12 4.46
CA PHE B 903 29.91 31.42 3.09
C PHE B 903 31.04 30.87 2.24
N ASP B 904 30.74 29.97 1.32
CA ASP B 904 31.77 29.28 0.56
C ASP B 904 31.50 29.68 -0.88
N VAL B 905 32.15 30.75 -1.31
CA VAL B 905 31.76 31.49 -2.52
C VAL B 905 32.83 31.47 -3.62
N VAL B 906 32.39 31.48 -4.87
CA VAL B 906 33.29 31.78 -5.99
C VAL B 906 32.62 32.89 -6.83
N ARG B 907 33.44 33.76 -7.42
CA ARG B 907 33.00 34.73 -8.41
C ARG B 907 33.82 34.46 -9.66
N VAL B 908 33.16 34.39 -10.81
CA VAL B 908 33.82 33.97 -12.05
C VAL B 908 33.78 35.13 -13.05
N HIS B 909 34.97 35.48 -13.55
CA HIS B 909 35.14 36.54 -14.52
C HIS B 909 35.66 35.95 -15.87
N GLN B 910 34.94 36.21 -16.98
CA GLN B 910 35.40 35.82 -18.33
C GLN B 910 35.55 37.01 -19.22
N PRO B 911 36.69 37.72 -19.15
CA PRO B 911 36.86 39.01 -19.86
C PRO B 911 37.01 38.95 -21.40
N HIS B 912 37.51 37.84 -21.94
CA HIS B 912 37.81 37.72 -23.40
C HIS B 912 37.67 36.28 -23.78
N ARG B 913 37.57 36.03 -25.09
CA ARG B 913 37.26 34.67 -25.55
C ARG B 913 38.33 33.75 -25.00
N GLY B 914 37.90 32.61 -24.45
CA GLY B 914 38.85 31.61 -23.97
C GLY B 914 39.60 31.97 -22.69
N VAL B 915 39.10 32.95 -21.95
CA VAL B 915 39.73 33.38 -20.71
C VAL B 915 38.68 33.24 -19.63
N ILE B 916 39.04 32.53 -18.57
CA ILE B 916 38.19 32.40 -17.41
C ILE B 916 39.07 32.54 -16.16
N GLU B 917 38.63 33.43 -15.25
CA GLU B 917 39.35 33.76 -14.05
C GLU B 917 38.35 33.55 -12.89
N ALA B 918 38.80 33.09 -11.74
CA ALA B 918 37.90 32.76 -10.61
C ALA B 918 38.52 33.28 -9.34
N VAL B 919 37.70 33.88 -8.48
CA VAL B 919 38.11 34.31 -7.16
C VAL B 919 37.27 33.50 -6.18
N TYR B 920 37.92 32.76 -5.28
CA TYR B 920 37.21 32.01 -4.21
C TYR B 920 37.38 32.70 -2.87
N LEU B 921 36.29 32.81 -2.12
CA LEU B 921 36.36 33.22 -0.73
C LEU B 921 35.44 32.33 0.12
N ARG B 922 36.04 31.64 1.08
CA ARG B 922 35.24 31.01 2.11
C ARG B 922 35.51 31.84 3.35
N THR B 923 34.45 32.25 4.02
CA THR B 923 34.55 33.16 5.14
C THR B 923 33.31 32.97 6.07
N PRO B 924 33.53 32.80 7.40
CA PRO B 924 34.84 32.65 8.07
C PRO B 924 35.42 31.27 7.76
N PHE B 925 36.43 30.83 8.51
CA PHE B 925 37.09 29.56 8.24
C PHE B 925 37.67 29.58 6.81
N SER B 926 38.44 30.60 6.49
CA SER B 926 39.01 30.75 5.17
C SER B 926 39.99 29.60 4.87
N ALA B 927 40.08 29.26 3.59
CA ALA B 927 40.62 27.98 3.14
C ALA B 927 42.13 27.78 3.36
N GLY B 928 42.57 26.55 3.13
CA GLY B 928 44.01 26.23 3.04
C GLY B 928 44.53 25.33 1.88
N ASN B 929 43.71 25.01 0.88
CA ASN B 929 44.18 24.06 -0.19
C ASN B 929 44.16 24.58 -1.65
N MET C 5 -28.26 47.31 15.79
CA MET C 5 -27.27 46.16 15.72
C MET C 5 -26.04 46.56 14.92
N LEU C 6 -26.20 47.53 14.03
CA LEU C 6 -25.15 47.86 13.08
C LEU C 6 -23.90 48.49 13.73
N PRO C 7 -24.08 49.33 14.78
CA PRO C 7 -22.88 49.78 15.51
C PRO C 7 -22.18 48.63 16.28
N GLN C 8 -22.95 47.65 16.79
CA GLN C 8 -22.34 46.45 17.43
C GLN C 8 -21.59 45.58 16.42
N TRP C 9 -22.08 45.54 15.20
CA TRP C 9 -21.46 44.73 14.18
C TRP C 9 -20.10 45.33 13.80
N ALA C 10 -20.03 46.66 13.75
CA ALA C 10 -18.80 47.33 13.36
C ALA C 10 -17.76 47.16 14.47
N TYR C 11 -18.24 47.31 15.71
CA TYR C 11 -17.45 47.22 16.93
C TYR C 11 -16.87 45.81 17.15
N MET C 12 -17.62 44.79 16.75
CA MET C 12 -17.17 43.40 16.91
C MET C 12 -16.62 42.89 15.62
N HIS C 13 -16.47 43.79 14.66
CA HIS C 13 -15.85 43.43 13.37
C HIS C 13 -16.60 42.33 12.63
N ILE C 14 -17.91 42.30 12.82
CA ILE C 14 -18.79 41.43 12.01
C ILE C 14 -18.95 42.09 10.65
N ALA C 15 -19.04 43.42 10.65
CA ALA C 15 -19.05 44.21 9.42
C ALA C 15 -18.08 45.37 9.53
N GLY C 16 -17.99 46.19 8.48
CA GLY C 16 -17.25 47.47 8.51
C GLY C 16 -15.82 47.30 8.03
N GLN C 17 -14.91 48.03 8.65
CA GLN C 17 -13.50 48.07 8.23
C GLN C 17 -12.73 46.80 8.56
N ASP C 18 -11.77 46.46 7.69
CA ASP C 18 -10.75 45.47 8.00
C ASP C 18 -9.71 46.04 8.98
N ALA C 19 -8.87 45.17 9.52
CA ALA C 19 -7.90 45.58 10.54
C ALA C 19 -6.93 46.67 10.04
N SER C 20 -6.50 46.57 8.77
CA SER C 20 -5.55 47.56 8.24
C SER C 20 -6.16 48.99 8.23
N GLU C 21 -7.49 49.09 8.27
CA GLU C 21 -8.17 50.36 8.35
C GLU C 21 -8.59 50.75 9.81
N TYR C 22 -9.02 49.82 10.67
CA TYR C 22 -9.51 50.27 12.01
C TYR C 22 -8.37 50.30 13.07
N LEU C 23 -7.29 49.55 12.87
CA LEU C 23 -6.14 49.62 13.82
C LEU C 23 -5.45 50.98 13.63
N SER C 24 -4.66 51.44 14.63
CA SER C 24 -3.95 52.71 14.50
C SER C 24 -2.91 52.50 13.41
N PRO C 25 -2.58 53.55 12.63
CA PRO C 25 -1.56 53.37 11.58
C PRO C 25 -0.19 52.95 12.15
N GLY C 26 0.13 53.38 13.37
CA GLY C 26 1.42 52.95 14.00
C GLY C 26 1.45 51.43 14.17
N LEU C 27 0.33 50.83 14.57
CA LEU C 27 0.28 49.38 14.72
C LEU C 27 0.37 48.67 13.35
N VAL C 28 -0.32 49.19 12.34
CA VAL C 28 -0.30 48.57 11.00
C VAL C 28 1.14 48.59 10.52
N GLN C 29 1.81 49.71 10.69
CA GLN C 29 3.20 49.79 10.26
C GLN C 29 4.10 48.78 11.02
N PHE C 30 3.96 48.75 12.36
CA PHE C 30 4.69 47.79 13.18
C PHE C 30 4.47 46.34 12.66
N ALA C 31 3.20 45.98 12.50
CA ALA C 31 2.82 44.67 12.15
C ALA C 31 3.44 44.29 10.79
N ARG C 32 3.40 45.20 9.82
CA ARG C 32 3.99 44.89 8.49
C ARG C 32 5.49 44.75 8.58
N ALA C 33 6.15 45.51 9.45
CA ALA C 33 7.61 45.43 9.49
C ALA C 33 8.10 44.11 10.12
N THR C 34 7.29 43.55 11.01
CA THR C 34 7.76 42.46 11.84
C THR C 34 7.07 41.14 11.52
N ASP C 35 6.18 41.15 10.53
CA ASP C 35 5.38 39.99 10.24
C ASP C 35 6.20 38.71 9.96
N THR C 36 7.44 38.84 9.48
CA THR C 36 8.16 37.57 9.19
C THR C 36 8.83 37.02 10.46
N TYR C 37 8.86 37.80 11.55
CA TYR C 37 9.51 37.32 12.80
C TYR C 37 8.47 36.89 13.81
N PHE C 38 7.39 37.67 13.88
CA PHE C 38 6.40 37.54 14.94
C PHE C 38 5.10 38.05 14.35
N SER C 39 4.17 37.17 14.08
CA SER C 39 3.00 37.52 13.28
C SER C 39 1.81 37.92 14.13
N LEU C 40 1.20 39.07 13.85
CA LEU C 40 0.07 39.57 14.60
C LEU C 40 -1.28 39.50 13.84
N GLY C 41 -1.25 39.10 12.59
CA GLY C 41 -2.47 39.05 11.78
C GLY C 41 -3.64 38.35 12.42
N ASN C 42 -3.41 37.15 12.99
CA ASN C 42 -4.53 36.36 13.53
C ASN C 42 -5.18 36.93 14.81
N LYS C 43 -4.66 38.05 15.34
CA LYS C 43 -5.23 38.62 16.56
C LYS C 43 -6.30 39.67 16.31
N PHE C 44 -6.55 39.98 15.04
CA PHE C 44 -7.53 41.07 14.71
C PHE C 44 -8.47 40.61 13.59
N ARG C 45 -9.77 40.66 13.84
CA ARG C 45 -10.82 40.20 12.90
C ARG C 45 -10.91 41.07 11.65
N ASN C 46 -11.03 40.42 10.48
CA ASN C 46 -11.28 41.13 9.21
C ASN C 46 -12.63 40.62 8.68
N PRO C 47 -13.66 41.46 8.68
CA PRO C 47 -15.01 41.01 8.22
C PRO C 47 -15.04 40.75 6.71
N THR C 48 -15.83 39.76 6.27
CA THR C 48 -16.16 39.59 4.85
C THR C 48 -17.67 39.63 4.75
N VAL C 49 -18.16 40.40 3.78
CA VAL C 49 -19.55 40.82 3.76
C VAL C 49 -20.01 40.59 2.32
N ALA C 50 -21.06 39.80 2.16
CA ALA C 50 -21.59 39.48 0.84
C ALA C 50 -22.28 40.74 0.25
N PRO C 51 -22.20 40.88 -1.08
CA PRO C 51 -23.00 41.92 -1.76
C PRO C 51 -24.48 41.63 -1.53
N THR C 52 -25.31 42.68 -1.50
CA THR C 52 -26.72 42.45 -1.20
C THR C 52 -27.66 42.91 -2.33
N HIS C 53 -27.09 43.31 -3.47
CA HIS C 53 -27.85 43.93 -4.55
C HIS C 53 -27.24 43.42 -5.83
N ASP C 54 -28.10 43.19 -6.81
CA ASP C 54 -27.69 43.06 -8.20
C ASP C 54 -26.89 41.82 -8.51
N VAL C 55 -26.85 40.88 -7.57
CA VAL C 55 -26.26 39.60 -7.85
C VAL C 55 -27.39 38.58 -8.11
N THR C 56 -28.39 38.50 -7.21
CA THR C 56 -29.35 37.39 -7.18
C THR C 56 -30.79 37.89 -7.37
N THR C 57 -31.63 37.16 -8.12
CA THR C 57 -32.97 37.69 -8.32
C THR C 57 -33.77 37.52 -7.07
N ASP C 58 -34.73 38.40 -6.90
CA ASP C 58 -35.74 38.34 -5.88
C ASP C 58 -37.05 37.62 -6.36
N ARG C 59 -37.12 37.32 -7.66
CA ARG C 59 -38.34 36.77 -8.28
C ARG C 59 -38.43 35.23 -8.12
N SER C 60 -39.64 34.70 -8.16
CA SER C 60 -39.78 33.26 -8.16
C SER C 60 -39.17 32.84 -9.52
N GLN C 61 -38.30 31.84 -9.48
CA GLN C 61 -37.58 31.38 -10.66
C GLN C 61 -36.84 30.06 -10.28
N ARG C 62 -36.82 28.99 -11.14
CA ARG C 62 -36.27 27.65 -10.80
C ARG C 62 -34.75 27.55 -11.08
N LEU C 63 -34.02 26.84 -10.24
CA LEU C 63 -32.59 26.72 -10.47
C LEU C 63 -32.30 25.70 -11.56
N THR C 64 -33.02 24.57 -11.53
CA THR C 64 -32.69 23.45 -12.39
C THR C 64 -33.95 23.06 -13.13
N LEU C 65 -33.87 22.94 -14.45
CA LEU C 65 -35.07 22.65 -15.26
C LEU C 65 -34.84 21.28 -15.87
N ARG C 66 -35.90 20.45 -15.95
CA ARG C 66 -35.82 19.16 -16.67
C ARG C 66 -36.53 19.26 -18.02
N PHE C 67 -35.80 19.09 -19.11
CA PHE C 67 -36.42 19.08 -20.44
C PHE C 67 -36.53 17.60 -20.89
N VAL C 68 -37.78 17.18 -21.11
CA VAL C 68 -38.07 15.84 -21.60
C VAL C 68 -38.22 15.90 -23.12
N PRO C 69 -37.72 14.87 -23.82
CA PRO C 69 -37.67 14.97 -25.34
C PRO C 69 -39.02 15.41 -25.97
N VAL C 70 -38.92 16.40 -26.84
CA VAL C 70 -40.01 16.78 -27.67
C VAL C 70 -40.32 15.68 -28.72
N ASP C 71 -39.22 15.00 -29.19
CA ASP C 71 -39.30 13.82 -30.10
C ASP C 71 -38.24 12.77 -29.73
N ARG C 72 -38.51 11.50 -30.04
CA ARG C 72 -37.51 10.41 -29.87
C ARG C 72 -37.48 9.54 -31.12
N GLU C 73 -36.36 8.88 -31.40
CA GLU C 73 -36.40 7.77 -32.40
C GLU C 73 -35.51 6.64 -31.90
N ASP C 74 -35.95 5.41 -32.06
CA ASP C 74 -35.27 4.26 -31.42
C ASP C 74 -34.87 3.26 -32.49
N ASN C 75 -33.79 3.55 -33.20
CA ASN C 75 -33.42 2.75 -34.35
C ASN C 75 -32.69 1.47 -33.89
N THR C 76 -32.30 0.62 -34.83
CA THR C 76 -31.57 -0.59 -34.46
C THR C 76 -30.19 -0.30 -33.82
N TYR C 77 -29.48 0.71 -34.34
CA TYR C 77 -28.12 1.02 -33.84
C TYR C 77 -28.06 2.37 -33.10
N SER C 78 -29.08 3.21 -33.22
CA SER C 78 -29.05 4.50 -32.51
C SER C 78 -30.35 4.79 -31.78
N TYR C 79 -30.30 5.88 -30.98
CA TYR C 79 -31.48 6.32 -30.28
C TYR C 79 -31.37 7.83 -30.37
N LYS C 80 -32.23 8.47 -31.19
CA LYS C 80 -32.13 9.93 -31.44
C LYS C 80 -33.05 10.68 -30.48
N VAL C 81 -32.58 11.76 -29.83
CA VAL C 81 -33.47 12.47 -28.91
C VAL C 81 -33.46 14.03 -29.09
N ARG C 82 -34.69 14.66 -28.90
CA ARG C 82 -34.79 16.10 -29.34
C ARG C 82 -35.64 17.02 -28.41
N TYR C 83 -35.11 18.28 -28.15
CA TYR C 83 -35.61 19.19 -27.08
C TYR C 83 -35.83 20.55 -27.64
N THR C 84 -36.64 21.29 -26.96
CA THR C 84 -36.76 22.76 -27.07
C THR C 84 -36.07 23.23 -25.85
N LEU C 85 -34.82 23.35 -26.06
CA LEU C 85 -33.95 23.79 -24.89
C LEU C 85 -34.21 25.37 -24.62
N ALA C 86 -34.94 25.74 -23.56
CA ALA C 86 -35.53 27.13 -23.44
C ALA C 86 -34.84 28.00 -22.37
N VAL C 87 -34.32 29.15 -22.80
CA VAL C 87 -33.70 30.11 -21.90
C VAL C 87 -34.60 31.34 -21.80
N GLY C 88 -35.19 31.53 -20.63
CA GLY C 88 -36.16 32.60 -20.39
C GLY C 88 -35.62 34.02 -20.42
N ASP C 89 -36.51 35.04 -20.54
CA ASP C 89 -36.01 36.44 -20.54
C ASP C 89 -35.20 36.67 -19.28
N ASN C 90 -34.27 37.71 -19.27
CA ASN C 90 -33.57 38.09 -18.08
C ASN C 90 -32.89 36.94 -17.45
N ARG C 91 -32.32 36.05 -18.26
CA ARG C 91 -31.54 34.83 -17.78
C ARG C 91 -30.43 34.46 -18.76
N VAL C 92 -29.41 33.77 -18.26
CA VAL C 92 -28.40 33.11 -19.12
C VAL C 92 -28.15 31.66 -18.69
N LEU C 93 -27.54 30.88 -19.59
CA LEU C 93 -27.31 29.44 -19.34
C LEU C 93 -25.89 29.01 -19.69
N ASP C 94 -25.12 28.51 -18.72
CA ASP C 94 -23.82 27.97 -19.09
C ASP C 94 -24.05 26.56 -19.56
N MET C 95 -23.72 26.26 -20.83
CA MET C 95 -23.93 24.89 -21.34
C MET C 95 -23.15 23.82 -20.59
N ALA C 96 -22.14 24.22 -19.81
CA ALA C 96 -21.44 23.26 -18.99
C ALA C 96 -22.31 22.73 -17.87
N SER C 97 -23.36 23.43 -17.52
CA SER C 97 -24.27 22.90 -16.51
C SER C 97 -25.25 21.88 -17.11
N THR C 98 -25.15 21.61 -18.42
CA THR C 98 -26.15 20.70 -19.03
C THR C 98 -25.66 19.25 -19.20
N TYR C 99 -26.62 18.33 -19.25
CA TYR C 99 -26.31 16.95 -19.48
C TYR C 99 -27.58 16.14 -19.78
N PHE C 100 -27.32 14.91 -20.25
CA PHE C 100 -28.38 14.02 -20.65
C PHE C 100 -28.48 12.97 -19.56
N ASP C 101 -29.62 12.97 -18.88
CA ASP C 101 -29.89 12.05 -17.80
C ASP C 101 -30.52 10.81 -18.45
N ILE C 102 -29.80 9.68 -18.42
CA ILE C 102 -30.26 8.44 -19.11
C ILE C 102 -30.65 7.32 -18.12
N ARG C 103 -31.84 6.76 -18.28
CA ARG C 103 -32.35 5.62 -17.56
C ARG C 103 -32.66 4.55 -18.59
N GLY C 104 -32.36 3.29 -18.29
CA GLY C 104 -32.60 2.25 -19.27
C GLY C 104 -32.34 0.95 -18.58
N VAL C 105 -32.26 -0.12 -19.37
CA VAL C 105 -32.04 -1.43 -18.83
C VAL C 105 -30.79 -2.01 -19.50
N LEU C 106 -29.81 -2.41 -18.70
CA LEU C 106 -28.61 -2.98 -19.25
C LEU C 106 -28.53 -4.47 -18.83
N ASP C 107 -28.09 -5.34 -19.75
CA ASP C 107 -27.78 -6.73 -19.49
C ASP C 107 -26.34 -6.88 -19.92
N ARG C 108 -25.43 -7.07 -18.97
CA ARG C 108 -24.00 -7.24 -19.27
C ARG C 108 -23.64 -8.63 -19.90
N GLY C 109 -24.59 -9.57 -19.85
CA GLY C 109 -24.46 -10.84 -20.59
C GLY C 109 -23.79 -11.94 -19.79
N PRO C 110 -23.82 -13.18 -20.29
CA PRO C 110 -23.22 -14.31 -19.51
C PRO C 110 -21.70 -14.24 -19.36
N SER C 111 -21.04 -13.29 -20.03
CA SER C 111 -19.57 -13.24 -19.91
C SER C 111 -19.07 -12.30 -18.80
N PHE C 112 -20.00 -11.59 -18.16
CA PHE C 112 -19.70 -10.74 -17.01
C PHE C 112 -19.38 -11.62 -15.80
N LYS C 113 -18.20 -11.39 -15.19
CA LYS C 113 -17.79 -12.06 -13.94
C LYS C 113 -16.90 -11.07 -13.16
N PRO C 114 -17.50 -10.30 -12.24
CA PRO C 114 -16.77 -9.22 -11.57
C PRO C 114 -15.90 -9.67 -10.37
N TYR C 115 -15.20 -10.80 -10.51
CA TYR C 115 -14.33 -11.28 -9.40
C TYR C 115 -13.50 -12.45 -9.87
N SER C 116 -12.41 -12.71 -9.17
CA SER C 116 -11.54 -13.82 -9.49
C SER C 116 -11.95 -14.93 -8.51
N GLY C 117 -11.67 -16.19 -8.82
CA GLY C 117 -12.10 -17.25 -7.92
C GLY C 117 -13.56 -17.65 -8.10
N THR C 118 -14.09 -18.37 -7.11
CA THR C 118 -15.44 -18.89 -7.15
C THR C 118 -16.20 -18.34 -5.92
N ALA C 119 -17.55 -18.32 -6.00
CA ALA C 119 -18.36 -18.01 -4.83
C ALA C 119 -18.70 -19.30 -4.06
N TYR C 120 -18.35 -20.46 -4.66
CA TYR C 120 -18.88 -21.80 -4.24
C TYR C 120 -17.80 -22.80 -3.73
N ASN C 121 -17.84 -23.11 -2.44
CA ASN C 121 -16.90 -24.09 -1.88
C ASN C 121 -15.43 -23.75 -2.22
N SER C 122 -15.06 -22.47 -2.12
CA SER C 122 -13.70 -22.03 -2.48
C SER C 122 -12.60 -22.71 -1.71
N LEU C 123 -12.92 -23.23 -0.53
CA LEU C 123 -11.83 -23.83 0.26
C LEU C 123 -11.57 -25.29 -0.12
N ALA C 124 -12.44 -25.87 -0.98
CA ALA C 124 -12.32 -27.26 -1.40
C ALA C 124 -11.10 -27.49 -2.27
N PRO C 125 -10.30 -28.52 -1.95
CA PRO C 125 -9.19 -28.88 -2.83
C PRO C 125 -9.79 -29.04 -4.24
N LYS C 126 -9.10 -28.60 -5.27
CA LYS C 126 -9.74 -28.34 -6.55
C LYS C 126 -10.01 -29.57 -7.42
N GLY C 127 -9.49 -30.73 -6.99
CA GLY C 127 -9.86 -32.00 -7.60
C GLY C 127 -10.67 -32.92 -6.66
N ALA C 128 -11.09 -32.39 -5.51
CA ALA C 128 -11.93 -33.17 -4.60
C ALA C 128 -13.34 -33.23 -5.14
N PRO C 129 -13.95 -34.41 -5.06
CA PRO C 129 -15.34 -34.59 -5.42
C PRO C 129 -16.27 -34.20 -4.27
N ASN C 130 -17.55 -34.02 -4.57
CA ASN C 130 -18.61 -33.95 -3.54
C ASN C 130 -18.83 -35.39 -3.09
N THR C 131 -19.44 -35.61 -1.93
CA THR C 131 -19.85 -36.97 -1.59
C THR C 131 -20.89 -37.39 -2.64
N CYS C 132 -20.64 -38.50 -3.33
CA CYS C 132 -21.42 -38.83 -4.53
C CYS C 132 -21.36 -40.29 -4.96
N GLN C 133 -22.14 -40.66 -5.97
CA GLN C 133 -22.28 -42.04 -6.38
C GLN C 133 -22.14 -42.20 -7.89
N TRP C 134 -22.01 -43.43 -8.36
CA TRP C 134 -21.98 -43.66 -9.79
C TRP C 134 -22.41 -45.06 -10.00
N THR C 135 -22.76 -45.42 -11.23
CA THR C 135 -23.07 -46.81 -11.52
C THR C 135 -22.00 -47.36 -12.42
N TYR C 136 -21.83 -48.67 -12.41
CA TYR C 136 -20.84 -49.29 -13.25
C TYR C 136 -21.19 -50.77 -13.44
N LYS C 137 -21.11 -51.27 -14.68
CA LYS C 137 -21.45 -52.65 -15.04
C LYS C 137 -20.18 -53.32 -15.52
N THR C 144 -24.65 -57.29 -14.65
CA THR C 144 -25.12 -56.67 -13.40
C THR C 144 -24.48 -55.31 -13.07
N GLU C 145 -25.22 -54.26 -13.40
CA GLU C 145 -24.75 -52.91 -13.12
C GLU C 145 -24.99 -52.50 -11.65
N LYS C 146 -23.93 -52.04 -10.97
CA LYS C 146 -24.03 -51.68 -9.54
C LYS C 146 -23.78 -50.20 -9.22
N THR C 147 -24.24 -49.82 -8.04
CA THR C 147 -24.04 -48.50 -7.51
C THR C 147 -22.84 -48.43 -6.53
N TYR C 148 -21.95 -47.46 -6.77
CA TYR C 148 -20.75 -47.22 -5.99
C TYR C 148 -20.88 -45.86 -5.29
N THR C 149 -20.27 -45.72 -4.11
CA THR C 149 -20.31 -44.47 -3.36
C THR C 149 -18.88 -44.07 -2.92
N TYR C 150 -18.59 -42.77 -2.96
CA TYR C 150 -17.33 -42.24 -2.38
C TYR C 150 -17.62 -40.95 -1.64
N GLY C 151 -17.09 -40.82 -0.43
CA GLY C 151 -17.08 -39.52 0.31
C GLY C 151 -17.03 -39.75 1.81
N ASN C 152 -17.79 -38.96 2.56
CA ASN C 152 -17.79 -39.13 4.02
C ASN C 152 -19.17 -38.82 4.57
N ALA C 153 -19.48 -39.42 5.72
CA ALA C 153 -20.72 -39.18 6.46
C ALA C 153 -20.34 -38.50 7.80
N PRO C 154 -20.56 -37.18 7.93
CA PRO C 154 -20.07 -36.43 9.11
C PRO C 154 -21.04 -36.33 10.32
N VAL C 155 -22.33 -36.65 10.13
CA VAL C 155 -23.32 -36.49 11.21
C VAL C 155 -23.49 -37.74 12.11
N GLN C 156 -22.96 -37.68 13.33
CA GLN C 156 -23.06 -38.76 14.31
C GLN C 156 -24.49 -38.93 14.78
N GLY C 157 -25.01 -40.16 14.74
CA GLY C 157 -26.38 -40.41 15.21
C GLY C 157 -26.36 -41.21 16.50
N ILE C 158 -27.49 -41.28 17.17
CA ILE C 158 -27.65 -42.14 18.35
C ILE C 158 -27.70 -43.58 17.86
N ASN C 159 -28.33 -43.78 16.71
CA ASN C 159 -28.51 -45.11 16.10
C ASN C 159 -28.88 -44.91 14.63
N ILE C 160 -28.92 -46.01 13.89
CA ILE C 160 -29.44 -46.04 12.52
C ILE C 160 -30.34 -47.27 12.45
N THR C 161 -31.58 -47.08 12.03
CA THR C 161 -32.53 -48.18 11.81
C THR C 161 -33.16 -48.13 10.39
N LYS C 162 -34.16 -48.97 10.13
CA LYS C 162 -34.90 -48.99 8.84
C LYS C 162 -35.48 -47.61 8.52
N ASP C 163 -35.77 -46.84 9.59
CA ASP C 163 -36.26 -45.46 9.48
C ASP C 163 -35.15 -44.38 9.33
N GLY C 164 -33.90 -44.79 9.21
CA GLY C 164 -32.80 -43.85 9.01
C GLY C 164 -31.96 -43.58 10.25
N ILE C 165 -31.20 -42.48 10.23
CA ILE C 165 -30.41 -42.05 11.38
C ILE C 165 -31.24 -41.35 12.50
N GLN C 166 -31.13 -41.83 13.73
CA GLN C 166 -31.73 -41.15 14.88
C GLN C 166 -30.85 -39.97 15.33
N LEU C 167 -31.46 -38.80 15.42
CA LEU C 167 -30.73 -37.56 15.75
C LEU C 167 -31.16 -37.00 17.09
N GLY C 168 -32.20 -37.55 17.70
CA GLY C 168 -32.68 -37.03 18.96
C GLY C 168 -33.64 -38.01 19.54
N THR C 169 -34.13 -37.72 20.74
CA THR C 169 -35.14 -38.53 21.41
C THR C 169 -36.22 -37.52 21.77
N ASP C 170 -37.50 -37.91 21.71
CA ASP C 170 -38.56 -36.97 22.05
C ASP C 170 -39.06 -37.10 23.49
N THR C 171 -39.87 -36.12 23.89
CA THR C 171 -40.59 -36.10 25.18
C THR C 171 -41.05 -37.49 25.67
N ASP C 172 -41.61 -38.30 24.78
CA ASP C 172 -42.11 -39.64 25.12
C ASP C 172 -41.05 -40.75 25.07
N ASP C 173 -39.79 -40.37 24.96
CA ASP C 173 -38.70 -41.33 24.95
C ASP C 173 -38.57 -42.13 23.63
N GLN C 174 -39.26 -41.67 22.59
CA GLN C 174 -39.18 -42.30 21.26
C GLN C 174 -38.13 -41.61 20.37
N PRO C 175 -37.50 -42.40 19.47
CA PRO C 175 -36.50 -41.77 18.62
C PRO C 175 -37.07 -40.68 17.70
N ILE C 176 -36.23 -39.74 17.32
CA ILE C 176 -36.54 -38.76 16.30
C ILE C 176 -35.56 -38.99 15.14
N TYR C 177 -36.08 -39.24 13.95
CA TYR C 177 -35.23 -39.51 12.78
C TYR C 177 -35.02 -38.28 11.90
N ALA C 178 -33.93 -38.26 11.14
CA ALA C 178 -33.70 -37.21 10.17
C ALA C 178 -34.94 -37.06 9.31
N ASP C 179 -35.34 -35.82 9.10
CA ASP C 179 -36.29 -35.50 8.07
C ASP C 179 -35.44 -35.48 6.81
N LYS C 180 -35.67 -36.38 5.88
CA LYS C 180 -34.77 -36.60 4.73
C LYS C 180 -34.73 -35.44 3.76
N THR C 181 -35.78 -34.59 3.78
CA THR C 181 -35.81 -33.43 2.86
C THR C 181 -34.72 -32.40 3.18
N TYR C 182 -34.28 -32.31 4.43
CA TYR C 182 -33.13 -31.40 4.75
C TYR C 182 -32.05 -31.91 5.72
N GLN C 183 -32.33 -33.00 6.46
CA GLN C 183 -31.36 -33.65 7.38
C GLN C 183 -30.91 -35.01 6.85
N PRO C 184 -29.67 -35.41 7.17
CA PRO C 184 -28.58 -34.63 7.79
C PRO C 184 -28.12 -33.49 6.88
N GLU C 185 -27.70 -32.38 7.47
CA GLU C 185 -27.12 -31.29 6.73
C GLU C 185 -25.62 -31.51 6.52
N PRO C 186 -25.13 -31.23 5.30
CA PRO C 186 -23.71 -31.40 4.99
C PRO C 186 -22.73 -30.50 5.75
N GLN C 187 -23.20 -29.40 6.33
CA GLN C 187 -22.36 -28.43 7.06
C GLN C 187 -22.14 -28.83 8.53
N VAL C 188 -22.88 -29.82 9.00
CA VAL C 188 -22.81 -30.22 10.40
C VAL C 188 -21.85 -31.40 10.59
N GLY C 189 -21.15 -31.44 11.74
CA GLY C 189 -20.21 -32.52 12.01
C GLY C 189 -19.83 -32.57 13.47
N ASP C 190 -18.95 -33.48 13.84
CA ASP C 190 -18.39 -33.52 15.19
C ASP C 190 -17.70 -32.19 15.50
N ALA C 191 -17.78 -31.75 16.75
CA ALA C 191 -17.39 -30.40 17.14
C ALA C 191 -15.90 -30.30 17.56
N GLU C 192 -15.28 -31.43 17.85
CA GLU C 192 -13.86 -31.37 18.20
C GLU C 192 -13.07 -32.53 17.59
N TRP C 193 -11.75 -32.45 17.61
CA TRP C 193 -10.94 -33.48 17.00
C TRP C 193 -11.07 -34.83 17.72
N HIS C 194 -10.79 -35.89 16.97
CA HIS C 194 -11.22 -37.25 17.31
C HIS C 194 -10.64 -38.21 16.27
N GLU C 201 -19.92 -43.68 17.24
CA GLU C 201 -19.52 -44.45 16.05
C GLU C 201 -20.52 -44.70 14.89
N LYS C 202 -21.81 -44.35 14.98
CA LYS C 202 -22.67 -44.41 13.75
C LYS C 202 -22.92 -43.02 13.10
N TYR C 203 -22.86 -42.94 11.77
CA TYR C 203 -22.88 -41.67 11.04
C TYR C 203 -23.86 -41.61 9.84
N GLY C 204 -24.29 -40.38 9.56
CA GLY C 204 -25.14 -40.04 8.42
C GLY C 204 -24.57 -38.92 7.56
N GLY C 205 -25.08 -38.84 6.34
CA GLY C 205 -24.56 -37.85 5.42
C GLY C 205 -25.50 -37.82 4.24
N ARG C 206 -25.25 -36.90 3.32
CA ARG C 206 -26.05 -36.77 2.10
C ARG C 206 -25.15 -37.26 0.97
N ALA C 207 -25.71 -37.66 -0.17
CA ALA C 207 -24.83 -38.04 -1.30
C ALA C 207 -25.50 -37.72 -2.64
N LEU C 208 -24.73 -37.24 -3.63
CA LEU C 208 -25.34 -37.03 -4.97
C LEU C 208 -25.51 -38.41 -5.68
N LYS C 209 -26.68 -38.69 -6.25
CA LYS C 209 -26.93 -39.90 -7.03
C LYS C 209 -26.17 -39.87 -8.36
N PRO C 210 -26.06 -41.03 -9.05
CA PRO C 210 -25.33 -41.18 -10.33
C PRO C 210 -25.84 -40.27 -11.46
N ASP C 211 -27.19 -40.09 -11.56
CA ASP C 211 -27.77 -39.22 -12.58
C ASP C 211 -27.49 -37.71 -12.43
N THR C 212 -26.93 -37.31 -11.29
CA THR C 212 -26.38 -35.94 -11.15
C THR C 212 -24.91 -35.98 -11.49
N LYS C 213 -24.55 -35.60 -12.72
CA LYS C 213 -23.19 -35.82 -13.22
C LYS C 213 -22.15 -35.13 -12.35
N MET C 214 -21.11 -35.86 -12.02
CA MET C 214 -20.07 -35.37 -11.10
C MET C 214 -19.43 -34.03 -11.48
N LYS C 215 -19.24 -33.17 -10.48
CA LYS C 215 -18.42 -31.98 -10.66
C LYS C 215 -17.52 -31.84 -9.45
N PRO C 216 -16.30 -31.28 -9.60
CA PRO C 216 -15.42 -30.97 -8.44
C PRO C 216 -16.23 -30.21 -7.39
N CYS C 217 -16.08 -30.57 -6.12
CA CYS C 217 -16.72 -29.81 -5.03
C CYS C 217 -16.50 -28.28 -5.21
N TYR C 218 -15.25 -27.91 -5.50
CA TYR C 218 -14.89 -26.51 -5.78
C TYR C 218 -15.65 -25.96 -6.98
N GLY C 219 -16.48 -24.95 -6.75
CA GLY C 219 -17.34 -24.38 -7.78
C GLY C 219 -18.76 -24.92 -7.87
N SER C 220 -19.06 -25.95 -7.08
CA SER C 220 -20.35 -26.68 -7.13
C SER C 220 -21.44 -25.89 -6.44
N PHE C 221 -22.53 -25.63 -7.17
CA PHE C 221 -23.72 -24.98 -6.63
C PHE C 221 -24.97 -25.73 -7.05
N ALA C 222 -25.95 -25.78 -6.17
CA ALA C 222 -27.24 -26.32 -6.59
C ALA C 222 -28.29 -25.59 -5.79
N LYS C 223 -29.28 -24.98 -6.47
CA LYS C 223 -30.31 -24.15 -5.81
C LYS C 223 -31.08 -24.98 -4.78
N PRO C 224 -31.46 -24.36 -3.64
CA PRO C 224 -32.35 -25.02 -2.70
C PRO C 224 -33.74 -25.21 -3.24
N THR C 225 -34.38 -26.29 -2.83
CA THR C 225 -35.72 -26.57 -3.29
C THR C 225 -36.62 -26.57 -2.09
N ASN C 226 -36.09 -26.20 -0.90
CA ASN C 226 -36.94 -25.94 0.28
C ASN C 226 -36.30 -24.89 1.21
N LYS C 227 -37.05 -24.39 2.21
CA LYS C 227 -36.58 -23.30 3.11
C LYS C 227 -35.48 -23.82 4.06
N GLU C 228 -35.39 -25.15 4.20
CA GLU C 228 -34.38 -25.75 5.05
C GLU C 228 -33.08 -26.09 4.34
N GLY C 229 -32.90 -25.58 3.11
CA GLY C 229 -31.60 -25.65 2.43
C GLY C 229 -31.37 -26.90 1.60
N GLY C 230 -32.32 -27.83 1.66
CA GLY C 230 -32.18 -29.05 0.91
C GLY C 230 -32.15 -28.68 -0.56
N GLN C 231 -31.48 -29.47 -1.39
CA GLN C 231 -31.37 -29.14 -2.80
C GLN C 231 -31.94 -30.22 -3.74
N ALA C 232 -32.55 -31.26 -3.18
CA ALA C 232 -33.10 -32.35 -4.00
C ALA C 232 -34.15 -31.95 -5.07
N ASN C 233 -34.09 -32.60 -6.27
CA ASN C 233 -35.02 -32.24 -7.35
C ASN C 233 -36.41 -32.63 -6.92
N VAL C 234 -37.39 -31.80 -7.29
CA VAL C 234 -38.76 -32.14 -7.06
C VAL C 234 -39.27 -33.03 -8.23
N LYS C 235 -39.88 -34.19 -7.91
CA LYS C 235 -40.25 -35.19 -8.92
C LYS C 235 -41.49 -34.79 -9.73
N THR C 236 -41.50 -35.24 -11.00
CA THR C 236 -42.65 -34.89 -11.83
C THR C 236 -43.62 -36.04 -12.09
N GLY C 237 -43.74 -37.04 -11.19
CA GLY C 237 -43.71 -36.87 -9.71
C GLY C 237 -45.17 -36.46 -9.34
N THR C 238 -46.09 -36.80 -10.29
CA THR C 238 -47.37 -36.08 -10.38
C THR C 238 -48.27 -35.99 -9.13
N GLY C 239 -49.39 -35.25 -9.32
CA GLY C 239 -50.40 -35.07 -8.27
C GLY C 239 -50.06 -33.89 -7.40
N THR C 240 -50.75 -33.78 -6.22
CA THR C 240 -50.62 -32.64 -5.34
C THR C 240 -49.36 -32.67 -4.45
N THR C 241 -48.77 -33.86 -4.28
CA THR C 241 -47.65 -34.08 -3.34
C THR C 241 -46.25 -33.57 -3.78
N LYS C 242 -45.72 -32.56 -3.09
CA LYS C 242 -44.30 -32.17 -3.30
C LYS C 242 -43.42 -33.35 -2.88
N GLU C 243 -42.84 -34.07 -3.86
CA GLU C 243 -42.00 -35.27 -3.60
C GLU C 243 -40.60 -34.98 -4.11
N TYR C 244 -39.61 -35.35 -3.31
CA TYR C 244 -38.22 -35.12 -3.66
C TYR C 244 -37.52 -36.42 -4.06
N ASP C 245 -36.68 -36.31 -5.11
CA ASP C 245 -35.92 -37.47 -5.51
C ASP C 245 -34.76 -37.68 -4.45
N ILE C 246 -35.13 -38.35 -3.34
CA ILE C 246 -34.23 -38.68 -2.21
C ILE C 246 -34.53 -40.10 -1.73
N ASP C 247 -33.47 -40.89 -1.53
CA ASP C 247 -33.55 -42.26 -1.02
C ASP C 247 -32.36 -42.55 -0.12
N MET C 248 -32.62 -43.18 1.01
CA MET C 248 -31.59 -43.63 1.90
C MET C 248 -30.87 -44.87 1.37
N ALA C 249 -29.56 -44.92 1.64
CA ALA C 249 -28.68 -46.01 1.25
C ALA C 249 -27.95 -46.41 2.53
N PHE C 250 -28.14 -47.65 2.97
CA PHE C 250 -27.48 -48.18 4.17
C PHE C 250 -26.23 -49.01 3.86
N PHE C 251 -25.23 -48.90 4.75
CA PHE C 251 -23.92 -49.52 4.59
C PHE C 251 -23.46 -50.11 5.92
N ASP C 252 -22.71 -51.19 5.85
CA ASP C 252 -22.02 -51.76 6.99
C ASP C 252 -20.61 -52.09 6.49
N ASN C 253 -19.67 -52.31 7.39
CA ASN C 253 -18.30 -52.68 6.97
C ASN C 253 -18.33 -53.92 6.08
N ARG C 254 -17.50 -53.89 5.05
CA ARG C 254 -17.32 -55.04 4.21
C ARG C 254 -16.86 -56.24 5.08
N SER C 255 -16.07 -55.97 6.12
CA SER C 255 -15.55 -57.03 6.99
C SER C 255 -16.56 -57.54 8.02
N ALA C 256 -17.74 -56.92 8.09
CA ALA C 256 -18.76 -57.32 9.08
C ALA C 256 -19.20 -58.76 8.97
N ALA C 257 -19.57 -59.34 10.11
CA ALA C 257 -20.15 -60.67 10.11
C ALA C 257 -21.51 -60.63 9.38
N ALA C 258 -21.69 -61.51 8.40
CA ALA C 258 -22.91 -61.53 7.61
C ALA C 258 -24.17 -61.85 8.45
N ALA C 259 -24.02 -62.60 9.55
CA ALA C 259 -25.18 -62.86 10.41
C ALA C 259 -25.51 -61.68 11.35
N GLY C 260 -24.59 -60.76 11.50
CA GLY C 260 -24.86 -59.60 12.35
C GLY C 260 -24.84 -58.27 11.64
N LEU C 261 -25.35 -58.21 10.41
CA LEU C 261 -25.29 -56.98 9.61
C LEU C 261 -26.24 -55.92 10.13
N ALA C 262 -25.73 -54.70 10.29
CA ALA C 262 -26.54 -53.56 10.67
C ALA C 262 -25.87 -52.27 10.14
N PRO C 263 -26.63 -51.20 9.93
CA PRO C 263 -25.96 -50.02 9.36
C PRO C 263 -24.98 -49.27 10.29
N GLU C 264 -23.79 -48.96 9.76
CA GLU C 264 -22.80 -48.13 10.41
C GLU C 264 -22.92 -46.71 9.85
N ILE C 265 -23.38 -46.63 8.59
CA ILE C 265 -23.51 -45.39 7.85
C ILE C 265 -24.84 -45.39 7.07
N VAL C 266 -25.54 -44.28 7.08
CA VAL C 266 -26.65 -44.10 6.14
C VAL C 266 -26.38 -42.82 5.33
N LEU C 267 -26.55 -42.90 4.02
CA LEU C 267 -26.42 -41.72 3.17
C LEU C 267 -27.77 -41.37 2.57
N TYR C 268 -28.15 -40.09 2.65
CA TYR C 268 -29.38 -39.63 2.09
C TYR C 268 -29.07 -39.17 0.69
N THR C 269 -29.17 -40.11 -0.25
CA THR C 269 -28.77 -39.88 -1.61
C THR C 269 -29.92 -39.11 -2.37
N GLU C 270 -29.54 -38.18 -3.24
CA GLU C 270 -30.53 -37.37 -3.98
C GLU C 270 -29.91 -36.86 -5.29
N ASN C 271 -30.78 -36.57 -6.26
CA ASN C 271 -30.41 -35.81 -7.43
C ASN C 271 -30.72 -34.34 -7.17
N VAL C 272 -29.81 -33.45 -7.59
CA VAL C 272 -30.00 -32.00 -7.41
C VAL C 272 -29.77 -31.29 -8.74
N ASP C 273 -30.11 -29.99 -8.81
CA ASP C 273 -29.78 -29.23 -10.02
C ASP C 273 -28.33 -28.71 -9.94
N LEU C 274 -27.35 -29.56 -10.22
CA LEU C 274 -25.94 -29.21 -10.05
C LEU C 274 -25.39 -28.28 -11.15
N GLU C 275 -24.89 -27.11 -10.78
CA GLU C 275 -24.23 -26.26 -11.75
C GLU C 275 -22.89 -25.74 -11.30
N THR C 276 -22.14 -25.22 -12.26
CA THR C 276 -20.85 -24.59 -11.99
C THR C 276 -20.82 -23.21 -12.68
N PRO C 277 -21.52 -22.25 -12.06
CA PRO C 277 -21.79 -20.93 -12.64
C PRO C 277 -20.50 -20.11 -12.83
N ASP C 278 -19.47 -20.50 -12.08
CA ASP C 278 -18.23 -19.73 -11.74
C ASP C 278 -16.90 -20.32 -12.18
N THR C 279 -16.95 -21.62 -12.51
CA THR C 279 -15.70 -22.40 -12.69
C THR C 279 -15.87 -23.28 -13.94
N HIS C 280 -14.78 -23.84 -14.46
CA HIS C 280 -14.83 -24.78 -15.58
C HIS C 280 -13.83 -25.90 -15.21
N ILE C 281 -13.97 -27.03 -15.88
CA ILE C 281 -13.10 -28.18 -15.72
C ILE C 281 -11.78 -27.91 -16.42
N VAL C 282 -10.69 -28.15 -15.72
CA VAL C 282 -9.38 -27.84 -16.25
C VAL C 282 -8.58 -29.15 -16.44
N TYR C 283 -9.03 -30.22 -15.78
CA TYR C 283 -8.63 -31.60 -16.12
C TYR C 283 -9.77 -32.59 -15.91
N LYS C 284 -9.97 -33.48 -16.88
CA LYS C 284 -10.63 -34.78 -16.68
C LYS C 284 -9.99 -35.76 -17.65
N ALA C 285 -10.06 -37.06 -17.31
CA ALA C 285 -9.31 -38.11 -18.02
C ALA C 285 -9.66 -38.28 -19.50
N GLY C 286 -10.92 -38.05 -19.85
CA GLY C 286 -11.37 -38.35 -21.20
C GLY C 286 -12.48 -37.40 -21.59
N THR C 287 -13.20 -37.73 -22.64
CA THR C 287 -14.32 -36.91 -23.10
C THR C 287 -15.60 -37.13 -22.25
N ASP C 288 -15.74 -38.30 -21.64
CA ASP C 288 -16.92 -38.64 -20.83
C ASP C 288 -17.10 -37.76 -19.59
N ASP C 289 -18.30 -37.26 -19.37
CA ASP C 289 -18.55 -36.35 -18.23
C ASP C 289 -19.50 -36.97 -17.19
N SER C 290 -19.83 -38.25 -17.34
CA SER C 290 -20.75 -38.88 -16.40
C SER C 290 -20.09 -39.20 -15.08
N SER C 291 -20.92 -39.42 -14.09
CA SER C 291 -20.43 -39.83 -12.81
C SER C 291 -19.68 -41.17 -13.04
N SER C 292 -18.43 -41.24 -12.62
CA SER C 292 -17.70 -42.51 -12.73
C SER C 292 -16.54 -42.45 -11.75
N SER C 293 -15.94 -43.60 -11.51
CA SER C 293 -14.79 -43.65 -10.62
C SER C 293 -13.65 -42.68 -11.02
N ILE C 294 -13.24 -42.76 -12.30
CA ILE C 294 -12.23 -41.85 -12.85
C ILE C 294 -12.60 -40.37 -12.70
N ASN C 295 -13.88 -40.06 -12.89
CA ASN C 295 -14.31 -38.69 -12.71
C ASN C 295 -14.36 -38.13 -11.28
N LEU C 296 -14.10 -38.97 -10.27
CA LEU C 296 -13.93 -38.46 -8.89
C LEU C 296 -12.78 -37.49 -8.81
N GLY C 297 -11.82 -37.62 -9.73
CA GLY C 297 -10.63 -36.76 -9.66
C GLY C 297 -10.52 -35.62 -10.69
N GLN C 298 -11.61 -35.30 -11.37
CA GLN C 298 -11.69 -34.11 -12.23
C GLN C 298 -11.32 -32.90 -11.41
N GLN C 299 -10.68 -31.94 -12.05
CA GLN C 299 -10.27 -30.71 -11.39
C GLN C 299 -10.94 -29.49 -11.99
N ALA C 300 -11.31 -28.56 -11.11
CA ALA C 300 -11.94 -27.30 -11.47
C ALA C 300 -11.00 -26.11 -11.32
N MET C 301 -11.19 -25.10 -12.18
CA MET C 301 -10.53 -23.82 -11.97
C MET C 301 -11.59 -22.70 -12.08
N PRO C 302 -11.43 -21.59 -11.33
CA PRO C 302 -12.39 -20.48 -11.48
C PRO C 302 -12.29 -19.84 -12.86
N ASN C 303 -13.44 -19.45 -13.40
CA ASN C 303 -13.48 -18.65 -14.61
C ASN C 303 -12.66 -17.35 -14.50
N ARG C 304 -12.12 -16.89 -15.62
CA ARG C 304 -11.43 -15.60 -15.64
C ARG C 304 -12.35 -14.43 -15.30
N PRO C 305 -11.84 -13.50 -14.49
CA PRO C 305 -12.64 -12.33 -14.16
C PRO C 305 -12.90 -11.54 -15.43
N ASN C 306 -14.05 -10.89 -15.54
CA ASN C 306 -14.32 -10.05 -16.69
C ASN C 306 -15.24 -8.94 -16.22
N TYR C 307 -14.68 -7.77 -15.85
CA TYR C 307 -15.50 -6.61 -15.46
C TYR C 307 -16.15 -6.01 -16.71
N ILE C 308 -17.35 -5.49 -16.54
CA ILE C 308 -18.05 -4.85 -17.67
C ILE C 308 -18.77 -3.64 -17.11
N GLY C 309 -18.44 -2.46 -17.65
CA GLY C 309 -19.14 -1.24 -17.26
C GLY C 309 -19.21 -0.30 -18.44
N PHE C 310 -19.76 0.90 -18.23
CA PHE C 310 -19.72 1.96 -19.23
C PHE C 310 -18.28 2.46 -19.21
N ARG C 311 -17.88 3.21 -20.23
CA ARG C 311 -16.49 3.65 -20.33
C ARG C 311 -16.20 4.89 -19.46
N ASP C 312 -14.91 5.21 -19.37
CA ASP C 312 -14.43 6.39 -18.68
C ASP C 312 -15.14 7.54 -19.37
N ASN C 313 -15.74 8.39 -18.54
CA ASN C 313 -16.39 9.59 -19.05
C ASN C 313 -17.51 9.28 -20.04
N PHE C 314 -18.10 8.10 -19.90
CA PHE C 314 -19.16 7.70 -20.81
C PHE C 314 -18.74 7.81 -22.28
N ILE C 315 -17.45 7.64 -22.57
CA ILE C 315 -17.03 7.57 -23.97
C ILE C 315 -17.91 6.53 -24.75
N GLY C 316 -18.29 6.89 -25.96
CA GLY C 316 -19.05 6.01 -26.83
C GLY C 316 -20.54 6.23 -26.80
N LEU C 317 -21.07 6.63 -25.64
CA LEU C 317 -22.51 6.76 -25.52
C LEU C 317 -23.08 7.77 -26.54
N MET C 318 -22.49 8.96 -26.65
CA MET C 318 -22.97 9.97 -27.57
C MET C 318 -22.06 9.98 -28.78
N TYR C 319 -22.69 10.26 -29.90
CA TYR C 319 -21.99 10.24 -31.16
C TYR C 319 -21.32 11.57 -31.39
N TYR C 320 -20.02 11.50 -31.71
CA TYR C 320 -19.27 12.71 -32.15
C TYR C 320 -18.49 12.39 -33.43
N ASN C 321 -18.25 13.42 -34.38
CA ASN C 321 -17.36 13.17 -35.53
C ASN C 321 -17.87 12.07 -36.46
N SER C 322 -19.16 12.07 -36.71
CA SER C 322 -19.78 10.95 -37.32
C SER C 322 -20.90 11.43 -38.29
N THR C 323 -20.57 12.37 -39.19
CA THR C 323 -21.60 12.84 -40.11
C THR C 323 -22.36 11.61 -40.66
N GLY C 324 -23.79 11.71 -40.39
CA GLY C 324 -24.59 10.48 -40.19
C GLY C 324 -25.31 10.72 -38.86
N ASN C 325 -24.58 11.38 -37.84
CA ASN C 325 -25.22 11.39 -36.51
C ASN C 325 -24.69 12.55 -35.75
N MET C 326 -24.66 13.68 -36.45
CA MET C 326 -24.10 14.92 -35.99
C MET C 326 -25.14 15.59 -35.09
N GLY C 327 -24.73 16.31 -34.01
CA GLY C 327 -25.67 16.91 -33.03
C GLY C 327 -26.37 18.23 -33.66
N VAL C 328 -27.49 18.61 -33.13
CA VAL C 328 -28.12 19.90 -33.56
C VAL C 328 -28.12 20.91 -32.39
N LEU C 329 -27.77 22.16 -32.62
CA LEU C 329 -28.20 23.27 -31.77
C LEU C 329 -28.55 24.46 -32.68
N ALA C 330 -29.76 24.99 -32.59
CA ALA C 330 -30.22 26.00 -33.50
C ALA C 330 -31.34 26.75 -32.84
N GLY C 331 -31.46 28.06 -33.16
CA GLY C 331 -32.69 28.83 -32.76
C GLY C 331 -33.89 28.31 -33.45
N GLN C 332 -35.04 28.08 -32.68
CA GLN C 332 -36.19 27.34 -33.13
C GLN C 332 -36.61 28.05 -34.45
N ALA C 333 -36.52 29.39 -34.51
CA ALA C 333 -36.58 30.30 -35.69
C ALA C 333 -35.23 30.29 -36.43
N SER C 334 -35.24 29.53 -37.69
CA SER C 334 -34.00 29.37 -38.46
C SER C 334 -33.68 27.87 -38.62
N GLN C 335 -33.89 27.17 -37.49
CA GLN C 335 -33.36 25.78 -37.45
C GLN C 335 -31.94 25.59 -38.08
N LEU C 336 -31.05 26.57 -37.89
CA LEU C 336 -29.69 26.40 -38.52
C LEU C 336 -28.62 25.85 -37.56
N ASN C 337 -27.98 24.72 -37.89
CA ASN C 337 -27.20 23.98 -36.93
C ASN C 337 -25.87 24.69 -36.51
N ALA C 338 -26.01 25.54 -35.17
CA ALA C 338 -24.72 26.10 -34.69
C ALA C 338 -23.58 25.02 -34.70
N VAL C 339 -23.92 23.73 -34.71
CA VAL C 339 -22.94 22.64 -34.59
C VAL C 339 -22.54 22.17 -36.01
N VAL C 340 -21.27 22.37 -36.36
CA VAL C 340 -20.74 21.88 -37.62
C VAL C 340 -19.60 20.95 -37.23
N ASP C 341 -19.72 19.64 -37.59
CA ASP C 341 -18.72 18.67 -37.21
C ASP C 341 -18.03 17.99 -38.41
N LEU C 342 -16.89 17.34 -38.16
CA LEU C 342 -16.08 16.73 -39.22
C LEU C 342 -15.57 15.34 -38.69
N GLN C 343 -15.23 14.42 -39.62
CA GLN C 343 -14.80 13.06 -39.30
C GLN C 343 -13.33 13.02 -38.89
N ASP C 344 -12.53 14.03 -39.36
CA ASP C 344 -11.15 14.14 -38.88
C ASP C 344 -10.96 14.92 -37.58
N ARG C 345 -12.04 15.20 -36.85
CA ARG C 345 -11.92 15.73 -35.42
C ARG C 345 -12.04 14.56 -34.43
N ASN C 346 -11.48 14.70 -33.21
CA ASN C 346 -11.62 13.63 -32.21
C ASN C 346 -12.05 14.20 -30.85
N THR C 347 -13.35 14.22 -30.58
CA THR C 347 -13.90 14.96 -29.43
C THR C 347 -13.71 14.20 -28.14
N GLU C 348 -13.81 12.87 -28.20
CA GLU C 348 -13.70 12.06 -27.01
C GLU C 348 -12.28 12.20 -26.45
N LEU C 349 -11.26 12.14 -27.33
CA LEU C 349 -9.87 12.19 -26.90
C LEU C 349 -9.56 13.59 -26.36
N SER C 350 -10.02 14.61 -27.10
CA SER C 350 -9.85 16.00 -26.71
C SER C 350 -10.33 16.22 -25.26
N TYR C 351 -11.51 15.72 -24.93
CA TYR C 351 -12.00 15.80 -23.54
C TYR C 351 -11.14 15.06 -22.47
N GLN C 352 -10.63 13.88 -22.84
CA GLN C 352 -9.69 13.16 -21.92
C GLN C 352 -8.49 14.07 -21.60
N LEU C 353 -7.90 14.67 -22.63
CA LEU C 353 -6.69 15.49 -22.47
C LEU C 353 -7.02 16.78 -21.72
N LEU C 354 -8.15 17.35 -22.06
CA LEU C 354 -8.66 18.50 -21.35
C LEU C 354 -8.82 18.21 -19.84
N LEU C 355 -9.48 17.09 -19.48
CA LEU C 355 -9.71 16.77 -18.07
C LEU C 355 -8.39 16.66 -17.30
N ASP C 356 -7.37 16.13 -17.98
CA ASP C 356 -6.10 15.88 -17.30
C ASP C 356 -5.41 17.22 -17.04
N SER C 357 -5.56 18.18 -17.95
CA SER C 357 -5.00 19.52 -17.79
C SER C 357 -5.69 20.37 -16.68
N LEU C 358 -6.96 20.10 -16.39
CA LEU C 358 -7.73 20.86 -15.38
C LEU C 358 -7.65 20.33 -13.95
N GLY C 359 -7.37 19.04 -13.78
CA GLY C 359 -7.45 18.47 -12.47
C GLY C 359 -6.76 17.15 -12.38
N ASP C 360 -7.10 16.42 -11.33
CA ASP C 360 -6.30 15.26 -10.93
C ASP C 360 -7.06 14.02 -11.38
N ARG C 361 -6.63 13.43 -12.50
CA ARG C 361 -7.29 12.25 -13.05
C ARG C 361 -7.27 10.95 -12.19
N THR C 362 -6.47 10.91 -11.14
CA THR C 362 -6.48 9.77 -10.26
C THR C 362 -7.71 9.80 -9.32
N ARG C 363 -8.39 10.95 -9.22
CA ARG C 363 -9.66 11.01 -8.46
C ARG C 363 -10.85 10.53 -9.32
N TYR C 364 -11.81 9.85 -8.69
CA TYR C 364 -13.00 9.35 -9.36
C TYR C 364 -14.20 10.23 -9.07
N PHE C 365 -15.11 10.34 -10.04
CA PHE C 365 -16.32 11.10 -9.86
C PHE C 365 -17.42 10.33 -10.56
N SER C 366 -18.24 9.66 -9.78
CA SER C 366 -19.24 8.74 -10.34
C SER C 366 -20.19 9.46 -11.32
N MET C 367 -20.42 10.74 -11.13
CA MET C 367 -21.47 11.37 -11.95
C MET C 367 -21.21 11.20 -13.43
N TRP C 368 -19.96 11.33 -13.84
CA TRP C 368 -19.65 11.22 -15.26
C TRP C 368 -18.92 9.95 -15.59
N ASN C 369 -19.00 8.94 -14.73
CA ASN C 369 -18.14 7.74 -14.89
C ASN C 369 -16.67 8.14 -15.02
N GLN C 370 -16.27 9.18 -14.29
CA GLN C 370 -14.94 9.73 -14.39
C GLN C 370 -14.02 8.89 -13.49
N ALA C 371 -13.45 7.86 -14.07
CA ALA C 371 -12.55 6.97 -13.32
C ALA C 371 -11.62 6.41 -14.38
N VAL C 372 -10.42 6.95 -14.43
CA VAL C 372 -9.55 6.74 -15.57
C VAL C 372 -9.12 5.26 -15.70
N ASP C 373 -9.07 4.76 -16.93
CA ASP C 373 -8.32 3.50 -17.15
C ASP C 373 -6.87 3.53 -16.64
N SER C 374 -6.47 2.46 -15.93
CA SER C 374 -5.13 2.31 -15.41
C SER C 374 -4.76 0.83 -15.39
N TYR C 375 -3.55 0.55 -14.91
CA TYR C 375 -3.11 -0.79 -14.71
C TYR C 375 -2.24 -0.84 -13.47
N ASP C 376 -1.92 -2.04 -12.99
CA ASP C 376 -1.03 -2.22 -11.85
C ASP C 376 0.42 -2.12 -12.38
N PRO C 377 1.20 -1.11 -11.93
CA PRO C 377 2.58 -0.97 -12.47
C PRO C 377 3.44 -2.22 -12.23
N ASP C 378 3.10 -2.97 -11.19
CA ASP C 378 3.79 -4.18 -10.86
C ASP C 378 3.33 -5.35 -11.68
N VAL C 379 2.27 -5.17 -12.44
CA VAL C 379 1.91 -6.17 -13.45
C VAL C 379 2.55 -5.80 -14.79
N ARG C 380 2.46 -4.52 -15.17
CA ARG C 380 3.05 -4.12 -16.46
C ARG C 380 4.56 -4.40 -16.49
N ILE C 381 5.26 -4.03 -15.44
CA ILE C 381 6.70 -4.28 -15.38
C ILE C 381 6.98 -5.15 -14.16
N ILE C 382 7.32 -6.42 -14.38
CA ILE C 382 7.55 -7.35 -13.29
C ILE C 382 8.87 -6.98 -12.60
N GLU C 383 8.75 -6.72 -11.32
CA GLU C 383 9.90 -6.55 -10.47
C GLU C 383 10.07 -7.82 -9.64
N ASN C 384 10.99 -8.70 -10.06
CA ASN C 384 11.09 -9.99 -9.38
C ASN C 384 12.19 -9.95 -8.32
N HIS C 385 11.84 -9.51 -7.10
CA HIS C 385 12.80 -9.55 -6.01
C HIS C 385 12.73 -10.85 -5.18
N GLY C 386 12.04 -11.86 -5.70
CA GLY C 386 11.98 -13.15 -5.05
C GLY C 386 11.04 -13.08 -3.87
N VAL C 387 11.28 -13.94 -2.86
CA VAL C 387 10.35 -14.02 -1.73
C VAL C 387 11.13 -14.22 -0.45
N GLU C 388 10.54 -13.82 0.65
CA GLU C 388 11.22 -13.90 1.94
C GLU C 388 10.85 -15.20 2.63
N ASP C 389 11.32 -16.31 2.06
CA ASP C 389 10.95 -17.63 2.49
C ASP C 389 12.05 -18.32 3.31
N GLU C 390 12.90 -17.55 3.98
CA GLU C 390 14.01 -18.14 4.76
C GLU C 390 13.51 -19.15 5.83
N LEU C 391 12.43 -18.78 6.52
CA LEU C 391 11.87 -19.68 7.54
C LEU C 391 10.89 -20.71 6.90
N PRO C 392 11.09 -22.00 7.16
CA PRO C 392 10.11 -22.99 6.70
C PRO C 392 8.76 -22.78 7.40
N ASN C 393 7.66 -23.14 6.70
CA ASN C 393 6.31 -22.92 7.23
C ASN C 393 5.63 -24.28 7.27
N TYR C 394 4.97 -24.62 8.39
CA TYR C 394 4.36 -25.98 8.61
C TYR C 394 2.87 -26.03 8.86
N CYS C 395 2.25 -27.13 8.38
CA CYS C 395 0.85 -27.64 8.57
C CYS C 395 1.07 -28.64 9.77
N PHE C 396 0.20 -28.65 10.80
CA PHE C 396 0.24 -29.64 11.92
C PHE C 396 -1.10 -30.38 12.07
N PRO C 397 -1.08 -31.60 12.60
CA PRO C 397 -2.32 -32.28 12.95
C PRO C 397 -3.14 -31.50 13.97
N LEU C 398 -4.44 -31.71 13.94
CA LEU C 398 -5.33 -30.91 14.76
C LEU C 398 -4.96 -31.07 16.24
N ASP C 399 -4.45 -32.24 16.58
CA ASP C 399 -4.07 -32.51 17.96
C ASP C 399 -2.58 -32.22 18.24
N ALA C 400 -1.85 -31.72 17.22
CA ALA C 400 -0.42 -31.34 17.33
C ALA C 400 0.60 -32.45 17.63
N VAL C 401 0.20 -33.72 17.46
CA VAL C 401 1.10 -34.87 17.60
C VAL C 401 1.07 -35.75 16.34
N GLY C 402 -0.11 -36.17 15.93
CA GLY C 402 -0.21 -37.10 14.79
C GLY C 402 -0.20 -38.53 15.30
N ARG C 403 0.53 -39.42 14.63
CA ARG C 403 0.59 -40.85 15.02
C ARG C 403 1.14 -41.04 16.44
N THR C 404 0.49 -41.87 17.25
CA THR C 404 0.96 -42.19 18.60
C THR C 404 0.97 -43.72 18.72
N ASP C 405 1.73 -44.27 19.67
CA ASP C 405 1.56 -45.65 20.11
C ASP C 405 0.89 -45.65 21.50
N THR C 406 0.51 -46.82 21.97
CA THR C 406 -0.24 -46.93 23.22
C THR C 406 0.70 -47.42 24.31
N TYR C 407 0.68 -46.75 25.45
CA TYR C 407 1.63 -46.95 26.56
C TYR C 407 0.96 -47.19 27.89
N GLN C 408 1.50 -48.12 28.64
CA GLN C 408 1.06 -48.30 30.00
C GLN C 408 2.03 -47.65 30.97
N GLY C 409 1.55 -47.31 32.17
CA GLY C 409 2.42 -46.75 33.24
C GLY C 409 3.20 -47.86 33.92
N ILE C 410 4.48 -47.63 34.25
CA ILE C 410 5.31 -48.65 34.89
C ILE C 410 6.08 -47.96 36.03
N LYS C 411 6.47 -48.71 37.02
CA LYS C 411 7.22 -48.13 38.14
C LYS C 411 8.29 -49.13 38.55
N ALA C 412 9.38 -48.61 39.10
CA ALA C 412 10.54 -49.43 39.41
C ALA C 412 10.38 -50.08 40.79
N ASN C 413 10.70 -51.38 40.87
CA ASN C 413 10.70 -52.14 42.13
C ASN C 413 12.14 -52.44 42.56
N THR C 418 17.38 -52.58 38.49
CA THR C 418 15.96 -52.26 38.76
C THR C 418 14.95 -52.98 37.83
N THR C 419 13.96 -53.56 38.49
CA THR C 419 12.92 -54.32 37.85
C THR C 419 11.81 -53.29 37.67
N TRP C 420 10.96 -53.46 36.65
CA TRP C 420 9.83 -52.54 36.46
C TRP C 420 8.54 -53.36 36.49
N THR C 421 7.47 -52.80 37.06
CA THR C 421 6.17 -53.49 37.08
C THR C 421 5.06 -52.51 36.64
N LYS C 422 3.89 -53.04 36.29
CA LYS C 422 2.78 -52.18 35.89
C LYS C 422 2.35 -51.30 37.03
N ASP C 423 2.13 -50.02 36.76
CA ASP C 423 1.65 -49.09 37.79
C ASP C 423 0.11 -49.03 37.61
N ASP C 424 -0.60 -49.64 38.54
CA ASP C 424 -2.05 -49.76 38.48
C ASP C 424 -2.82 -48.49 38.80
N SER C 425 -2.09 -47.44 39.20
CA SER C 425 -2.70 -46.13 39.36
C SER C 425 -2.65 -45.35 38.03
N VAL C 426 -2.13 -45.98 36.97
CA VAL C 426 -2.01 -45.32 35.70
C VAL C 426 -2.80 -46.05 34.61
N ASN C 427 -3.50 -45.29 33.79
CA ASN C 427 -4.22 -45.85 32.62
C ASN C 427 -3.22 -46.69 31.84
N ASP C 428 -3.70 -47.83 31.32
CA ASP C 428 -2.82 -48.74 30.55
C ASP C 428 -2.77 -48.50 29.05
N ALA C 429 -3.48 -47.47 28.56
CA ALA C 429 -3.57 -47.19 27.11
C ALA C 429 -3.48 -45.71 26.82
N ASN C 430 -2.34 -45.10 27.12
CA ASN C 430 -2.13 -43.66 26.94
C ASN C 430 -1.53 -43.47 25.56
N GLU C 431 -2.03 -42.50 24.78
CA GLU C 431 -1.49 -42.21 23.45
C GLU C 431 -0.38 -41.15 23.55
N ILE C 432 0.87 -41.57 23.31
CA ILE C 432 1.98 -40.66 23.34
C ILE C 432 2.81 -40.89 22.09
N GLY C 433 3.25 -39.79 21.46
CA GLY C 433 4.14 -39.84 20.32
C GLY C 433 5.57 -39.78 20.83
N LYS C 434 6.47 -40.39 20.07
CA LYS C 434 7.91 -40.25 20.30
C LYS C 434 8.40 -39.22 19.27
N GLY C 435 9.34 -38.34 19.63
CA GLY C 435 9.87 -37.43 18.61
C GLY C 435 9.06 -36.18 18.43
N ASN C 436 9.22 -35.55 17.26
CA ASN C 436 8.58 -34.25 17.00
C ASN C 436 7.14 -34.47 16.51
N PRO C 437 6.26 -33.41 16.58
CA PRO C 437 4.91 -33.50 16.00
C PRO C 437 4.93 -33.80 14.51
N PHE C 438 4.04 -34.65 14.01
CA PHE C 438 3.93 -34.86 12.56
C PHE C 438 3.74 -33.45 11.95
N ALA C 439 4.34 -33.21 10.79
CA ALA C 439 4.20 -31.92 10.10
C ALA C 439 4.29 -32.10 8.61
N MET C 440 3.70 -31.17 7.86
CA MET C 440 3.98 -31.04 6.45
C MET C 440 4.41 -29.62 6.26
N GLU C 441 4.96 -29.33 5.08
CA GLU C 441 5.70 -28.10 4.86
C GLU C 441 5.14 -27.40 3.60
N ILE C 442 4.97 -26.08 3.65
CA ILE C 442 4.47 -25.32 2.51
C ILE C 442 5.17 -23.98 2.39
N ASN C 443 5.75 -23.69 1.22
CA ASN C 443 6.32 -22.34 1.06
C ASN C 443 5.18 -21.33 0.76
N ILE C 444 4.64 -20.73 1.80
CA ILE C 444 3.58 -19.72 1.62
C ILE C 444 3.98 -18.58 0.68
N GLN C 445 5.13 -17.97 0.94
CA GLN C 445 5.54 -16.81 0.15
C GLN C 445 5.67 -17.15 -1.30
N ALA C 446 6.33 -18.26 -1.63
CA ALA C 446 6.48 -18.65 -3.03
C ALA C 446 5.11 -18.87 -3.70
N ASN C 447 4.15 -19.45 -2.98
CA ASN C 447 2.83 -19.69 -3.60
C ASN C 447 2.08 -18.41 -3.89
N LEU C 448 2.15 -17.46 -2.96
CA LEU C 448 1.52 -16.16 -3.13
C LEU C 448 2.08 -15.49 -4.40
N TRP C 449 3.38 -15.54 -4.56
CA TRP C 449 4.02 -14.91 -5.70
C TRP C 449 3.64 -15.61 -7.01
N ARG C 450 3.75 -16.94 -7.02
CA ARG C 450 3.38 -17.73 -8.20
C ARG C 450 1.91 -17.53 -8.63
N ASN C 451 0.98 -17.53 -7.67
CA ASN C 451 -0.45 -17.29 -7.96
C ASN C 451 -0.61 -15.91 -8.56
N PHE C 452 0.12 -14.94 -8.02
CA PHE C 452 0.04 -13.57 -8.53
C PHE C 452 0.49 -13.50 -10.00
N LEU C 453 1.66 -14.05 -10.30
CA LEU C 453 2.16 -13.98 -11.65
C LEU C 453 1.24 -14.71 -12.63
N TYR C 454 0.64 -15.82 -12.19
CA TYR C 454 -0.20 -16.61 -13.07
C TYR C 454 -1.49 -15.84 -13.38
N ALA C 455 -2.17 -15.37 -12.34
CA ALA C 455 -3.45 -14.67 -12.48
C ALA C 455 -3.30 -13.41 -13.32
N ASN C 456 -2.19 -12.71 -13.14
CA ASN C 456 -2.06 -11.32 -13.64
C ASN C 456 -1.20 -11.18 -14.88
N VAL C 457 -0.31 -12.13 -15.11
CA VAL C 457 0.53 -12.08 -16.28
C VAL C 457 0.31 -13.26 -17.21
N ALA C 458 0.51 -14.48 -16.72
CA ALA C 458 0.51 -15.66 -17.55
C ALA C 458 -0.79 -15.74 -18.32
N LEU C 459 -1.89 -15.49 -17.62
CA LEU C 459 -3.21 -15.71 -18.24
C LEU C 459 -3.53 -14.66 -19.27
N TYR C 460 -2.81 -13.53 -19.19
CA TYR C 460 -2.94 -12.46 -20.17
C TYR C 460 -1.94 -12.56 -21.32
N LEU C 461 -1.17 -13.65 -21.39
CA LEU C 461 -0.26 -13.80 -22.52
C LEU C 461 -1.04 -13.88 -23.85
N PRO C 462 -0.40 -13.51 -24.97
CA PRO C 462 -1.09 -13.66 -26.24
C PRO C 462 -1.50 -15.12 -26.49
N ASP C 463 -2.52 -15.31 -27.32
CA ASP C 463 -3.14 -16.61 -27.52
C ASP C 463 -2.18 -17.66 -28.08
N SER C 464 -1.11 -17.20 -28.75
CA SER C 464 -0.12 -18.08 -29.37
C SER C 464 0.75 -18.83 -28.37
N TYR C 465 0.62 -18.49 -27.08
CA TYR C 465 1.39 -19.13 -26.00
C TYR C 465 0.56 -20.18 -25.30
N LYS C 466 -0.69 -20.31 -25.75
CA LYS C 466 -1.69 -21.20 -25.11
C LYS C 466 -1.99 -22.46 -25.94
N TYR C 467 -2.71 -23.40 -25.36
CA TYR C 467 -3.14 -24.57 -26.12
C TYR C 467 -4.53 -24.99 -25.68
N THR C 468 -5.14 -25.86 -26.48
CA THR C 468 -6.43 -26.46 -26.18
C THR C 468 -6.25 -27.97 -25.98
N PRO C 469 -6.53 -28.49 -24.78
CA PRO C 469 -6.43 -29.94 -24.54
C PRO C 469 -7.27 -30.72 -25.51
N ALA C 470 -6.98 -32.01 -25.67
CA ALA C 470 -7.65 -32.83 -26.71
C ALA C 470 -9.11 -33.20 -26.36
N ASN C 471 -9.46 -33.18 -25.08
CA ASN C 471 -10.83 -33.44 -24.63
C ASN C 471 -11.63 -32.15 -24.29
N VAL C 472 -11.18 -31.01 -24.82
CA VAL C 472 -11.83 -29.70 -24.59
C VAL C 472 -12.25 -29.14 -25.96
N THR C 473 -13.55 -28.83 -26.12
CA THR C 473 -14.03 -28.22 -27.36
C THR C 473 -14.34 -26.75 -27.12
N LEU C 474 -13.65 -25.87 -27.84
CA LEU C 474 -13.76 -24.42 -27.60
C LEU C 474 -14.50 -23.80 -28.78
N PRO C 475 -15.11 -22.59 -28.60
CA PRO C 475 -15.71 -21.97 -29.77
C PRO C 475 -14.57 -21.73 -30.76
N THR C 476 -14.90 -21.66 -32.02
CA THR C 476 -13.92 -21.30 -33.00
C THR C 476 -13.75 -19.75 -32.96
N ASN C 477 -14.80 -19.07 -32.48
CA ASN C 477 -14.77 -17.60 -32.42
C ASN C 477 -13.87 -17.18 -31.26
N THR C 478 -12.71 -16.69 -31.68
CA THR C 478 -11.62 -16.41 -30.82
C THR C 478 -11.88 -15.16 -29.98
N ASN C 479 -12.93 -14.42 -30.33
CA ASN C 479 -13.24 -13.16 -29.63
C ASN C 479 -14.22 -13.39 -28.47
N THR C 480 -14.51 -14.66 -28.16
CA THR C 480 -15.51 -15.02 -27.17
C THR C 480 -14.89 -15.36 -25.85
N TYR C 481 -15.68 -15.18 -24.80
CA TYR C 481 -15.23 -15.41 -23.48
C TYR C 481 -14.82 -16.91 -23.32
N ASP C 482 -15.70 -17.82 -23.77
CA ASP C 482 -15.44 -19.25 -23.67
C ASP C 482 -14.12 -19.68 -24.27
N TYR C 483 -13.76 -19.07 -25.39
CA TYR C 483 -12.45 -19.24 -25.97
C TYR C 483 -11.36 -18.71 -25.01
N MET C 484 -11.43 -17.45 -24.61
CA MET C 484 -10.41 -16.84 -23.74
C MET C 484 -10.29 -17.51 -22.36
N ASN C 485 -11.38 -18.10 -21.91
CA ASN C 485 -11.45 -18.77 -20.61
C ASN C 485 -11.01 -20.24 -20.64
N GLY C 486 -11.03 -20.84 -21.82
CA GLY C 486 -10.77 -22.28 -21.95
C GLY C 486 -9.40 -22.62 -22.54
N ARG C 487 -8.76 -21.66 -23.22
CA ARG C 487 -7.36 -21.82 -23.65
C ARG C 487 -6.39 -21.97 -22.44
N VAL C 488 -5.60 -23.04 -22.42
CA VAL C 488 -4.72 -23.34 -21.27
C VAL C 488 -3.36 -22.62 -21.36
N VAL C 489 -2.91 -22.06 -20.24
CA VAL C 489 -1.57 -21.52 -20.16
C VAL C 489 -0.75 -22.28 -19.11
N ALA C 490 0.44 -22.72 -19.53
CA ALA C 490 1.42 -23.40 -18.66
C ALA C 490 1.98 -22.42 -17.67
N PRO C 491 1.72 -22.65 -16.38
CA PRO C 491 2.14 -21.64 -15.41
C PRO C 491 3.63 -21.38 -15.48
N SER C 492 4.42 -22.32 -15.99
CA SER C 492 5.85 -22.14 -15.91
C SER C 492 6.31 -21.17 -17.01
N LEU C 493 5.38 -20.70 -17.85
CA LEU C 493 5.66 -19.55 -18.75
C LEU C 493 5.98 -18.27 -18.00
N VAL C 494 5.37 -18.11 -16.81
CA VAL C 494 5.67 -16.95 -15.98
C VAL C 494 5.82 -17.43 -14.54
N ASP C 495 6.87 -18.23 -14.32
CA ASP C 495 7.04 -18.82 -12.99
C ASP C 495 7.70 -17.84 -11.97
N SER C 496 7.78 -18.24 -10.70
CA SER C 496 8.33 -17.38 -9.62
C SER C 496 9.79 -17.01 -9.89
N TYR C 497 10.43 -17.77 -10.77
CA TYR C 497 11.78 -17.47 -11.16
C TYR C 497 11.90 -16.62 -12.44
N ILE C 498 10.78 -16.09 -12.95
CA ILE C 498 10.82 -15.29 -14.20
C ILE C 498 11.81 -14.11 -14.08
N ASN C 499 12.81 -14.03 -14.98
CA ASN C 499 13.83 -12.97 -14.93
C ASN C 499 14.09 -12.55 -13.48
N ILE C 500 14.62 -13.48 -12.67
CA ILE C 500 14.73 -13.25 -11.23
C ILE C 500 15.81 -12.21 -10.92
N GLY C 501 15.46 -11.23 -10.05
CA GLY C 501 16.39 -10.19 -9.76
C GLY C 501 16.21 -8.99 -10.68
N ALA C 502 15.34 -9.11 -11.69
CA ALA C 502 15.14 -8.02 -12.68
C ALA C 502 13.86 -7.25 -12.48
N ARG C 503 13.87 -6.02 -13.01
CA ARG C 503 12.65 -5.23 -13.21
C ARG C 503 12.54 -5.20 -14.73
N TRP C 504 11.58 -5.95 -15.27
CA TRP C 504 11.52 -6.16 -16.71
C TRP C 504 10.08 -6.56 -17.10
N SER C 505 9.49 -5.81 -18.02
CA SER C 505 8.22 -6.23 -18.62
C SER C 505 8.50 -7.37 -19.62
N LEU C 506 7.59 -8.32 -19.72
CA LEU C 506 7.86 -9.43 -20.65
C LEU C 506 7.81 -8.94 -22.09
N ASP C 507 8.77 -9.30 -22.95
CA ASP C 507 8.71 -8.85 -24.35
C ASP C 507 7.29 -8.99 -24.98
N PRO C 508 6.68 -10.21 -24.96
CA PRO C 508 5.34 -10.32 -25.60
C PRO C 508 4.23 -9.53 -24.90
N MET C 509 4.43 -9.15 -23.63
CA MET C 509 3.41 -8.39 -22.92
C MET C 509 3.54 -6.88 -23.19
N ASP C 510 4.67 -6.45 -23.75
CA ASP C 510 4.84 -5.01 -24.11
C ASP C 510 3.73 -4.53 -25.06
N ASN C 511 3.36 -5.38 -26.03
CA ASN C 511 2.42 -5.07 -27.10
C ASN C 511 1.01 -5.59 -26.86
N VAL C 512 0.76 -6.04 -25.65
CA VAL C 512 -0.59 -6.41 -25.22
C VAL C 512 -1.17 -5.23 -24.45
N ASN C 513 -2.39 -4.82 -24.79
CA ASN C 513 -3.05 -3.67 -24.12
C ASN C 513 -3.10 -3.91 -22.61
N PRO C 514 -2.32 -3.14 -21.82
CA PRO C 514 -2.32 -3.40 -20.36
C PRO C 514 -3.53 -2.92 -19.60
N PHE C 515 -4.40 -2.17 -20.27
CA PHE C 515 -5.57 -1.62 -19.61
C PHE C 515 -6.73 -2.65 -19.63
N ASN C 516 -6.59 -3.69 -20.47
CA ASN C 516 -7.57 -4.79 -20.58
C ASN C 516 -7.14 -5.85 -19.57
N HIS C 517 -7.50 -5.60 -18.31
CA HIS C 517 -7.00 -6.32 -17.20
C HIS C 517 -7.89 -6.12 -15.99
N HIS C 518 -8.04 -7.16 -15.17
CA HIS C 518 -8.92 -7.05 -14.01
C HIS C 518 -8.31 -6.17 -12.91
N ARG C 519 -7.02 -5.81 -13.03
CA ARG C 519 -6.49 -4.81 -12.11
C ARG C 519 -6.47 -3.39 -12.67
N ASN C 520 -7.22 -3.14 -13.76
CA ASN C 520 -7.61 -1.78 -14.17
C ASN C 520 -8.60 -1.26 -13.12
N ALA C 521 -8.12 -0.45 -12.18
CA ALA C 521 -8.98 0.02 -11.06
C ALA C 521 -10.12 0.92 -11.52
N GLY C 522 -9.88 1.73 -12.57
CA GLY C 522 -10.90 2.63 -13.09
C GLY C 522 -12.02 1.81 -13.69
N LEU C 523 -11.67 0.88 -14.56
CA LEU C 523 -12.66 -0.04 -15.12
C LEU C 523 -13.38 -0.90 -14.07
N ARG C 524 -12.64 -1.44 -13.16
CA ARG C 524 -13.26 -2.13 -12.02
C ARG C 524 -14.25 -1.29 -11.18
N TYR C 525 -13.88 -0.06 -10.84
CA TYR C 525 -14.77 0.83 -10.16
C TYR C 525 -16.01 1.12 -11.00
N ARG C 526 -15.84 1.30 -12.31
CA ARG C 526 -17.01 1.56 -13.20
C ARG C 526 -17.96 0.36 -13.34
N SER C 527 -17.42 -0.86 -13.38
CA SER C 527 -18.23 -2.08 -13.33
C SER C 527 -18.98 -2.15 -12.01
N MET C 528 -18.28 -1.84 -10.92
CA MET C 528 -18.87 -1.96 -9.61
C MET C 528 -19.86 -0.85 -9.24
N LEU C 529 -19.75 0.32 -9.88
CA LEU C 529 -20.75 1.37 -9.75
C LEU C 529 -22.14 0.93 -10.21
N LEU C 530 -22.18 0.11 -11.25
CA LEU C 530 -23.44 -0.48 -11.70
C LEU C 530 -23.96 -1.62 -10.78
N GLY C 531 -23.04 -2.37 -10.18
CA GLY C 531 -23.41 -3.41 -9.23
C GLY C 531 -22.68 -4.69 -9.52
N ASN C 532 -23.11 -5.79 -8.90
CA ASN C 532 -22.40 -7.03 -9.08
C ASN C 532 -23.10 -8.04 -9.97
N GLY C 533 -24.27 -7.69 -10.53
CA GLY C 533 -25.06 -8.67 -11.28
C GLY C 533 -25.12 -8.29 -12.75
N ARG C 534 -25.44 -9.27 -13.62
CA ARG C 534 -25.54 -8.98 -15.05
C ARG C 534 -26.74 -8.08 -15.43
N TYR C 535 -27.77 -8.10 -14.59
CA TYR C 535 -29.05 -7.43 -14.87
C TYR C 535 -29.11 -6.14 -14.06
N VAL C 536 -29.00 -5.04 -14.79
CA VAL C 536 -28.84 -3.71 -14.20
C VAL C 536 -29.76 -2.63 -14.87
N PRO C 537 -30.86 -2.24 -14.20
CA PRO C 537 -31.54 -1.02 -14.62
C PRO C 537 -30.69 0.14 -14.13
N PHE C 538 -30.26 0.99 -15.04
CA PHE C 538 -29.25 1.99 -14.72
C PHE C 538 -29.84 3.40 -14.85
N HIS C 539 -29.20 4.33 -14.17
CA HIS C 539 -29.49 5.74 -14.25
C HIS C 539 -28.17 6.56 -14.28
N ILE C 540 -27.86 7.19 -15.41
CA ILE C 540 -26.57 7.88 -15.56
C ILE C 540 -26.74 9.31 -16.06
N GLN C 541 -25.73 10.15 -15.81
CA GLN C 541 -25.65 11.50 -16.39
C GLN C 541 -24.47 11.61 -17.38
N VAL C 542 -24.76 12.00 -18.62
CA VAL C 542 -23.76 12.05 -19.66
C VAL C 542 -23.43 13.48 -20.11
N PRO C 543 -22.15 13.86 -20.06
CA PRO C 543 -21.84 15.28 -20.40
C PRO C 543 -21.78 15.57 -21.91
N GLN C 544 -21.88 16.86 -22.25
CA GLN C 544 -21.65 17.35 -23.62
C GLN C 544 -20.14 17.63 -23.69
N LYS C 545 -19.42 16.98 -24.62
CA LYS C 545 -17.93 17.16 -24.74
C LYS C 545 -17.56 17.98 -25.99
N PHE C 546 -18.53 18.31 -26.79
CA PHE C 546 -18.21 18.97 -28.03
C PHE C 546 -17.83 20.45 -27.86
N PHE C 547 -16.71 20.85 -28.47
CA PHE C 547 -15.99 22.00 -27.95
C PHE C 547 -16.76 23.27 -28.21
N ALA C 548 -17.52 23.32 -29.30
CA ALA C 548 -18.20 24.54 -29.71
C ALA C 548 -19.35 24.91 -28.78
N ILE C 549 -19.91 23.94 -28.07
CA ILE C 549 -21.04 24.23 -27.20
C ILE C 549 -20.91 23.83 -25.73
N LYS C 550 -19.96 22.96 -25.41
CA LYS C 550 -19.81 22.49 -24.02
C LYS C 550 -19.68 23.58 -22.96
N SER C 551 -19.25 24.78 -23.38
CA SER C 551 -19.05 25.89 -22.45
C SER C 551 -19.69 27.18 -22.89
N LEU C 552 -20.50 27.09 -23.96
CA LEU C 552 -21.23 28.24 -24.50
C LEU C 552 -22.07 28.86 -23.38
N LEU C 553 -22.03 30.17 -23.27
CA LEU C 553 -23.01 30.85 -22.42
C LEU C 553 -24.14 31.22 -23.37
N LEU C 554 -25.30 30.57 -23.20
CA LEU C 554 -26.42 30.64 -24.15
C LEU C 554 -27.41 31.74 -23.68
N LEU C 555 -27.65 32.76 -24.55
CA LEU C 555 -28.43 33.88 -24.09
C LEU C 555 -29.85 33.40 -24.18
N PRO C 556 -30.79 34.28 -23.78
CA PRO C 556 -32.22 33.96 -23.94
C PRO C 556 -32.62 33.51 -25.31
N GLY C 557 -33.43 32.46 -25.34
CA GLY C 557 -34.24 32.17 -26.56
C GLY C 557 -34.72 30.74 -26.41
N SER C 558 -35.23 30.17 -27.49
CA SER C 558 -35.61 28.76 -27.48
C SER C 558 -34.81 28.11 -28.57
N TYR C 559 -34.43 26.82 -28.31
CA TYR C 559 -33.47 26.22 -29.18
C TYR C 559 -33.76 24.72 -29.28
N THR C 560 -33.33 24.10 -30.40
CA THR C 560 -33.63 22.73 -30.50
C THR C 560 -32.20 22.20 -30.34
N TYR C 561 -32.07 21.21 -29.44
CA TYR C 561 -30.79 20.63 -29.06
C TYR C 561 -31.03 19.16 -29.32
N GLU C 562 -30.13 18.49 -30.00
CA GLU C 562 -30.43 17.17 -30.48
C GLU C 562 -29.15 16.32 -30.48
N TRP C 563 -29.21 15.12 -29.93
CA TRP C 563 -28.03 14.27 -29.88
C TRP C 563 -28.39 12.82 -30.04
N ASN C 564 -27.46 12.00 -30.56
CA ASN C 564 -27.71 10.59 -30.78
C ASN C 564 -26.82 9.72 -29.92
N PHE C 565 -27.48 8.71 -29.36
CA PHE C 565 -26.81 7.81 -28.52
C PHE C 565 -26.70 6.46 -29.20
N ARG C 566 -25.55 5.83 -29.02
CA ARG C 566 -25.30 4.54 -29.64
C ARG C 566 -25.96 3.41 -28.87
N LYS C 567 -26.45 2.40 -29.68
CA LYS C 567 -27.01 1.15 -29.13
C LYS C 567 -25.95 0.02 -29.13
N ASP C 568 -24.74 0.18 -29.83
CA ASP C 568 -23.87 -0.95 -30.02
C ASP C 568 -23.06 -1.14 -28.73
N VAL C 569 -23.14 -2.36 -28.13
CA VAL C 569 -22.50 -2.66 -26.80
C VAL C 569 -20.97 -2.67 -26.78
N ASN C 570 -20.32 -3.00 -27.89
CA ASN C 570 -18.85 -2.98 -27.95
C ASN C 570 -18.30 -1.56 -27.91
N MET C 571 -19.13 -0.59 -28.32
CA MET C 571 -18.84 0.83 -28.23
C MET C 571 -19.19 1.43 -26.86
N ILE C 572 -20.37 1.09 -26.34
CA ILE C 572 -20.84 1.82 -25.15
C ILE C 572 -20.46 1.13 -23.84
N LEU C 573 -20.21 -0.19 -23.94
CA LEU C 573 -19.58 -0.94 -22.84
C LEU C 573 -18.09 -1.21 -23.06
N GLN C 574 -17.41 -1.46 -21.94
CA GLN C 574 -16.07 -1.94 -21.97
C GLN C 574 -15.90 -3.15 -21.00
N SER C 575 -15.15 -4.14 -21.46
CA SER C 575 -14.78 -5.27 -20.59
C SER C 575 -13.27 -5.32 -20.39
N SER C 576 -12.86 -6.06 -19.37
CA SER C 576 -11.44 -6.16 -19.03
C SER C 576 -10.78 -7.21 -19.93
N LEU C 577 -11.51 -8.25 -20.34
CA LEU C 577 -10.98 -9.20 -21.32
C LEU C 577 -11.02 -8.67 -22.75
N GLY C 578 -11.94 -7.74 -23.03
CA GLY C 578 -12.08 -7.18 -24.39
C GLY C 578 -12.79 -8.09 -25.38
N ASN C 579 -13.47 -9.11 -24.86
CA ASN C 579 -14.20 -10.08 -25.70
C ASN C 579 -15.38 -9.42 -26.42
N ASP C 580 -15.87 -10.03 -27.50
CA ASP C 580 -16.96 -9.49 -28.27
C ASP C 580 -18.29 -9.56 -27.52
N LEU C 581 -18.60 -8.46 -26.79
CA LEU C 581 -19.86 -8.36 -26.03
C LEU C 581 -21.11 -8.44 -26.87
N ARG C 582 -21.05 -8.23 -28.19
CA ARG C 582 -22.18 -8.50 -29.07
C ARG C 582 -22.50 -10.01 -29.12
N THR C 583 -21.49 -10.82 -29.44
CA THR C 583 -21.74 -12.31 -29.60
C THR C 583 -21.98 -12.91 -28.21
N ASP C 584 -21.41 -12.28 -27.19
CA ASP C 584 -21.49 -12.80 -25.84
C ASP C 584 -22.69 -12.24 -25.07
N GLY C 585 -23.64 -11.66 -25.82
CA GLY C 585 -25.00 -11.49 -25.35
C GLY C 585 -25.27 -10.30 -24.46
N ALA C 586 -24.30 -9.29 -24.44
CA ALA C 586 -24.56 -8.05 -23.70
C ALA C 586 -25.58 -7.30 -24.49
N SER C 587 -26.45 -6.55 -23.82
CA SER C 587 -27.44 -5.74 -24.55
C SER C 587 -27.97 -4.58 -23.72
N ILE C 588 -28.52 -3.58 -24.38
CA ILE C 588 -29.07 -2.42 -23.65
C ILE C 588 -30.33 -1.87 -24.33
N SER C 589 -31.34 -1.45 -23.55
CA SER C 589 -32.27 -0.41 -24.08
C SER C 589 -32.35 0.83 -23.18
N PHE C 590 -32.71 1.95 -23.80
CA PHE C 590 -32.90 3.22 -23.12
C PHE C 590 -34.37 3.46 -22.87
N THR C 591 -34.75 3.66 -21.62
CA THR C 591 -36.16 3.88 -21.29
C THR C 591 -36.45 5.37 -21.31
N SER C 592 -35.47 6.18 -20.89
CA SER C 592 -35.62 7.61 -21.15
C SER C 592 -34.34 8.37 -20.99
N ILE C 593 -34.22 9.37 -21.85
CA ILE C 593 -33.17 10.36 -21.79
C ILE C 593 -33.76 11.76 -21.63
N ASN C 594 -33.51 12.40 -20.49
CA ASN C 594 -33.93 13.77 -20.32
C ASN C 594 -32.77 14.70 -20.30
N LEU C 595 -33.05 15.96 -20.61
CA LEU C 595 -32.09 17.03 -20.62
C LEU C 595 -32.31 17.91 -19.38
N TYR C 596 -31.19 18.16 -18.70
CA TYR C 596 -31.14 18.96 -17.49
C TYR C 596 -30.23 20.18 -17.73
N ALA C 597 -30.57 21.26 -17.03
CA ALA C 597 -29.91 22.53 -17.24
C ALA C 597 -30.06 23.33 -15.95
N THR C 598 -28.94 23.80 -15.41
CA THR C 598 -29.02 24.68 -14.25
C THR C 598 -28.71 26.16 -14.61
N PHE C 599 -29.56 27.11 -14.09
CA PHE C 599 -29.38 28.56 -14.25
C PHE C 599 -28.97 29.24 -12.91
N PHE C 600 -27.89 30.04 -12.95
CA PHE C 600 -27.51 30.85 -11.80
C PHE C 600 -28.67 31.81 -11.63
N PRO C 601 -29.17 31.98 -10.40
CA PRO C 601 -30.42 32.75 -10.26
C PRO C 601 -30.14 34.28 -10.34
N MET C 602 -29.62 34.74 -11.47
CA MET C 602 -29.14 36.14 -11.64
C MET C 602 -30.21 37.14 -11.43
N ALA C 603 -29.86 38.17 -10.66
CA ALA C 603 -30.71 39.34 -10.55
C ALA C 603 -31.06 39.79 -11.97
N HIS C 604 -32.33 40.32 -12.16
CA HIS C 604 -32.81 40.37 -13.53
C HIS C 604 -32.30 41.62 -14.27
N ASN C 605 -32.21 42.80 -13.58
CA ASN C 605 -31.51 43.94 -14.18
C ASN C 605 -30.08 43.59 -14.65
N THR C 606 -29.39 42.72 -13.91
CA THR C 606 -28.00 42.33 -14.17
C THR C 606 -27.84 41.29 -15.32
N ALA C 607 -28.64 40.18 -15.31
CA ALA C 607 -28.73 39.36 -16.55
C ALA C 607 -29.11 40.21 -17.85
N SER C 608 -30.00 41.16 -17.69
CA SER C 608 -30.40 41.97 -18.89
C SER C 608 -29.25 42.82 -19.45
N THR C 609 -28.49 43.46 -18.55
CA THR C 609 -27.27 44.18 -18.86
C THR C 609 -26.23 43.31 -19.58
N LEU C 610 -25.95 42.14 -18.98
CA LEU C 610 -25.02 41.15 -19.50
C LEU C 610 -25.49 40.60 -20.85
N GLU C 611 -26.74 40.13 -20.92
CA GLU C 611 -27.25 39.57 -22.18
C GLU C 611 -26.92 40.58 -23.30
N ALA C 612 -27.28 41.84 -23.06
CA ALA C 612 -27.02 42.86 -24.02
C ALA C 612 -25.53 43.03 -24.35
N MET C 613 -24.65 43.28 -23.27
CA MET C 613 -23.19 43.16 -23.70
C MET C 613 -22.81 41.93 -24.57
N LEU C 614 -23.46 40.78 -24.31
CA LEU C 614 -22.97 39.56 -25.00
C LEU C 614 -23.60 39.38 -26.39
N ARG C 615 -24.60 40.20 -26.69
CA ARG C 615 -25.17 40.20 -28.06
C ARG C 615 -24.37 41.03 -29.05
N ASN C 616 -23.37 41.77 -28.55
CA ASN C 616 -22.59 42.67 -29.37
C ASN C 616 -21.46 41.92 -30.10
N ASP C 617 -21.28 42.19 -31.41
CA ASP C 617 -20.21 41.61 -32.26
C ASP C 617 -18.84 41.47 -31.54
N THR C 618 -18.38 42.55 -30.93
CA THR C 618 -17.08 42.58 -30.25
C THR C 618 -17.02 41.63 -29.06
N ASN C 619 -18.19 41.33 -28.48
CA ASN C 619 -18.25 40.37 -27.36
C ASN C 619 -18.73 38.95 -27.76
N ASP C 620 -18.86 38.66 -29.13
CA ASP C 620 -19.00 37.26 -29.57
C ASP C 620 -18.05 36.37 -28.73
N GLN C 621 -18.49 35.18 -28.28
CA GLN C 621 -17.62 34.20 -27.54
C GLN C 621 -16.86 33.25 -28.52
N SER C 622 -15.77 32.62 -28.05
CA SER C 622 -14.98 31.77 -28.95
C SER C 622 -14.27 30.61 -28.28
N PHE C 623 -14.19 29.46 -28.97
CA PHE C 623 -13.60 28.27 -28.37
C PHE C 623 -12.71 27.49 -29.33
N ASN C 624 -11.66 26.89 -28.76
CA ASN C 624 -10.75 25.99 -29.45
C ASN C 624 -11.01 24.63 -28.89
N ASP C 625 -11.01 23.63 -29.77
CA ASP C 625 -11.01 22.28 -29.34
C ASP C 625 -9.68 22.02 -28.60
N TYR C 626 -9.74 21.43 -27.43
CA TYR C 626 -8.49 21.29 -26.64
C TYR C 626 -7.41 20.51 -27.44
N LEU C 627 -7.72 19.30 -27.91
CA LEU C 627 -6.78 18.58 -28.76
C LEU C 627 -6.28 19.49 -29.90
N SER C 628 -7.21 20.17 -30.58
CA SER C 628 -6.90 21.18 -31.64
C SER C 628 -6.07 20.61 -32.77
N ALA C 629 -6.65 19.68 -33.53
CA ALA C 629 -5.82 18.86 -34.42
C ALA C 629 -6.61 18.26 -35.53
N ALA C 630 -6.00 18.08 -36.69
CA ALA C 630 -6.59 17.22 -37.76
C ALA C 630 -6.01 15.82 -37.59
N ASN C 631 -6.88 14.82 -37.45
CA ASN C 631 -6.50 13.48 -37.00
C ASN C 631 -6.54 12.51 -38.13
N MET C 632 -5.47 11.77 -38.34
CA MET C 632 -5.42 10.86 -39.46
C MET C 632 -4.86 9.52 -38.99
N LEU C 633 -5.34 8.44 -39.59
CA LEU C 633 -4.93 7.06 -39.30
C LEU C 633 -4.43 6.45 -40.61
N TYR C 634 -3.31 5.71 -40.62
CA TYR C 634 -2.86 5.07 -41.91
C TYR C 634 -2.67 3.54 -41.71
N PRO C 635 -3.10 2.70 -42.71
CA PRO C 635 -2.88 1.26 -42.43
C PRO C 635 -1.38 0.85 -42.33
N ILE C 636 -1.08 -0.01 -41.33
CA ILE C 636 0.19 -0.68 -41.26
C ILE C 636 -0.07 -2.20 -41.29
N PRO C 637 0.17 -2.84 -42.46
CA PRO C 637 0.05 -4.30 -42.65
C PRO C 637 0.86 -5.15 -41.66
N ALA C 638 0.36 -6.35 -41.34
CA ALA C 638 1.09 -7.17 -40.39
C ALA C 638 2.55 -7.28 -40.85
N ASN C 639 3.50 -7.09 -39.93
CA ASN C 639 4.95 -7.24 -40.22
C ASN C 639 5.66 -6.20 -41.09
N ALA C 640 4.94 -5.15 -41.50
CA ALA C 640 5.55 -3.98 -42.13
C ALA C 640 6.36 -3.13 -41.11
N THR C 641 7.42 -2.48 -41.59
CA THR C 641 8.32 -1.70 -40.72
C THR C 641 8.47 -0.24 -41.18
N ASN C 642 8.02 0.03 -42.41
CA ASN C 642 8.03 1.40 -42.95
C ASN C 642 6.64 1.88 -43.35
N VAL C 643 6.26 3.08 -42.87
CA VAL C 643 4.97 3.69 -43.12
C VAL C 643 5.21 5.04 -43.86
N PRO C 644 5.35 5.02 -45.20
CA PRO C 644 5.52 6.32 -45.85
C PRO C 644 4.16 6.99 -45.87
N ILE C 645 4.09 8.28 -45.54
CA ILE C 645 2.84 9.01 -45.72
C ILE C 645 3.13 10.33 -46.43
N SER C 646 2.10 10.87 -47.10
CA SER C 646 2.30 12.07 -47.89
C SER C 646 1.10 12.98 -47.65
N ILE C 647 1.35 14.25 -47.34
CA ILE C 647 0.26 15.22 -47.28
C ILE C 647 0.36 16.11 -48.51
N PRO C 648 -0.73 16.14 -49.32
CA PRO C 648 -0.78 16.86 -50.58
C PRO C 648 -0.70 18.39 -50.42
N SER C 649 0.00 19.02 -51.39
CA SER C 649 0.34 20.44 -51.38
C SER C 649 -0.72 21.32 -50.72
N ARG C 650 -0.34 22.08 -49.67
CA ARG C 650 -1.31 22.93 -48.98
C ARG C 650 -0.68 24.10 -48.19
N ASN C 651 -1.58 24.80 -47.29
CA ASN C 651 -1.07 25.95 -46.57
C ASN C 651 -0.65 25.44 -45.21
N TRP C 652 0.53 25.90 -44.75
CA TRP C 652 1.01 25.46 -43.46
C TRP C 652 1.07 26.58 -42.43
N ALA C 653 0.55 27.76 -42.76
CA ALA C 653 0.54 28.86 -41.84
C ALA C 653 -0.16 28.46 -40.54
N ALA C 654 0.43 28.83 -39.42
CA ALA C 654 -0.17 28.48 -38.11
C ALA C 654 -0.09 27.00 -37.71
N PHE C 655 0.60 26.17 -38.51
CA PHE C 655 0.81 24.75 -38.12
C PHE C 655 1.61 24.67 -36.84
N ARG C 656 1.19 23.82 -35.90
CA ARG C 656 1.80 23.83 -34.57
C ARG C 656 2.75 22.65 -34.36
N GLY C 657 2.56 21.56 -35.10
CA GLY C 657 3.40 20.38 -34.96
C GLY C 657 2.67 19.07 -35.11
N TRP C 658 3.34 17.98 -34.73
CA TRP C 658 2.79 16.64 -34.90
C TRP C 658 2.81 15.87 -33.58
N SER C 659 1.73 15.14 -33.29
CA SER C 659 1.76 14.06 -32.30
C SER C 659 1.37 12.78 -33.01
N PHE C 660 1.79 11.66 -32.48
CA PHE C 660 1.64 10.38 -33.12
C PHE C 660 1.85 9.20 -32.15
N THR C 661 1.16 8.10 -32.43
CA THR C 661 1.23 6.86 -31.65
C THR C 661 0.76 5.74 -32.63
N ARG C 662 0.68 4.51 -32.15
CA ARG C 662 0.33 3.35 -33.02
C ARG C 662 -0.85 2.67 -32.34
N LEU C 663 -1.83 2.22 -33.16
CA LEU C 663 -2.99 1.52 -32.59
C LEU C 663 -3.13 0.13 -33.19
N LYS C 664 -3.88 -0.75 -32.55
CA LYS C 664 -4.19 -2.03 -33.19
C LYS C 664 -5.49 -1.78 -33.89
N THR C 665 -5.56 -2.20 -35.16
CA THR C 665 -6.73 -2.04 -35.95
C THR C 665 -7.91 -2.70 -35.22
N LYS C 666 -7.68 -3.91 -34.70
CA LYS C 666 -8.72 -4.64 -33.98
C LYS C 666 -9.31 -3.78 -32.83
N GLU C 667 -8.50 -2.92 -32.23
CA GLU C 667 -8.96 -2.15 -31.08
C GLU C 667 -9.48 -0.78 -31.47
N THR C 668 -9.75 -0.56 -32.78
CA THR C 668 -10.06 0.81 -33.30
C THR C 668 -11.33 0.81 -34.16
N PRO C 669 -12.46 1.36 -33.66
CA PRO C 669 -13.69 1.25 -34.49
C PRO C 669 -13.78 2.28 -35.64
N SER C 670 -14.27 1.91 -36.85
CA SER C 670 -14.47 2.98 -37.83
C SER C 670 -15.66 3.78 -37.24
N LEU C 671 -15.49 5.12 -37.10
CA LEU C 671 -16.59 5.97 -36.64
C LEU C 671 -17.34 6.45 -37.90
N GLY C 672 -16.82 6.11 -39.09
CA GLY C 672 -17.34 6.63 -40.36
C GLY C 672 -18.81 6.35 -40.68
N SER C 673 -19.44 5.52 -39.87
CA SER C 673 -20.84 5.17 -40.08
C SER C 673 -21.61 5.06 -38.76
N GLY C 674 -22.92 4.81 -38.91
CA GLY C 674 -23.77 4.48 -37.78
C GLY C 674 -23.34 3.24 -36.98
N PHE C 675 -22.63 2.29 -37.64
CA PHE C 675 -22.31 0.99 -37.03
C PHE C 675 -21.06 0.43 -37.69
N ASP C 676 -20.24 -0.27 -36.90
CA ASP C 676 -19.03 -0.88 -37.43
C ASP C 676 -19.02 -2.39 -37.17
N PRO C 677 -19.52 -3.19 -38.14
CA PRO C 677 -19.54 -4.68 -38.05
C PRO C 677 -18.17 -5.37 -37.74
N TYR C 678 -17.04 -4.69 -37.95
CA TYR C 678 -15.75 -5.33 -37.73
C TYR C 678 -15.27 -5.13 -36.26
N PHE C 679 -15.99 -4.31 -35.50
CA PHE C 679 -15.56 -3.96 -34.17
C PHE C 679 -16.00 -5.01 -33.16
N VAL C 680 -15.21 -6.09 -33.09
CA VAL C 680 -15.54 -7.30 -32.31
C VAL C 680 -14.66 -7.36 -31.06
N TYR C 681 -14.59 -6.21 -30.37
CA TYR C 681 -13.69 -6.07 -29.23
C TYR C 681 -14.35 -5.01 -28.38
N SER C 682 -14.23 -5.10 -27.05
CA SER C 682 -14.80 -4.11 -26.10
C SER C 682 -13.84 -3.75 -24.99
N GLY C 683 -12.54 -3.89 -25.25
CA GLY C 683 -11.59 -3.39 -24.29
C GLY C 683 -11.45 -1.87 -24.44
N SER C 684 -10.33 -1.34 -23.95
CA SER C 684 -10.10 0.10 -24.00
C SER C 684 -9.81 0.42 -25.45
N ILE C 685 -10.11 1.66 -25.83
CA ILE C 685 -10.04 2.07 -27.22
C ILE C 685 -9.07 3.26 -27.26
N PRO C 686 -7.75 3.00 -27.33
CA PRO C 686 -6.85 4.15 -27.13
C PRO C 686 -7.16 5.38 -28.00
N TYR C 687 -7.62 5.19 -29.23
CA TYR C 687 -7.92 6.33 -30.11
C TYR C 687 -8.82 7.34 -29.41
N LEU C 688 -9.80 6.86 -28.64
CA LEU C 688 -10.79 7.70 -28.00
C LEU C 688 -10.38 8.06 -26.58
N ASP C 689 -9.83 7.10 -25.85
CA ASP C 689 -9.72 7.24 -24.40
C ASP C 689 -8.32 7.55 -23.91
N GLY C 690 -7.33 7.49 -24.80
CA GLY C 690 -5.94 7.91 -24.44
C GLY C 690 -5.07 6.82 -23.81
N THR C 691 -5.53 5.57 -23.81
CA THR C 691 -4.80 4.47 -23.15
C THR C 691 -3.72 3.89 -24.11
N PHE C 692 -2.87 4.75 -24.64
CA PHE C 692 -1.88 4.32 -25.61
C PHE C 692 -0.85 3.45 -24.91
N TYR C 693 -0.28 2.50 -25.65
CA TYR C 693 0.65 1.55 -25.01
C TYR C 693 1.60 0.97 -26.03
N LEU C 694 1.66 1.54 -27.25
CA LEU C 694 2.54 1.01 -28.31
C LEU C 694 3.67 1.95 -28.75
N ASN C 695 3.96 2.95 -27.92
CA ASN C 695 4.90 4.01 -28.27
C ASN C 695 6.33 3.56 -28.38
N HIS C 696 6.66 2.54 -27.60
CA HIS C 696 8.00 1.98 -27.60
C HIS C 696 8.30 1.27 -28.94
N THR C 697 7.30 1.11 -29.83
CA THR C 697 7.55 0.38 -31.08
C THR C 697 8.04 1.25 -32.22
N PHE C 698 8.15 2.55 -31.95
CA PHE C 698 8.66 3.50 -32.95
C PHE C 698 10.19 3.53 -32.94
N LYS C 699 10.78 3.52 -34.12
CA LYS C 699 12.23 3.57 -34.25
C LYS C 699 12.75 4.94 -34.68
N LYS C 700 12.19 5.48 -35.76
CA LYS C 700 12.53 6.81 -36.26
C LYS C 700 11.43 7.43 -37.15
N VAL C 701 11.49 8.73 -37.41
CA VAL C 701 10.50 9.42 -38.24
C VAL C 701 11.26 10.50 -38.98
N SER C 702 10.92 10.62 -40.25
CA SER C 702 11.61 11.45 -41.20
C SER C 702 10.60 12.46 -41.68
N ILE C 703 10.99 13.73 -41.85
CA ILE C 703 10.07 14.80 -42.24
C ILE C 703 10.72 15.71 -43.28
N THR C 704 10.02 15.87 -44.45
CA THR C 704 10.47 16.57 -45.64
C THR C 704 9.34 17.35 -46.42
N PHE C 705 9.49 18.72 -46.75
CA PHE C 705 8.44 19.45 -47.37
C PHE C 705 8.62 19.61 -48.90
N ASP C 706 7.65 20.04 -49.69
CA ASP C 706 7.72 20.24 -51.13
C ASP C 706 8.72 19.14 -51.71
N SER C 707 8.36 17.88 -51.35
CA SER C 707 9.22 16.71 -51.79
C SER C 707 10.67 16.65 -51.12
N SER C 708 11.36 17.87 -51.24
CA SER C 708 12.82 17.91 -50.96
C SER C 708 13.31 18.46 -49.59
N VAL C 709 12.61 19.49 -49.06
CA VAL C 709 13.13 20.11 -47.80
C VAL C 709 13.02 19.27 -46.52
N SER C 710 14.13 18.77 -45.98
CA SER C 710 14.14 17.98 -44.70
C SER C 710 13.99 18.81 -43.40
N TRP C 711 13.13 18.36 -42.43
CA TRP C 711 12.88 19.18 -41.21
C TRP C 711 13.12 18.38 -39.90
N PRO C 712 13.80 19.00 -38.88
CA PRO C 712 14.23 20.41 -38.80
C PRO C 712 15.52 20.73 -39.58
N GLY C 713 16.19 19.71 -40.14
CA GLY C 713 17.40 19.95 -40.93
C GLY C 713 18.33 20.83 -40.11
N ASN C 714 19.07 21.68 -40.81
CA ASN C 714 19.93 22.69 -40.19
C ASN C 714 21.00 22.08 -39.31
N ASP C 715 21.32 20.81 -39.59
CA ASP C 715 22.34 20.14 -38.80
C ASP C 715 22.03 20.19 -37.32
N ARG C 716 20.76 20.38 -36.96
CA ARG C 716 20.35 20.44 -35.51
C ARG C 716 20.61 19.15 -34.70
N LEU C 717 20.15 17.99 -35.18
CA LEU C 717 20.17 16.74 -34.34
C LEU C 717 21.45 15.91 -34.53
N LEU C 718 21.78 15.07 -33.55
CA LEU C 718 23.02 14.25 -33.57
C LEU C 718 23.09 13.34 -34.76
N THR C 719 21.92 12.88 -35.18
CA THR C 719 21.70 12.23 -36.47
C THR C 719 20.75 13.15 -37.23
N PRO C 720 21.30 14.13 -37.97
CA PRO C 720 20.56 15.34 -38.35
C PRO C 720 19.37 15.25 -39.32
N ASN C 721 19.27 14.21 -40.16
CA ASN C 721 18.20 14.18 -41.21
C ASN C 721 16.90 13.38 -40.92
N GLU C 722 16.78 12.88 -39.70
CA GLU C 722 15.56 12.22 -39.26
C GLU C 722 15.53 12.34 -37.74
N PHE C 723 14.36 12.14 -37.15
CA PHE C 723 14.29 11.95 -35.67
C PHE C 723 14.49 10.45 -35.29
N GLU C 724 15.60 10.09 -34.65
CA GLU C 724 15.76 8.69 -34.18
C GLU C 724 15.19 8.56 -32.77
N ILE C 725 14.16 7.71 -32.63
CA ILE C 725 13.55 7.50 -31.32
C ILE C 725 14.33 6.54 -30.43
N LYS C 726 14.85 5.46 -31.00
CA LYS C 726 15.69 4.50 -30.25
C LYS C 726 16.66 3.84 -31.22
N ARG C 727 17.81 3.39 -30.72
CA ARG C 727 18.70 2.62 -31.60
C ARG C 727 19.00 1.30 -30.95
N THR C 728 18.91 0.27 -31.76
CA THR C 728 19.41 -1.05 -31.44
C THR C 728 20.93 -1.09 -31.73
N VAL C 729 21.36 -0.59 -32.89
CA VAL C 729 22.79 -0.50 -33.15
C VAL C 729 23.29 0.88 -32.68
N ASP C 730 24.18 0.92 -31.70
CA ASP C 730 24.55 2.20 -31.05
C ASP C 730 26.01 2.20 -30.70
N GLY C 731 26.85 2.08 -31.73
CA GLY C 731 28.29 2.14 -31.58
C GLY C 731 28.81 3.42 -30.94
N GLU C 732 28.20 4.56 -31.24
CA GLU C 732 28.69 5.84 -30.71
C GLU C 732 28.29 6.12 -29.25
N GLY C 733 27.30 5.38 -28.77
CA GLY C 733 26.81 5.57 -27.40
C GLY C 733 25.93 6.81 -27.37
N TYR C 734 25.16 7.01 -28.45
CA TYR C 734 24.16 8.08 -28.50
C TYR C 734 22.91 7.84 -27.60
N ASN C 735 22.67 6.60 -27.15
CA ASN C 735 21.49 6.31 -26.28
C ASN C 735 21.62 6.94 -24.86
N VAL C 736 20.53 6.94 -24.10
CA VAL C 736 20.52 7.77 -22.88
C VAL C 736 19.69 7.13 -21.78
N ALA C 737 19.92 7.59 -20.54
CA ALA C 737 19.04 7.27 -19.45
C ALA C 737 18.91 5.77 -19.21
N GLN C 738 19.96 5.03 -19.59
CA GLN C 738 20.05 3.62 -19.31
C GLN C 738 18.97 2.82 -20.03
N CYS C 739 18.62 3.22 -21.26
CA CYS C 739 17.74 2.41 -22.09
C CYS C 739 18.14 2.63 -23.55
N ASN C 740 17.33 2.16 -24.50
CA ASN C 740 17.67 2.29 -25.95
C ASN C 740 17.14 3.56 -26.66
N MET C 741 16.53 4.44 -25.87
CA MET C 741 16.14 5.76 -26.35
C MET C 741 17.37 6.64 -26.63
N THR C 742 17.32 7.48 -27.68
CA THR C 742 18.47 8.29 -28.06
C THR C 742 18.44 9.60 -27.24
N LYS C 743 19.63 10.20 -27.08
CA LYS C 743 19.79 11.53 -26.51
C LYS C 743 18.98 12.58 -27.28
N ASP C 744 19.04 12.55 -28.62
CA ASP C 744 18.23 13.43 -29.48
C ASP C 744 16.76 13.40 -29.05
N TRP C 745 16.17 12.21 -29.05
CA TRP C 745 14.73 12.09 -28.80
C TRP C 745 14.35 12.50 -27.38
N PHE C 746 15.22 12.16 -26.41
CA PHE C 746 14.97 12.52 -25.02
C PHE C 746 14.97 14.07 -24.91
N LEU C 747 15.87 14.74 -25.64
CA LEU C 747 15.90 16.21 -25.71
C LEU C 747 14.57 16.78 -26.26
N VAL C 748 14.11 16.24 -27.37
CA VAL C 748 12.92 16.76 -28.05
C VAL C 748 11.68 16.56 -27.16
N GLN C 749 11.63 15.45 -26.46
CA GLN C 749 10.44 15.13 -25.70
C GLN C 749 10.42 15.98 -24.43
N MET C 750 11.58 16.12 -23.80
CA MET C 750 11.69 16.97 -22.61
C MET C 750 11.43 18.44 -22.90
N LEU C 751 11.95 18.94 -24.03
CA LEU C 751 11.63 20.31 -24.53
C LEU C 751 10.14 20.45 -24.83
N ALA C 752 9.58 19.49 -25.58
CA ALA C 752 8.20 19.53 -26.06
C ALA C 752 7.16 19.58 -24.93
N HIS C 753 7.44 18.88 -23.83
CA HIS C 753 6.54 18.82 -22.70
C HIS C 753 6.86 19.84 -21.62
N TYR C 754 8.14 20.13 -21.38
CA TYR C 754 8.55 20.93 -20.21
C TYR C 754 9.47 22.08 -20.47
N ASN C 755 9.89 22.26 -21.72
CA ASN C 755 10.91 23.32 -22.01
C ASN C 755 12.21 23.03 -21.29
N ILE C 756 12.44 21.76 -20.99
CA ILE C 756 13.63 21.37 -20.27
C ILE C 756 14.60 20.71 -21.25
N GLY C 757 15.86 21.14 -21.26
CA GLY C 757 16.84 20.40 -22.08
C GLY C 757 18.10 21.16 -22.44
N TYR C 758 18.01 22.49 -22.61
CA TYR C 758 19.19 23.30 -22.97
C TYR C 758 19.93 23.75 -21.73
N GLN C 759 19.33 23.55 -20.56
CA GLN C 759 19.96 23.99 -19.32
C GLN C 759 20.02 22.87 -18.29
N GLY C 760 20.28 21.66 -18.78
CA GLY C 760 20.34 20.46 -17.92
C GLY C 760 19.04 19.70 -18.02
N PHE C 761 19.10 18.40 -17.81
CA PHE C 761 17.93 17.56 -17.67
C PHE C 761 17.65 17.34 -16.18
N TYR C 762 16.39 17.44 -15.79
CA TYR C 762 16.04 17.23 -14.38
C TYR C 762 14.57 16.85 -14.40
N VAL C 763 14.06 16.40 -13.26
CA VAL C 763 12.66 16.00 -13.12
C VAL C 763 11.75 17.21 -13.16
N PRO C 764 10.76 17.22 -14.07
CA PRO C 764 9.88 18.40 -14.03
C PRO C 764 9.03 18.50 -12.72
N GLU C 765 8.60 19.72 -12.38
CA GLU C 765 7.60 19.93 -11.34
C GLU C 765 6.41 19.01 -11.57
N GLY C 766 5.95 18.34 -10.51
CA GLY C 766 4.88 17.38 -10.58
C GLY C 766 3.66 17.93 -11.27
N TYR C 767 3.25 19.14 -10.94
CA TYR C 767 2.04 19.63 -11.59
C TYR C 767 2.16 19.98 -13.09
N LYS C 768 3.38 20.06 -13.62
CA LYS C 768 3.57 20.15 -15.09
C LYS C 768 3.75 18.78 -15.75
N ASP C 769 3.85 17.72 -14.95
CA ASP C 769 4.13 16.39 -15.46
C ASP C 769 2.90 15.53 -15.15
N ARG C 770 1.86 15.65 -15.98
CA ARG C 770 0.53 15.15 -15.61
C ARG C 770 0.33 13.77 -16.19
N MET C 771 -0.91 13.27 -16.22
CA MET C 771 -1.12 11.83 -16.39
C MET C 771 -0.60 11.30 -17.71
N TYR C 772 -0.62 12.15 -18.73
CA TYR C 772 -0.29 11.72 -20.11
C TYR C 772 1.01 12.38 -20.52
N SER C 773 1.84 12.80 -19.58
CA SER C 773 3.05 13.51 -19.94
C SER C 773 4.19 12.54 -20.08
N PHE C 774 5.26 12.98 -20.71
CA PHE C 774 6.35 12.11 -21.03
C PHE C 774 7.07 11.54 -19.81
N PHE C 775 7.57 12.43 -18.95
CA PHE C 775 8.40 11.96 -17.87
C PHE C 775 7.64 10.99 -16.97
N ARG C 776 6.40 11.33 -16.64
CA ARG C 776 5.57 10.54 -15.72
C ARG C 776 5.50 9.07 -16.19
N ASN C 777 5.51 8.87 -17.50
CA ASN C 777 5.30 7.54 -18.08
C ASN C 777 6.57 6.85 -18.57
N PHE C 778 7.69 7.56 -18.56
CA PHE C 778 8.92 7.02 -19.14
C PHE C 778 9.49 5.93 -18.21
N GLN C 779 9.63 4.69 -18.73
CA GLN C 779 10.11 3.54 -17.94
C GLN C 779 11.22 2.76 -18.65
N PRO C 780 12.48 3.17 -18.41
CA PRO C 780 13.67 2.46 -18.92
C PRO C 780 13.87 1.18 -18.13
N MET C 781 14.39 0.15 -18.76
CA MET C 781 14.44 -1.20 -18.14
C MET C 781 15.61 -1.97 -18.76
N SER C 782 16.25 -2.85 -18.00
CA SER C 782 17.33 -3.73 -18.50
C SER C 782 17.24 -5.14 -17.85
N ARG C 783 17.82 -6.13 -18.53
CA ARG C 783 17.97 -7.44 -17.91
C ARG C 783 19.22 -8.08 -18.52
N GLN C 784 19.68 -9.14 -17.86
CA GLN C 784 20.64 -10.03 -18.51
C GLN C 784 19.93 -11.34 -18.82
N VAL C 785 20.47 -12.07 -19.80
CA VAL C 785 20.04 -13.42 -20.15
C VAL C 785 21.26 -14.17 -20.62
N VAL C 786 21.14 -15.50 -20.74
CA VAL C 786 22.26 -16.33 -21.15
C VAL C 786 22.65 -15.96 -22.58
N ASP C 787 23.95 -15.88 -22.81
CA ASP C 787 24.44 -15.68 -24.15
C ASP C 787 24.36 -17.02 -24.88
N GLU C 788 23.32 -17.19 -25.68
CA GLU C 788 23.11 -18.45 -26.38
C GLU C 788 24.19 -18.77 -27.41
N VAL C 789 24.97 -17.77 -27.77
CA VAL C 789 26.02 -18.01 -28.76
C VAL C 789 27.31 -18.39 -28.02
N ASN C 790 27.63 -17.68 -26.94
CA ASN C 790 28.97 -17.78 -26.37
C ASN C 790 29.07 -18.56 -25.08
N TYR C 791 27.93 -18.87 -24.45
CA TYR C 791 27.98 -19.74 -23.29
C TYR C 791 28.15 -21.17 -23.83
N LYS C 792 29.32 -21.78 -23.59
CA LYS C 792 29.63 -23.02 -24.30
C LYS C 792 28.78 -24.20 -23.88
N ASP C 793 28.19 -24.13 -22.69
CA ASP C 793 27.30 -25.21 -22.24
C ASP C 793 25.82 -25.00 -22.64
N TYR C 794 25.53 -23.91 -23.35
CA TYR C 794 24.13 -23.58 -23.70
C TYR C 794 23.33 -24.75 -24.31
N GLN C 795 22.13 -25.01 -23.76
CA GLN C 795 21.23 -25.97 -24.36
C GLN C 795 19.84 -25.39 -24.57
N ALA C 796 19.35 -25.47 -25.82
CA ALA C 796 18.07 -24.87 -26.12
C ALA C 796 16.95 -25.81 -25.70
N VAL C 797 16.63 -25.79 -24.40
CA VAL C 797 15.69 -26.75 -23.85
C VAL C 797 14.29 -26.12 -23.98
N THR C 798 13.40 -26.68 -24.78
CA THR C 798 12.08 -26.07 -24.92
C THR C 798 11.30 -26.23 -23.63
N LEU C 799 10.17 -25.54 -23.54
CA LEU C 799 9.34 -25.47 -22.33
C LEU C 799 8.95 -26.88 -21.79
N ALA C 800 8.51 -27.76 -22.69
CA ALA C 800 8.14 -29.14 -22.34
C ALA C 800 9.25 -29.95 -21.61
N TYR C 801 10.49 -29.59 -21.84
CA TYR C 801 11.61 -30.37 -21.33
C TYR C 801 12.32 -29.66 -20.19
N GLN C 802 11.77 -28.52 -19.78
CA GLN C 802 12.21 -27.82 -18.58
C GLN C 802 11.63 -28.49 -17.35
N HIS C 803 12.40 -28.52 -16.27
CA HIS C 803 11.83 -28.85 -14.95
C HIS C 803 12.40 -28.01 -13.80
N ASN C 804 11.50 -27.49 -12.97
CA ASN C 804 11.84 -26.72 -11.79
C ASN C 804 10.59 -26.92 -10.93
N ASN C 805 10.75 -27.32 -9.67
CA ASN C 805 9.60 -27.78 -8.88
C ASN C 805 8.95 -29.04 -9.38
N SER C 806 9.67 -29.87 -10.14
CA SER C 806 9.15 -31.22 -10.40
C SER C 806 8.71 -31.87 -9.08
N GLY C 807 7.56 -32.55 -9.13
CA GLY C 807 6.96 -33.12 -7.93
C GLY C 807 5.96 -32.23 -7.19
N PHE C 808 6.00 -30.89 -7.43
CA PHE C 808 5.29 -29.92 -6.60
C PHE C 808 4.34 -29.06 -7.40
N VAL C 809 4.45 -29.11 -8.74
CA VAL C 809 3.56 -28.37 -9.62
C VAL C 809 3.04 -29.25 -10.73
N GLY C 810 1.91 -28.85 -11.35
CA GLY C 810 1.42 -29.59 -12.51
C GLY C 810 2.25 -29.38 -13.76
N TYR C 811 2.27 -30.35 -14.68
CA TYR C 811 3.12 -30.28 -15.84
C TYR C 811 2.38 -29.51 -16.98
N LEU C 812 2.90 -28.33 -17.33
CA LEU C 812 2.42 -27.54 -18.47
C LEU C 812 0.98 -27.08 -18.27
N ALA C 813 0.52 -27.02 -17.02
CA ALA C 813 -0.90 -26.74 -16.79
C ALA C 813 -1.08 -26.39 -15.34
N PRO C 814 -2.17 -25.65 -15.03
CA PRO C 814 -2.42 -25.19 -13.66
C PRO C 814 -3.17 -26.27 -12.89
N THR C 815 -2.78 -27.51 -13.12
CA THR C 815 -3.54 -28.62 -12.56
C THR C 815 -2.71 -29.31 -11.46
N MET C 816 -3.13 -30.49 -11.02
CA MET C 816 -2.56 -31.12 -9.81
C MET C 816 -1.04 -31.33 -9.94
N ARG C 817 -0.32 -31.14 -8.84
CA ARG C 817 1.12 -31.44 -8.84
C ARG C 817 1.45 -32.84 -9.36
N GLN C 818 2.60 -32.94 -10.04
CA GLN C 818 3.09 -34.16 -10.70
C GLN C 818 4.62 -34.27 -10.46
N GLY C 819 5.13 -35.49 -10.35
CA GLY C 819 6.56 -35.71 -10.56
C GLY C 819 7.33 -36.16 -9.34
N GLN C 820 8.65 -35.92 -9.41
CA GLN C 820 9.57 -36.22 -8.30
C GLN C 820 10.50 -35.05 -8.06
N PRO C 821 10.84 -34.80 -6.79
CA PRO C 821 11.91 -33.90 -6.37
C PRO C 821 13.18 -34.22 -7.19
N TYR C 822 13.72 -33.21 -7.91
CA TYR C 822 14.89 -33.42 -8.75
C TYR C 822 15.51 -32.08 -9.00
N PRO C 823 16.85 -32.04 -9.19
CA PRO C 823 17.50 -30.73 -9.48
C PRO C 823 16.83 -30.04 -10.66
N ALA C 824 16.60 -28.74 -10.54
CA ALA C 824 16.00 -27.98 -11.62
C ALA C 824 17.02 -27.96 -12.78
N ASN C 825 16.53 -27.85 -14.01
CA ASN C 825 17.43 -27.79 -15.21
C ASN C 825 17.41 -26.37 -15.83
N TYR C 826 16.68 -25.46 -15.17
CA TYR C 826 16.28 -24.18 -15.73
C TYR C 826 15.74 -23.27 -14.58
N PRO C 827 16.00 -21.94 -14.61
CA PRO C 827 16.74 -21.13 -15.58
C PRO C 827 18.22 -21.14 -15.23
N TYR C 828 19.08 -20.85 -16.21
CA TYR C 828 20.50 -20.69 -15.92
C TYR C 828 20.73 -19.62 -14.87
N PRO C 829 21.69 -19.86 -13.95
CA PRO C 829 22.02 -18.81 -12.98
C PRO C 829 22.82 -17.67 -13.65
N LEU C 830 22.39 -16.43 -13.42
CA LEU C 830 23.10 -15.22 -13.89
C LEU C 830 24.00 -14.63 -12.82
N ILE C 831 23.94 -15.24 -11.63
CA ILE C 831 24.69 -14.78 -10.46
C ILE C 831 25.45 -15.96 -9.81
N GLY C 832 26.33 -15.65 -8.87
CA GLY C 832 27.03 -16.67 -8.12
C GLY C 832 28.35 -16.99 -8.75
N LYS C 833 29.07 -17.93 -8.14
CA LYS C 833 30.41 -18.25 -8.63
C LYS C 833 30.36 -19.07 -9.93
N SER C 834 29.18 -19.54 -10.32
CA SER C 834 29.03 -20.19 -11.64
C SER C 834 28.02 -19.50 -12.61
N ALA C 835 27.85 -18.19 -12.46
CA ALA C 835 27.00 -17.40 -13.37
C ALA C 835 27.38 -17.69 -14.83
N VAL C 836 26.37 -17.83 -15.69
CA VAL C 836 26.66 -18.20 -17.09
C VAL C 836 27.07 -16.93 -17.90
N THR C 837 27.79 -17.13 -19.00
CA THR C 837 28.09 -16.06 -19.91
C THR C 837 26.77 -15.41 -20.32
N SER C 838 26.70 -14.08 -20.30
CA SER C 838 25.41 -13.46 -20.48
C SER C 838 25.50 -12.28 -21.46
N VAL C 839 24.33 -11.82 -21.89
CA VAL C 839 24.20 -10.60 -22.66
C VAL C 839 23.15 -9.71 -22.07
N THR C 840 23.26 -8.43 -22.38
CA THR C 840 22.40 -7.44 -21.78
C THR C 840 21.38 -6.98 -22.83
N GLN C 841 20.12 -6.79 -22.42
CA GLN C 841 19.08 -6.18 -23.26
C GLN C 841 18.52 -4.98 -22.50
N LYS C 842 18.18 -3.91 -23.20
CA LYS C 842 17.57 -2.70 -22.57
C LYS C 842 16.48 -2.19 -23.47
N LYS C 843 15.50 -1.54 -22.87
CA LYS C 843 14.36 -1.06 -23.63
C LYS C 843 13.62 -0.11 -22.71
N PHE C 844 12.49 0.43 -23.18
CA PHE C 844 11.66 1.27 -22.29
C PHE C 844 10.20 1.07 -22.70
N LEU C 845 9.32 1.41 -21.78
CA LEU C 845 7.92 1.61 -22.11
C LEU C 845 7.66 3.10 -21.91
N CYS C 846 6.62 3.61 -22.58
CA CYS C 846 6.17 4.97 -22.36
C CYS C 846 4.71 5.01 -22.77
N ASP C 847 3.89 4.39 -21.92
CA ASP C 847 2.45 4.26 -22.14
C ASP C 847 1.79 5.65 -21.95
N ARG C 848 0.55 5.78 -22.42
CA ARG C 848 -0.34 6.92 -22.13
C ARG C 848 0.01 8.17 -22.94
N VAL C 849 1.26 8.35 -23.35
CA VAL C 849 1.62 9.51 -24.17
C VAL C 849 1.35 9.38 -25.67
N MET C 850 1.34 10.50 -26.39
CA MET C 850 1.59 10.48 -27.83
C MET C 850 2.95 11.13 -27.98
N TRP C 851 3.77 10.62 -28.88
CA TRP C 851 5.02 11.26 -29.20
C TRP C 851 4.75 12.63 -29.81
N ARG C 852 5.57 13.62 -29.47
CA ARG C 852 5.35 14.97 -30.00
C ARG C 852 6.57 15.51 -30.67
N ILE C 853 6.35 16.20 -31.78
CA ILE C 853 7.37 17.03 -32.41
C ILE C 853 6.78 18.42 -32.68
N PRO C 854 7.09 19.39 -31.82
CA PRO C 854 6.62 20.77 -31.98
C PRO C 854 7.24 21.40 -33.22
N PHE C 855 6.43 22.14 -33.98
CA PHE C 855 6.92 22.90 -35.15
C PHE C 855 7.29 24.28 -34.61
N SER C 856 8.33 24.26 -33.77
CA SER C 856 8.90 25.44 -33.09
C SER C 856 10.39 25.37 -33.40
N SER C 857 11.00 26.51 -33.74
CA SER C 857 12.39 26.51 -34.19
C SER C 857 13.39 25.92 -33.18
N ASN C 858 13.04 25.85 -31.91
CA ASN C 858 13.95 25.26 -30.92
C ASN C 858 13.26 24.13 -30.15
N PHE C 859 12.13 23.65 -30.67
CA PHE C 859 11.25 22.66 -29.99
C PHE C 859 10.46 23.19 -28.74
N MET C 860 10.81 24.38 -28.25
CA MET C 860 10.13 24.89 -27.06
C MET C 860 8.75 25.49 -27.31
N SER C 861 7.97 25.45 -26.24
CA SER C 861 6.70 26.10 -26.10
C SER C 861 6.90 27.58 -25.75
N MET C 862 6.70 28.44 -26.74
CA MET C 862 6.89 29.89 -26.64
C MET C 862 5.59 30.62 -26.96
N GLY C 863 4.50 29.89 -27.10
CA GLY C 863 3.27 30.50 -27.60
C GLY C 863 2.57 29.49 -28.44
N ALA C 864 1.24 29.45 -28.34
CA ALA C 864 0.49 28.44 -29.09
C ALA C 864 0.68 28.64 -30.58
N LEU C 865 0.68 29.90 -31.05
CA LEU C 865 0.98 30.20 -32.48
C LEU C 865 2.51 30.22 -32.58
N THR C 866 3.10 29.17 -33.13
CA THR C 866 4.57 28.95 -33.00
C THR C 866 5.34 29.91 -33.91
N ASP C 867 6.64 30.04 -33.74
CA ASP C 867 7.39 30.97 -34.61
C ASP C 867 7.43 30.47 -36.05
N LEU C 868 7.76 29.21 -36.25
CA LEU C 868 7.76 28.65 -37.61
C LEU C 868 6.35 28.66 -38.25
N GLY C 869 5.31 28.53 -37.43
CA GLY C 869 3.93 28.64 -37.93
C GLY C 869 3.60 30.04 -38.48
N GLN C 870 4.23 31.05 -37.90
CA GLN C 870 4.11 32.44 -38.37
C GLN C 870 5.05 32.69 -39.54
N ASN C 871 6.19 32.02 -39.56
CA ASN C 871 7.13 32.22 -40.67
C ASN C 871 6.61 31.69 -41.98
N MET C 872 5.74 30.68 -41.92
CA MET C 872 5.20 30.02 -43.10
C MET C 872 4.14 30.89 -43.80
N LEU C 873 3.82 32.01 -43.15
CA LEU C 873 3.04 33.07 -43.79
C LEU C 873 3.94 33.83 -44.78
N TYR C 874 5.21 34.09 -44.40
CA TYR C 874 6.18 34.70 -45.34
C TYR C 874 6.67 33.69 -46.40
N ALA C 875 6.87 32.44 -46.00
CA ALA C 875 7.12 31.36 -46.94
C ALA C 875 5.83 31.09 -47.70
N ASN C 876 5.33 32.15 -48.36
CA ASN C 876 3.97 32.25 -48.90
C ASN C 876 3.65 31.38 -50.12
N SER C 877 3.96 30.09 -50.03
CA SER C 877 3.58 29.16 -51.08
C SER C 877 2.92 27.91 -50.49
N ALA C 878 2.22 27.17 -51.33
CA ALA C 878 1.61 25.90 -50.90
C ALA C 878 2.68 24.84 -50.94
N HIS C 879 2.87 24.13 -49.82
CA HIS C 879 3.84 23.04 -49.84
C HIS C 879 3.15 21.70 -49.69
N ALA C 880 3.75 20.68 -50.31
CA ALA C 880 3.41 19.29 -50.03
C ALA C 880 4.35 18.83 -48.92
N LEU C 881 3.98 17.75 -48.23
CA LEU C 881 4.79 17.17 -47.16
C LEU C 881 4.82 15.63 -47.30
N ASP C 882 6.09 15.09 -47.31
CA ASP C 882 6.21 13.63 -47.18
C ASP C 882 6.75 13.30 -45.79
N MET C 883 6.14 12.34 -45.06
CA MET C 883 6.72 11.77 -43.79
C MET C 883 6.94 10.23 -43.88
N ASN C 884 7.94 9.69 -43.18
CA ASN C 884 8.10 8.22 -43.06
C ASN C 884 8.44 7.80 -41.65
N PHE C 885 7.60 6.91 -41.11
CA PHE C 885 7.74 6.38 -39.78
C PHE C 885 8.24 4.96 -39.95
N GLU C 886 9.28 4.65 -39.18
CA GLU C 886 9.89 3.35 -39.17
C GLU C 886 9.53 2.69 -37.84
N VAL C 887 8.98 1.47 -37.91
CA VAL C 887 8.45 0.87 -36.68
C VAL C 887 8.87 -0.59 -36.52
N ASP C 888 8.80 -1.11 -35.28
CA ASP C 888 8.97 -2.56 -35.07
C ASP C 888 7.81 -3.31 -35.71
N PRO C 889 8.08 -4.53 -36.27
CA PRO C 889 7.04 -5.23 -36.98
C PRO C 889 6.12 -5.85 -35.91
N MET C 890 4.82 -5.92 -36.17
CA MET C 890 3.91 -6.60 -35.25
C MET C 890 3.07 -7.56 -36.10
N ASP C 891 2.93 -8.78 -35.62
CA ASP C 891 2.34 -9.85 -36.44
C ASP C 891 0.83 -9.66 -36.57
N GLU C 892 0.36 -8.41 -36.58
CA GLU C 892 -1.07 -8.11 -36.81
C GLU C 892 -1.25 -6.72 -37.42
N SER C 893 -2.46 -6.42 -37.93
CA SER C 893 -2.76 -5.10 -38.48
C SER C 893 -2.74 -4.04 -37.36
N THR C 894 -2.04 -2.95 -37.62
CA THR C 894 -2.00 -1.81 -36.72
C THR C 894 -2.16 -0.55 -37.57
N LEU C 895 -2.36 0.61 -36.91
CA LEU C 895 -2.61 1.87 -37.63
C LEU C 895 -1.65 2.93 -37.06
N LEU C 896 -1.07 3.73 -37.96
CA LEU C 896 -0.32 4.90 -37.54
C LEU C 896 -1.33 6.02 -37.23
N TYR C 897 -1.29 6.59 -36.02
CA TYR C 897 -2.21 7.67 -35.69
C TYR C 897 -1.39 8.93 -35.62
N VAL C 898 -1.64 9.84 -36.57
CA VAL C 898 -1.01 11.15 -36.60
C VAL C 898 -2.00 12.29 -36.32
N VAL C 899 -1.62 13.14 -35.38
CA VAL C 899 -2.37 14.32 -35.01
C VAL C 899 -1.61 15.48 -35.60
N PHE C 900 -2.20 16.15 -36.58
CA PHE C 900 -1.59 17.36 -37.13
C PHE C 900 -2.13 18.52 -36.27
N GLU C 901 -1.26 19.15 -35.47
CA GLU C 901 -1.68 20.21 -34.55
C GLU C 901 -1.88 21.52 -35.34
N VAL C 902 -3.12 22.01 -35.31
CA VAL C 902 -3.47 23.22 -36.04
C VAL C 902 -4.29 24.05 -35.03
N PHE C 903 -5.09 24.99 -35.52
CA PHE C 903 -6.00 25.75 -34.64
C PHE C 903 -7.42 25.31 -35.05
N ASP C 904 -8.22 24.81 -34.12
CA ASP C 904 -9.54 24.29 -34.47
C ASP C 904 -10.56 25.13 -33.67
N VAL C 905 -11.02 26.23 -34.27
CA VAL C 905 -11.69 27.31 -33.53
C VAL C 905 -13.14 27.55 -33.95
N VAL C 906 -13.96 28.01 -33.01
CA VAL C 906 -15.30 28.52 -33.39
C VAL C 906 -15.48 29.88 -32.71
N ARG C 907 -16.24 30.77 -33.36
CA ARG C 907 -16.69 32.05 -32.79
C ARG C 907 -18.22 32.07 -32.91
N VAL C 908 -18.92 32.42 -31.83
CA VAL C 908 -20.40 32.33 -31.77
C VAL C 908 -21.05 33.69 -31.52
N HIS C 909 -22.09 34.00 -32.31
CA HIS C 909 -22.65 35.35 -32.32
C HIS C 909 -24.13 35.20 -32.00
N GLN C 910 -24.56 35.82 -30.87
CA GLN C 910 -25.99 35.77 -30.58
C GLN C 910 -26.69 37.18 -30.70
N PRO C 911 -26.82 37.65 -31.97
CA PRO C 911 -27.16 39.06 -32.27
C PRO C 911 -28.53 39.42 -31.58
N HIS C 912 -29.40 38.43 -31.40
CA HIS C 912 -30.78 38.76 -30.88
C HIS C 912 -31.48 37.49 -30.35
N ARG C 913 -32.51 37.83 -29.32
CA ARG C 913 -33.05 36.63 -28.64
C ARG C 913 -33.60 35.49 -29.86
N GLY C 914 -33.27 34.26 -29.59
CA GLY C 914 -33.42 33.11 -30.26
C GLY C 914 -32.67 32.96 -31.66
N VAL C 915 -31.71 33.88 -31.70
CA VAL C 915 -30.77 33.87 -32.85
C VAL C 915 -29.38 33.47 -32.35
N ILE C 916 -28.83 32.46 -33.06
CA ILE C 916 -27.43 32.02 -32.81
C ILE C 916 -26.68 31.62 -34.11
N GLU C 917 -25.60 32.33 -34.39
CA GLU C 917 -24.77 32.04 -35.57
C GLU C 917 -23.33 31.59 -35.15
N ALA C 918 -22.71 30.70 -35.91
CA ALA C 918 -21.35 30.23 -35.62
C ALA C 918 -20.43 30.27 -36.86
N VAL C 919 -19.16 30.63 -36.62
CA VAL C 919 -18.15 30.57 -37.67
C VAL C 919 -17.05 29.62 -37.23
N TYR C 920 -16.72 28.68 -38.12
CA TYR C 920 -15.70 27.69 -37.79
C TYR C 920 -14.51 27.92 -38.66
N LEU C 921 -13.34 27.73 -38.11
CA LEU C 921 -12.18 27.77 -38.95
C LEU C 921 -11.17 26.76 -38.39
N ARG C 922 -10.81 25.77 -39.18
CA ARG C 922 -9.68 24.99 -38.77
C ARG C 922 -8.52 25.43 -39.67
N THR C 923 -7.42 25.87 -39.06
CA THR C 923 -6.27 26.36 -39.84
C THR C 923 -4.94 25.97 -39.18
N PRO C 924 -4.00 25.40 -39.95
CA PRO C 924 -4.19 24.95 -41.34
C PRO C 924 -5.00 23.62 -41.35
N PHE C 925 -4.98 22.88 -42.47
CA PHE C 925 -5.83 21.72 -42.64
C PHE C 925 -7.28 22.13 -42.50
N SER C 926 -7.72 23.03 -43.40
CA SER C 926 -9.09 23.54 -43.46
C SER C 926 -10.14 22.42 -43.47
N ALA C 927 -11.33 22.75 -42.91
CA ALA C 927 -12.42 21.78 -42.71
C ALA C 927 -12.98 21.17 -44.01
N GLY C 928 -13.33 19.88 -43.93
CA GLY C 928 -13.86 19.13 -45.07
C GLY C 928 -15.36 19.23 -45.34
N ASN C 929 -16.15 18.38 -44.69
CA ASN C 929 -17.62 18.30 -44.91
C ASN C 929 -18.42 17.72 -43.72
#